data_4QKQ
#
_entry.id   4QKQ
#
_cell.length_a   111.000
_cell.length_b   111.000
_cell.length_c   112.400
_cell.angle_alpha   112.30
_cell.angle_beta   101.60
_cell.angle_gamma   114.30
#
_symmetry.space_group_name_H-M   'P 1'
#
loop_
_entity.id
_entity.type
_entity.pdbx_description
1 polymer 'DNA repair and recombination protein RadA'
2 non-polymer 'NITRATE ION'
3 non-polymer 'Copper(II) tetrapyrrole'
4 water water
#
_entity_poly.entity_id   1
_entity_poly.type   'polypeptide(L)'
_entity_poly.pdbx_seq_one_letter_code
;GSHMDLGFKSGIDLLKQRSTVWKLSTSSSELDSVLGGGLESQSVTEFAGVFGSGKTQIMHQSCVNLQNPEFLFYDEEAVS
KGEVAQPKAVYIDTEGTFRPERIMQMAEHAGIDGQTVLDNTFVARAYNSDMQMLFAEKIEDLIQEGNNIKLVVIDSLTST
FRNEYTGRGKLAERQQKLGRHMATLNKLADLFNCVVLVTNQVSAKPDAFFGMAEQAIGGHIVGHAATFRFFVRKGKGDKR
VAKLYDSPHLPDAEAIFRITEKGIQD
;
_entity_poly.pdbx_strand_id   A,B,C,D,E,F,G,H,I,J,K,L
#
# COMPACT_ATOMS: atom_id res chain seq x y z
N SER A 2 -43.68 25.64 -15.14
CA SER A 2 -43.62 24.15 -15.26
C SER A 2 -42.17 23.73 -15.25
N HIS A 3 -41.32 24.61 -15.79
CA HIS A 3 -39.90 24.36 -15.83
C HIS A 3 -39.31 24.44 -14.42
N MET A 4 -39.78 25.39 -13.62
CA MET A 4 -39.29 25.56 -12.26
C MET A 4 -39.62 24.33 -11.42
N ASP A 5 -40.71 23.65 -11.78
CA ASP A 5 -41.15 22.44 -11.12
C ASP A 5 -40.06 21.35 -11.31
N LEU A 6 -39.36 21.42 -12.44
CA LEU A 6 -38.29 20.47 -12.75
C LEU A 6 -36.92 20.96 -12.26
N GLY A 7 -36.91 22.12 -11.62
CA GLY A 7 -35.66 22.65 -11.10
C GLY A 7 -34.97 23.65 -11.99
N PHE A 8 -35.56 23.93 -13.16
CA PHE A 8 -34.98 24.87 -14.11
C PHE A 8 -35.55 26.28 -13.88
N LYS A 9 -34.82 27.28 -14.33
CA LYS A 9 -35.27 28.66 -14.22
C LYS A 9 -34.86 29.43 -15.45
N SER A 10 -35.80 30.15 -16.06
CA SER A 10 -35.44 30.93 -17.24
C SER A 10 -34.54 32.04 -16.74
N GLY A 11 -33.85 32.71 -17.66
CA GLY A 11 -32.98 33.82 -17.28
C GLY A 11 -33.80 35.00 -16.75
N ILE A 12 -35.04 35.11 -17.22
CA ILE A 12 -35.90 36.18 -16.77
C ILE A 12 -36.23 35.84 -15.31
N ASP A 13 -36.53 34.57 -15.05
CA ASP A 13 -36.81 34.13 -13.69
C ASP A 13 -35.68 34.60 -12.77
N LEU A 14 -34.45 34.26 -13.14
CA LEU A 14 -33.28 34.64 -12.36
C LEU A 14 -33.26 36.13 -12.01
N LEU A 15 -33.56 36.98 -12.98
CA LEU A 15 -33.57 38.42 -12.71
C LEU A 15 -34.74 38.77 -11.78
N LYS A 16 -35.88 38.14 -11.99
CA LYS A 16 -37.03 38.42 -11.14
C LYS A 16 -36.70 38.03 -9.72
N GLN A 17 -35.88 37.01 -9.55
CA GLN A 17 -35.55 36.59 -8.21
C GLN A 17 -34.57 37.50 -7.50
N ARG A 18 -33.67 38.14 -8.25
CA ARG A 18 -32.69 39.05 -7.66
C ARG A 18 -33.38 40.24 -6.98
N SER A 19 -34.57 40.58 -7.45
CA SER A 19 -35.28 41.73 -6.90
C SER A 19 -35.90 41.45 -5.53
N THR A 20 -36.20 40.19 -5.26
CA THR A 20 -36.80 39.80 -3.99
C THR A 20 -35.78 39.46 -2.91
N VAL A 21 -34.51 39.76 -3.18
CA VAL A 21 -33.46 39.46 -2.21
C VAL A 21 -33.49 40.46 -1.07
N TRP A 22 -33.41 39.98 0.17
CA TRP A 22 -33.36 40.86 1.33
C TRP A 22 -32.10 40.59 2.14
N LYS A 23 -31.68 41.57 2.94
CA LYS A 23 -30.46 41.45 3.73
C LYS A 23 -30.66 41.63 5.22
N LEU A 24 -29.85 40.91 5.99
CA LEU A 24 -29.89 40.95 7.44
C LEU A 24 -28.62 41.60 8.02
N SER A 25 -28.80 42.65 8.81
CA SER A 25 -27.67 43.33 9.45
C SER A 25 -26.96 42.39 10.43
N THR A 26 -25.64 42.56 10.55
CA THR A 26 -24.82 41.75 11.46
C THR A 26 -24.48 42.52 12.74
N SER A 27 -24.89 43.78 12.81
CA SER A 27 -24.60 44.66 13.95
C SER A 27 -23.22 45.31 13.83
N SER A 28 -22.45 44.89 12.84
CA SER A 28 -21.13 45.46 12.62
C SER A 28 -21.22 46.28 11.33
N SER A 29 -20.89 47.57 11.45
CA SER A 29 -20.91 48.50 10.33
C SER A 29 -19.99 48.03 9.22
N GLU A 30 -18.78 47.65 9.59
CA GLU A 30 -17.81 47.20 8.60
C GLU A 30 -18.22 45.92 7.94
N LEU A 31 -18.75 44.99 8.72
CA LEU A 31 -19.13 43.70 8.14
C LEU A 31 -20.31 43.92 7.18
N ASP A 32 -21.29 44.72 7.58
CA ASP A 32 -22.44 44.99 6.70
C ASP A 32 -21.98 45.67 5.42
N SER A 33 -21.01 46.57 5.53
CA SER A 33 -20.51 47.27 4.34
C SER A 33 -19.82 46.30 3.37
N VAL A 34 -19.01 45.40 3.92
CA VAL A 34 -18.30 44.42 3.11
C VAL A 34 -19.27 43.44 2.43
N LEU A 35 -20.44 43.23 3.04
CA LEU A 35 -21.45 42.31 2.51
C LEU A 35 -22.34 42.96 1.47
N GLY A 36 -22.19 44.27 1.29
CA GLY A 36 -23.01 44.96 0.31
C GLY A 36 -24.35 45.35 0.91
N GLY A 37 -24.43 45.40 2.24
CA GLY A 37 -25.66 45.77 2.89
C GLY A 37 -25.99 44.88 4.08
N GLY A 38 -25.68 43.59 3.97
CA GLY A 38 -25.95 42.65 5.04
C GLY A 38 -25.98 41.24 4.48
N LEU A 39 -26.26 40.25 5.33
CA LEU A 39 -26.33 38.85 4.91
C LEU A 39 -27.48 38.68 3.92
N GLU A 40 -27.19 38.15 2.73
CA GLU A 40 -28.20 37.99 1.71
C GLU A 40 -29.02 36.71 1.76
N SER A 41 -30.31 36.87 1.47
CA SER A 41 -31.22 35.73 1.40
C SER A 41 -30.97 35.09 0.03
N GLN A 42 -31.40 33.85 -0.14
CA GLN A 42 -31.24 33.11 -1.39
C GLN A 42 -29.81 32.70 -1.66
N SER A 43 -28.96 32.84 -0.64
CA SER A 43 -27.57 32.45 -0.78
C SER A 43 -27.10 31.76 0.49
N VAL A 44 -26.01 31.03 0.32
CA VAL A 44 -25.36 30.35 1.44
C VAL A 44 -24.13 31.18 1.70
N THR A 45 -24.00 31.66 2.94
CA THR A 45 -22.84 32.43 3.36
C THR A 45 -22.08 31.59 4.38
N GLU A 46 -20.77 31.47 4.15
CA GLU A 46 -19.87 30.66 4.97
C GLU A 46 -18.83 31.45 5.73
N PHE A 47 -18.76 31.21 7.04
CA PHE A 47 -17.76 31.85 7.89
C PHE A 47 -16.84 30.72 8.38
N ALA A 48 -15.62 30.71 7.89
CA ALA A 48 -14.63 29.70 8.22
C ALA A 48 -13.49 30.24 9.04
N GLY A 49 -13.08 29.47 10.06
CA GLY A 49 -11.98 29.90 10.91
C GLY A 49 -11.82 28.99 12.12
N VAL A 50 -10.82 29.28 12.94
CA VAL A 50 -10.56 28.48 14.14
C VAL A 50 -11.56 28.74 15.26
N PHE A 51 -11.57 27.85 16.25
CA PHE A 51 -12.45 27.98 17.41
C PHE A 51 -12.18 29.32 18.09
N GLY A 52 -13.23 30.02 18.47
CA GLY A 52 -13.08 31.32 19.11
C GLY A 52 -12.98 32.52 18.17
N SER A 53 -13.02 32.28 16.86
CA SER A 53 -12.90 33.37 15.92
C SER A 53 -14.15 34.22 15.79
N GLY A 54 -15.26 33.80 16.39
CA GLY A 54 -16.48 34.58 16.30
C GLY A 54 -17.59 34.03 15.40
N LYS A 55 -17.37 32.88 14.76
CA LYS A 55 -18.37 32.28 13.87
C LYS A 55 -19.69 32.06 14.59
N THR A 56 -19.64 31.39 15.74
CA THR A 56 -20.85 31.11 16.51
C THR A 56 -21.53 32.39 17.04
N GLN A 57 -20.73 33.39 17.41
CA GLN A 57 -21.28 34.66 17.88
C GLN A 57 -22.08 35.29 16.73
N ILE A 58 -21.57 35.20 15.51
CA ILE A 58 -22.30 35.75 14.38
C ILE A 58 -23.60 35.00 14.20
N MET A 59 -23.57 33.66 14.36
CA MET A 59 -24.82 32.91 14.21
C MET A 59 -25.85 33.38 15.22
N HIS A 60 -25.42 33.57 16.48
CA HIS A 60 -26.33 34.01 17.54
C HIS A 60 -26.85 35.43 17.27
N GLN A 61 -25.95 36.34 16.94
CA GLN A 61 -26.36 37.72 16.66
C GLN A 61 -27.41 37.76 15.56
N SER A 62 -27.29 36.84 14.58
CA SER A 62 -28.23 36.84 13.45
C SER A 62 -29.61 36.39 13.88
N CYS A 63 -29.68 35.43 14.81
CA CYS A 63 -30.99 34.97 15.26
C CYS A 63 -31.66 36.13 16.02
N VAL A 64 -30.87 36.85 16.78
CA VAL A 64 -31.42 37.98 17.55
C VAL A 64 -31.86 39.10 16.59
N ASN A 65 -31.00 39.47 15.65
CA ASN A 65 -31.31 40.56 14.71
C ASN A 65 -32.48 40.31 13.83
N LEU A 66 -32.80 39.04 13.57
CA LEU A 66 -33.93 38.74 12.71
C LEU A 66 -35.24 39.24 13.34
N GLN A 67 -35.26 39.36 14.67
CA GLN A 67 -36.46 39.79 15.38
C GLN A 67 -36.60 41.32 15.52
N ASN A 68 -35.74 42.08 14.86
CA ASN A 68 -35.83 43.54 14.88
C ASN A 68 -36.10 43.90 13.42
N PRO A 69 -37.35 44.26 13.10
CA PRO A 69 -37.71 44.60 11.72
C PRO A 69 -36.77 45.55 11.02
N GLU A 70 -36.15 46.45 11.78
CA GLU A 70 -35.25 47.43 11.19
C GLU A 70 -33.92 46.86 10.74
N PHE A 71 -33.66 45.61 11.10
CA PHE A 71 -32.41 45.00 10.70
C PHE A 71 -32.54 44.16 9.44
N LEU A 72 -33.75 44.12 8.88
CA LEU A 72 -33.99 43.42 7.63
C LEU A 72 -34.15 44.48 6.53
N PHE A 73 -33.31 44.43 5.50
CA PHE A 73 -33.35 45.42 4.42
C PHE A 73 -33.89 44.82 3.14
N TYR A 74 -34.97 45.40 2.62
CA TYR A 74 -35.54 44.89 1.38
C TYR A 74 -36.27 45.96 0.57
N ASP A 75 -36.57 45.62 -0.69
CA ASP A 75 -37.28 46.52 -1.57
C ASP A 75 -38.77 46.24 -1.38
N GLU A 76 -39.48 47.21 -0.80
CA GLU A 76 -40.91 47.11 -0.53
C GLU A 76 -41.79 46.73 -1.72
N GLU A 77 -41.40 47.13 -2.93
CA GLU A 77 -42.17 46.81 -4.12
C GLU A 77 -42.01 45.36 -4.57
N ALA A 78 -40.91 44.71 -4.20
CA ALA A 78 -40.68 43.33 -4.58
C ALA A 78 -41.04 42.36 -3.44
N VAL A 79 -40.81 42.79 -2.21
CA VAL A 79 -41.09 41.96 -1.02
C VAL A 79 -42.12 42.63 -0.12
N SER A 80 -43.25 41.97 0.09
CA SER A 80 -44.32 42.52 0.92
C SER A 80 -43.99 42.39 2.39
N LYS A 81 -44.51 43.31 3.20
CA LYS A 81 -44.25 43.24 4.62
C LYS A 81 -44.72 41.90 5.18
N GLY A 82 -45.75 41.34 4.56
CA GLY A 82 -46.25 40.05 5.00
C GLY A 82 -45.21 38.94 4.84
N GLU A 83 -44.41 39.00 3.78
CA GLU A 83 -43.41 37.97 3.57
C GLU A 83 -42.33 37.90 4.66
N VAL A 84 -42.01 39.03 5.30
CA VAL A 84 -41.00 39.06 6.36
C VAL A 84 -41.57 39.21 7.78
N ALA A 85 -42.88 39.08 7.92
CA ALA A 85 -43.56 39.20 9.21
C ALA A 85 -43.42 37.91 10.04
N GLN A 86 -43.25 38.05 11.35
CA GLN A 86 -43.09 36.87 12.23
C GLN A 86 -42.01 35.94 11.70
N PRO A 87 -40.83 36.48 11.40
CA PRO A 87 -39.78 35.62 10.88
C PRO A 87 -39.25 34.71 11.97
N LYS A 88 -38.78 33.54 11.57
CA LYS A 88 -38.22 32.58 12.53
C LYS A 88 -36.90 32.03 12.00
N ALA A 89 -36.05 31.64 12.93
CA ALA A 89 -34.77 31.07 12.59
C ALA A 89 -34.72 29.60 12.98
N VAL A 90 -33.86 28.85 12.28
CA VAL A 90 -33.62 27.45 12.58
C VAL A 90 -32.10 27.37 12.81
N TYR A 91 -31.69 26.79 13.94
CA TYR A 91 -30.27 26.67 14.29
C TYR A 91 -29.92 25.17 14.44
N ILE A 92 -29.19 24.62 13.46
CA ILE A 92 -28.77 23.21 13.52
C ILE A 92 -27.43 23.21 14.24
N ASP A 93 -27.42 22.59 15.42
CA ASP A 93 -26.28 22.57 16.34
C ASP A 93 -25.56 21.22 16.35
N THR A 94 -24.31 21.25 15.90
CA THR A 94 -23.47 20.07 15.74
C THR A 94 -22.56 19.67 16.90
N GLU A 95 -22.31 20.61 17.81
CA GLU A 95 -21.47 20.35 18.97
C GLU A 95 -22.05 20.95 20.26
N GLY A 96 -23.32 21.35 20.23
CA GLY A 96 -23.95 21.95 21.39
C GLY A 96 -23.48 23.36 21.67
N THR A 97 -23.43 24.19 20.63
CA THR A 97 -22.97 25.58 20.81
C THR A 97 -24.08 26.60 21.00
N PHE A 98 -25.34 26.19 20.93
CA PHE A 98 -26.42 27.13 21.13
C PHE A 98 -26.48 27.52 22.61
N ARG A 99 -26.52 28.83 22.88
CA ARG A 99 -26.57 29.33 24.25
C ARG A 99 -27.74 30.26 24.44
N PRO A 100 -28.84 29.77 25.05
CA PRO A 100 -30.00 30.65 25.25
C PRO A 100 -29.67 31.91 26.03
N GLU A 101 -28.75 31.79 26.98
CA GLU A 101 -28.35 32.92 27.78
C GLU A 101 -27.62 33.97 26.94
N ARG A 102 -26.86 33.53 25.93
CA ARG A 102 -26.19 34.48 25.05
C ARG A 102 -27.25 35.19 24.23
N ILE A 103 -28.27 34.47 23.83
CA ILE A 103 -29.36 35.06 23.06
C ILE A 103 -30.02 36.18 23.91
N MET A 104 -30.32 35.86 25.17
CA MET A 104 -30.96 36.80 26.08
C MET A 104 -30.12 38.07 26.20
N GLN A 105 -28.83 37.87 26.42
CA GLN A 105 -27.90 38.96 26.58
C GLN A 105 -27.86 39.89 25.35
N MET A 106 -27.63 39.33 24.17
CA MET A 106 -27.57 40.10 22.93
C MET A 106 -28.88 40.84 22.73
N ALA A 107 -29.98 40.14 22.98
CA ALA A 107 -31.30 40.72 22.82
C ALA A 107 -31.49 41.92 23.73
N GLU A 108 -31.23 41.71 25.02
CA GLU A 108 -31.35 42.75 26.03
C GLU A 108 -30.59 44.02 25.63
N HIS A 109 -29.31 43.87 25.29
CA HIS A 109 -28.49 45.01 24.89
C HIS A 109 -28.90 45.63 23.55
N ALA A 110 -29.75 44.93 22.80
CA ALA A 110 -30.19 45.41 21.50
C ALA A 110 -31.59 46.01 21.55
N GLY A 111 -32.19 46.01 22.73
CA GLY A 111 -33.54 46.53 22.89
C GLY A 111 -34.60 45.60 22.36
N ILE A 112 -34.20 44.36 22.09
CA ILE A 112 -35.11 43.35 21.56
C ILE A 112 -35.52 42.41 22.71
N ASP A 113 -36.77 41.97 22.73
CA ASP A 113 -37.19 41.06 23.79
C ASP A 113 -36.58 39.68 23.58
N GLY A 114 -35.82 39.21 24.56
CA GLY A 114 -35.17 37.92 24.47
C GLY A 114 -36.11 36.74 24.35
N GLN A 115 -37.23 36.79 25.07
CA GLN A 115 -38.19 35.69 25.00
C GLN A 115 -38.72 35.59 23.58
N THR A 116 -38.91 36.73 22.93
CA THR A 116 -39.39 36.70 21.55
C THR A 116 -38.39 35.97 20.69
N VAL A 117 -37.09 36.25 20.88
CA VAL A 117 -36.06 35.57 20.10
C VAL A 117 -36.10 34.06 20.34
N LEU A 118 -36.05 33.66 21.62
CA LEU A 118 -36.05 32.25 21.99
C LEU A 118 -37.31 31.54 21.52
N ASP A 119 -38.43 32.24 21.57
CA ASP A 119 -39.69 31.66 21.16
C ASP A 119 -39.79 31.49 19.65
N ASN A 120 -39.01 32.26 18.89
CA ASN A 120 -39.02 32.18 17.42
C ASN A 120 -37.75 31.59 16.80
N THR A 121 -37.02 30.83 17.60
CA THR A 121 -35.80 30.19 17.13
C THR A 121 -35.86 28.68 17.41
N PHE A 122 -35.89 27.88 16.34
CA PHE A 122 -35.93 26.43 16.46
C PHE A 122 -34.50 25.86 16.50
N VAL A 123 -34.19 25.13 17.58
CA VAL A 123 -32.86 24.54 17.74
C VAL A 123 -32.90 23.02 17.50
N ALA A 124 -32.01 22.53 16.63
CA ALA A 124 -31.93 21.12 16.30
C ALA A 124 -30.52 20.60 16.62
N ARG A 125 -30.42 19.76 17.64
CA ARG A 125 -29.15 19.20 18.03
C ARG A 125 -28.88 17.97 17.14
N ALA A 126 -27.87 18.06 16.26
CA ALA A 126 -27.53 16.95 15.38
C ALA A 126 -26.26 16.26 15.88
N TYR A 127 -26.35 14.96 16.14
CA TYR A 127 -25.21 14.17 16.65
C TYR A 127 -24.39 13.45 15.56
N ASN A 128 -24.91 13.40 14.34
CA ASN A 128 -24.18 12.75 13.25
C ASN A 128 -24.64 13.39 11.94
N SER A 129 -23.92 13.11 10.85
CA SER A 129 -24.26 13.70 9.54
C SER A 129 -25.69 13.42 9.07
N ASP A 130 -26.18 12.21 9.26
CA ASP A 130 -27.56 11.89 8.88
C ASP A 130 -28.57 12.84 9.53
N MET A 131 -28.49 13.02 10.86
CA MET A 131 -29.43 13.91 11.55
C MET A 131 -29.28 15.33 11.01
N GLN A 132 -28.04 15.76 10.86
CA GLN A 132 -27.75 17.09 10.36
C GLN A 132 -28.46 17.31 9.04
N MET A 133 -28.29 16.35 8.13
CA MET A 133 -28.88 16.43 6.81
C MET A 133 -30.38 16.33 6.83
N LEU A 134 -30.93 15.49 7.70
CA LEU A 134 -32.37 15.34 7.75
C LEU A 134 -33.02 16.59 8.34
N PHE A 135 -32.37 17.19 9.34
CA PHE A 135 -32.92 18.40 9.95
C PHE A 135 -33.07 19.49 8.87
N ALA A 136 -32.07 19.65 8.01
CA ALA A 136 -32.11 20.66 6.95
C ALA A 136 -33.30 20.37 6.03
N GLU A 137 -33.49 19.11 5.68
CA GLU A 137 -34.61 18.75 4.82
C GLU A 137 -35.95 18.95 5.51
N LYS A 138 -36.01 18.77 6.82
CA LYS A 138 -37.27 18.96 7.55
C LYS A 138 -37.65 20.43 7.63
N ILE A 139 -36.72 21.32 7.35
CA ILE A 139 -37.05 22.73 7.41
C ILE A 139 -38.24 22.99 6.50
N GLU A 140 -38.34 22.25 5.39
CA GLU A 140 -39.48 22.41 4.49
C GLU A 140 -40.76 22.13 5.26
N ASP A 141 -40.74 21.09 6.09
CA ASP A 141 -41.92 20.73 6.87
C ASP A 141 -42.31 21.81 7.88
N LEU A 142 -41.32 22.45 8.49
CA LEU A 142 -41.60 23.52 9.44
C LEU A 142 -42.34 24.63 8.70
N ILE A 143 -41.89 24.93 7.49
CA ILE A 143 -42.47 25.97 6.66
C ILE A 143 -43.89 25.60 6.26
N GLN A 144 -44.10 24.36 5.83
CA GLN A 144 -45.44 23.89 5.44
C GLN A 144 -46.41 24.00 6.63
N GLU A 145 -45.88 23.87 7.84
CA GLU A 145 -46.71 23.96 9.05
C GLU A 145 -47.02 25.41 9.43
N GLY A 146 -46.65 26.35 8.56
CA GLY A 146 -46.95 27.76 8.83
C GLY A 146 -45.86 28.63 9.46
N ASN A 147 -44.68 28.05 9.71
CA ASN A 147 -43.59 28.79 10.32
C ASN A 147 -42.80 29.52 9.25
N ASN A 148 -42.71 30.84 9.38
CA ASN A 148 -42.00 31.67 8.40
C ASN A 148 -40.49 31.68 8.63
N ILE A 149 -39.87 30.55 8.30
CA ILE A 149 -38.44 30.39 8.44
C ILE A 149 -37.73 31.33 7.48
N LYS A 150 -36.96 32.28 8.02
CA LYS A 150 -36.23 33.23 7.19
C LYS A 150 -34.72 33.19 7.38
N LEU A 151 -34.26 32.37 8.33
CA LEU A 151 -32.83 32.24 8.58
C LEU A 151 -32.50 30.80 9.01
N VAL A 152 -31.46 30.25 8.42
CA VAL A 152 -31.05 28.90 8.76
C VAL A 152 -29.57 28.94 9.06
N VAL A 153 -29.21 28.47 10.25
CA VAL A 153 -27.83 28.44 10.67
C VAL A 153 -27.37 26.98 10.77
N ILE A 154 -26.23 26.66 10.14
CA ILE A 154 -25.63 25.32 10.24
C ILE A 154 -24.28 25.52 10.96
N ASP A 155 -24.29 25.23 12.26
CA ASP A 155 -23.11 25.36 13.08
C ASP A 155 -22.79 23.98 13.73
N SER A 156 -21.85 23.23 13.18
CA SER A 156 -21.05 23.61 12.02
C SER A 156 -21.40 22.81 10.78
N LEU A 157 -20.93 23.27 9.63
CA LEU A 157 -21.22 22.58 8.38
C LEU A 157 -20.61 21.16 8.27
N THR A 158 -19.33 21.06 8.66
CA THR A 158 -18.53 19.86 8.47
C THR A 158 -18.07 19.01 9.67
N SER A 159 -18.37 19.45 10.89
CA SER A 159 -17.93 18.71 12.08
C SER A 159 -18.27 17.22 12.00
N THR A 160 -19.54 16.91 11.79
CA THR A 160 -20.00 15.53 11.71
C THR A 160 -19.34 14.73 10.57
N PHE A 161 -19.32 15.31 9.38
CA PHE A 161 -18.71 14.64 8.23
C PHE A 161 -17.25 14.31 8.51
N ARG A 162 -16.56 15.26 9.12
CA ARG A 162 -15.16 15.09 9.44
C ARG A 162 -14.98 14.02 10.51
N ASN A 163 -15.93 13.91 11.44
CA ASN A 163 -15.84 12.92 12.52
C ASN A 163 -16.16 11.51 12.04
N GLU A 164 -16.96 11.40 10.99
CA GLU A 164 -17.38 10.13 10.45
C GLU A 164 -16.49 9.57 9.33
N TYR A 165 -15.72 10.43 8.70
CA TYR A 165 -14.90 9.99 7.59
C TYR A 165 -13.41 10.21 7.77
N THR A 166 -12.73 9.11 8.07
CA THR A 166 -11.30 9.11 8.24
C THR A 166 -10.83 8.30 7.03
N GLY A 167 -9.56 8.44 6.68
CA GLY A 167 -9.05 7.69 5.55
C GLY A 167 -9.42 8.27 4.19
N ARG A 168 -8.41 8.46 3.36
CA ARG A 168 -8.60 9.00 2.02
C ARG A 168 -9.44 8.03 1.19
N GLY A 169 -9.60 6.81 1.69
CA GLY A 169 -10.38 5.81 0.98
C GLY A 169 -11.86 5.92 1.23
N LYS A 170 -12.25 6.95 1.95
CA LYS A 170 -13.66 7.15 2.26
C LYS A 170 -14.03 8.57 1.87
N LEU A 171 -13.01 9.34 1.50
CA LEU A 171 -13.16 10.73 1.12
C LEU A 171 -14.16 10.97 0.01
N ALA A 172 -14.26 10.04 -0.93
CA ALA A 172 -15.19 10.18 -2.04
C ALA A 172 -16.63 10.19 -1.54
N GLU A 173 -16.94 9.26 -0.66
CA GLU A 173 -18.28 9.18 -0.11
C GLU A 173 -18.61 10.43 0.75
N ARG A 174 -17.63 10.90 1.50
CA ARG A 174 -17.83 12.07 2.33
C ARG A 174 -18.17 13.29 1.45
N GLN A 175 -17.46 13.44 0.33
CA GLN A 175 -17.68 14.56 -0.60
C GLN A 175 -19.05 14.50 -1.26
N GLN A 176 -19.51 13.32 -1.60
CA GLN A 176 -20.83 13.20 -2.21
C GLN A 176 -21.95 13.48 -1.21
N LYS A 177 -21.73 13.10 0.05
CA LYS A 177 -22.77 13.37 1.03
C LYS A 177 -22.80 14.89 1.30
N LEU A 178 -21.63 15.48 1.36
CA LEU A 178 -21.50 16.90 1.59
C LEU A 178 -22.17 17.67 0.44
N GLY A 179 -21.91 17.24 -0.80
CA GLY A 179 -22.51 17.87 -1.97
C GLY A 179 -24.02 17.78 -1.94
N ARG A 180 -24.56 16.68 -1.43
CA ARG A 180 -26.01 16.55 -1.32
C ARG A 180 -26.51 17.53 -0.26
N HIS A 181 -25.77 17.69 0.83
CA HIS A 181 -26.20 18.61 1.88
C HIS A 181 -26.14 20.08 1.37
N MET A 182 -25.10 20.42 0.61
CA MET A 182 -24.99 21.78 0.05
C MET A 182 -26.15 22.06 -0.89
N ALA A 183 -26.58 21.06 -1.64
CA ALA A 183 -27.70 21.22 -2.58
C ALA A 183 -28.96 21.57 -1.81
N THR A 184 -29.18 20.87 -0.70
CA THR A 184 -30.34 21.13 0.14
C THR A 184 -30.32 22.55 0.75
N LEU A 185 -29.16 22.97 1.23
CA LEU A 185 -29.04 24.30 1.84
C LEU A 185 -29.33 25.38 0.80
N ASN A 186 -28.78 25.22 -0.40
CA ASN A 186 -29.03 26.18 -1.48
C ASN A 186 -30.48 26.17 -1.90
N LYS A 187 -31.10 24.99 -1.88
CA LYS A 187 -32.49 24.90 -2.26
C LYS A 187 -33.41 25.57 -1.27
N LEU A 188 -33.12 25.49 0.02
CA LEU A 188 -34.03 26.16 0.91
C LEU A 188 -33.78 27.67 0.95
N ALA A 189 -32.53 28.10 0.71
CA ALA A 189 -32.24 29.53 0.69
C ALA A 189 -33.01 30.11 -0.49
N ASP A 190 -32.90 29.42 -1.63
CA ASP A 190 -33.55 29.85 -2.86
C ASP A 190 -35.08 29.77 -2.89
N LEU A 191 -35.64 28.59 -2.58
CA LEU A 191 -37.09 28.42 -2.61
C LEU A 191 -37.88 29.13 -1.52
N PHE A 192 -37.26 29.39 -0.39
CA PHE A 192 -38.00 30.05 0.67
C PHE A 192 -37.47 31.42 1.01
N ASN A 193 -36.66 31.95 0.10
CA ASN A 193 -36.11 33.28 0.27
C ASN A 193 -35.59 33.53 1.68
N CYS A 194 -34.61 32.73 2.09
CA CYS A 194 -34.04 32.96 3.40
C CYS A 194 -32.52 32.99 3.35
N VAL A 195 -31.93 33.51 4.41
CA VAL A 195 -30.50 33.53 4.42
C VAL A 195 -30.08 32.26 5.13
N VAL A 196 -29.08 31.61 4.54
CA VAL A 196 -28.50 30.39 5.08
C VAL A 196 -27.06 30.71 5.40
N LEU A 197 -26.69 30.53 6.68
CA LEU A 197 -25.32 30.77 7.17
C LEU A 197 -24.74 29.42 7.65
N VAL A 198 -23.45 29.20 7.42
CA VAL A 198 -22.76 27.99 7.85
C VAL A 198 -21.40 28.40 8.44
N THR A 199 -20.96 27.67 9.46
CA THR A 199 -19.66 27.92 10.08
C THR A 199 -18.81 26.74 9.63
N ASN A 200 -17.50 26.94 9.56
CA ASN A 200 -16.62 25.87 9.09
C ASN A 200 -15.24 26.10 9.68
N GLN A 201 -14.40 25.08 9.57
CA GLN A 201 -13.03 25.14 10.06
C GLN A 201 -12.16 25.29 8.83
N VAL A 202 -10.90 25.65 9.06
CA VAL A 202 -9.95 25.83 7.98
C VAL A 202 -8.78 24.86 8.19
N SER A 203 -8.04 24.57 7.13
CA SER A 203 -6.88 23.69 7.24
C SER A 203 -5.72 24.26 6.42
N ALA A 204 -4.49 23.92 6.82
CA ALA A 204 -3.26 24.37 6.16
C ALA A 204 -3.45 24.81 4.71
N ALA A 213 -1.63 27.27 0.84
CA ALA A 213 -2.10 26.67 2.09
C ALA A 213 -3.05 27.65 2.82
N GLU A 214 -4.35 27.38 2.69
CA GLU A 214 -5.40 28.19 3.31
C GLU A 214 -6.75 27.85 2.67
N GLN A 215 -7.53 27.00 3.31
CA GLN A 215 -8.81 26.59 2.76
C GLN A 215 -9.81 26.07 3.80
N ALA A 216 -11.09 26.28 3.51
CA ALA A 216 -12.16 25.82 4.39
C ALA A 216 -12.35 24.31 4.15
N ILE A 217 -12.59 23.56 5.22
CA ILE A 217 -12.78 22.11 5.09
C ILE A 217 -13.91 21.78 4.12
N GLY A 218 -13.77 20.68 3.40
CA GLY A 218 -14.83 20.30 2.47
C GLY A 218 -14.44 20.50 1.01
N GLY A 219 -13.35 21.24 0.79
CA GLY A 219 -12.86 21.45 -0.56
C GLY A 219 -13.78 22.25 -1.46
N HIS A 220 -13.71 21.99 -2.76
CA HIS A 220 -14.51 22.69 -3.77
C HIS A 220 -15.96 22.31 -3.77
N ILE A 221 -16.25 21.09 -3.35
CA ILE A 221 -17.63 20.63 -3.29
C ILE A 221 -18.43 21.62 -2.41
N VAL A 222 -17.77 22.15 -1.40
CA VAL A 222 -18.43 23.13 -0.54
C VAL A 222 -18.21 24.53 -1.12
N GLY A 223 -16.96 24.82 -1.45
CA GLY A 223 -16.62 26.12 -1.98
C GLY A 223 -17.45 26.56 -3.16
N HIS A 224 -17.61 25.66 -4.13
CA HIS A 224 -18.39 25.98 -5.34
C HIS A 224 -19.84 26.21 -4.99
N ALA A 225 -20.29 25.68 -3.85
CA ALA A 225 -21.70 25.82 -3.50
C ALA A 225 -22.03 26.90 -2.45
N ALA A 226 -21.03 27.67 -2.05
CA ALA A 226 -21.22 28.75 -1.08
C ALA A 226 -21.06 30.06 -1.86
N THR A 227 -22.10 30.86 -1.91
CA THR A 227 -22.04 32.12 -2.65
C THR A 227 -21.17 33.21 -2.03
N PHE A 228 -21.15 33.31 -0.70
CA PHE A 228 -20.32 34.31 -0.05
C PHE A 228 -19.45 33.53 0.94
N ARG A 229 -18.13 33.75 0.87
CA ARG A 229 -17.20 33.03 1.73
C ARG A 229 -16.24 33.92 2.48
N PHE A 230 -16.13 33.70 3.80
CA PHE A 230 -15.24 34.47 4.67
C PHE A 230 -14.25 33.61 5.44
N PHE A 231 -13.08 34.19 5.71
CA PHE A 231 -12.13 33.55 6.61
C PHE A 231 -12.20 34.54 7.78
N VAL A 232 -12.43 34.03 8.98
CA VAL A 232 -12.53 34.90 10.15
C VAL A 232 -11.31 34.64 11.04
N ARG A 233 -10.55 35.69 11.33
CA ARG A 233 -9.33 35.57 12.16
C ARG A 233 -9.48 36.37 13.46
N LYS A 234 -8.64 36.05 14.42
CA LYS A 234 -8.67 36.78 15.69
C LYS A 234 -7.69 37.93 15.56
N GLY A 235 -8.10 39.10 16.03
CA GLY A 235 -7.19 40.23 16.00
C GLY A 235 -6.66 40.30 17.42
N LYS A 236 -6.41 41.50 17.89
CA LYS A 236 -5.92 41.69 19.25
C LYS A 236 -7.15 41.70 20.17
N GLY A 237 -7.06 41.02 21.32
CA GLY A 237 -8.17 41.01 22.26
C GLY A 237 -9.57 40.65 21.75
N ASP A 238 -10.51 41.58 21.89
CA ASP A 238 -11.88 41.34 21.48
C ASP A 238 -12.10 41.59 19.98
N LYS A 239 -11.04 41.93 19.27
CA LYS A 239 -11.18 42.20 17.85
C LYS A 239 -11.09 40.94 17.00
N ARG A 240 -11.78 40.96 15.87
CA ARG A 240 -11.82 39.83 14.94
C ARG A 240 -11.88 40.43 13.53
N VAL A 241 -11.31 39.74 12.54
CA VAL A 241 -11.35 40.25 11.17
C VAL A 241 -12.00 39.22 10.26
N ALA A 242 -13.07 39.62 9.57
CA ALA A 242 -13.73 38.75 8.64
C ALA A 242 -13.27 39.22 7.26
N LYS A 243 -12.73 38.30 6.48
CA LYS A 243 -12.22 38.60 5.15
C LYS A 243 -13.03 37.89 4.07
N LEU A 244 -13.78 38.68 3.31
CA LEU A 244 -14.60 38.16 2.25
C LEU A 244 -13.67 37.87 1.08
N TYR A 245 -13.53 36.61 0.69
CA TYR A 245 -12.64 36.28 -0.41
C TYR A 245 -13.36 35.68 -1.60
N ASP A 246 -14.66 35.52 -1.51
CA ASP A 246 -15.42 34.97 -2.61
C ASP A 246 -16.86 35.47 -2.52
N SER A 247 -17.26 36.19 -3.57
CA SER A 247 -18.61 36.75 -3.69
C SER A 247 -18.85 36.88 -5.20
N PRO A 248 -20.11 36.83 -5.63
CA PRO A 248 -20.30 36.95 -7.08
C PRO A 248 -20.03 38.34 -7.65
N HIS A 249 -20.21 39.39 -6.85
CA HIS A 249 -19.99 40.73 -7.36
C HIS A 249 -19.37 41.78 -6.44
N LEU A 250 -19.01 41.42 -5.22
CA LEU A 250 -18.42 42.40 -4.32
C LEU A 250 -16.89 42.32 -4.36
N PRO A 251 -16.21 43.38 -3.93
CA PRO A 251 -14.76 43.30 -3.95
C PRO A 251 -14.30 42.48 -2.75
N ASP A 252 -13.12 41.85 -2.85
CA ASP A 252 -12.61 41.09 -1.72
C ASP A 252 -12.20 42.14 -0.72
N ALA A 253 -12.69 42.01 0.52
CA ALA A 253 -12.38 42.99 1.56
C ALA A 253 -12.41 42.41 2.97
N GLU A 254 -11.88 43.18 3.90
CA GLU A 254 -11.80 42.79 5.31
C GLU A 254 -12.62 43.72 6.17
N ALA A 255 -13.28 43.16 7.16
CA ALA A 255 -14.08 43.93 8.09
C ALA A 255 -13.59 43.60 9.47
N ILE A 256 -13.27 44.61 10.27
CA ILE A 256 -12.86 44.37 11.62
C ILE A 256 -14.10 44.61 12.49
N PHE A 257 -14.27 43.78 13.52
CA PHE A 257 -15.40 43.91 14.44
C PHE A 257 -14.98 43.36 15.80
N ARG A 258 -15.86 43.51 16.79
CA ARG A 258 -15.54 43.03 18.13
C ARG A 258 -16.64 42.17 18.70
N ILE A 259 -16.26 41.27 19.60
CA ILE A 259 -17.23 40.41 20.28
C ILE A 259 -17.33 40.94 21.70
N THR A 260 -18.43 41.59 22.02
CA THR A 260 -18.62 42.17 23.35
C THR A 260 -19.84 41.63 24.08
N GLU A 261 -20.13 42.24 25.23
CA GLU A 261 -21.24 41.84 26.08
C GLU A 261 -22.54 42.05 25.34
N LYS A 262 -22.57 43.08 24.49
CA LYS A 262 -23.75 43.37 23.69
C LYS A 262 -23.81 42.41 22.50
N GLY A 263 -22.69 41.72 22.24
CA GLY A 263 -22.63 40.79 21.11
C GLY A 263 -21.61 41.26 20.07
N ILE A 264 -22.05 41.35 18.82
CA ILE A 264 -21.17 41.81 17.75
C ILE A 264 -21.27 43.33 17.63
N GLN A 265 -20.16 44.04 17.54
CA GLN A 265 -20.25 45.49 17.34
C GLN A 265 -19.06 46.13 16.63
N ASP A 266 -19.27 47.39 16.22
CA ASP A 266 -18.31 48.24 15.49
C ASP A 266 -18.66 48.28 13.98
N SER B 2 -46.06 20.86 17.23
CA SER B 2 -45.93 20.45 15.80
C SER B 2 -44.46 20.23 15.45
N HIS B 3 -43.63 21.20 15.83
CA HIS B 3 -42.21 21.12 15.58
C HIS B 3 -41.51 20.12 16.49
N MET B 4 -42.11 19.85 17.65
CA MET B 4 -41.54 18.91 18.62
C MET B 4 -41.43 17.53 17.95
N ASP B 5 -42.40 17.20 17.10
CA ASP B 5 -42.39 15.92 16.40
C ASP B 5 -41.22 15.85 15.43
N LEU B 6 -40.91 16.99 14.81
CA LEU B 6 -39.82 17.06 13.84
C LEU B 6 -38.42 17.09 14.46
N GLY B 7 -38.34 17.10 15.79
CA GLY B 7 -37.04 17.09 16.45
C GLY B 7 -36.48 18.46 16.82
N PHE B 8 -37.26 19.50 16.52
CA PHE B 8 -36.87 20.88 16.81
C PHE B 8 -37.47 21.30 18.16
N LYS B 9 -36.74 22.11 18.91
CA LYS B 9 -37.23 22.64 20.18
C LYS B 9 -36.96 24.13 20.13
N SER B 10 -37.94 24.96 20.47
CA SER B 10 -37.69 26.39 20.48
C SER B 10 -36.71 26.71 21.61
N GLY B 11 -36.21 27.94 21.62
CA GLY B 11 -35.31 28.33 22.68
C GLY B 11 -36.05 28.27 24.01
N ILE B 12 -37.34 28.57 23.97
CA ILE B 12 -38.18 28.53 25.18
C ILE B 12 -38.35 27.10 25.63
N ASP B 13 -38.53 26.18 24.69
CA ASP B 13 -38.66 24.76 25.02
C ASP B 13 -37.37 24.34 25.73
N LEU B 14 -36.24 24.81 25.22
CA LEU B 14 -34.96 24.45 25.82
C LEU B 14 -34.86 24.92 27.28
N LEU B 15 -35.29 26.15 27.55
CA LEU B 15 -35.24 26.64 28.92
C LEU B 15 -36.18 25.83 29.81
N LYS B 16 -37.40 25.59 29.33
CA LYS B 16 -38.37 24.83 30.10
C LYS B 16 -37.88 23.42 30.37
N GLN B 17 -37.13 22.88 29.42
CA GLN B 17 -36.57 21.53 29.56
C GLN B 17 -35.57 21.49 30.72
N ARG B 18 -34.70 22.50 30.76
CA ARG B 18 -33.70 22.60 31.81
C ARG B 18 -34.33 22.58 33.19
N SER B 19 -35.54 23.11 33.32
CA SER B 19 -36.22 23.16 34.60
C SER B 19 -36.55 21.80 35.22
N THR B 20 -36.73 20.78 34.37
CA THR B 20 -37.08 19.44 34.86
C THR B 20 -35.92 18.46 34.99
N VAL B 21 -34.70 18.96 35.01
CA VAL B 21 -33.56 18.06 35.13
C VAL B 21 -33.42 17.64 36.58
N TRP B 22 -33.19 16.35 36.80
CA TRP B 22 -32.99 15.85 38.17
C TRP B 22 -31.60 15.23 38.19
N LYS B 23 -31.03 15.06 39.40
CA LYS B 23 -29.69 14.49 39.54
C LYS B 23 -29.65 13.27 40.46
N LEU B 24 -28.73 12.35 40.19
CA LEU B 24 -28.61 11.13 40.99
C LEU B 24 -27.28 11.09 41.71
N SER B 25 -27.32 10.88 43.03
CA SER B 25 -26.11 10.84 43.82
C SER B 25 -25.25 9.63 43.51
N THR B 26 -23.94 9.84 43.58
CA THR B 26 -22.95 8.82 43.33
C THR B 26 -22.44 8.28 44.65
N SER B 27 -23.02 8.77 45.75
CA SER B 27 -22.62 8.36 47.09
C SER B 27 -21.25 8.94 47.46
N SER B 28 -20.66 9.71 46.55
CA SER B 28 -19.37 10.34 46.87
C SER B 28 -19.57 11.85 46.95
N SER B 29 -19.32 12.41 48.13
CA SER B 29 -19.46 13.84 48.34
C SER B 29 -18.62 14.63 47.35
N GLU B 30 -17.36 14.24 47.17
CA GLU B 30 -16.52 14.97 46.25
C GLU B 30 -17.00 14.84 44.81
N LEU B 31 -17.34 13.62 44.39
CA LEU B 31 -17.80 13.39 43.02
C LEU B 31 -19.13 14.10 42.75
N ASP B 32 -20.03 14.06 43.74
CA ASP B 32 -21.32 14.72 43.61
C ASP B 32 -21.04 16.23 43.46
N SER B 33 -20.02 16.70 44.16
CA SER B 33 -19.65 18.10 44.11
C SER B 33 -19.11 18.48 42.73
N VAL B 34 -18.20 17.66 42.20
CA VAL B 34 -17.62 17.90 40.88
C VAL B 34 -18.71 17.92 39.81
N LEU B 35 -19.73 17.08 40.00
CA LEU B 35 -20.88 16.99 39.09
C LEU B 35 -21.89 18.13 39.23
N GLY B 36 -21.64 19.06 40.15
CA GLY B 36 -22.57 20.16 40.33
C GLY B 36 -23.83 19.70 41.03
N GLY B 37 -23.75 18.57 41.73
CA GLY B 37 -24.92 18.07 42.43
C GLY B 37 -25.14 16.57 42.32
N GLY B 38 -24.86 16.01 41.15
CA GLY B 38 -25.06 14.59 40.92
C GLY B 38 -25.18 14.31 39.41
N LEU B 39 -25.36 13.05 39.05
CA LEU B 39 -25.49 12.65 37.65
C LEU B 39 -26.80 13.24 37.10
N GLU B 40 -26.67 14.04 36.03
CA GLU B 40 -27.83 14.71 35.44
C GLU B 40 -28.69 13.96 34.44
N SER B 41 -30.00 14.07 34.58
CA SER B 41 -30.91 13.46 33.62
C SER B 41 -30.82 14.30 32.32
N GLN B 42 -31.31 13.73 31.22
CA GLN B 42 -31.31 14.41 29.94
C GLN B 42 -29.94 14.58 29.31
N SER B 43 -28.93 13.93 29.89
CA SER B 43 -27.56 14.00 29.36
C SER B 43 -26.90 12.64 29.39
N VAL B 44 -25.84 12.50 28.60
CA VAL B 44 -25.05 11.29 28.57
C VAL B 44 -23.77 11.63 29.32
N THR B 45 -23.42 10.79 30.29
CA THR B 45 -22.23 11.00 31.07
C THR B 45 -21.33 9.80 30.85
N GLU B 46 -20.11 10.09 30.46
CA GLU B 46 -19.13 9.05 30.17
C GLU B 46 -18.05 8.96 31.22
N PHE B 47 -17.71 7.73 31.57
CA PHE B 47 -16.63 7.46 32.51
C PHE B 47 -15.64 6.60 31.73
N ALA B 48 -14.49 7.17 31.38
CA ALA B 48 -13.47 6.47 30.61
C ALA B 48 -12.26 6.19 31.48
N GLY B 49 -11.66 5.02 31.33
CA GLY B 49 -10.50 4.67 32.12
C GLY B 49 -10.12 3.21 31.88
N VAL B 50 -8.97 2.82 32.37
CA VAL B 50 -8.52 1.44 32.19
C VAL B 50 -9.38 0.52 33.05
N PHE B 51 -9.25 -0.79 32.82
CA PHE B 51 -9.98 -1.78 33.59
C PHE B 51 -9.63 -1.64 35.07
N GLY B 52 -10.63 -1.74 35.95
CA GLY B 52 -10.40 -1.62 37.39
C GLY B 52 -10.37 -0.19 37.89
N SER B 53 -10.63 0.76 36.99
CA SER B 53 -10.60 2.15 37.42
C SER B 53 -11.84 2.62 38.19
N GLY B 54 -12.88 1.80 38.24
CA GLY B 54 -14.09 2.19 38.95
C GLY B 54 -15.34 2.43 38.11
N LYS B 55 -15.23 2.33 36.79
CA LYS B 55 -16.38 2.56 35.90
C LYS B 55 -17.59 1.67 36.16
N THR B 56 -17.37 0.36 36.11
CA THR B 56 -18.46 -0.58 36.32
C THR B 56 -19.06 -0.42 37.73
N GLN B 57 -18.22 -0.12 38.72
CA GLN B 57 -18.67 0.07 40.11
C GLN B 57 -19.63 1.25 40.22
N ILE B 58 -19.32 2.32 39.50
CA ILE B 58 -20.19 3.48 39.51
C ILE B 58 -21.51 3.10 38.87
N MET B 59 -21.48 2.28 37.80
CA MET B 59 -22.72 1.88 37.14
C MET B 59 -23.63 1.14 38.13
N HIS B 60 -23.06 0.18 38.88
CA HIS B 60 -23.79 -0.60 39.89
C HIS B 60 -24.30 0.32 41.03
N GLN B 61 -23.43 1.17 41.56
CA GLN B 61 -23.85 2.09 42.61
C GLN B 61 -25.03 2.97 42.17
N SER B 62 -25.06 3.33 40.87
CA SER B 62 -26.15 4.18 40.36
C SER B 62 -27.47 3.42 40.37
N CYS B 63 -27.43 2.16 39.98
CA CYS B 63 -28.64 1.35 39.96
C CYS B 63 -29.18 1.26 41.38
N VAL B 64 -28.28 1.06 42.33
CA VAL B 64 -28.67 0.97 43.74
C VAL B 64 -29.25 2.30 44.25
N ASN B 65 -28.53 3.38 43.99
CA ASN B 65 -28.97 4.70 44.47
C ASN B 65 -30.30 5.15 43.91
N LEU B 66 -30.60 4.70 42.68
CA LEU B 66 -31.85 5.05 42.03
C LEU B 66 -33.05 4.71 42.93
N GLN B 67 -32.93 3.59 43.67
CA GLN B 67 -34.01 3.14 44.55
C GLN B 67 -34.11 3.85 45.91
N ASN B 68 -33.27 4.84 46.16
CA ASN B 68 -33.33 5.60 47.41
C ASN B 68 -33.77 7.03 47.04
N PRO B 69 -35.07 7.30 47.17
CA PRO B 69 -35.69 8.60 46.86
C PRO B 69 -34.89 9.81 47.36
N GLU B 70 -34.13 9.63 48.43
CA GLU B 70 -33.35 10.73 48.99
C GLU B 70 -32.11 10.99 48.17
N PHE B 71 -31.85 10.15 47.17
CA PHE B 71 -30.66 10.30 46.34
C PHE B 71 -30.99 10.95 44.99
N LEU B 72 -32.27 11.21 44.75
CA LEU B 72 -32.65 11.86 43.52
C LEU B 72 -32.96 13.31 43.90
N PHE B 73 -32.23 14.24 43.28
CA PHE B 73 -32.44 15.65 43.60
C PHE B 73 -33.12 16.36 42.45
N TYR B 74 -34.22 17.05 42.76
CA TYR B 74 -35.00 17.76 41.74
C TYR B 74 -35.86 18.90 42.29
N ASP B 75 -36.32 19.77 41.41
CA ASP B 75 -37.18 20.89 41.80
C ASP B 75 -38.62 20.37 41.86
N GLU B 76 -39.18 20.35 43.05
CA GLU B 76 -40.53 19.85 43.26
C GLU B 76 -41.58 20.66 42.53
N GLU B 77 -41.25 21.91 42.23
CA GLU B 77 -42.16 22.79 41.51
C GLU B 77 -42.15 22.47 40.02
N ALA B 78 -41.05 21.91 39.53
CA ALA B 78 -40.91 21.56 38.12
C ALA B 78 -41.05 20.07 37.84
N VAL B 79 -40.74 19.24 38.83
CA VAL B 79 -40.84 17.79 38.66
C VAL B 79 -41.72 17.21 39.75
N SER B 80 -42.67 16.36 39.35
CA SER B 80 -43.61 15.75 40.28
C SER B 80 -43.07 14.47 40.91
N LYS B 81 -43.70 14.07 42.00
CA LYS B 81 -43.31 12.87 42.71
C LYS B 81 -43.65 11.67 41.84
N GLY B 82 -44.59 11.88 40.91
CA GLY B 82 -45.00 10.80 40.02
C GLY B 82 -43.96 10.45 38.97
N GLU B 83 -43.38 11.46 38.33
CA GLU B 83 -42.36 11.22 37.30
C GLU B 83 -41.20 10.35 37.82
N VAL B 84 -40.78 10.58 39.05
CA VAL B 84 -39.68 9.82 39.62
C VAL B 84 -40.11 8.66 40.51
N ALA B 85 -41.42 8.39 40.55
CA ALA B 85 -41.97 7.30 41.35
C ALA B 85 -41.71 5.96 40.65
N GLN B 86 -41.38 4.95 41.45
CA GLN B 86 -41.09 3.62 40.94
C GLN B 86 -40.13 3.65 39.74
N PRO B 87 -38.97 4.28 39.93
CA PRO B 87 -37.99 4.37 38.86
C PRO B 87 -37.31 3.02 38.63
N LYS B 88 -37.01 2.73 37.37
CA LYS B 88 -36.35 1.49 36.96
C LYS B 88 -35.11 1.79 36.12
N ALA B 89 -34.16 0.86 36.12
CA ALA B 89 -32.93 1.03 35.38
C ALA B 89 -32.75 -0.06 34.35
N VAL B 90 -31.93 0.27 33.34
CA VAL B 90 -31.60 -0.63 32.26
C VAL B 90 -30.08 -0.70 32.26
N TYR B 91 -29.54 -1.90 32.28
CA TYR B 91 -28.10 -2.09 32.30
C TYR B 91 -27.75 -2.92 31.07
N ILE B 92 -27.21 -2.29 30.03
CA ILE B 92 -26.83 -3.03 28.81
C ILE B 92 -25.43 -3.51 29.04
N ASP B 93 -25.31 -4.83 29.18
CA ASP B 93 -24.06 -5.51 29.53
C ASP B 93 -23.34 -6.07 28.32
N THR B 94 -22.22 -5.44 27.99
CA THR B 94 -21.44 -5.77 26.81
C THR B 94 -20.28 -6.75 26.99
N GLU B 95 -19.83 -6.98 28.22
CA GLU B 95 -18.75 -7.94 28.44
C GLU B 95 -19.07 -8.89 29.62
N GLY B 96 -20.30 -8.83 30.13
CA GLY B 96 -20.69 -9.70 31.23
C GLY B 96 -20.18 -9.19 32.56
N THR B 97 -20.34 -7.90 32.81
CA THR B 97 -19.85 -7.30 34.04
C THR B 97 -20.91 -7.06 35.12
N PHE B 98 -22.18 -7.35 34.85
CA PHE B 98 -23.23 -7.13 35.84
C PHE B 98 -23.09 -8.20 36.96
N ARG B 99 -23.16 -7.76 38.21
CA ARG B 99 -23.02 -8.69 39.34
C ARG B 99 -24.12 -8.48 40.37
N PRO B 100 -25.18 -9.30 40.33
CA PRO B 100 -26.26 -9.14 41.31
C PRO B 100 -25.78 -9.12 42.77
N GLU B 101 -24.73 -9.88 43.06
CA GLU B 101 -24.21 -9.91 44.42
C GLU B 101 -23.65 -8.56 44.80
N ARG B 102 -23.06 -7.86 43.83
CA ARG B 102 -22.50 -6.56 44.14
C ARG B 102 -23.65 -5.59 44.41
N ILE B 103 -24.76 -5.80 43.71
CA ILE B 103 -25.95 -4.97 43.88
C ILE B 103 -26.48 -5.19 45.31
N MET B 104 -26.50 -6.45 45.73
CA MET B 104 -26.97 -6.81 47.07
C MET B 104 -26.12 -6.13 48.13
N GLN B 105 -24.81 -6.33 48.03
CA GLN B 105 -23.88 -5.75 48.98
C GLN B 105 -23.98 -4.22 49.07
N MET B 106 -23.96 -3.52 47.94
CA MET B 106 -24.07 -2.07 47.98
C MET B 106 -25.36 -1.59 48.65
N ALA B 107 -26.47 -2.24 48.31
CA ALA B 107 -27.76 -1.88 48.89
C ALA B 107 -27.71 -2.07 50.41
N GLU B 108 -27.50 -3.32 50.81
CA GLU B 108 -27.39 -3.71 52.21
C GLU B 108 -26.65 -2.67 53.03
N HIS B 109 -25.37 -2.44 52.71
CA HIS B 109 -24.56 -1.47 53.44
C HIS B 109 -25.01 -0.02 53.31
N ALA B 110 -26.00 0.23 52.46
CA ALA B 110 -26.49 1.59 52.28
C ALA B 110 -27.88 1.74 52.89
N GLY B 111 -28.40 0.63 53.42
CA GLY B 111 -29.72 0.65 54.02
C GLY B 111 -30.80 0.62 52.98
N ILE B 112 -30.48 0.06 51.82
CA ILE B 112 -31.46 -0.05 50.72
C ILE B 112 -31.77 -1.53 50.51
N ASP B 113 -33.01 -1.84 50.15
CA ASP B 113 -33.41 -3.23 49.92
C ASP B 113 -32.88 -3.69 48.56
N GLY B 114 -31.86 -4.55 48.60
CA GLY B 114 -31.25 -5.07 47.39
C GLY B 114 -32.20 -5.82 46.46
N GLN B 115 -33.20 -6.45 47.05
CA GLN B 115 -34.17 -7.21 46.27
C GLN B 115 -34.97 -6.24 45.42
N THR B 116 -35.16 -5.04 45.94
CA THR B 116 -35.91 -4.00 45.25
C THR B 116 -35.09 -3.47 44.08
N VAL B 117 -33.77 -3.34 44.29
CA VAL B 117 -32.89 -2.86 43.24
C VAL B 117 -32.87 -3.90 42.13
N LEU B 118 -32.67 -5.16 42.49
CA LEU B 118 -32.63 -6.23 41.49
C LEU B 118 -33.94 -6.38 40.73
N ASP B 119 -35.04 -6.15 41.43
CA ASP B 119 -36.35 -6.30 40.82
C ASP B 119 -36.70 -5.18 39.83
N ASN B 120 -36.10 -4.01 40.01
CA ASN B 120 -36.37 -2.87 39.14
C ASN B 120 -35.22 -2.46 38.21
N THR B 121 -34.32 -3.42 37.94
CA THR B 121 -33.17 -3.20 37.08
C THR B 121 -33.16 -4.27 36.00
N PHE B 122 -33.40 -3.86 34.75
CA PHE B 122 -33.40 -4.79 33.63
C PHE B 122 -31.98 -4.91 33.07
N VAL B 123 -31.50 -6.14 32.93
CA VAL B 123 -30.17 -6.38 32.39
C VAL B 123 -30.27 -6.93 30.97
N ALA B 124 -29.46 -6.41 30.05
CA ALA B 124 -29.46 -6.85 28.65
C ALA B 124 -28.05 -7.22 28.25
N ARG B 125 -27.79 -8.52 28.05
CA ARG B 125 -26.47 -8.97 27.66
C ARG B 125 -26.33 -8.85 26.15
N ALA B 126 -25.41 -7.98 25.70
CA ALA B 126 -25.19 -7.77 24.25
C ALA B 126 -23.86 -8.36 23.82
N TYR B 127 -23.90 -9.28 22.86
CA TYR B 127 -22.68 -9.93 22.36
C TYR B 127 -22.08 -9.26 21.11
N ASN B 128 -22.77 -8.26 20.56
CA ASN B 128 -22.26 -7.53 19.39
C ASN B 128 -22.90 -6.15 19.29
N SER B 129 -22.36 -5.32 18.39
CA SER B 129 -22.88 -3.95 18.26
C SER B 129 -24.34 -3.88 17.84
N ASP B 130 -24.79 -4.80 17.00
CA ASP B 130 -26.19 -4.80 16.59
C ASP B 130 -27.10 -4.92 17.82
N MET B 131 -26.86 -5.95 18.63
CA MET B 131 -27.65 -6.20 19.85
C MET B 131 -27.62 -5.01 20.79
N GLN B 132 -26.42 -4.48 20.98
CA GLN B 132 -26.20 -3.32 21.83
C GLN B 132 -27.09 -2.16 21.43
N MET B 133 -27.06 -1.85 20.13
CA MET B 133 -27.85 -0.75 19.61
C MET B 133 -29.32 -1.06 19.65
N LEU B 134 -29.69 -2.31 19.37
CA LEU B 134 -31.11 -2.65 19.39
C LEU B 134 -31.68 -2.57 20.81
N PHE B 135 -30.96 -3.08 21.80
CA PHE B 135 -31.48 -2.98 23.17
C PHE B 135 -31.71 -1.52 23.53
N ALA B 136 -30.78 -0.66 23.14
CA ALA B 136 -30.89 0.77 23.45
C ALA B 136 -32.23 1.29 22.92
N GLU B 137 -32.50 0.99 21.65
CA GLU B 137 -33.75 1.43 21.04
C GLU B 137 -34.98 0.79 21.68
N LYS B 138 -34.87 -0.46 22.11
CA LYS B 138 -36.02 -1.12 22.73
C LYS B 138 -36.40 -0.50 24.07
N ILE B 139 -35.52 0.33 24.61
CA ILE B 139 -35.85 0.97 25.86
C ILE B 139 -37.15 1.78 25.66
N GLU B 140 -37.40 2.25 24.44
CA GLU B 140 -38.65 2.98 24.18
C GLU B 140 -39.83 2.05 24.45
N ASP B 141 -39.66 0.77 24.10
CA ASP B 141 -40.72 -0.23 24.30
C ASP B 141 -40.96 -0.49 25.78
N LEU B 142 -39.88 -0.63 26.55
CA LEU B 142 -40.04 -0.86 27.97
C LEU B 142 -40.87 0.26 28.56
N ILE B 143 -40.54 1.49 28.20
CA ILE B 143 -41.25 2.66 28.70
C ILE B 143 -42.69 2.63 28.23
N GLN B 144 -42.91 2.23 26.98
CA GLN B 144 -44.25 2.14 26.41
C GLN B 144 -45.10 1.14 27.21
N GLU B 145 -44.49 0.00 27.55
CA GLU B 145 -45.17 -1.05 28.31
C GLU B 145 -45.42 -0.63 29.77
N GLY B 146 -45.11 0.61 30.11
CA GLY B 146 -45.36 1.07 31.46
C GLY B 146 -44.23 1.19 32.47
N ASN B 147 -43.00 0.84 32.09
CA ASN B 147 -41.87 0.93 33.02
C ASN B 147 -41.26 2.33 33.06
N ASN B 148 -41.12 2.88 34.26
CA ASN B 148 -40.53 4.20 34.43
C ASN B 148 -39.00 4.17 34.45
N ILE B 149 -38.43 3.95 33.26
CA ILE B 149 -36.99 3.91 33.08
C ILE B 149 -36.42 5.29 33.33
N LYS B 150 -35.59 5.42 34.35
CA LYS B 150 -34.98 6.70 34.66
C LYS B 150 -33.45 6.62 34.65
N LEU B 151 -32.91 5.43 34.46
CA LEU B 151 -31.46 5.26 34.41
C LEU B 151 -31.08 4.23 33.36
N VAL B 152 -30.17 4.61 32.47
CA VAL B 152 -29.70 3.71 31.44
C VAL B 152 -28.20 3.63 31.52
N VAL B 153 -27.70 2.41 31.59
CA VAL B 153 -26.29 2.18 31.69
C VAL B 153 -25.78 1.44 30.46
N ILE B 154 -24.69 1.93 29.88
CA ILE B 154 -24.10 1.26 28.73
C ILE B 154 -22.69 0.90 29.16
N ASP B 155 -22.50 -0.37 29.51
CA ASP B 155 -21.21 -0.84 29.99
C ASP B 155 -20.81 -2.05 29.17
N SER B 156 -19.90 -1.89 28.20
CA SER B 156 -19.24 -0.63 27.86
C SER B 156 -19.78 -0.04 26.56
N LEU B 157 -19.50 1.23 26.30
CA LEU B 157 -19.99 1.89 25.11
C LEU B 157 -19.39 1.35 23.80
N THR B 158 -18.08 1.12 23.81
CA THR B 158 -17.35 0.73 22.64
C THR B 158 -16.67 -0.62 22.49
N SER B 159 -16.69 -1.49 23.50
CA SER B 159 -15.99 -2.76 23.30
C SER B 159 -16.47 -3.54 22.07
N THR B 160 -17.77 -3.55 21.81
CA THR B 160 -18.28 -4.29 20.66
C THR B 160 -17.82 -3.68 19.33
N PHE B 161 -17.94 -2.36 19.18
CA PHE B 161 -17.51 -1.72 17.95
C PHE B 161 -16.03 -1.97 17.73
N ARG B 162 -15.27 -1.84 18.80
CA ARG B 162 -13.84 -2.05 18.72
C ARG B 162 -13.50 -3.47 18.29
N ASN B 163 -14.25 -4.45 18.80
CA ASN B 163 -13.99 -5.86 18.45
C ASN B 163 -14.44 -6.23 17.04
N GLU B 164 -15.33 -5.44 16.46
CA GLU B 164 -15.85 -5.73 15.15
C GLU B 164 -15.14 -5.01 14.02
N TYR B 165 -14.74 -3.77 14.25
CA TYR B 165 -14.07 -2.97 13.24
C TYR B 165 -12.60 -2.79 13.54
N THR B 166 -11.80 -3.70 13.02
CA THR B 166 -10.36 -3.63 13.18
C THR B 166 -9.84 -3.10 11.85
N GLY B 167 -8.77 -2.31 11.89
CA GLY B 167 -8.21 -1.76 10.67
C GLY B 167 -8.86 -0.44 10.27
N ARG B 168 -8.05 0.46 9.70
CA ARG B 168 -8.51 1.77 9.26
C ARG B 168 -9.44 1.74 8.05
N GLY B 169 -9.60 0.58 7.43
CA GLY B 169 -10.45 0.48 6.26
C GLY B 169 -11.93 0.39 6.57
N LYS B 170 -12.25 0.24 7.84
CA LYS B 170 -13.64 0.12 8.25
C LYS B 170 -13.99 1.20 9.27
N LEU B 171 -12.97 1.94 9.70
CA LEU B 171 -13.12 2.98 10.68
C LEU B 171 -14.28 3.93 10.40
N ALA B 172 -14.50 4.26 9.13
CA ALA B 172 -15.59 5.15 8.78
C ALA B 172 -16.93 4.49 9.11
N GLU B 173 -17.05 3.22 8.77
CA GLU B 173 -18.30 2.51 9.07
C GLU B 173 -18.48 2.42 10.59
N ARG B 174 -17.39 2.18 11.30
CA ARG B 174 -17.48 2.08 12.75
C ARG B 174 -17.94 3.43 13.33
N GLN B 175 -17.32 4.53 12.89
CA GLN B 175 -17.68 5.85 13.39
C GLN B 175 -19.14 6.21 13.15
N GLN B 176 -19.65 5.83 12.00
CA GLN B 176 -21.04 6.12 11.69
C GLN B 176 -22.00 5.28 12.52
N LYS B 177 -21.66 4.02 12.77
CA LYS B 177 -22.55 3.19 13.58
C LYS B 177 -22.57 3.81 14.97
N LEU B 178 -21.40 4.19 15.44
CA LEU B 178 -21.21 4.82 16.74
C LEU B 178 -22.06 6.08 16.85
N GLY B 179 -22.01 6.89 15.79
CA GLY B 179 -22.77 8.12 15.78
C GLY B 179 -24.25 7.90 15.92
N ARG B 180 -24.76 6.86 15.26
CA ARG B 180 -26.18 6.52 15.34
C ARG B 180 -26.53 6.12 16.78
N HIS B 181 -25.70 5.28 17.39
CA HIS B 181 -25.93 4.84 18.75
C HIS B 181 -25.89 6.05 19.71
N MET B 182 -24.92 6.95 19.57
CA MET B 182 -24.87 8.12 20.45
C MET B 182 -26.14 8.93 20.32
N ALA B 183 -26.67 9.05 19.11
CA ALA B 183 -27.91 9.80 18.90
C ALA B 183 -29.07 9.17 19.68
N THR B 184 -29.15 7.85 19.61
CA THR B 184 -30.21 7.15 20.32
C THR B 184 -30.09 7.37 21.84
N LEU B 185 -28.87 7.26 22.38
CA LEU B 185 -28.68 7.43 23.81
C LEU B 185 -29.12 8.83 24.23
N ASN B 186 -28.76 9.83 23.42
CA ASN B 186 -29.14 11.20 23.72
C ASN B 186 -30.62 11.40 23.64
N LYS B 187 -31.24 10.73 22.68
CA LYS B 187 -32.68 10.82 22.48
C LYS B 187 -33.43 10.26 23.70
N LEU B 188 -33.04 9.10 24.22
CA LEU B 188 -33.77 8.62 25.37
C LEU B 188 -33.52 9.47 26.62
N ALA B 189 -32.29 9.98 26.76
CA ALA B 189 -31.99 10.84 27.91
C ALA B 189 -32.93 12.03 27.87
N ASP B 190 -33.04 12.64 26.71
CA ASP B 190 -33.87 13.82 26.51
C ASP B 190 -35.37 13.56 26.57
N LEU B 191 -35.87 12.69 25.71
CA LEU B 191 -37.31 12.42 25.67
C LEU B 191 -37.90 11.80 26.94
N PHE B 192 -37.14 10.93 27.60
CA PHE B 192 -37.66 10.28 28.79
C PHE B 192 -37.03 10.78 30.07
N ASN B 193 -36.55 12.00 30.00
CA ASN B 193 -35.93 12.66 31.15
C ASN B 193 -35.17 11.69 32.04
N CYS B 194 -34.19 11.00 31.49
CA CYS B 194 -33.40 10.12 32.34
C CYS B 194 -31.89 10.27 32.24
N VAL B 195 -31.20 9.64 33.17
CA VAL B 195 -29.75 9.68 33.22
C VAL B 195 -29.25 8.52 32.39
N VAL B 196 -28.26 8.83 31.57
CA VAL B 196 -27.63 7.84 30.68
C VAL B 196 -26.15 7.86 31.00
N LEU B 197 -25.64 6.71 31.42
CA LEU B 197 -24.25 6.57 31.77
C LEU B 197 -23.60 5.59 30.82
N VAL B 198 -22.34 5.84 30.48
CA VAL B 198 -21.63 4.92 29.60
C VAL B 198 -20.21 4.81 30.12
N THR B 199 -19.59 3.64 29.96
CA THR B 199 -18.21 3.43 30.35
C THR B 199 -17.43 3.30 29.04
N ASN B 200 -16.14 3.59 29.08
CA ASN B 200 -15.33 3.53 27.86
C ASN B 200 -13.89 3.31 28.26
N GLN B 201 -13.06 2.97 27.26
CA GLN B 201 -11.63 2.77 27.47
C GLN B 201 -10.93 4.01 26.95
N VAL B 202 -9.64 4.09 27.19
CA VAL B 202 -8.82 5.21 26.76
C VAL B 202 -7.66 4.64 25.95
N SER B 203 -6.96 5.49 25.22
CA SER B 203 -5.81 5.03 24.43
C SER B 203 -4.73 6.11 24.43
N ALA B 204 -3.51 5.67 24.17
CA ALA B 204 -2.31 6.52 24.10
C ALA B 204 -2.50 7.93 24.64
N ALA B 213 -2.35 13.25 24.22
CA ALA B 213 -2.16 11.81 24.27
C ALA B 213 -2.90 11.24 25.48
N GLU B 214 -4.22 11.23 25.39
CA GLU B 214 -5.12 10.75 26.45
C GLU B 214 -6.52 10.98 25.92
N GLN B 215 -7.10 9.95 25.29
CA GLN B 215 -8.44 10.09 24.72
C GLN B 215 -9.32 8.85 24.79
N ALA B 216 -10.59 9.08 25.08
CA ALA B 216 -11.57 8.01 25.16
C ALA B 216 -11.79 7.44 23.76
N ILE B 217 -11.92 6.13 23.69
CA ILE B 217 -12.14 5.47 22.40
C ILE B 217 -13.42 5.91 21.71
N GLY B 218 -13.33 6.13 20.39
CA GLY B 218 -14.49 6.54 19.62
C GLY B 218 -14.33 7.95 19.07
N GLY B 219 -13.26 8.62 19.49
CA GLY B 219 -12.99 9.96 19.02
C GLY B 219 -14.06 11.02 19.26
N HIS B 220 -14.11 12.01 18.37
CA HIS B 220 -15.05 13.12 18.48
C HIS B 220 -16.50 12.75 18.24
N ILE B 221 -16.73 11.67 17.51
CA ILE B 221 -18.08 11.23 17.25
C ILE B 221 -18.78 10.95 18.58
N VAL B 222 -18.02 10.41 19.52
CA VAL B 222 -18.52 10.09 20.87
C VAL B 222 -18.39 11.36 21.72
N GLY B 223 -17.20 11.92 21.75
CA GLY B 223 -16.93 13.11 22.53
C GLY B 223 -17.91 14.25 22.41
N HIS B 224 -18.28 14.60 21.18
CA HIS B 224 -19.21 15.71 20.93
C HIS B 224 -20.61 15.38 21.42
N ALA B 225 -20.95 14.10 21.46
CA ALA B 225 -22.27 13.67 21.89
C ALA B 225 -22.41 13.31 23.38
N ALA B 226 -21.33 13.41 24.15
CA ALA B 226 -21.39 13.14 25.59
C ALA B 226 -21.28 14.48 26.34
N THR B 227 -22.32 14.83 27.09
CA THR B 227 -22.33 16.11 27.81
C THR B 227 -21.34 16.24 28.98
N PHE B 228 -21.17 15.17 29.74
CA PHE B 228 -20.23 15.17 30.85
C PHE B 228 -19.24 14.06 30.58
N ARG B 229 -17.95 14.38 30.60
CA ARG B 229 -16.93 13.39 30.33
C ARG B 229 -15.87 13.32 31.42
N PHE B 230 -15.59 12.11 31.87
CA PHE B 230 -14.60 11.88 32.91
C PHE B 230 -13.54 10.89 32.47
N PHE B 231 -12.37 11.03 33.05
CA PHE B 231 -11.27 10.08 32.86
C PHE B 231 -11.14 9.62 34.31
N VAL B 232 -11.27 8.31 34.54
CA VAL B 232 -11.15 7.77 35.89
C VAL B 232 -9.81 7.03 36.00
N ARG B 233 -9.02 7.35 37.02
CA ARG B 233 -7.72 6.70 37.20
C ARG B 233 -7.53 6.12 38.59
N LYS B 234 -6.55 5.24 38.74
CA LYS B 234 -6.27 4.59 40.00
C LYS B 234 -5.33 5.35 40.91
N GLY B 235 -5.74 5.51 42.14
CA GLY B 235 -4.89 6.15 43.12
C GLY B 235 -4.18 5.01 43.81
N LYS B 236 -3.82 5.21 45.07
CA LYS B 236 -3.15 4.18 45.85
C LYS B 236 -4.21 3.24 46.44
N GLY B 237 -3.99 1.94 46.34
CA GLY B 237 -4.95 0.99 46.90
C GLY B 237 -6.36 1.09 46.31
N ASP B 238 -7.37 1.27 47.15
CA ASP B 238 -8.72 1.37 46.64
C ASP B 238 -9.15 2.80 46.32
N LYS B 239 -8.19 3.71 46.30
CA LYS B 239 -8.51 5.11 45.96
C LYS B 239 -8.57 5.25 44.42
N ARG B 240 -9.39 6.21 43.95
CA ARG B 240 -9.59 6.49 42.53
C ARG B 240 -9.84 7.98 42.36
N VAL B 241 -9.44 8.54 41.21
CA VAL B 241 -9.68 9.96 40.97
C VAL B 241 -10.52 10.11 39.71
N ALA B 242 -11.65 10.80 39.82
CA ALA B 242 -12.51 11.01 38.67
C ALA B 242 -12.27 12.44 38.22
N LYS B 243 -11.79 12.59 36.99
CA LYS B 243 -11.52 13.91 36.46
C LYS B 243 -12.52 14.34 35.39
N LEU B 244 -13.28 15.38 35.73
CA LEU B 244 -14.25 15.94 34.83
C LEU B 244 -13.49 16.89 33.92
N TYR B 245 -13.39 16.54 32.64
CA TYR B 245 -12.69 17.42 31.74
C TYR B 245 -13.59 18.04 30.67
N ASP B 246 -14.87 17.69 30.69
CA ASP B 246 -15.81 18.25 29.73
C ASP B 246 -17.20 18.29 30.34
N SER B 247 -17.76 19.51 30.38
CA SER B 247 -19.08 19.76 30.91
C SER B 247 -19.56 21.07 30.28
N PRO B 248 -20.88 21.25 30.18
CA PRO B 248 -21.41 22.48 29.58
C PRO B 248 -21.16 23.76 30.38
N HIS B 249 -21.20 23.68 31.71
CA HIS B 249 -20.98 24.87 32.53
C HIS B 249 -20.26 24.68 33.85
N LEU B 250 -19.77 23.48 34.12
CA LEU B 250 -19.06 23.24 35.37
C LEU B 250 -17.57 23.45 35.17
N PRO B 251 -16.83 23.63 36.27
CA PRO B 251 -15.38 23.83 36.14
C PRO B 251 -14.71 22.46 36.01
N ASP B 252 -13.57 22.42 35.34
CA ASP B 252 -12.84 21.18 35.18
C ASP B 252 -12.24 20.91 36.56
N ALA B 253 -12.51 19.74 37.11
CA ALA B 253 -11.99 19.42 38.44
C ALA B 253 -11.85 17.93 38.68
N GLU B 254 -11.15 17.59 39.76
CA GLU B 254 -10.92 16.21 40.12
C GLU B 254 -11.56 15.90 41.45
N ALA B 255 -12.06 14.67 41.58
CA ALA B 255 -12.68 14.24 42.82
C ALA B 255 -12.12 12.86 43.15
N ILE B 256 -11.59 12.71 44.35
CA ILE B 256 -11.06 11.41 44.75
C ILE B 256 -12.18 10.66 45.45
N PHE B 257 -12.24 9.36 45.20
CA PHE B 257 -13.26 8.52 45.82
C PHE B 257 -12.69 7.14 46.05
N ARG B 258 -13.44 6.31 46.75
CA ARG B 258 -12.97 4.97 47.03
C ARG B 258 -13.98 3.91 46.72
N ILE B 259 -13.47 2.72 46.45
CA ILE B 259 -14.31 1.59 46.12
C ILE B 259 -14.13 0.65 47.30
N THR B 260 -15.19 0.46 48.07
CA THR B 260 -15.13 -0.41 49.25
C THR B 260 -16.32 -1.34 49.27
N GLU B 261 -16.50 -2.03 50.40
CA GLU B 261 -17.60 -2.99 50.56
C GLU B 261 -18.94 -2.28 50.40
N LYS B 262 -19.01 -1.05 50.88
CA LYS B 262 -20.23 -0.26 50.78
C LYS B 262 -20.47 0.21 49.34
N GLY B 263 -19.39 0.34 48.58
CA GLY B 263 -19.49 0.78 47.19
C GLY B 263 -18.69 2.04 46.95
N ILE B 264 -19.25 3.00 46.23
CA ILE B 264 -18.53 4.24 45.96
C ILE B 264 -18.67 5.16 47.17
N GLN B 265 -17.56 5.71 47.67
CA GLN B 265 -17.63 6.59 48.83
C GLN B 265 -16.55 7.68 48.90
N ASP B 266 -16.74 8.58 49.88
CA ASP B 266 -15.87 9.72 50.20
C ASP B 266 -16.40 11.11 49.82
N SER C 2 -43.42 -9.21 29.77
CA SER C 2 -43.32 -8.51 28.46
C SER C 2 -41.89 -8.08 28.19
N HIS C 3 -41.20 -7.64 29.25
CA HIS C 3 -39.82 -7.19 29.14
C HIS C 3 -38.88 -8.32 28.73
N MET C 4 -39.11 -9.52 29.28
CA MET C 4 -38.27 -10.66 28.95
C MET C 4 -38.42 -11.05 27.48
N ASP C 5 -39.53 -10.65 26.87
CA ASP C 5 -39.77 -10.95 25.46
C ASP C 5 -38.94 -9.99 24.61
N LEU C 6 -38.44 -8.94 25.24
CA LEU C 6 -37.61 -7.96 24.56
C LEU C 6 -36.13 -8.24 24.79
N GLY C 7 -35.83 -9.41 25.35
CA GLY C 7 -34.45 -9.78 25.59
C GLY C 7 -33.88 -9.26 26.90
N PHE C 8 -34.71 -8.59 27.70
CA PHE C 8 -34.28 -8.05 28.99
C PHE C 8 -34.61 -9.05 30.10
N LYS C 9 -33.89 -8.95 31.21
CA LYS C 9 -34.12 -9.81 32.37
C LYS C 9 -33.84 -8.95 33.59
N SER C 10 -34.71 -8.99 34.57
CA SER C 10 -34.48 -8.20 35.77
C SER C 10 -33.38 -8.91 36.56
N GLY C 11 -32.88 -8.23 37.60
CA GLY C 11 -31.85 -8.81 38.44
C GLY C 11 -32.40 -10.08 39.08
N ILE C 12 -33.69 -10.06 39.39
CA ILE C 12 -34.33 -11.22 40.00
C ILE C 12 -34.43 -12.37 38.97
N ASP C 13 -34.78 -12.04 37.73
CA ASP C 13 -34.88 -13.06 36.67
C ASP C 13 -33.53 -13.77 36.54
N LEU C 14 -32.46 -12.99 36.61
CA LEU C 14 -31.13 -13.55 36.50
C LEU C 14 -30.87 -14.58 37.60
N LEU C 15 -31.19 -14.22 38.85
CA LEU C 15 -30.97 -15.12 39.97
C LEU C 15 -31.80 -16.39 39.84
N LYS C 16 -33.07 -16.23 39.47
CA LYS C 16 -33.96 -17.37 39.30
C LYS C 16 -33.43 -18.38 38.31
N GLN C 17 -33.09 -17.90 37.12
CA GLN C 17 -32.60 -18.79 36.08
C GLN C 17 -31.30 -19.51 36.49
N ARG C 18 -30.56 -18.90 37.40
CA ARG C 18 -29.30 -19.47 37.86
C ARG C 18 -29.53 -20.84 38.54
N SER C 19 -30.75 -21.03 39.06
CA SER C 19 -31.08 -22.28 39.75
C SER C 19 -31.44 -23.42 38.80
N THR C 20 -31.81 -23.08 37.57
CA THR C 20 -32.18 -24.09 36.58
C THR C 20 -31.02 -24.61 35.75
N VAL C 21 -29.81 -24.25 36.16
CA VAL C 21 -28.60 -24.68 35.45
C VAL C 21 -28.29 -26.13 35.79
N TRP C 22 -28.09 -26.96 34.76
CA TRP C 22 -27.72 -28.36 35.00
C TRP C 22 -26.32 -28.56 34.41
N LYS C 23 -25.66 -29.66 34.78
CA LYS C 23 -24.31 -29.94 34.28
C LYS C 23 -24.09 -31.34 33.73
N LEU C 24 -23.25 -31.44 32.70
CA LEU C 24 -22.94 -32.71 32.04
C LEU C 24 -21.51 -33.17 32.31
N SER C 25 -21.39 -34.39 32.81
CA SER C 25 -20.10 -34.98 33.12
C SER C 25 -19.29 -35.22 31.85
N THR C 26 -17.97 -35.13 31.97
CA THR C 26 -17.06 -35.35 30.85
C THR C 26 -16.41 -36.73 30.92
N SER C 27 -16.70 -37.48 31.99
CA SER C 27 -16.13 -38.82 32.21
C SER C 27 -14.70 -38.74 32.69
N SER C 28 -14.30 -37.54 33.11
CA SER C 28 -12.96 -37.29 33.63
C SER C 28 -13.12 -36.59 34.95
N SER C 29 -12.64 -37.24 36.00
CA SER C 29 -12.72 -36.73 37.36
C SER C 29 -12.13 -35.34 37.48
N GLU C 30 -10.86 -35.21 37.10
CA GLU C 30 -10.20 -33.92 37.19
C GLU C 30 -10.89 -32.86 36.36
N LEU C 31 -11.27 -33.22 35.12
CA LEU C 31 -11.94 -32.29 34.24
C LEU C 31 -13.28 -31.84 34.80
N ASP C 32 -14.06 -32.76 35.35
CA ASP C 32 -15.36 -32.39 35.93
C ASP C 32 -15.13 -31.43 37.11
N SER C 33 -14.05 -31.68 37.85
CA SER C 33 -13.72 -30.86 39.01
C SER C 33 -13.34 -29.43 38.63
N VAL C 34 -12.52 -29.29 37.60
CA VAL C 34 -12.12 -27.97 37.14
C VAL C 34 -13.37 -27.23 36.71
N LEU C 35 -14.32 -27.98 36.14
CA LEU C 35 -15.58 -27.44 35.67
C LEU C 35 -16.55 -27.07 36.78
N GLY C 36 -16.21 -27.45 38.01
CA GLY C 36 -17.06 -27.14 39.15
C GLY C 36 -18.32 -27.98 39.15
N GLY C 37 -18.20 -29.20 38.61
CA GLY C 37 -19.33 -30.10 38.53
C GLY C 37 -19.38 -30.76 37.17
N GLY C 38 -19.47 -29.95 36.12
CA GLY C 38 -19.49 -30.45 34.75
C GLY C 38 -19.73 -29.32 33.77
N LEU C 39 -20.03 -29.66 32.52
CA LEU C 39 -20.30 -28.66 31.49
C LEU C 39 -21.65 -28.00 31.79
N GLU C 40 -21.65 -26.68 32.02
CA GLU C 40 -22.89 -25.98 32.36
C GLU C 40 -23.81 -25.61 31.22
N SER C 41 -25.10 -25.69 31.48
CA SER C 41 -26.11 -25.33 30.51
C SER C 41 -26.26 -23.81 30.61
N GLN C 42 -26.91 -23.21 29.62
CA GLN C 42 -27.10 -21.75 29.59
C GLN C 42 -25.78 -21.01 29.40
N SER C 43 -24.73 -21.75 29.06
CA SER C 43 -23.41 -21.17 28.82
C SER C 43 -22.72 -21.81 27.62
N VAL C 44 -21.75 -21.09 27.04
CA VAL C 44 -20.97 -21.59 25.93
C VAL C 44 -19.58 -21.96 26.48
N THR C 45 -19.14 -23.18 26.24
CA THR C 45 -17.83 -23.64 26.70
C THR C 45 -16.96 -23.93 25.49
N GLU C 46 -15.79 -23.30 25.48
CA GLU C 46 -14.87 -23.43 24.36
C GLU C 46 -13.63 -24.24 24.67
N PHE C 47 -13.32 -25.19 23.81
CA PHE C 47 -12.13 -26.00 23.92
C PHE C 47 -11.25 -25.68 22.71
N ALA C 48 -10.18 -24.93 22.94
CA ALA C 48 -9.25 -24.51 21.89
C ALA C 48 -7.90 -25.18 22.02
N GLY C 49 -7.38 -25.70 20.91
CA GLY C 49 -6.09 -26.34 20.94
C GLY C 49 -5.72 -26.72 19.53
N VAL C 50 -4.65 -27.47 19.38
CA VAL C 50 -4.19 -27.89 18.07
C VAL C 50 -4.91 -29.16 17.68
N PHE C 51 -4.72 -29.56 16.44
CA PHE C 51 -5.35 -30.77 15.92
C PHE C 51 -4.81 -32.00 16.68
N GLY C 52 -5.71 -32.88 17.08
CA GLY C 52 -5.31 -34.07 17.82
C GLY C 52 -5.22 -33.85 19.31
N SER C 53 -5.57 -32.65 19.77
CA SER C 53 -5.49 -32.35 21.19
C SER C 53 -6.64 -32.94 22.00
N GLY C 54 -7.67 -33.44 21.30
CA GLY C 54 -8.80 -34.04 21.97
C GLY C 54 -10.07 -33.23 22.02
N LYS C 55 -10.12 -32.11 21.29
CA LYS C 55 -11.30 -31.27 21.29
C LYS C 55 -12.50 -32.07 20.79
N THR C 56 -12.31 -32.73 19.66
CA THR C 56 -13.36 -33.54 19.05
C THR C 56 -13.75 -34.76 19.90
N GLN C 57 -12.79 -35.34 20.62
CA GLN C 57 -13.11 -36.50 21.45
C GLN C 57 -14.10 -36.09 22.51
N ILE C 58 -13.83 -34.96 23.15
CA ILE C 58 -14.69 -34.42 24.18
C ILE C 58 -16.09 -34.15 23.62
N MET C 59 -16.17 -33.74 22.35
CA MET C 59 -17.46 -33.47 21.72
C MET C 59 -18.23 -34.78 21.56
N HIS C 60 -17.57 -35.82 21.03
CA HIS C 60 -18.18 -37.13 20.85
C HIS C 60 -18.56 -37.72 22.22
N GLN C 61 -17.66 -37.59 23.19
CA GLN C 61 -17.90 -38.10 24.53
C GLN C 61 -19.12 -37.43 25.14
N SER C 62 -19.27 -36.13 24.89
CA SER C 62 -20.41 -35.42 25.45
C SER C 62 -21.74 -35.90 24.86
N CYS C 63 -21.74 -36.27 23.57
CA CYS C 63 -22.98 -36.75 22.94
C CYS C 63 -23.37 -38.10 23.56
N VAL C 64 -22.38 -38.93 23.84
CA VAL C 64 -22.65 -40.23 24.45
C VAL C 64 -23.20 -40.04 25.88
N ASN C 65 -22.44 -39.33 26.70
CA ASN C 65 -22.83 -39.09 28.09
C ASN C 65 -24.22 -38.49 28.28
N LEU C 66 -24.65 -37.65 27.34
CA LEU C 66 -25.97 -37.03 27.44
C LEU C 66 -27.07 -38.09 27.52
N GLN C 67 -26.77 -39.27 27.00
CA GLN C 67 -27.71 -40.38 26.99
C GLN C 67 -27.59 -41.30 28.22
N ASN C 68 -27.08 -40.76 29.33
CA ASN C 68 -26.98 -41.51 30.60
C ASN C 68 -27.55 -40.58 31.64
N PRO C 69 -28.79 -40.84 32.07
CA PRO C 69 -29.46 -40.01 33.08
C PRO C 69 -28.56 -39.61 34.26
N GLU C 70 -27.65 -40.51 34.64
CA GLU C 70 -26.76 -40.26 35.77
C GLU C 70 -25.67 -39.24 35.52
N PHE C 71 -25.40 -38.94 34.25
CA PHE C 71 -24.34 -37.99 33.94
C PHE C 71 -24.83 -36.54 33.85
N LEU C 72 -26.11 -36.34 34.11
CA LEU C 72 -26.69 -35.00 34.13
C LEU C 72 -26.98 -34.63 35.57
N PHE C 73 -26.34 -33.58 36.05
CA PHE C 73 -26.54 -33.17 37.44
C PHE C 73 -27.40 -31.90 37.49
N TYR C 74 -28.44 -31.92 38.31
CA TYR C 74 -29.30 -30.77 38.44
C TYR C 74 -30.03 -30.70 39.77
N ASP C 75 -30.57 -29.52 40.08
CA ASP C 75 -31.30 -29.32 41.30
C ASP C 75 -32.74 -29.80 41.11
N GLU C 76 -33.04 -30.96 41.70
CA GLU C 76 -34.34 -31.60 41.61
C GLU C 76 -35.53 -30.69 41.89
N GLU C 77 -35.39 -29.78 42.85
CA GLU C 77 -36.46 -28.87 43.20
C GLU C 77 -36.44 -27.60 42.36
N ALA C 78 -35.63 -27.60 41.32
CA ALA C 78 -35.50 -26.47 40.41
C ALA C 78 -35.70 -26.94 38.98
N VAL C 79 -35.23 -28.16 38.69
CA VAL C 79 -35.35 -28.73 37.36
C VAL C 79 -36.10 -30.06 37.40
N SER C 80 -37.29 -30.08 36.80
CA SER C 80 -38.12 -31.28 36.75
C SER C 80 -37.46 -32.35 35.89
N LYS C 81 -37.79 -33.61 36.17
CA LYS C 81 -37.23 -34.73 35.44
C LYS C 81 -37.68 -34.77 33.98
N GLY C 82 -38.78 -34.08 33.69
CA GLY C 82 -39.28 -34.05 32.33
C GLY C 82 -38.43 -33.14 31.46
N GLU C 83 -37.95 -32.03 32.03
CA GLU C 83 -37.12 -31.07 31.32
C GLU C 83 -35.90 -31.69 30.66
N VAL C 84 -35.33 -32.72 31.29
CA VAL C 84 -34.15 -33.36 30.74
C VAL C 84 -34.39 -34.77 30.17
N ALA C 85 -35.66 -35.12 29.99
CA ALA C 85 -36.04 -36.44 29.47
C ALA C 85 -35.83 -36.53 27.96
N GLN C 86 -35.47 -37.73 27.48
CA GLN C 86 -35.22 -37.92 26.06
C GLN C 86 -34.42 -36.73 25.53
N PRO C 87 -33.26 -36.46 26.15
CA PRO C 87 -32.42 -35.34 25.70
C PRO C 87 -31.79 -35.66 24.34
N LYS C 88 -31.78 -34.68 23.45
CA LYS C 88 -31.20 -34.84 22.11
C LYS C 88 -29.97 -33.94 21.94
N ALA C 89 -29.06 -34.36 21.08
CA ALA C 89 -27.85 -33.60 20.79
C ALA C 89 -27.75 -33.20 19.31
N VAL C 90 -27.20 -32.02 19.06
CA VAL C 90 -27.00 -31.52 17.69
C VAL C 90 -25.49 -31.34 17.51
N TYR C 91 -24.95 -31.90 16.44
CA TYR C 91 -23.52 -31.82 16.18
C TYR C 91 -23.32 -31.13 14.82
N ILE C 92 -22.93 -29.87 14.83
CA ILE C 92 -22.69 -29.14 13.59
C ILE C 92 -21.24 -29.44 13.22
N ASP C 93 -21.07 -30.21 12.16
CA ASP C 93 -19.77 -30.70 11.69
C ASP C 93 -19.18 -29.84 10.57
N THR C 94 -18.05 -29.21 10.87
CA THR C 94 -17.42 -28.29 9.94
C THR C 94 -16.35 -28.85 8.99
N GLU C 95 -15.80 -30.01 9.31
CA GLU C 95 -14.78 -30.64 8.47
C GLU C 95 -14.98 -32.16 8.32
N GLY C 96 -16.18 -32.64 8.63
CA GLY C 96 -16.44 -34.06 8.53
C GLY C 96 -15.73 -34.84 9.62
N THR C 97 -15.88 -34.40 10.87
CA THR C 97 -15.22 -35.06 12.01
C THR C 97 -16.12 -35.99 12.84
N PHE C 98 -17.40 -36.07 12.52
CA PHE C 98 -18.31 -36.93 13.26
C PHE C 98 -17.98 -38.38 12.91
N ARG C 99 -17.82 -39.21 13.93
CA ARG C 99 -17.51 -40.62 13.74
C ARG C 99 -18.52 -41.48 14.49
N PRO C 100 -19.50 -42.06 13.76
CA PRO C 100 -20.50 -42.90 14.42
C PRO C 100 -19.88 -44.10 15.14
N GLU C 101 -18.85 -44.70 14.53
CA GLU C 101 -18.19 -45.85 15.14
C GLU C 101 -17.51 -45.45 16.45
N ARG C 102 -17.04 -44.20 16.55
CA ARG C 102 -16.39 -43.77 17.78
C ARG C 102 -17.48 -43.57 18.83
N ILE C 103 -18.66 -43.21 18.37
CA ILE C 103 -19.80 -43.03 19.27
C ILE C 103 -20.17 -44.41 19.83
N MET C 104 -20.15 -45.42 18.97
CA MET C 104 -20.47 -46.81 19.36
C MET C 104 -19.48 -47.27 20.40
N GLN C 105 -18.20 -47.19 20.03
CA GLN C 105 -17.11 -47.60 20.90
C GLN C 105 -17.20 -46.93 22.27
N MET C 106 -17.40 -45.61 22.28
CA MET C 106 -17.53 -44.86 23.53
C MET C 106 -18.74 -45.35 24.31
N ALA C 107 -19.83 -45.61 23.59
CA ALA C 107 -21.05 -46.07 24.21
C ALA C 107 -20.83 -47.44 24.88
N GLU C 108 -20.35 -48.40 24.09
CA GLU C 108 -20.10 -49.74 24.60
C GLU C 108 -19.31 -49.71 25.91
N HIS C 109 -18.04 -49.30 25.82
CA HIS C 109 -17.19 -49.24 27.01
C HIS C 109 -17.83 -48.46 28.15
N ALA C 110 -18.84 -47.65 27.84
CA ALA C 110 -19.51 -46.85 28.86
C ALA C 110 -20.80 -47.48 29.37
N GLY C 111 -21.20 -48.59 28.76
CA GLY C 111 -22.42 -49.25 29.17
C GLY C 111 -23.67 -48.47 28.79
N ILE C 112 -23.59 -47.75 27.67
CA ILE C 112 -24.71 -46.98 27.15
C ILE C 112 -25.03 -47.66 25.82
N ASP C 113 -26.25 -47.52 25.33
CA ASP C 113 -26.60 -48.12 24.06
C ASP C 113 -26.15 -47.22 22.89
N GLY C 114 -25.14 -47.66 22.15
CA GLY C 114 -24.63 -46.88 21.03
C GLY C 114 -25.75 -46.46 20.08
N GLN C 115 -26.60 -47.44 19.79
CA GLN C 115 -27.77 -47.26 18.93
C GLN C 115 -28.59 -46.05 19.34
N THR C 116 -28.79 -45.90 20.65
CA THR C 116 -29.58 -44.80 21.18
C THR C 116 -28.89 -43.44 21.07
N VAL C 117 -27.57 -43.43 21.18
CA VAL C 117 -26.84 -42.18 21.09
C VAL C 117 -26.95 -41.66 19.65
N LEU C 118 -26.69 -42.54 18.68
CA LEU C 118 -26.77 -42.20 17.27
C LEU C 118 -28.17 -41.74 16.86
N ASP C 119 -29.18 -42.39 17.43
CA ASP C 119 -30.56 -42.09 17.14
C ASP C 119 -30.97 -40.76 17.73
N ASN C 120 -30.29 -40.34 18.79
CA ASN C 120 -30.63 -39.08 19.45
C ASN C 120 -29.60 -37.97 19.27
N THR C 121 -28.80 -38.07 18.22
CA THR C 121 -27.81 -37.05 17.91
C THR C 121 -28.00 -36.63 16.47
N PHE C 122 -28.34 -35.36 16.29
CA PHE C 122 -28.54 -34.83 14.96
C PHE C 122 -27.22 -34.29 14.46
N VAL C 123 -26.82 -34.73 13.29
CA VAL C 123 -25.57 -34.29 12.69
C VAL C 123 -25.83 -33.38 11.47
N ALA C 124 -25.26 -32.17 11.47
CA ALA C 124 -25.42 -31.22 10.36
C ALA C 124 -24.05 -30.90 9.76
N ARG C 125 -23.80 -31.41 8.55
CA ARG C 125 -22.53 -31.18 7.87
C ARG C 125 -22.55 -29.77 7.25
N ALA C 126 -21.71 -28.88 7.76
CA ALA C 126 -21.64 -27.51 7.26
C ALA C 126 -20.41 -27.28 6.36
N TYR C 127 -20.61 -26.86 5.12
CA TYR C 127 -19.47 -26.63 4.21
C TYR C 127 -19.02 -25.16 4.15
N ASN C 128 -19.77 -24.25 4.76
CA ASN C 128 -19.38 -22.83 4.77
C ASN C 128 -20.02 -22.14 5.97
N SER C 129 -19.60 -20.91 6.26
CA SER C 129 -20.14 -20.17 7.39
C SER C 129 -21.64 -19.92 7.30
N ASP C 130 -22.16 -19.73 6.08
CA ASP C 130 -23.59 -19.54 5.93
C ASP C 130 -24.35 -20.76 6.50
N MET C 131 -23.96 -21.95 6.08
CA MET C 131 -24.64 -23.17 6.52
C MET C 131 -24.52 -23.34 8.03
N GLN C 132 -23.31 -23.14 8.54
CA GLN C 132 -22.99 -23.28 9.94
C GLN C 132 -23.90 -22.43 10.81
N MET C 133 -24.04 -21.17 10.41
CA MET C 133 -24.86 -20.24 11.15
C MET C 133 -26.33 -20.56 11.01
N LEU C 134 -26.76 -20.94 9.80
CA LEU C 134 -28.16 -21.27 9.58
C LEU C 134 -28.55 -22.54 10.35
N PHE C 135 -27.66 -23.54 10.40
CA PHE C 135 -27.98 -24.76 11.14
C PHE C 135 -28.22 -24.41 12.63
N ALA C 136 -27.38 -23.54 13.17
CA ALA C 136 -27.50 -23.13 14.56
C ALA C 136 -28.87 -22.52 14.81
N GLU C 137 -29.29 -21.64 13.90
CA GLU C 137 -30.58 -20.98 14.04
C GLU C 137 -31.70 -22.00 13.89
N LYS C 138 -31.51 -22.97 13.00
CA LYS C 138 -32.52 -24.00 12.79
C LYS C 138 -32.69 -24.90 14.02
N ILE C 139 -31.80 -24.79 14.99
CA ILE C 139 -31.94 -25.63 16.18
C ILE C 139 -33.25 -25.28 16.88
N GLU C 140 -33.67 -24.02 16.78
CA GLU C 140 -34.94 -23.64 17.40
C GLU C 140 -36.05 -24.43 16.72
N ASP C 141 -35.97 -24.52 15.39
CA ASP C 141 -36.96 -25.25 14.61
C ASP C 141 -37.00 -26.71 15.05
N LEU C 142 -35.85 -27.27 15.37
CA LEU C 142 -35.77 -28.66 15.82
C LEU C 142 -36.54 -28.83 17.12
N ILE C 143 -36.36 -27.86 18.01
CA ILE C 143 -37.01 -27.87 19.29
C ILE C 143 -38.51 -27.64 19.10
N GLN C 144 -38.88 -26.93 18.05
CA GLN C 144 -40.29 -26.65 17.78
C GLN C 144 -41.02 -27.89 17.26
N GLU C 145 -40.28 -28.85 16.73
CA GLU C 145 -40.87 -30.09 16.23
C GLU C 145 -40.90 -31.12 17.35
N GLY C 146 -40.69 -30.65 18.58
CA GLY C 146 -40.73 -31.54 19.74
C GLY C 146 -39.47 -32.33 20.05
N ASN C 147 -38.30 -31.76 19.74
CA ASN C 147 -37.02 -32.41 20.01
C ASN C 147 -36.38 -31.67 21.19
N ASN C 148 -36.11 -32.41 22.27
CA ASN C 148 -35.52 -31.81 23.45
C ASN C 148 -34.01 -31.67 23.32
N ILE C 149 -33.59 -30.73 22.47
CA ILE C 149 -32.17 -30.48 22.25
C ILE C 149 -31.61 -29.94 23.56
N LYS C 150 -30.66 -30.67 24.14
CA LYS C 150 -30.04 -30.30 25.40
C LYS C 150 -28.52 -30.09 25.26
N LEU C 151 -27.97 -30.47 24.11
CA LEU C 151 -26.55 -30.30 23.87
C LEU C 151 -26.32 -29.85 22.43
N VAL C 152 -25.59 -28.76 22.27
CA VAL C 152 -25.26 -28.27 20.94
C VAL C 152 -23.75 -28.27 20.83
N VAL C 153 -23.25 -28.89 19.78
CA VAL C 153 -21.82 -28.97 19.53
C VAL C 153 -21.46 -28.31 18.21
N ILE C 154 -20.51 -27.37 18.26
CA ILE C 154 -20.06 -26.71 17.05
C ILE C 154 -18.58 -27.12 16.87
N ASP C 155 -18.34 -28.03 15.92
CA ASP C 155 -17.00 -28.51 15.64
C ASP C 155 -16.66 -28.35 14.15
N SER C 156 -15.89 -27.31 13.79
CA SER C 156 -15.34 -26.31 14.72
C SER C 156 -16.05 -24.96 14.61
N LEU C 157 -15.82 -24.09 15.57
CA LEU C 157 -16.44 -22.77 15.56
C LEU C 157 -15.94 -21.81 14.45
N THR C 158 -14.66 -21.85 14.16
CA THR C 158 -14.08 -20.89 13.23
C THR C 158 -13.45 -21.31 11.90
N SER C 159 -13.33 -22.60 11.62
CA SER C 159 -12.68 -23.00 10.37
C SER C 159 -13.36 -22.49 9.09
N THR C 160 -14.69 -22.46 9.04
CA THR C 160 -15.35 -21.96 7.85
C THR C 160 -15.10 -20.44 7.70
N PHE C 161 -15.09 -19.72 8.82
CA PHE C 161 -14.86 -18.27 8.80
C PHE C 161 -13.42 -17.97 8.39
N ARG C 162 -12.48 -18.80 8.88
CA ARG C 162 -11.08 -18.63 8.54
C ARG C 162 -10.90 -18.85 7.06
N ASN C 163 -11.44 -19.96 6.54
CA ASN C 163 -11.33 -20.30 5.12
C ASN C 163 -12.00 -19.30 4.17
N GLU C 164 -13.03 -18.60 4.67
CA GLU C 164 -13.75 -17.65 3.87
C GLU C 164 -13.24 -16.21 3.93
N TYR C 165 -12.57 -15.87 5.02
CA TYR C 165 -12.04 -14.52 5.20
C TYR C 165 -10.54 -14.51 5.36
N THR C 166 -9.85 -14.56 4.23
CA THR C 166 -8.41 -14.50 4.19
C THR C 166 -8.15 -13.02 3.91
N GLY C 167 -7.19 -12.42 4.61
CA GLY C 167 -6.91 -11.01 4.40
C GLY C 167 -7.48 -10.11 5.47
N ARG C 168 -6.61 -9.46 6.22
CA ARG C 168 -7.03 -8.56 7.29
C ARG C 168 -7.82 -7.38 6.73
N GLY C 169 -8.13 -7.44 5.45
CA GLY C 169 -8.89 -6.37 4.80
C GLY C 169 -10.38 -6.62 4.82
N LYS C 170 -10.78 -7.81 5.26
CA LYS C 170 -12.19 -8.13 5.35
C LYS C 170 -12.48 -8.79 6.69
N LEU C 171 -11.53 -8.60 7.61
CA LEU C 171 -11.61 -9.13 8.95
C LEU C 171 -12.80 -8.58 9.74
N ALA C 172 -13.18 -7.33 9.47
CA ALA C 172 -14.32 -6.73 10.16
C ALA C 172 -15.60 -7.48 9.77
N GLU C 173 -15.73 -7.80 8.50
CA GLU C 173 -16.92 -8.51 8.08
C GLU C 173 -16.92 -9.90 8.74
N ARG C 174 -15.76 -10.51 8.86
CA ARG C 174 -15.64 -11.82 9.48
C ARG C 174 -16.04 -11.73 10.97
N GLN C 175 -15.51 -10.72 11.66
CA GLN C 175 -15.79 -10.51 13.08
C GLN C 175 -17.27 -10.26 13.38
N GLN C 176 -17.94 -9.53 12.50
CA GLN C 176 -19.36 -9.26 12.73
C GLN C 176 -20.24 -10.48 12.53
N LYS C 177 -19.90 -11.28 11.51
CA LYS C 177 -20.66 -12.48 11.24
C LYS C 177 -20.48 -13.43 12.44
N LEU C 178 -19.26 -13.50 12.96
CA LEU C 178 -18.91 -14.36 14.07
C LEU C 178 -19.67 -13.92 15.33
N GLY C 179 -19.75 -12.60 15.54
CA GLY C 179 -20.44 -12.03 16.68
C GLY C 179 -21.89 -12.37 16.60
N ARG C 180 -22.40 -12.40 15.37
CA ARG C 180 -23.79 -12.75 15.15
C ARG C 180 -24.00 -14.24 15.50
N HIS C 181 -23.05 -15.08 15.10
CA HIS C 181 -23.15 -16.51 15.36
C HIS C 181 -23.08 -16.73 16.89
N MET C 182 -22.17 -16.03 17.56
CA MET C 182 -22.02 -16.15 19.01
C MET C 182 -23.30 -15.76 19.76
N ALA C 183 -23.97 -14.70 19.31
CA ALA C 183 -25.22 -14.29 19.92
C ALA C 183 -26.24 -15.42 19.79
N THR C 184 -26.28 -16.05 18.63
CA THR C 184 -27.21 -17.15 18.39
C THR C 184 -26.91 -18.32 19.34
N LEU C 185 -25.63 -18.63 19.49
CA LEU C 185 -25.21 -19.75 20.34
C LEU C 185 -25.55 -19.53 21.81
N ASN C 186 -25.37 -18.29 22.26
CA ASN C 186 -25.66 -17.91 23.63
C ASN C 186 -27.17 -17.88 23.84
N LYS C 187 -27.89 -17.46 22.82
CA LYS C 187 -29.35 -17.37 22.88
C LYS C 187 -29.99 -18.76 23.06
N LEU C 188 -29.50 -19.77 22.35
CA LEU C 188 -30.11 -21.07 22.52
C LEU C 188 -29.68 -21.78 23.81
N ALA C 189 -28.46 -21.50 24.29
CA ALA C 189 -28.01 -22.10 25.52
C ALA C 189 -28.93 -21.60 26.64
N ASP C 190 -29.21 -20.30 26.60
CA ASP C 190 -30.05 -19.65 27.59
C ASP C 190 -31.56 -19.86 27.46
N LEU C 191 -32.11 -19.69 26.27
CA LEU C 191 -33.56 -19.87 26.10
C LEU C 191 -33.99 -21.31 26.21
N PHE C 192 -33.15 -22.24 25.76
CA PHE C 192 -33.50 -23.64 25.79
C PHE C 192 -32.72 -24.45 26.82
N ASN C 193 -32.19 -23.77 27.81
CA ASN C 193 -31.44 -24.39 28.88
C ASN C 193 -30.59 -25.58 28.46
N CYS C 194 -29.70 -25.37 27.49
CA CYS C 194 -28.82 -26.46 27.09
C CYS C 194 -27.36 -26.03 27.13
N VAL C 195 -26.45 -27.00 27.01
CA VAL C 195 -25.05 -26.69 27.02
C VAL C 195 -24.57 -26.62 25.58
N VAL C 196 -23.87 -25.54 25.27
CA VAL C 196 -23.30 -25.37 23.95
C VAL C 196 -21.79 -25.50 24.11
N LEU C 197 -21.20 -26.35 23.28
CA LEU C 197 -19.77 -26.58 23.27
C LEU C 197 -19.21 -26.21 21.90
N VAL C 198 -18.05 -25.59 21.88
CA VAL C 198 -17.44 -25.27 20.61
C VAL C 198 -15.96 -25.60 20.69
N THR C 199 -15.41 -26.06 19.57
CA THR C 199 -13.99 -26.37 19.49
C THR C 199 -13.38 -25.22 18.69
N ASN C 200 -12.09 -24.99 18.85
CA ASN C 200 -11.44 -23.89 18.14
C ASN C 200 -9.95 -24.13 18.06
N GLN C 201 -9.28 -23.35 17.22
CA GLN C 201 -7.83 -23.45 17.05
C GLN C 201 -7.19 -22.24 17.72
N VAL C 202 -5.89 -22.28 17.89
CA VAL C 202 -5.13 -21.19 18.52
C VAL C 202 -4.13 -20.66 17.51
N SER C 203 -3.79 -19.38 17.62
CA SER C 203 -2.86 -18.74 16.71
C SER C 203 -1.50 -18.53 17.36
N ALA C 204 -0.52 -18.10 16.56
CA ALA C 204 0.85 -17.86 17.03
C ALA C 204 0.87 -17.13 18.37
N ALA C 213 1.50 -14.21 22.94
CA ALA C 213 1.32 -15.18 21.86
C ALA C 213 0.67 -16.47 22.38
N GLU C 214 -0.66 -16.49 22.38
CA GLU C 214 -1.45 -17.65 22.84
C GLU C 214 -2.92 -17.23 22.92
N GLN C 215 -3.60 -17.24 21.77
CA GLN C 215 -4.99 -16.82 21.71
C GLN C 215 -5.83 -17.71 20.79
N ALA C 216 -7.10 -17.92 21.16
CA ALA C 216 -8.00 -18.74 20.34
C ALA C 216 -8.49 -17.87 19.19
N ILE C 217 -8.63 -18.47 18.01
CA ILE C 217 -9.05 -17.74 16.84
C ILE C 217 -10.42 -17.06 16.98
N GLY C 218 -10.49 -15.80 16.60
CA GLY C 218 -11.76 -15.07 16.70
C GLY C 218 -11.65 -13.80 17.51
N GLY C 219 -10.55 -13.66 18.24
CA GLY C 219 -10.36 -12.45 19.03
C GLY C 219 -11.36 -12.34 20.17
N HIS C 220 -11.55 -11.12 20.65
CA HIS C 220 -12.46 -10.82 21.75
C HIS C 220 -13.91 -10.99 21.40
N ILE C 221 -14.22 -10.93 20.12
CA ILE C 221 -15.61 -11.09 19.70
C ILE C 221 -16.10 -12.45 20.19
N VAL C 222 -15.23 -13.46 20.07
CA VAL C 222 -15.54 -14.81 20.52
C VAL C 222 -15.30 -14.92 22.04
N GLY C 223 -14.13 -14.49 22.48
CA GLY C 223 -13.78 -14.55 23.88
C GLY C 223 -14.76 -13.92 24.86
N HIS C 224 -15.27 -12.72 24.55
CA HIS C 224 -16.23 -12.05 25.44
C HIS C 224 -17.57 -12.76 25.45
N ALA C 225 -17.80 -13.62 24.46
CA ALA C 225 -19.07 -14.32 24.34
C ALA C 225 -19.04 -15.79 24.79
N ALA C 226 -17.88 -16.27 25.20
CA ALA C 226 -17.75 -17.66 25.65
C ALA C 226 -17.61 -17.61 27.17
N THR C 227 -18.54 -18.21 27.91
CA THR C 227 -18.46 -18.17 29.37
C THR C 227 -17.29 -18.96 29.94
N PHE C 228 -17.07 -20.17 29.44
CA PHE C 228 -15.96 -20.99 29.92
C PHE C 228 -14.98 -21.26 28.79
N ARG C 229 -13.71 -20.97 29.02
CA ARG C 229 -12.72 -21.19 27.97
C ARG C 229 -11.56 -22.05 28.42
N PHE C 230 -11.15 -22.93 27.53
CA PHE C 230 -10.03 -23.84 27.77
C PHE C 230 -9.01 -23.86 26.65
N PHE C 231 -7.80 -24.26 27.00
CA PHE C 231 -6.72 -24.49 26.04
C PHE C 231 -6.44 -25.96 26.32
N VAL C 232 -6.41 -26.78 25.27
CA VAL C 232 -6.15 -28.20 25.41
C VAL C 232 -4.81 -28.54 24.80
N ARG C 233 -3.90 -29.08 25.62
CA ARG C 233 -2.56 -29.45 25.17
C ARG C 233 -2.34 -30.96 25.27
N LYS C 234 -1.41 -31.45 24.45
CA LYS C 234 -1.07 -32.87 24.45
C LYS C 234 0.01 -33.13 25.48
N GLY C 235 -0.24 -34.08 26.38
CA GLY C 235 0.76 -34.45 27.35
C GLY C 235 1.57 -35.53 26.68
N LYS C 236 2.17 -36.42 27.45
CA LYS C 236 2.93 -37.53 26.86
C LYS C 236 1.91 -38.63 26.55
N GLY C 237 2.03 -39.26 25.39
CA GLY C 237 1.12 -40.33 25.03
C GLY C 237 -0.34 -39.93 24.87
N ASP C 238 -1.24 -40.78 25.37
CA ASP C 238 -2.67 -40.49 25.26
C ASP C 238 -3.16 -39.51 26.33
N LYS C 239 -2.22 -38.87 27.02
CA LYS C 239 -2.59 -37.91 28.04
C LYS C 239 -2.85 -36.51 27.46
N ARG C 240 -3.78 -35.79 28.07
CA ARG C 240 -4.13 -34.45 27.63
C ARG C 240 -4.32 -33.60 28.86
N VAL C 241 -4.15 -32.29 28.69
CA VAL C 241 -4.31 -31.39 29.81
C VAL C 241 -5.21 -30.27 29.33
N ALA C 242 -6.27 -30.00 30.08
CA ALA C 242 -7.19 -28.95 29.72
C ALA C 242 -6.98 -27.83 30.71
N LYS C 243 -6.71 -26.62 30.21
CA LYS C 243 -6.52 -25.50 31.11
C LYS C 243 -7.65 -24.48 31.05
N LEU C 244 -8.37 -24.35 32.16
CA LEU C 244 -9.47 -23.40 32.23
C LEU C 244 -8.80 -22.06 32.58
N TYR C 245 -8.90 -21.08 31.69
CA TYR C 245 -8.29 -19.80 31.96
C TYR C 245 -9.30 -18.69 32.09
N ASP C 246 -10.56 -19.02 31.87
CA ASP C 246 -11.63 -18.04 31.97
C ASP C 246 -12.94 -18.73 32.35
N SER C 247 -13.58 -18.20 33.38
CA SER C 247 -14.84 -18.69 33.92
C SER C 247 -15.37 -17.52 34.74
N PRO C 248 -16.69 -17.42 34.89
CA PRO C 248 -17.23 -16.30 35.67
C PRO C 248 -16.77 -16.25 37.14
N HIS C 249 -16.83 -17.39 37.82
CA HIS C 249 -16.44 -17.42 39.22
C HIS C 249 -15.56 -18.58 39.65
N LEU C 250 -15.10 -19.39 38.70
CA LEU C 250 -14.23 -20.50 39.06
C LEU C 250 -12.77 -20.06 39.01
N PRO C 251 -11.89 -20.81 39.68
CA PRO C 251 -10.48 -20.45 39.69
C PRO C 251 -9.85 -21.03 38.43
N ASP C 252 -8.78 -20.42 37.95
CA ASP C 252 -8.11 -20.96 36.78
C ASP C 252 -7.41 -22.22 37.27
N ALA C 253 -7.51 -23.32 36.52
CA ALA C 253 -6.86 -24.56 36.92
C ALA C 253 -6.66 -25.49 35.74
N GLU C 254 -5.77 -26.46 35.91
CA GLU C 254 -5.47 -27.43 34.87
C GLU C 254 -5.92 -28.80 35.30
N ALA C 255 -6.41 -29.59 34.35
CA ALA C 255 -6.85 -30.94 34.65
C ALA C 255 -6.27 -31.87 33.61
N ILE C 256 -5.76 -33.00 34.06
CA ILE C 256 -5.19 -33.97 33.15
C ILE C 256 -6.13 -35.15 32.98
N PHE C 257 -6.13 -35.75 31.79
CA PHE C 257 -6.99 -36.89 31.49
C PHE C 257 -6.41 -37.66 30.33
N ARG C 258 -7.09 -38.72 29.91
CA ARG C 258 -6.59 -39.50 28.79
C ARG C 258 -7.69 -39.81 27.78
N ILE C 259 -7.26 -40.15 26.57
CA ILE C 259 -8.16 -40.49 25.49
C ILE C 259 -7.76 -41.90 25.06
N THR C 260 -8.65 -42.86 25.31
CA THR C 260 -8.37 -44.25 25.00
C THR C 260 -9.46 -44.90 24.19
N GLU C 261 -9.40 -46.22 24.08
CA GLU C 261 -10.39 -46.98 23.34
C GLU C 261 -11.75 -46.82 24.00
N LYS C 262 -11.75 -46.43 25.27
CA LYS C 262 -12.97 -46.19 26.02
C LYS C 262 -13.46 -44.75 25.91
N GLY C 263 -12.62 -43.85 25.41
CA GLY C 263 -12.99 -42.46 25.30
C GLY C 263 -12.22 -41.61 26.29
N ILE C 264 -12.88 -40.61 26.87
CA ILE C 264 -12.24 -39.72 27.84
C ILE C 264 -12.29 -40.41 29.20
N GLN C 265 -11.15 -40.53 29.87
CA GLN C 265 -11.14 -41.18 31.17
C GLN C 265 -10.22 -40.58 32.21
N ASP C 266 -10.23 -41.20 33.40
CA ASP C 266 -9.43 -40.81 34.56
C ASP C 266 -10.17 -39.88 35.52
N SER D 2 -38.48 -35.43 9.29
CA SER D 2 -38.84 -34.06 9.75
C SER D 2 -37.57 -33.25 9.95
N HIS D 3 -36.65 -33.81 10.73
CA HIS D 3 -35.38 -33.15 11.00
C HIS D 3 -34.62 -33.08 9.69
N MET D 4 -34.84 -34.09 8.84
CA MET D 4 -34.18 -34.16 7.54
C MET D 4 -34.61 -32.99 6.67
N ASP D 5 -35.85 -32.54 6.89
CA ASP D 5 -36.38 -31.42 6.15
C ASP D 5 -35.52 -30.20 6.44
N LEU D 6 -34.98 -30.15 7.65
CA LEU D 6 -34.14 -29.04 8.09
C LEU D 6 -32.65 -29.16 7.73
N GLY D 7 -32.25 -30.32 7.22
CA GLY D 7 -30.85 -30.52 6.85
C GLY D 7 -30.06 -31.36 7.83
N PHE D 8 -30.70 -31.78 8.92
CA PHE D 8 -30.06 -32.61 9.95
C PHE D 8 -30.27 -34.10 9.66
N LYS D 9 -29.34 -34.93 10.10
CA LYS D 9 -29.42 -36.38 9.91
C LYS D 9 -29.04 -37.03 11.21
N SER D 10 -29.85 -37.98 11.68
CA SER D 10 -29.52 -38.68 12.91
C SER D 10 -28.28 -39.49 12.58
N GLY D 11 -27.58 -39.96 13.59
CA GLY D 11 -26.40 -40.76 13.34
C GLY D 11 -26.85 -42.05 12.67
N ILE D 12 -28.06 -42.47 13.00
CA ILE D 12 -28.61 -43.69 12.43
C ILE D 12 -28.85 -43.44 10.94
N ASP D 13 -29.39 -42.27 10.61
CA ASP D 13 -29.64 -41.95 9.19
C ASP D 13 -28.32 -42.05 8.42
N LEU D 14 -27.24 -41.53 9.01
CA LEU D 14 -25.93 -41.56 8.37
C LEU D 14 -25.53 -42.98 8.00
N LEU D 15 -25.66 -43.90 8.96
CA LEU D 15 -25.32 -45.29 8.73
C LEU D 15 -26.17 -45.90 7.65
N LYS D 16 -27.45 -45.54 7.66
CA LYS D 16 -28.38 -46.06 6.67
C LYS D 16 -28.07 -45.58 5.26
N GLN D 17 -27.68 -44.33 5.14
CA GLN D 17 -27.36 -43.79 3.82
C GLN D 17 -26.07 -44.43 3.28
N ARG D 18 -25.22 -44.87 4.19
CA ARG D 18 -23.98 -45.52 3.83
C ARG D 18 -24.26 -46.74 2.91
N SER D 19 -25.33 -47.47 3.22
CA SER D 19 -25.68 -48.67 2.46
C SER D 19 -26.04 -48.43 1.00
N THR D 20 -26.57 -47.25 0.71
CA THR D 20 -26.99 -46.94 -0.65
C THR D 20 -25.90 -46.36 -1.54
N VAL D 21 -24.68 -46.30 -1.03
CA VAL D 21 -23.59 -45.79 -1.83
C VAL D 21 -23.23 -46.78 -2.92
N TRP D 22 -23.15 -46.31 -4.15
CA TRP D 22 -22.77 -47.17 -5.26
C TRP D 22 -21.50 -46.59 -5.88
N LYS D 23 -20.76 -47.41 -6.63
CA LYS D 23 -19.52 -46.98 -7.24
C LYS D 23 -19.48 -47.16 -8.75
N LEU D 24 -18.72 -46.29 -9.40
CA LEU D 24 -18.54 -46.31 -10.86
C LEU D 24 -17.08 -46.63 -11.16
N SER D 25 -16.88 -47.65 -11.96
CA SER D 25 -15.54 -48.07 -12.35
C SER D 25 -14.86 -47.03 -13.26
N THR D 26 -13.55 -46.92 -13.15
CA THR D 26 -12.76 -46.00 -13.95
C THR D 26 -12.13 -46.69 -15.17
N SER D 27 -12.34 -48.01 -15.27
CA SER D 27 -11.76 -48.79 -16.37
C SER D 27 -10.28 -49.09 -16.12
N SER D 28 -9.85 -48.90 -14.88
CA SER D 28 -8.47 -49.16 -14.48
C SER D 28 -8.54 -49.90 -13.14
N SER D 29 -7.98 -51.10 -13.11
CA SER D 29 -7.99 -51.94 -11.92
C SER D 29 -7.27 -51.24 -10.79
N GLU D 30 -6.09 -50.71 -11.08
CA GLU D 30 -5.32 -50.04 -10.06
C GLU D 30 -6.05 -48.84 -9.50
N LEU D 31 -6.60 -47.99 -10.36
CA LEU D 31 -7.32 -46.81 -9.88
C LEU D 31 -8.56 -47.23 -9.07
N ASP D 32 -9.28 -48.23 -9.59
CA ASP D 32 -10.48 -48.75 -8.92
C ASP D 32 -10.08 -49.32 -7.56
N SER D 33 -8.94 -49.98 -7.50
CA SER D 33 -8.51 -50.56 -6.24
C SER D 33 -8.13 -49.48 -5.26
N VAL D 34 -7.50 -48.42 -5.75
CA VAL D 34 -7.13 -47.33 -4.87
C VAL D 34 -8.39 -46.61 -4.38
N LEU D 35 -9.42 -46.59 -5.22
CA LEU D 35 -10.69 -45.95 -4.87
C LEU D 35 -11.50 -46.80 -3.91
N GLY D 36 -11.02 -48.03 -3.69
CA GLY D 36 -11.71 -48.95 -2.81
C GLY D 36 -12.91 -49.55 -3.50
N GLY D 37 -12.84 -49.65 -4.83
CA GLY D 37 -13.93 -50.21 -5.60
C GLY D 37 -14.25 -49.38 -6.83
N GLY D 38 -14.38 -48.07 -6.65
CA GLY D 38 -14.68 -47.16 -7.74
C GLY D 38 -15.09 -45.79 -7.22
N LEU D 39 -15.40 -44.88 -8.14
CA LEU D 39 -15.81 -43.52 -7.78
C LEU D 39 -17.13 -43.64 -7.03
N GLU D 40 -17.17 -43.12 -5.80
CA GLU D 40 -18.35 -43.19 -4.95
C GLU D 40 -19.47 -42.16 -5.13
N SER D 41 -20.70 -42.65 -5.08
CA SER D 41 -21.86 -41.80 -5.16
C SER D 41 -21.95 -41.12 -3.79
N GLN D 42 -22.68 -40.01 -3.72
CA GLN D 42 -22.82 -39.28 -2.46
C GLN D 42 -21.57 -38.55 -2.02
N SER D 43 -20.54 -38.54 -2.85
CA SER D 43 -19.31 -37.84 -2.50
C SER D 43 -18.78 -36.99 -3.66
N VAL D 44 -17.96 -36.00 -3.32
CA VAL D 44 -17.33 -35.19 -4.34
C VAL D 44 -15.91 -35.73 -4.42
N THR D 45 -15.50 -36.14 -5.61
CA THR D 45 -14.16 -36.65 -5.81
C THR D 45 -13.41 -35.66 -6.71
N GLU D 46 -12.25 -35.23 -6.24
CA GLU D 46 -11.44 -34.24 -6.95
C GLU D 46 -10.19 -34.79 -7.59
N PHE D 47 -9.99 -34.46 -8.87
CA PHE D 47 -8.77 -34.85 -9.58
C PHE D 47 -8.04 -33.57 -9.94
N ALA D 48 -6.94 -33.32 -9.25
CA ALA D 48 -6.13 -32.12 -9.47
C ALA D 48 -4.78 -32.41 -10.10
N GLY D 49 -4.44 -31.63 -11.12
CA GLY D 49 -3.16 -31.80 -11.80
C GLY D 49 -2.98 -30.76 -12.88
N VAL D 50 -1.90 -30.88 -13.64
CA VAL D 50 -1.60 -29.95 -14.71
C VAL D 50 -2.37 -30.26 -15.99
N PHE D 51 -2.41 -29.30 -16.89
CA PHE D 51 -3.07 -29.54 -18.16
C PHE D 51 -2.44 -30.75 -18.81
N GLY D 52 -3.26 -31.65 -19.33
CA GLY D 52 -2.74 -32.84 -19.99
C GLY D 52 -2.44 -34.02 -19.08
N SER D 53 -2.76 -33.90 -17.80
CA SER D 53 -2.51 -35.00 -16.85
C SER D 53 -3.56 -36.11 -16.77
N GLY D 54 -4.63 -36.01 -17.55
CA GLY D 54 -5.66 -37.03 -17.53
C GLY D 54 -7.00 -36.72 -16.87
N LYS D 55 -7.11 -35.58 -16.21
CA LYS D 55 -8.33 -35.17 -15.56
C LYS D 55 -9.56 -35.22 -16.49
N THR D 56 -9.46 -34.55 -17.63
CA THR D 56 -10.56 -34.52 -18.57
C THR D 56 -10.87 -35.90 -19.16
N GLN D 57 -9.84 -36.72 -19.34
CA GLN D 57 -10.01 -38.07 -19.88
C GLN D 57 -10.81 -38.94 -18.92
N ILE D 58 -10.52 -38.82 -17.63
CA ILE D 58 -11.27 -39.56 -16.66
C ILE D 58 -12.73 -39.08 -16.68
N MET D 59 -12.96 -37.79 -16.86
CA MET D 59 -14.36 -37.33 -16.88
C MET D 59 -15.09 -37.99 -18.03
N HIS D 60 -14.49 -37.97 -19.22
CA HIS D 60 -15.12 -38.57 -20.39
C HIS D 60 -15.32 -40.07 -20.17
N GLN D 61 -14.29 -40.77 -19.69
CA GLN D 61 -14.41 -42.21 -19.44
C GLN D 61 -15.60 -42.45 -18.51
N SER D 62 -15.75 -41.63 -17.48
CA SER D 62 -16.86 -41.79 -16.54
C SER D 62 -18.23 -41.68 -17.22
N CYS D 63 -18.39 -40.75 -18.17
CA CYS D 63 -19.66 -40.61 -18.88
C CYS D 63 -19.93 -41.85 -19.75
N VAL D 64 -18.88 -42.39 -20.36
CA VAL D 64 -19.05 -43.59 -21.17
C VAL D 64 -19.41 -44.78 -20.27
N ASN D 65 -18.59 -45.00 -19.25
CA ASN D 65 -18.78 -46.09 -18.31
C ASN D 65 -20.13 -46.12 -17.60
N LEU D 66 -20.73 -44.95 -17.41
CA LEU D 66 -22.03 -44.89 -16.73
C LEU D 66 -23.08 -45.66 -17.52
N GLN D 67 -22.89 -45.76 -18.83
CA GLN D 67 -23.84 -46.45 -19.69
C GLN D 67 -23.65 -47.96 -19.78
N ASN D 68 -22.77 -48.53 -18.97
CA ASN D 68 -22.58 -49.96 -18.96
C ASN D 68 -22.94 -50.45 -17.56
N PRO D 69 -24.12 -51.06 -17.41
CA PRO D 69 -24.62 -51.57 -16.14
C PRO D 69 -23.61 -52.33 -15.30
N GLU D 70 -22.72 -53.06 -15.96
CA GLU D 70 -21.74 -53.84 -15.23
C GLU D 70 -20.63 -53.00 -14.63
N PHE D 71 -20.58 -51.73 -15.00
CA PHE D 71 -19.56 -50.86 -14.45
C PHE D 71 -20.01 -50.12 -13.19
N LEU D 72 -21.25 -50.35 -12.76
CA LEU D 72 -21.76 -49.73 -11.54
C LEU D 72 -21.80 -50.82 -10.44
N PHE D 73 -21.18 -50.58 -9.29
CA PHE D 73 -21.20 -51.59 -8.24
C PHE D 73 -22.00 -51.13 -7.05
N TYR D 74 -22.85 -52.02 -6.55
CA TYR D 74 -23.70 -51.68 -5.42
C TYR D 74 -24.38 -52.87 -4.78
N ASP D 75 -24.89 -52.63 -3.59
CA ASP D 75 -25.59 -53.64 -2.82
C ASP D 75 -27.02 -53.75 -3.34
N GLU D 76 -27.26 -54.83 -4.06
CA GLU D 76 -28.57 -55.11 -4.66
C GLU D 76 -29.66 -55.20 -3.61
N GLU D 77 -29.26 -55.30 -2.34
CA GLU D 77 -30.20 -55.38 -1.22
C GLU D 77 -30.60 -53.97 -0.76
N ALA D 78 -29.76 -52.98 -1.05
CA ALA D 78 -30.06 -51.61 -0.64
C ALA D 78 -30.39 -50.69 -1.83
N VAL D 79 -29.97 -51.07 -3.03
CA VAL D 79 -30.24 -50.22 -4.19
C VAL D 79 -31.00 -50.94 -5.32
N SER D 80 -32.21 -50.48 -5.60
CA SER D 80 -33.05 -51.08 -6.64
C SER D 80 -32.50 -50.78 -8.03
N LYS D 81 -32.84 -51.64 -8.99
CA LYS D 81 -32.38 -51.47 -10.36
C LYS D 81 -32.83 -50.12 -10.93
N GLY D 82 -34.06 -49.73 -10.63
CA GLY D 82 -34.58 -48.46 -11.12
C GLY D 82 -33.77 -47.26 -10.65
N GLU D 83 -33.32 -47.28 -9.40
CA GLU D 83 -32.50 -46.21 -8.85
C GLU D 83 -31.39 -45.85 -9.84
N VAL D 84 -30.79 -46.88 -10.42
CA VAL D 84 -29.69 -46.68 -11.36
C VAL D 84 -30.02 -46.97 -12.83
N ALA D 85 -31.31 -47.02 -13.18
CA ALA D 85 -31.73 -47.30 -14.56
C ALA D 85 -31.75 -46.02 -15.41
N GLN D 86 -31.60 -46.19 -16.73
CA GLN D 86 -31.54 -45.05 -17.66
C GLN D 86 -30.78 -43.91 -17.01
N PRO D 87 -29.58 -44.18 -16.50
CA PRO D 87 -28.79 -43.12 -15.85
C PRO D 87 -28.26 -42.10 -16.84
N LYS D 88 -28.17 -40.86 -16.38
CA LYS D 88 -27.66 -39.79 -17.21
C LYS D 88 -26.54 -39.00 -16.52
N ALA D 89 -25.74 -38.34 -17.35
CA ALA D 89 -24.63 -37.54 -16.85
C ALA D 89 -24.80 -36.08 -17.25
N VAL D 90 -24.22 -35.22 -16.41
CA VAL D 90 -24.20 -33.78 -16.63
C VAL D 90 -22.72 -33.41 -16.63
N TYR D 91 -22.30 -32.78 -17.72
CA TYR D 91 -20.93 -32.35 -17.86
C TYR D 91 -20.93 -30.82 -17.98
N ILE D 92 -20.50 -30.15 -16.91
CA ILE D 92 -20.45 -28.69 -16.91
C ILE D 92 -19.03 -28.40 -17.37
N ASP D 93 -18.95 -27.84 -18.58
CA ASP D 93 -17.69 -27.56 -19.26
C ASP D 93 -17.36 -26.06 -19.23
N THR D 94 -16.29 -25.71 -18.52
CA THR D 94 -15.91 -24.32 -18.36
C THR D 94 -14.81 -23.80 -19.26
N GLU D 95 -14.25 -24.66 -20.10
CA GLU D 95 -13.18 -24.24 -21.00
C GLU D 95 -13.30 -24.83 -22.43
N GLY D 96 -14.40 -25.54 -22.69
CA GLY D 96 -14.61 -26.15 -24.00
C GLY D 96 -13.93 -27.51 -24.17
N THR D 97 -13.84 -28.29 -23.10
CA THR D 97 -13.17 -29.58 -23.18
C THR D 97 -14.04 -30.79 -23.57
N PHE D 98 -15.35 -30.62 -23.68
CA PHE D 98 -16.16 -31.77 -24.03
C PHE D 98 -15.90 -32.12 -25.50
N ARG D 99 -15.66 -33.39 -25.77
CA ARG D 99 -15.38 -33.87 -27.11
C ARG D 99 -16.26 -35.06 -27.44
N PRO D 100 -17.34 -34.82 -28.19
CA PRO D 100 -18.22 -35.94 -28.52
C PRO D 100 -17.52 -37.08 -29.29
N GLU D 101 -16.51 -36.74 -30.08
CA GLU D 101 -15.82 -37.76 -30.84
C GLU D 101 -14.98 -38.65 -29.92
N ARG D 102 -14.46 -38.09 -28.83
CA ARG D 102 -13.71 -38.91 -27.89
C ARG D 102 -14.68 -39.83 -27.15
N ILE D 103 -15.92 -39.39 -26.97
CA ILE D 103 -16.93 -40.22 -26.32
C ILE D 103 -17.20 -41.41 -27.24
N MET D 104 -17.40 -41.10 -28.53
CA MET D 104 -17.66 -42.13 -29.53
C MET D 104 -16.58 -43.19 -29.45
N GLN D 105 -15.34 -42.73 -29.54
CA GLN D 105 -14.20 -43.63 -29.50
C GLN D 105 -14.14 -44.51 -28.25
N MET D 106 -14.17 -43.91 -27.06
CA MET D 106 -14.12 -44.68 -25.82
C MET D 106 -15.21 -45.73 -25.77
N ALA D 107 -16.41 -45.33 -26.20
CA ALA D 107 -17.57 -46.24 -26.23
C ALA D 107 -17.30 -47.41 -27.18
N GLU D 108 -16.93 -47.09 -28.42
CA GLU D 108 -16.65 -48.12 -29.43
C GLU D 108 -15.70 -49.19 -28.87
N HIS D 109 -14.59 -48.74 -28.28
CA HIS D 109 -13.61 -49.67 -27.71
C HIS D 109 -14.09 -50.32 -26.43
N ALA D 110 -15.23 -49.88 -25.92
CA ALA D 110 -15.76 -50.44 -24.68
C ALA D 110 -16.94 -51.36 -24.97
N GLY D 111 -17.28 -51.51 -26.25
CA GLY D 111 -18.41 -52.34 -26.60
C GLY D 111 -19.70 -51.68 -26.13
N ILE D 112 -19.67 -50.36 -26.02
CA ILE D 112 -20.82 -49.58 -25.61
C ILE D 112 -21.21 -48.73 -26.83
N ASP D 113 -22.51 -48.55 -27.05
CA ASP D 113 -22.93 -47.73 -28.18
C ASP D 113 -22.63 -46.27 -27.85
N GLY D 114 -21.85 -45.63 -28.71
CA GLY D 114 -21.49 -44.24 -28.47
C GLY D 114 -22.67 -43.30 -28.57
N GLN D 115 -23.63 -43.65 -29.43
CA GLN D 115 -24.82 -42.85 -29.62
C GLN D 115 -25.62 -42.80 -28.34
N THR D 116 -25.60 -43.90 -27.60
CA THR D 116 -26.33 -43.95 -26.35
C THR D 116 -25.68 -43.06 -25.31
N VAL D 117 -24.35 -43.01 -25.30
CA VAL D 117 -23.67 -42.19 -24.32
C VAL D 117 -24.02 -40.74 -24.58
N LEU D 118 -23.92 -40.31 -25.83
CA LEU D 118 -24.21 -38.92 -26.21
C LEU D 118 -25.66 -38.55 -25.93
N ASP D 119 -26.56 -39.49 -26.15
CA ASP D 119 -27.97 -39.22 -25.94
C ASP D 119 -28.30 -39.14 -24.45
N ASN D 120 -27.39 -39.63 -23.60
CA ASN D 120 -27.68 -39.56 -22.16
C ASN D 120 -26.68 -38.77 -21.36
N THR D 121 -26.00 -37.86 -22.05
CA THR D 121 -25.02 -37.00 -21.41
C THR D 121 -25.40 -35.56 -21.75
N PHE D 122 -25.78 -34.80 -20.71
CA PHE D 122 -26.14 -33.41 -20.90
C PHE D 122 -24.87 -32.54 -20.74
N VAL D 123 -24.59 -31.70 -21.73
CA VAL D 123 -23.43 -30.83 -21.69
C VAL D 123 -23.86 -29.38 -21.41
N ALA D 124 -23.22 -28.75 -20.42
CA ALA D 124 -23.55 -27.38 -20.03
C ALA D 124 -22.32 -26.49 -20.17
N ARG D 125 -22.26 -25.70 -21.24
CA ARG D 125 -21.12 -24.83 -21.44
C ARG D 125 -21.22 -23.58 -20.57
N ALA D 126 -20.34 -23.46 -19.58
CA ALA D 126 -20.34 -22.32 -18.65
C ALA D 126 -19.19 -21.36 -18.98
N TYR D 127 -19.53 -20.09 -19.28
CA TYR D 127 -18.51 -19.10 -19.60
C TYR D 127 -18.04 -18.24 -18.42
N ASN D 128 -18.69 -18.38 -17.26
CA ASN D 128 -18.30 -17.61 -16.08
C ASN D 128 -18.78 -18.36 -14.84
N SER D 129 -18.39 -17.88 -13.66
CA SER D 129 -18.75 -18.58 -12.42
C SER D 129 -20.22 -18.60 -12.13
N ASP D 130 -20.91 -17.51 -12.47
CA ASP D 130 -22.35 -17.46 -12.25
C ASP D 130 -23.04 -18.57 -13.04
N MET D 131 -22.71 -18.71 -14.33
CA MET D 131 -23.32 -19.74 -15.15
C MET D 131 -22.98 -21.12 -14.58
N GLN D 132 -21.73 -21.27 -14.15
CA GLN D 132 -21.25 -22.53 -13.60
C GLN D 132 -22.06 -22.92 -12.35
N MET D 133 -22.23 -21.98 -11.43
CA MET D 133 -22.98 -22.30 -10.22
C MET D 133 -24.44 -22.49 -10.48
N LEU D 134 -24.99 -21.73 -11.44
CA LEU D 134 -26.40 -21.83 -11.76
C LEU D 134 -26.69 -23.18 -12.40
N PHE D 135 -25.81 -23.60 -13.31
CA PHE D 135 -26.00 -24.91 -13.95
C PHE D 135 -26.03 -26.00 -12.89
N ALA D 136 -25.14 -25.91 -11.90
CA ALA D 136 -25.11 -26.91 -10.84
C ALA D 136 -26.44 -26.96 -10.10
N GLU D 137 -26.99 -25.80 -9.80
CA GLU D 137 -28.28 -25.74 -9.10
C GLU D 137 -29.41 -26.26 -9.98
N LYS D 138 -29.33 -25.99 -11.28
CA LYS D 138 -30.37 -26.43 -12.20
C LYS D 138 -30.38 -27.96 -12.40
N ILE D 139 -29.36 -28.65 -11.90
CA ILE D 139 -29.37 -30.10 -12.04
C ILE D 139 -30.63 -30.65 -11.35
N GLU D 140 -31.05 -30.00 -10.26
CA GLU D 140 -32.29 -30.42 -9.58
C GLU D 140 -33.47 -30.31 -10.57
N ASP D 141 -33.57 -29.20 -11.29
CA ASP D 141 -34.63 -29.00 -12.28
C ASP D 141 -34.57 -30.10 -13.35
N LEU D 142 -33.36 -30.52 -13.74
CA LEU D 142 -33.21 -31.58 -14.74
C LEU D 142 -33.78 -32.88 -14.19
N ILE D 143 -33.43 -33.18 -12.94
CA ILE D 143 -33.92 -34.40 -12.30
C ILE D 143 -35.43 -34.36 -12.23
N GLN D 144 -35.98 -33.22 -11.80
CA GLN D 144 -37.42 -33.00 -11.67
C GLN D 144 -38.21 -33.17 -12.97
N GLU D 145 -37.52 -33.07 -14.12
CA GLU D 145 -38.14 -33.25 -15.42
C GLU D 145 -38.17 -34.73 -15.80
N GLY D 146 -37.52 -35.58 -15.02
CA GLY D 146 -37.55 -36.98 -15.35
C GLY D 146 -36.22 -37.56 -15.82
N ASN D 147 -35.15 -36.83 -15.60
CA ASN D 147 -33.82 -37.30 -15.99
C ASN D 147 -33.12 -37.86 -14.77
N ASN D 148 -32.81 -39.16 -14.80
CA ASN D 148 -32.14 -39.79 -13.68
C ASN D 148 -30.65 -39.46 -13.71
N ILE D 149 -30.30 -38.27 -13.22
CA ILE D 149 -28.91 -37.85 -13.20
C ILE D 149 -28.15 -38.65 -12.15
N LYS D 150 -27.10 -39.34 -12.55
CA LYS D 150 -26.33 -40.12 -11.60
C LYS D 150 -24.84 -39.77 -11.60
N LEU D 151 -24.44 -38.94 -12.57
CA LEU D 151 -23.05 -38.53 -12.66
C LEU D 151 -22.99 -37.04 -12.99
N VAL D 152 -22.25 -36.29 -12.18
CA VAL D 152 -22.06 -34.87 -12.41
C VAL D 152 -20.56 -34.61 -12.45
N VAL D 153 -20.14 -34.04 -13.56
CA VAL D 153 -18.74 -33.67 -13.80
C VAL D 153 -18.62 -32.12 -13.83
N ILE D 154 -17.64 -31.58 -13.10
CA ILE D 154 -17.37 -30.14 -13.13
C ILE D 154 -15.93 -30.02 -13.67
N ASP D 155 -15.81 -29.76 -14.96
CA ASP D 155 -14.51 -29.64 -15.60
C ASP D 155 -14.43 -28.25 -16.24
N SER D 156 -13.79 -27.29 -15.58
CA SER D 156 -13.13 -27.50 -14.28
C SER D 156 -13.84 -26.77 -13.14
N LEU D 157 -13.43 -27.10 -11.92
CA LEU D 157 -14.04 -26.48 -10.75
C LEU D 157 -13.71 -25.00 -10.54
N THR D 158 -12.46 -24.62 -10.80
CA THR D 158 -12.01 -23.27 -10.51
C THR D 158 -11.56 -22.33 -11.63
N SER D 159 -11.41 -22.80 -12.86
CA SER D 159 -10.95 -21.88 -13.90
C SER D 159 -11.75 -20.57 -13.93
N THR D 160 -13.08 -20.64 -13.92
CA THR D 160 -13.87 -19.42 -13.94
C THR D 160 -13.61 -18.53 -12.73
N PHE D 161 -13.63 -19.11 -11.54
CA PHE D 161 -13.38 -18.31 -10.34
C PHE D 161 -12.03 -17.65 -10.41
N ARG D 162 -11.06 -18.38 -10.93
CA ARG D 162 -9.70 -17.86 -11.04
C ARG D 162 -9.60 -16.73 -12.06
N ASN D 163 -10.30 -16.85 -13.18
CA ASN D 163 -10.27 -15.81 -14.22
C ASN D 163 -11.00 -14.55 -13.80
N GLU D 164 -11.96 -14.69 -12.89
CA GLU D 164 -12.71 -13.53 -12.44
C GLU D 164 -12.05 -12.83 -11.26
N TYR D 165 -11.74 -13.58 -10.22
CA TYR D 165 -11.13 -12.99 -9.04
C TYR D 165 -9.62 -12.97 -9.06
N THR D 166 -9.07 -11.86 -9.54
CA THR D 166 -7.63 -11.66 -9.58
C THR D 166 -7.37 -10.73 -8.39
N GLY D 167 -6.15 -10.75 -7.88
CA GLY D 167 -5.83 -9.90 -6.74
C GLY D 167 -6.36 -10.47 -5.44
N ARG D 168 -5.49 -10.56 -4.45
CA ARG D 168 -5.88 -11.10 -3.14
C ARG D 168 -6.87 -10.18 -2.43
N GLY D 169 -7.27 -9.10 -3.10
CA GLY D 169 -8.20 -8.17 -2.50
C GLY D 169 -9.66 -8.52 -2.72
N LYS D 170 -9.91 -9.63 -3.43
CA LYS D 170 -11.27 -10.07 -3.70
C LYS D 170 -11.36 -11.54 -3.39
N LEU D 171 -10.25 -12.09 -2.92
CA LEU D 171 -10.11 -13.48 -2.56
C LEU D 171 -11.21 -13.96 -1.61
N ALA D 172 -11.55 -13.11 -0.63
CA ALA D 172 -12.58 -13.45 0.32
C ALA D 172 -13.88 -13.74 -0.40
N GLU D 173 -14.25 -12.84 -1.32
CA GLU D 173 -15.47 -13.01 -2.10
C GLU D 173 -15.39 -14.27 -2.98
N ARG D 174 -14.22 -14.51 -3.55
CA ARG D 174 -14.00 -15.68 -4.40
C ARG D 174 -14.19 -16.93 -3.52
N GLN D 175 -13.56 -16.94 -2.35
CA GLN D 175 -13.69 -18.07 -1.42
C GLN D 175 -15.13 -18.34 -0.96
N GLN D 176 -15.89 -17.27 -0.74
CA GLN D 176 -17.28 -17.44 -0.30
C GLN D 176 -18.16 -17.99 -1.40
N LYS D 177 -17.91 -17.55 -2.63
CA LYS D 177 -18.67 -18.06 -3.76
C LYS D 177 -18.29 -19.55 -3.97
N LEU D 178 -17.01 -19.88 -3.84
CA LEU D 178 -16.57 -21.26 -3.98
C LEU D 178 -17.27 -22.13 -2.93
N GLY D 179 -17.27 -21.68 -1.67
CA GLY D 179 -17.92 -22.43 -0.59
C GLY D 179 -19.39 -22.69 -0.90
N ARG D 180 -20.04 -21.70 -1.47
CA ARG D 180 -21.44 -21.86 -1.84
C ARG D 180 -21.56 -22.94 -2.91
N HIS D 181 -20.64 -22.93 -3.86
CA HIS D 181 -20.66 -23.92 -4.96
C HIS D 181 -20.38 -25.32 -4.40
N MET D 182 -19.37 -25.45 -3.55
CA MET D 182 -19.04 -26.76 -2.94
C MET D 182 -20.22 -27.33 -2.16
N ALA D 183 -21.01 -26.44 -1.53
CA ALA D 183 -22.19 -26.86 -0.76
C ALA D 183 -23.22 -27.44 -1.70
N THR D 184 -23.42 -26.77 -2.83
CA THR D 184 -24.36 -27.24 -3.82
C THR D 184 -23.93 -28.59 -4.41
N LEU D 185 -22.63 -28.75 -4.67
CA LEU D 185 -22.15 -29.98 -5.26
C LEU D 185 -22.35 -31.15 -4.30
N ASN D 186 -22.09 -30.91 -3.01
CA ASN D 186 -22.28 -31.94 -2.02
C ASN D 186 -23.77 -32.27 -1.89
N LYS D 187 -24.61 -31.25 -1.99
CA LYS D 187 -26.05 -31.44 -1.91
C LYS D 187 -26.56 -32.34 -3.04
N LEU D 188 -26.09 -32.12 -4.26
CA LEU D 188 -26.51 -32.93 -5.40
C LEU D 188 -26.12 -34.38 -5.14
N ALA D 189 -24.86 -34.59 -4.76
CA ALA D 189 -24.34 -35.94 -4.52
C ALA D 189 -25.15 -36.66 -3.46
N ASP D 190 -25.43 -35.99 -2.37
CA ASP D 190 -26.17 -36.57 -1.27
C ASP D 190 -27.67 -36.83 -1.52
N LEU D 191 -28.41 -35.78 -1.88
CA LEU D 191 -29.85 -35.90 -2.10
C LEU D 191 -30.28 -36.73 -3.29
N PHE D 192 -29.43 -36.84 -4.30
CA PHE D 192 -29.79 -37.59 -5.47
C PHE D 192 -28.90 -38.79 -5.69
N ASN D 193 -28.19 -39.16 -4.64
CA ASN D 193 -27.31 -40.32 -4.68
C ASN D 193 -26.46 -40.39 -5.94
N CYS D 194 -25.70 -39.33 -6.25
CA CYS D 194 -24.88 -39.46 -7.41
C CYS D 194 -23.41 -39.22 -7.21
N VAL D 195 -22.65 -39.50 -8.25
CA VAL D 195 -21.23 -39.33 -8.19
C VAL D 195 -20.96 -37.98 -8.78
N VAL D 196 -20.20 -37.19 -8.02
CA VAL D 196 -19.81 -35.84 -8.43
C VAL D 196 -18.30 -35.79 -8.52
N LEU D 197 -17.80 -35.56 -9.74
CA LEU D 197 -16.38 -35.44 -10.01
C LEU D 197 -16.04 -33.98 -10.35
N VAL D 198 -14.86 -33.53 -9.94
CA VAL D 198 -14.43 -32.17 -10.25
C VAL D 198 -12.96 -32.23 -10.66
N THR D 199 -12.56 -31.46 -11.67
CA THR D 199 -11.17 -31.42 -12.07
C THR D 199 -10.67 -30.09 -11.50
N ASN D 200 -9.38 -30.00 -11.23
CA ASN D 200 -8.81 -28.78 -10.64
C ASN D 200 -7.35 -28.65 -11.00
N GLN D 201 -6.81 -27.46 -10.80
CA GLN D 201 -5.40 -27.19 -11.04
C GLN D 201 -4.65 -27.17 -9.73
N VAL D 202 -3.33 -27.12 -9.80
CA VAL D 202 -2.48 -27.09 -8.60
C VAL D 202 -1.64 -25.82 -8.61
N SER D 203 -1.10 -25.43 -7.46
CA SER D 203 -0.25 -24.23 -7.39
C SER D 203 0.99 -24.52 -6.56
N ALA D 204 2.14 -24.04 -7.04
CA ALA D 204 3.45 -24.19 -6.40
C ALA D 204 3.46 -25.14 -5.22
N ALA D 213 4.09 -28.94 -0.57
CA ALA D 213 4.62 -28.12 -1.67
C ALA D 213 3.69 -28.22 -2.87
N GLU D 214 2.56 -28.89 -2.66
CA GLU D 214 1.57 -29.08 -3.71
C GLU D 214 0.16 -28.87 -3.14
N GLN D 215 -0.64 -28.05 -3.80
CA GLN D 215 -1.99 -27.83 -3.33
C GLN D 215 -2.98 -27.51 -4.45
N ALA D 216 -4.16 -28.10 -4.36
CA ALA D 216 -5.22 -27.89 -5.35
C ALA D 216 -5.76 -26.47 -5.15
N ILE D 217 -6.06 -25.77 -6.23
CA ILE D 217 -6.57 -24.40 -6.13
C ILE D 217 -7.89 -24.29 -5.36
N GLY D 218 -8.06 -23.24 -4.56
CA GLY D 218 -9.28 -23.06 -3.81
C GLY D 218 -9.11 -23.18 -2.31
N GLY D 219 -7.91 -23.56 -1.88
CA GLY D 219 -7.63 -23.67 -0.46
C GLY D 219 -8.52 -24.62 0.30
N HIS D 220 -8.63 -24.42 1.61
CA HIS D 220 -9.44 -25.30 2.43
C HIS D 220 -10.95 -25.25 2.21
N ILE D 221 -11.43 -24.14 1.67
CA ILE D 221 -12.87 -24.05 1.41
C ILE D 221 -13.24 -25.21 0.48
N VAL D 222 -12.40 -25.46 -0.52
CA VAL D 222 -12.60 -26.55 -1.47
C VAL D 222 -12.16 -27.90 -0.87
N GLY D 223 -10.96 -27.90 -0.32
CA GLY D 223 -10.40 -29.11 0.28
C GLY D 223 -11.27 -29.76 1.32
N HIS D 224 -11.71 -28.99 2.32
CA HIS D 224 -12.56 -29.54 3.39
C HIS D 224 -13.88 -30.14 2.88
N ALA D 225 -14.37 -29.59 1.78
CA ALA D 225 -15.64 -30.04 1.22
C ALA D 225 -15.55 -31.15 0.16
N ALA D 226 -14.35 -31.63 -0.14
CA ALA D 226 -14.18 -32.71 -1.10
C ALA D 226 -13.83 -33.99 -0.33
N THR D 227 -14.64 -35.04 -0.48
CA THR D 227 -14.42 -36.30 0.23
C THR D 227 -13.22 -37.14 -0.23
N PHE D 228 -13.00 -37.20 -1.53
CA PHE D 228 -11.87 -37.95 -2.06
C PHE D 228 -11.06 -37.00 -2.91
N ARG D 229 -9.76 -36.88 -2.62
CA ARG D 229 -8.88 -35.97 -3.35
C ARG D 229 -7.64 -36.62 -3.93
N PHE D 230 -7.39 -36.35 -5.20
CA PHE D 230 -6.22 -36.87 -5.93
C PHE D 230 -5.39 -35.78 -6.59
N PHE D 231 -4.11 -36.12 -6.78
CA PHE D 231 -3.18 -35.29 -7.53
C PHE D 231 -2.85 -36.24 -8.68
N VAL D 232 -3.03 -35.82 -9.92
CA VAL D 232 -2.71 -36.68 -11.05
C VAL D 232 -1.43 -36.16 -11.70
N ARG D 233 -0.47 -37.06 -11.93
CA ARG D 233 0.83 -36.73 -12.52
C ARG D 233 1.09 -37.45 -13.84
N LYS D 234 1.96 -36.86 -14.67
CA LYS D 234 2.29 -37.49 -15.94
C LYS D 234 3.48 -38.41 -15.73
N GLY D 235 3.33 -39.67 -16.16
CA GLY D 235 4.43 -40.60 -16.03
C GLY D 235 5.14 -40.54 -17.38
N LYS D 236 5.74 -41.64 -17.79
CA LYS D 236 6.44 -41.70 -19.07
C LYS D 236 5.42 -41.91 -20.18
N GLY D 237 5.53 -41.15 -21.27
CA GLY D 237 4.60 -41.31 -22.38
C GLY D 237 3.12 -41.16 -22.02
N ASP D 238 2.33 -42.18 -22.31
CA ASP D 238 0.90 -42.12 -22.01
C ASP D 238 0.55 -42.61 -20.61
N LYS D 239 1.56 -42.79 -19.77
CA LYS D 239 1.31 -43.26 -18.40
C LYS D 239 0.97 -42.07 -17.50
N ARG D 240 0.22 -42.35 -16.43
CA ARG D 240 -0.19 -41.31 -15.47
C ARG D 240 -0.32 -41.93 -14.09
N VAL D 241 -0.06 -41.16 -13.06
CA VAL D 241 -0.18 -41.68 -11.71
C VAL D 241 -1.16 -40.82 -10.92
N ALA D 242 -2.18 -41.46 -10.36
CA ALA D 242 -3.17 -40.79 -9.56
C ALA D 242 -2.86 -41.11 -8.11
N LYS D 243 -2.58 -40.08 -7.32
CA LYS D 243 -2.25 -40.25 -5.92
C LYS D 243 -3.34 -39.77 -5.00
N LEU D 244 -4.04 -40.71 -4.38
CA LEU D 244 -5.11 -40.34 -3.47
C LEU D 244 -4.41 -39.91 -2.18
N TYR D 245 -4.64 -38.66 -1.76
CA TYR D 245 -4.03 -38.17 -0.54
C TYR D 245 -5.03 -37.79 0.54
N ASP D 246 -6.32 -37.90 0.23
CA ASP D 246 -7.34 -37.54 1.21
C ASP D 246 -8.61 -38.34 0.98
N SER D 247 -9.04 -39.05 2.03
CA SER D 247 -10.24 -39.87 2.01
C SER D 247 -10.70 -40.15 3.45
N PRO D 248 -12.00 -40.43 3.64
CA PRO D 248 -12.51 -40.70 4.98
C PRO D 248 -11.82 -41.87 5.68
N HIS D 249 -11.67 -43.00 4.99
CA HIS D 249 -11.05 -44.18 5.59
C HIS D 249 -10.14 -45.03 4.71
N LEU D 250 -9.87 -44.59 3.49
CA LEU D 250 -8.99 -45.36 2.62
C LEU D 250 -7.53 -44.99 2.87
N PRO D 251 -6.60 -45.90 2.57
CA PRO D 251 -5.19 -45.57 2.81
C PRO D 251 -4.70 -44.68 1.67
N ASP D 252 -3.73 -43.83 1.95
CA ASP D 252 -3.19 -42.96 0.90
C ASP D 252 -2.34 -43.84 0.01
N ALA D 253 -2.72 -43.96 -1.26
CA ALA D 253 -1.99 -44.78 -2.22
C ALA D 253 -1.94 -44.18 -3.62
N GLU D 254 -1.10 -44.77 -4.48
CA GLU D 254 -0.94 -44.32 -5.85
C GLU D 254 -1.35 -45.41 -6.81
N ALA D 255 -1.89 -45.02 -7.94
CA ALA D 255 -2.31 -45.95 -8.96
C ALA D 255 -1.79 -45.47 -10.29
N ILE D 256 -1.22 -46.37 -11.07
CA ILE D 256 -0.73 -45.99 -12.39
C ILE D 256 -1.74 -46.49 -13.42
N PHE D 257 -1.88 -45.75 -14.52
CA PHE D 257 -2.82 -46.11 -15.57
C PHE D 257 -2.38 -45.45 -16.87
N ARG D 258 -3.15 -45.65 -17.92
CA ARG D 258 -2.75 -45.03 -19.16
C ARG D 258 -3.91 -44.45 -19.93
N ILE D 259 -3.59 -43.48 -20.78
CA ILE D 259 -4.57 -42.82 -21.62
C ILE D 259 -4.27 -43.23 -23.07
N THR D 260 -5.09 -44.11 -23.62
CA THR D 260 -4.89 -44.60 -24.97
C THR D 260 -6.11 -44.34 -25.86
N GLU D 261 -6.04 -44.78 -27.11
CA GLU D 261 -7.13 -44.61 -28.05
C GLU D 261 -8.37 -45.28 -27.46
N LYS D 262 -8.13 -46.22 -26.56
CA LYS D 262 -9.24 -46.95 -25.94
C LYS D 262 -9.80 -46.19 -24.74
N GLY D 263 -9.03 -45.24 -24.22
CA GLY D 263 -9.46 -44.47 -23.06
C GLY D 263 -8.57 -44.73 -21.87
N ILE D 264 -9.15 -44.88 -20.69
CA ILE D 264 -8.38 -45.15 -19.49
C ILE D 264 -8.18 -46.66 -19.37
N GLN D 265 -6.95 -47.12 -19.15
CA GLN D 265 -6.74 -48.57 -19.05
C GLN D 265 -5.62 -49.09 -18.16
N ASP D 266 -5.77 -50.38 -17.79
CA ASP D 266 -4.86 -51.14 -16.93
C ASP D 266 -5.29 -51.22 -15.45
N SER E 2 -37.07 -30.26 -22.94
CA SER E 2 -37.15 -29.35 -21.74
C SER E 2 -35.77 -29.03 -21.20
N HIS E 3 -34.80 -29.89 -21.52
CA HIS E 3 -33.44 -29.70 -21.06
C HIS E 3 -32.75 -28.50 -21.69
N MET E 4 -32.99 -28.29 -22.99
CA MET E 4 -32.40 -27.16 -23.71
C MET E 4 -32.94 -25.84 -23.17
N ASP E 5 -34.13 -25.92 -22.58
CA ASP E 5 -34.79 -24.76 -21.98
C ASP E 5 -33.97 -24.33 -20.76
N LEU E 6 -33.34 -25.30 -20.10
CA LEU E 6 -32.50 -25.07 -18.94
C LEU E 6 -31.06 -24.75 -19.32
N GLY E 7 -30.79 -24.63 -20.62
CA GLY E 7 -29.44 -24.33 -21.06
C GLY E 7 -28.56 -25.56 -21.23
N PHE E 8 -29.16 -26.74 -21.12
CA PHE E 8 -28.42 -27.99 -21.27
C PHE E 8 -28.60 -28.53 -22.69
N LYS E 9 -27.63 -29.29 -23.17
CA LYS E 9 -27.73 -29.92 -24.49
C LYS E 9 -27.17 -31.31 -24.43
N SER E 10 -27.83 -32.27 -25.06
CA SER E 10 -27.30 -33.63 -25.06
C SER E 10 -26.15 -33.74 -26.06
N GLY E 11 -25.37 -34.82 -25.93
CA GLY E 11 -24.26 -35.04 -26.85
C GLY E 11 -24.81 -35.08 -28.26
N ILE E 12 -25.96 -35.74 -28.43
CA ILE E 12 -26.60 -35.84 -29.72
C ILE E 12 -27.00 -34.47 -30.24
N ASP E 13 -27.57 -33.65 -29.36
CA ASP E 13 -27.98 -32.29 -29.75
C ASP E 13 -26.77 -31.51 -30.28
N LEU E 14 -25.63 -31.74 -29.66
CA LEU E 14 -24.40 -31.07 -30.05
C LEU E 14 -24.00 -31.45 -31.48
N LEU E 15 -24.08 -32.73 -31.80
CA LEU E 15 -23.74 -33.18 -33.14
C LEU E 15 -24.76 -32.63 -34.12
N LYS E 16 -26.04 -32.73 -33.79
CA LYS E 16 -27.07 -32.20 -34.66
C LYS E 16 -26.80 -30.72 -34.90
N GLN E 17 -26.40 -30.04 -33.84
CA GLN E 17 -26.07 -28.62 -33.88
C GLN E 17 -25.01 -28.40 -34.97
N ARG E 18 -23.93 -29.17 -34.89
CA ARG E 18 -22.82 -29.11 -35.82
C ARG E 18 -23.21 -29.17 -37.30
N SER E 19 -24.23 -29.97 -37.62
CA SER E 19 -24.66 -30.09 -39.01
C SER E 19 -25.23 -28.79 -39.61
N THR E 20 -25.77 -27.93 -38.77
CA THR E 20 -26.35 -26.68 -39.25
C THR E 20 -25.41 -25.48 -39.37
N VAL E 21 -24.12 -25.68 -39.08
CA VAL E 21 -23.20 -24.57 -39.16
C VAL E 21 -23.00 -24.08 -40.59
N TRP E 22 -23.03 -22.77 -40.77
CA TRP E 22 -22.81 -22.18 -42.08
C TRP E 22 -21.63 -21.22 -41.93
N LYS E 23 -20.91 -20.96 -43.03
CA LYS E 23 -19.75 -20.08 -43.00
C LYS E 23 -19.87 -18.91 -43.94
N LEU E 24 -19.22 -17.80 -43.59
CA LEU E 24 -19.26 -16.58 -44.40
C LEU E 24 -17.86 -16.22 -44.92
N SER E 25 -17.76 -16.09 -46.23
CA SER E 25 -16.50 -15.72 -46.87
C SER E 25 -16.05 -14.32 -46.45
N THR E 26 -14.73 -14.18 -46.32
CA THR E 26 -14.10 -12.91 -45.93
C THR E 26 -13.59 -12.13 -47.13
N SER E 27 -13.69 -12.73 -48.32
CA SER E 27 -13.20 -12.13 -49.57
C SER E 27 -11.70 -12.35 -49.77
N SER E 28 -11.10 -13.11 -48.84
CA SER E 28 -9.69 -13.41 -48.93
C SER E 28 -9.64 -14.93 -49.03
N SER E 29 -9.00 -15.41 -50.08
CA SER E 29 -8.91 -16.84 -50.29
C SER E 29 -8.07 -17.45 -49.20
N GLU E 30 -7.00 -16.75 -48.82
CA GLU E 30 -6.14 -17.29 -47.77
C GLU E 30 -6.84 -17.33 -46.40
N LEU E 31 -7.51 -16.24 -46.03
CA LEU E 31 -8.20 -16.20 -44.74
C LEU E 31 -9.30 -17.24 -44.74
N ASP E 32 -10.05 -17.32 -45.83
CA ASP E 32 -11.12 -18.33 -45.91
C ASP E 32 -10.55 -19.73 -45.70
N SER E 33 -9.39 -19.98 -46.29
CA SER E 33 -8.75 -21.29 -46.18
C SER E 33 -8.30 -21.55 -44.73
N VAL E 34 -7.72 -20.55 -44.10
CA VAL E 34 -7.27 -20.68 -42.72
C VAL E 34 -8.47 -20.97 -41.79
N LEU E 35 -9.61 -20.41 -42.15
CA LEU E 35 -10.86 -20.56 -41.41
C LEU E 35 -11.57 -21.89 -41.65
N GLY E 36 -11.12 -22.61 -42.68
CA GLY E 36 -11.74 -23.88 -43.00
C GLY E 36 -12.98 -23.66 -43.85
N GLY E 37 -13.01 -22.56 -44.59
CA GLY E 37 -14.16 -22.28 -45.43
C GLY E 37 -14.61 -20.85 -45.27
N GLY E 38 -14.68 -20.42 -44.01
CA GLY E 38 -15.11 -19.06 -43.73
C GLY E 38 -15.50 -18.90 -42.27
N LEU E 39 -15.96 -17.70 -41.92
CA LEU E 39 -16.38 -17.37 -40.57
C LEU E 39 -17.58 -18.23 -40.19
N GLU E 40 -17.43 -19.05 -39.16
CA GLU E 40 -18.49 -19.95 -38.73
C GLU E 40 -19.60 -19.39 -37.85
N SER E 41 -20.83 -19.85 -38.08
CA SER E 41 -21.96 -19.44 -37.26
C SER E 41 -21.80 -20.28 -36.00
N GLN E 42 -22.59 -19.97 -34.96
CA GLN E 42 -22.55 -20.72 -33.70
C GLN E 42 -21.27 -20.58 -32.88
N SER E 43 -20.38 -19.72 -33.34
CA SER E 43 -19.12 -19.47 -32.65
C SER E 43 -18.82 -17.99 -32.64
N VAL E 44 -17.97 -17.59 -31.67
CA VAL E 44 -17.51 -16.22 -31.55
C VAL E 44 -16.10 -16.22 -32.12
N THR E 45 -15.83 -15.34 -33.07
CA THR E 45 -14.52 -15.24 -33.66
C THR E 45 -13.92 -13.88 -33.30
N GLU E 46 -12.71 -13.90 -32.75
CA GLU E 46 -12.06 -12.68 -32.32
C GLU E 46 -10.89 -12.29 -33.22
N PHE E 47 -10.82 -11.00 -33.53
CA PHE E 47 -9.70 -10.48 -34.31
C PHE E 47 -9.04 -9.41 -33.43
N ALA E 48 -7.86 -9.71 -32.89
CA ALA E 48 -7.18 -8.74 -32.03
C ALA E 48 -5.92 -8.21 -32.68
N GLY E 49 -5.64 -6.93 -32.43
CA GLY E 49 -4.46 -6.30 -33.00
C GLY E 49 -4.42 -4.81 -32.74
N VAL E 50 -3.40 -4.13 -33.22
CA VAL E 50 -3.30 -2.69 -33.00
C VAL E 50 -4.26 -1.92 -33.90
N PHE E 51 -4.43 -0.63 -33.63
CA PHE E 51 -5.31 0.20 -34.46
C PHE E 51 -4.72 0.20 -35.87
N GLY E 52 -5.59 0.11 -36.88
CA GLY E 52 -5.13 0.11 -38.26
C GLY E 52 -4.74 -1.25 -38.79
N SER E 53 -4.83 -2.30 -37.98
CA SER E 53 -4.46 -3.63 -38.45
C SER E 53 -5.51 -4.28 -39.35
N GLY E 54 -6.63 -3.60 -39.56
CA GLY E 54 -7.67 -4.15 -40.41
C GLY E 54 -8.88 -4.79 -39.74
N LYS E 55 -8.91 -4.88 -38.40
CA LYS E 55 -10.04 -5.50 -37.71
C LYS E 55 -11.37 -4.88 -38.16
N THR E 56 -11.48 -3.57 -38.04
CA THR E 56 -12.70 -2.87 -38.44
C THR E 56 -13.03 -3.10 -39.93
N GLN E 57 -12.00 -3.21 -40.77
CA GLN E 57 -12.21 -3.45 -42.21
C GLN E 57 -12.87 -4.80 -42.45
N ILE E 58 -12.43 -5.80 -41.70
CA ILE E 58 -13.01 -7.12 -41.82
C ILE E 58 -14.46 -7.10 -41.35
N MET E 59 -14.76 -6.31 -40.33
CA MET E 59 -16.15 -6.25 -39.84
C MET E 59 -17.06 -5.67 -40.94
N HIS E 60 -16.63 -4.57 -41.58
CA HIS E 60 -17.41 -3.96 -42.66
C HIS E 60 -17.53 -4.92 -43.83
N GLN E 61 -16.43 -5.53 -44.24
CA GLN E 61 -16.47 -6.49 -45.35
C GLN E 61 -17.47 -7.61 -45.07
N SER E 62 -17.55 -8.08 -43.81
CA SER E 62 -18.46 -9.16 -43.45
C SER E 62 -19.91 -8.73 -43.60
N CYS E 63 -20.21 -7.48 -43.26
CA CYS E 63 -21.57 -6.98 -43.40
C CYS E 63 -21.94 -6.95 -44.89
N VAL E 64 -20.98 -6.57 -45.73
CA VAL E 64 -21.26 -6.51 -47.18
C VAL E 64 -21.44 -7.92 -47.76
N ASN E 65 -20.52 -8.84 -47.46
CA ASN E 65 -20.59 -10.20 -47.98
C ASN E 65 -21.82 -10.99 -47.54
N LEU E 66 -22.39 -10.62 -46.40
CA LEU E 66 -23.59 -11.31 -45.90
C LEU E 66 -24.71 -11.11 -46.92
N GLN E 67 -24.69 -9.99 -47.63
CA GLN E 67 -25.73 -9.74 -48.61
C GLN E 67 -25.50 -10.40 -49.98
N ASN E 68 -24.57 -11.34 -50.06
CA ASN E 68 -24.33 -12.07 -51.29
C ASN E 68 -24.54 -13.54 -50.99
N PRO E 69 -25.71 -14.07 -51.37
CA PRO E 69 -26.07 -15.47 -51.14
C PRO E 69 -24.95 -16.46 -51.44
N GLU E 70 -24.14 -16.14 -52.44
CA GLU E 70 -23.05 -17.02 -52.84
C GLU E 70 -21.87 -16.99 -51.87
N PHE E 71 -21.90 -16.09 -50.89
CA PHE E 71 -20.81 -16.00 -49.93
C PHE E 71 -21.15 -16.70 -48.62
N LEU E 72 -22.29 -17.37 -48.59
CA LEU E 72 -22.70 -18.11 -47.41
C LEU E 72 -22.65 -19.59 -47.73
N PHE E 73 -21.75 -20.32 -47.11
CA PHE E 73 -21.61 -21.74 -47.39
C PHE E 73 -22.33 -22.58 -46.34
N TYR E 74 -23.10 -23.57 -46.79
CA TYR E 74 -23.84 -24.44 -45.89
C TYR E 74 -24.31 -25.71 -46.56
N ASP E 75 -24.61 -26.71 -45.73
CA ASP E 75 -25.10 -27.99 -46.20
C ASP E 75 -26.57 -27.79 -46.55
N GLU E 76 -26.91 -27.94 -47.83
CA GLU E 76 -28.28 -27.76 -48.29
C GLU E 76 -29.26 -28.76 -47.70
N GLU E 77 -28.75 -29.95 -47.36
CA GLU E 77 -29.59 -30.99 -46.78
C GLU E 77 -29.67 -30.89 -45.26
N ALA E 78 -29.06 -29.85 -44.69
CA ALA E 78 -29.08 -29.65 -43.24
C ALA E 78 -29.62 -28.27 -42.87
N VAL E 79 -29.47 -27.31 -43.78
CA VAL E 79 -29.92 -25.94 -43.57
C VAL E 79 -30.75 -25.48 -44.77
N SER E 80 -31.98 -25.10 -44.50
CA SER E 80 -32.90 -24.64 -45.53
C SER E 80 -32.51 -23.27 -46.05
N LYS E 81 -32.92 -22.97 -47.28
CA LYS E 81 -32.60 -21.68 -47.88
C LYS E 81 -33.38 -20.59 -47.15
N GLY E 82 -34.37 -21.00 -46.37
CA GLY E 82 -35.18 -20.06 -45.65
C GLY E 82 -34.46 -19.51 -44.42
N GLU E 83 -33.69 -20.37 -43.76
CA GLU E 83 -32.96 -19.95 -42.58
C GLU E 83 -31.98 -18.82 -42.91
N VAL E 84 -31.30 -18.92 -44.05
CA VAL E 84 -30.33 -17.90 -44.42
C VAL E 84 -30.88 -16.82 -45.34
N ALA E 85 -32.20 -16.82 -45.54
CA ALA E 85 -32.84 -15.83 -46.40
C ALA E 85 -33.05 -14.49 -45.70
N GLN E 86 -32.90 -13.41 -46.45
CA GLN E 86 -33.05 -12.06 -45.92
C GLN E 86 -32.21 -11.89 -44.66
N PRO E 87 -30.91 -12.18 -44.74
CA PRO E 87 -30.05 -12.06 -43.58
C PRO E 87 -29.77 -10.60 -43.23
N LYS E 88 -29.73 -10.30 -41.95
CA LYS E 88 -29.44 -8.95 -41.51
C LYS E 88 -28.26 -8.98 -40.54
N ALA E 89 -27.55 -7.87 -40.42
CA ALA E 89 -26.42 -7.78 -39.52
C ALA E 89 -26.65 -6.72 -38.45
N VAL E 90 -25.98 -6.92 -37.33
CA VAL E 90 -26.02 -5.98 -36.22
C VAL E 90 -24.57 -5.57 -35.98
N TYR E 91 -24.31 -4.26 -35.99
CA TYR E 91 -22.97 -3.77 -35.76
C TYR E 91 -23.03 -2.87 -34.51
N ILE E 92 -22.48 -3.36 -33.39
CA ILE E 92 -22.48 -2.58 -32.14
C ILE E 92 -21.14 -1.82 -32.15
N ASP E 93 -21.22 -0.50 -32.20
CA ASP E 93 -20.08 0.39 -32.37
C ASP E 93 -19.71 1.15 -31.09
N THR E 94 -18.53 0.87 -30.55
CA THR E 94 -18.13 1.49 -29.29
C THR E 94 -17.20 2.67 -29.38
N GLU E 95 -16.80 3.03 -30.59
CA GLU E 95 -15.92 4.19 -30.76
C GLU E 95 -16.32 4.98 -32.03
N GLY E 96 -17.47 4.63 -32.62
CA GLY E 96 -17.93 5.32 -33.83
C GLY E 96 -17.13 4.99 -35.07
N THR E 97 -16.86 3.71 -35.30
CA THR E 97 -16.08 3.27 -36.46
C THR E 97 -16.88 2.84 -37.67
N PHE E 98 -18.20 2.78 -37.56
CA PHE E 98 -19.01 2.37 -38.69
C PHE E 98 -18.97 3.48 -39.76
N ARG E 99 -18.75 3.10 -41.01
CA ARG E 99 -18.65 4.06 -42.10
C ARG E 99 -19.55 3.59 -43.21
N PRO E 100 -20.72 4.22 -43.36
CA PRO E 100 -21.64 3.79 -44.43
C PRO E 100 -20.98 3.93 -45.81
N GLU E 101 -20.13 4.93 -45.97
CA GLU E 101 -19.44 5.14 -47.25
C GLU E 101 -18.50 3.99 -47.55
N ARG E 102 -17.88 3.42 -46.52
CA ARG E 102 -16.98 2.29 -46.76
C ARG E 102 -17.86 1.09 -47.14
N ILE E 103 -19.04 1.01 -46.55
CA ILE E 103 -19.96 -0.06 -46.90
C ILE E 103 -20.30 0.10 -48.40
N MET E 104 -20.68 1.31 -48.80
CA MET E 104 -21.03 1.59 -50.19
C MET E 104 -19.91 1.20 -51.15
N GLN E 105 -18.70 1.67 -50.85
CA GLN E 105 -17.54 1.39 -51.69
C GLN E 105 -17.28 -0.11 -51.83
N MET E 106 -17.30 -0.83 -50.72
CA MET E 106 -17.06 -2.27 -50.76
C MET E 106 -18.12 -2.97 -51.58
N ALA E 107 -19.38 -2.58 -51.36
CA ALA E 107 -20.48 -3.20 -52.08
C ALA E 107 -20.28 -3.04 -53.58
N GLU E 108 -20.21 -1.78 -54.02
CA GLU E 108 -20.00 -1.44 -55.41
C GLU E 108 -18.92 -2.32 -56.03
N HIS E 109 -17.71 -2.26 -55.49
CA HIS E 109 -16.62 -3.07 -56.03
C HIS E 109 -16.90 -4.57 -55.94
N ALA E 110 -17.93 -4.97 -55.20
CA ALA E 110 -18.25 -6.38 -55.06
C ALA E 110 -19.46 -6.80 -55.89
N GLY E 111 -20.07 -5.83 -56.58
CA GLY E 111 -21.24 -6.15 -57.39
C GLY E 111 -22.46 -6.39 -56.52
N ILE E 112 -22.40 -5.89 -55.30
CA ILE E 112 -23.49 -6.03 -54.35
C ILE E 112 -24.16 -4.65 -54.26
N ASP E 113 -25.47 -4.63 -54.07
CA ASP E 113 -26.18 -3.35 -53.95
C ASP E 113 -25.91 -2.75 -52.57
N GLY E 114 -25.25 -1.59 -52.54
CA GLY E 114 -24.93 -0.95 -51.28
C GLY E 114 -26.12 -0.65 -50.40
N GLN E 115 -27.18 -0.11 -50.98
CA GLN E 115 -28.39 0.22 -50.24
C GLN E 115 -28.94 -0.98 -49.51
N THR E 116 -28.85 -2.14 -50.15
CA THR E 116 -29.35 -3.35 -49.54
C THR E 116 -28.52 -3.72 -48.32
N VAL E 117 -27.21 -3.43 -48.37
CA VAL E 117 -26.34 -3.73 -47.23
C VAL E 117 -26.73 -2.78 -46.09
N LEU E 118 -26.79 -1.48 -46.40
CA LEU E 118 -27.13 -0.47 -45.40
C LEU E 118 -28.52 -0.65 -44.83
N ASP E 119 -29.43 -1.16 -45.66
CA ASP E 119 -30.80 -1.35 -45.23
C ASP E 119 -30.97 -2.56 -44.33
N ASN E 120 -30.09 -3.55 -44.51
CA ASN E 120 -30.15 -4.75 -43.70
C ASN E 120 -29.05 -4.87 -42.63
N THR E 121 -28.45 -3.72 -42.30
CA THR E 121 -27.43 -3.68 -41.28
C THR E 121 -27.86 -2.70 -40.18
N PHE E 122 -28.08 -3.24 -38.98
CA PHE E 122 -28.49 -2.43 -37.84
C PHE E 122 -27.23 -1.97 -37.09
N VAL E 123 -27.10 -0.67 -36.89
CA VAL E 123 -25.95 -0.11 -36.19
C VAL E 123 -26.38 0.37 -34.79
N ALA E 124 -25.62 0.00 -33.76
CA ALA E 124 -25.93 0.41 -32.37
C ALA E 124 -24.71 1.10 -31.77
N ARG E 125 -24.80 2.41 -31.57
CA ARG E 125 -23.69 3.17 -31.02
C ARG E 125 -23.73 3.06 -29.48
N ALA E 126 -22.71 2.44 -28.90
CA ALA E 126 -22.64 2.25 -27.45
C ALA E 126 -21.51 3.09 -26.84
N TYR E 127 -21.88 3.95 -25.88
CA TYR E 127 -20.94 4.82 -25.22
C TYR E 127 -20.34 4.26 -23.90
N ASN E 128 -20.88 3.18 -23.37
CA ASN E 128 -20.32 2.58 -22.14
C ASN E 128 -20.62 1.07 -22.14
N SER E 129 -20.04 0.33 -21.19
CA SER E 129 -20.29 -1.12 -21.20
C SER E 129 -21.75 -1.49 -20.99
N ASP E 130 -22.47 -0.69 -20.21
CA ASP E 130 -23.89 -0.97 -19.98
C ASP E 130 -24.65 -0.97 -21.32
N MET E 131 -24.47 0.07 -22.13
CA MET E 131 -25.17 0.13 -23.43
C MET E 131 -24.75 -1.03 -24.32
N GLN E 132 -23.44 -1.24 -24.40
CA GLN E 132 -22.85 -2.32 -25.20
C GLN E 132 -23.48 -3.66 -24.88
N MET E 133 -23.53 -3.99 -23.58
CA MET E 133 -24.10 -5.26 -23.16
C MET E 133 -25.62 -5.34 -23.36
N LEU E 134 -26.30 -4.21 -23.18
CA LEU E 134 -27.75 -4.19 -23.34
C LEU E 134 -28.11 -4.37 -24.83
N PHE E 135 -27.37 -3.70 -25.71
CA PHE E 135 -27.63 -3.84 -27.15
C PHE E 135 -27.48 -5.30 -27.56
N ALA E 136 -26.44 -5.97 -27.05
CA ALA E 136 -26.25 -7.37 -27.39
C ALA E 136 -27.48 -8.19 -26.97
N GLU E 137 -27.95 -7.97 -25.75
CA GLU E 137 -29.12 -8.69 -25.27
C GLU E 137 -30.39 -8.36 -26.08
N LYS E 138 -30.52 -7.09 -26.49
CA LYS E 138 -31.67 -6.66 -27.27
C LYS E 138 -31.68 -7.23 -28.69
N ILE E 139 -30.60 -7.91 -29.08
CA ILE E 139 -30.56 -8.50 -30.40
C ILE E 139 -31.64 -9.57 -30.46
N GLU E 140 -31.90 -10.24 -29.33
CA GLU E 140 -32.95 -11.25 -29.29
C GLU E 140 -34.28 -10.59 -29.67
N ASP E 141 -34.50 -9.36 -29.20
CA ASP E 141 -35.74 -8.63 -29.49
C ASP E 141 -35.87 -8.32 -30.98
N LEU E 142 -34.76 -7.99 -31.63
CA LEU E 142 -34.78 -7.71 -33.06
C LEU E 142 -35.29 -8.95 -33.78
N ILE E 143 -34.78 -10.10 -33.35
CA ILE E 143 -35.15 -11.38 -33.94
C ILE E 143 -36.63 -11.69 -33.76
N GLN E 144 -37.17 -11.51 -32.55
CA GLN E 144 -38.59 -11.77 -32.33
C GLN E 144 -39.42 -10.98 -33.33
N GLU E 145 -39.04 -9.71 -33.54
CA GLU E 145 -39.76 -8.86 -34.49
C GLU E 145 -39.60 -9.31 -35.94
N GLY E 146 -39.05 -10.50 -36.15
CA GLY E 146 -38.90 -11.02 -37.49
C GLY E 146 -37.67 -10.68 -38.34
N ASN E 147 -36.61 -10.16 -37.71
CA ASN E 147 -35.38 -9.83 -38.43
C ASN E 147 -34.43 -11.03 -38.38
N ASN E 148 -34.02 -11.52 -39.54
CA ASN E 148 -33.12 -12.66 -39.58
C ASN E 148 -31.67 -12.27 -39.34
N ILE E 149 -31.37 -11.91 -38.09
CA ILE E 149 -30.02 -11.53 -37.72
C ILE E 149 -29.14 -12.75 -37.94
N LYS E 150 -28.10 -12.61 -38.75
CA LYS E 150 -27.21 -13.75 -39.03
C LYS E 150 -25.76 -13.40 -38.76
N LEU E 151 -25.50 -12.12 -38.51
CA LEU E 151 -24.16 -11.65 -38.24
C LEU E 151 -24.17 -10.58 -37.16
N VAL E 152 -23.35 -10.76 -36.15
CA VAL E 152 -23.25 -9.79 -35.08
C VAL E 152 -21.81 -9.38 -34.93
N VAL E 153 -21.59 -8.07 -34.96
CA VAL E 153 -20.27 -7.48 -34.87
C VAL E 153 -20.15 -6.66 -33.60
N ILE E 154 -19.11 -6.90 -32.83
CA ILE E 154 -18.87 -6.10 -31.63
C ILE E 154 -17.52 -5.46 -31.87
N ASP E 155 -17.55 -4.20 -32.28
CA ASP E 155 -16.35 -3.44 -32.58
C ASP E 155 -16.37 -2.18 -31.70
N SER E 156 -15.62 -2.18 -30.59
CA SER E 156 -14.77 -3.30 -30.17
C SER E 156 -15.30 -3.99 -28.88
N LEU E 157 -14.78 -5.18 -28.61
CA LEU E 157 -15.20 -5.96 -27.46
C LEU E 157 -14.92 -5.36 -26.08
N THR E 158 -13.71 -4.84 -25.92
CA THR E 158 -13.25 -4.37 -24.62
C THR E 158 -13.02 -2.89 -24.37
N SER E 159 -13.11 -2.09 -25.43
CA SER E 159 -12.90 -0.65 -25.31
C SER E 159 -13.60 -0.01 -24.08
N THR E 160 -14.90 -0.20 -23.94
CA THR E 160 -15.65 0.38 -22.84
C THR E 160 -15.24 -0.15 -21.47
N PHE E 161 -15.06 -1.47 -21.34
CA PHE E 161 -14.65 -2.06 -20.07
C PHE E 161 -13.31 -1.49 -19.65
N ARG E 162 -12.39 -1.39 -20.60
CA ARG E 162 -11.07 -0.85 -20.32
C ARG E 162 -11.13 0.63 -19.89
N ASN E 163 -12.06 1.40 -20.45
CA ASN E 163 -12.18 2.83 -20.12
C ASN E 163 -12.84 3.06 -18.78
N GLU E 164 -13.64 2.10 -18.33
CA GLU E 164 -14.38 2.22 -17.09
C GLU E 164 -13.68 1.65 -15.87
N TYR E 165 -13.08 0.47 -16.03
CA TYR E 165 -12.42 -0.19 -14.93
C TYR E 165 -10.93 -0.02 -14.98
N THR E 166 -10.50 1.22 -14.83
CA THR E 166 -9.09 1.55 -14.79
C THR E 166 -8.63 1.07 -13.41
N GLY E 167 -7.34 0.79 -13.26
CA GLY E 167 -6.84 0.34 -11.98
C GLY E 167 -7.19 -1.12 -11.70
N ARG E 168 -6.17 -1.90 -11.36
CA ARG E 168 -6.33 -3.31 -11.06
C ARG E 168 -7.12 -3.53 -9.75
N GLY E 169 -7.77 -2.49 -9.26
CA GLY E 169 -8.53 -2.61 -8.03
C GLY E 169 -9.99 -2.96 -8.24
N LYS E 170 -10.46 -2.76 -9.47
CA LYS E 170 -11.85 -3.06 -9.81
C LYS E 170 -11.83 -4.08 -10.93
N LEU E 171 -10.65 -4.66 -11.14
CA LEU E 171 -10.44 -5.65 -12.19
C LEU E 171 -11.39 -6.84 -12.06
N ALA E 172 -11.63 -7.28 -10.83
CA ALA E 172 -12.52 -8.41 -10.59
C ALA E 172 -13.92 -8.14 -11.13
N GLU E 173 -14.45 -6.97 -10.83
CA GLU E 173 -15.77 -6.61 -11.30
C GLU E 173 -15.74 -6.49 -12.84
N ARG E 174 -14.64 -5.97 -13.36
CA ARG E 174 -14.49 -5.82 -14.79
C ARG E 174 -14.60 -7.18 -15.46
N GLN E 175 -13.81 -8.13 -14.96
CA GLN E 175 -13.79 -9.51 -15.48
C GLN E 175 -15.12 -10.20 -15.44
N GLN E 176 -15.89 -9.95 -14.40
CA GLN E 176 -17.21 -10.57 -14.29
C GLN E 176 -18.20 -9.93 -15.25
N LYS E 177 -18.13 -8.62 -15.44
CA LYS E 177 -19.05 -7.99 -16.37
C LYS E 177 -18.75 -8.57 -17.76
N LEU E 178 -17.47 -8.66 -18.06
CA LEU E 178 -17.00 -9.18 -19.32
C LEU E 178 -17.44 -10.62 -19.52
N GLY E 179 -17.37 -11.43 -18.46
CA GLY E 179 -17.78 -12.81 -18.60
C GLY E 179 -19.24 -12.89 -18.91
N ARG E 180 -20.00 -11.97 -18.33
CA ARG E 180 -21.45 -11.94 -18.58
C ARG E 180 -21.69 -11.61 -20.05
N HIS E 181 -20.95 -10.63 -20.58
CA HIS E 181 -21.10 -10.25 -21.98
C HIS E 181 -20.67 -11.43 -22.89
N MET E 182 -19.55 -12.09 -22.59
CA MET E 182 -19.10 -13.22 -23.41
C MET E 182 -20.18 -14.27 -23.52
N ALA E 183 -20.84 -14.57 -22.40
CA ALA E 183 -21.90 -15.59 -22.37
C ALA E 183 -23.04 -15.17 -23.27
N THR E 184 -23.44 -13.90 -23.20
CA THR E 184 -24.53 -13.43 -24.04
C THR E 184 -24.15 -13.58 -25.53
N LEU E 185 -22.90 -13.27 -25.88
CA LEU E 185 -22.48 -13.35 -27.27
C LEU E 185 -22.52 -14.81 -27.76
N ASN E 186 -22.06 -15.73 -26.92
CA ASN E 186 -22.09 -17.14 -27.30
C ASN E 186 -23.53 -17.63 -27.41
N LYS E 187 -24.43 -17.07 -26.60
CA LYS E 187 -25.83 -17.48 -26.63
C LYS E 187 -26.48 -17.01 -27.94
N LEU E 188 -26.16 -15.82 -28.39
CA LEU E 188 -26.72 -15.31 -29.64
C LEU E 188 -26.28 -16.25 -30.78
N ALA E 189 -24.98 -16.51 -30.85
CA ALA E 189 -24.44 -17.38 -31.90
C ALA E 189 -25.10 -18.76 -31.89
N ASP E 190 -25.15 -19.37 -30.71
CA ASP E 190 -25.73 -20.69 -30.55
C ASP E 190 -27.21 -20.78 -30.90
N LEU E 191 -28.04 -20.06 -30.15
CA LEU E 191 -29.49 -20.08 -30.33
C LEU E 191 -30.00 -19.55 -31.65
N PHE E 192 -29.32 -18.57 -32.22
CA PHE E 192 -29.80 -18.04 -33.48
C PHE E 192 -28.95 -18.40 -34.68
N ASN E 193 -28.09 -19.40 -34.52
CA ASN E 193 -27.24 -19.83 -35.61
C ASN E 193 -26.66 -18.67 -36.43
N CYS E 194 -25.94 -17.74 -35.79
CA CYS E 194 -25.34 -16.67 -36.57
C CYS E 194 -23.86 -16.53 -36.23
N VAL E 195 -23.10 -15.82 -37.07
CA VAL E 195 -21.69 -15.66 -36.78
C VAL E 195 -21.55 -14.41 -35.96
N VAL E 196 -20.69 -14.49 -34.96
CA VAL E 196 -20.42 -13.38 -34.06
C VAL E 196 -18.94 -13.08 -34.16
N LEU E 197 -18.64 -11.85 -34.52
CA LEU E 197 -17.26 -11.37 -34.67
C LEU E 197 -17.02 -10.26 -33.66
N VAL E 198 -15.82 -10.22 -33.10
CA VAL E 198 -15.46 -9.19 -32.15
C VAL E 198 -14.06 -8.72 -32.45
N THR E 199 -13.80 -7.42 -32.29
CA THR E 199 -12.47 -6.87 -32.46
C THR E 199 -11.97 -6.63 -31.05
N ASN E 200 -10.65 -6.62 -30.89
CA ASN E 200 -10.02 -6.43 -29.60
C ASN E 200 -8.61 -5.92 -29.80
N GLN E 201 -7.98 -5.49 -28.71
CA GLN E 201 -6.61 -5.01 -28.71
C GLN E 201 -5.74 -6.05 -28.05
N VAL E 202 -4.43 -5.80 -28.10
CA VAL E 202 -3.46 -6.70 -27.52
C VAL E 202 -2.56 -5.92 -26.58
N SER E 203 -1.84 -6.65 -25.74
CA SER E 203 -0.91 -6.02 -24.80
C SER E 203 0.25 -6.99 -24.56
N ALA E 204 1.36 -6.46 -24.05
CA ALA E 204 2.55 -7.26 -23.76
C ALA E 204 2.44 -7.86 -22.36
N ALA E 213 4.06 -11.99 -23.09
CA ALA E 213 4.38 -10.95 -24.06
C ALA E 213 3.61 -11.12 -25.38
N GLU E 214 2.28 -11.14 -25.27
CA GLU E 214 1.37 -11.28 -26.43
C GLU E 214 0.00 -11.83 -25.98
N GLN E 215 -0.98 -10.93 -25.81
CA GLN E 215 -2.29 -11.37 -25.35
C GLN E 215 -3.41 -10.35 -25.61
N ALA E 216 -4.57 -10.83 -26.05
CA ALA E 216 -5.70 -9.95 -26.31
C ALA E 216 -6.28 -9.49 -24.98
N ILE E 217 -6.67 -8.23 -24.91
CA ILE E 217 -7.23 -7.67 -23.67
C ILE E 217 -8.44 -8.43 -23.17
N GLY E 218 -8.46 -8.73 -21.86
CA GLY E 218 -9.59 -9.44 -21.31
C GLY E 218 -9.16 -10.68 -20.56
N GLY E 219 -7.97 -11.19 -20.89
CA GLY E 219 -7.47 -12.36 -20.19
C GLY E 219 -8.10 -13.66 -20.66
N HIS E 220 -8.26 -14.61 -19.74
CA HIS E 220 -8.83 -15.90 -20.10
C HIS E 220 -10.34 -15.88 -20.10
N ILE E 221 -10.90 -14.89 -19.41
CA ILE E 221 -12.34 -14.76 -19.35
C ILE E 221 -12.84 -14.61 -20.80
N VAL E 222 -12.07 -13.89 -21.61
CA VAL E 222 -12.40 -13.69 -23.02
C VAL E 222 -11.87 -14.85 -23.85
N GLY E 223 -10.62 -15.23 -23.61
CA GLY E 223 -9.99 -16.31 -24.34
C GLY E 223 -10.75 -17.62 -24.37
N HIS E 224 -11.17 -18.07 -23.18
CA HIS E 224 -11.91 -19.33 -23.05
C HIS E 224 -13.27 -19.25 -23.74
N ALA E 225 -13.83 -18.04 -23.84
CA ALA E 225 -15.13 -17.87 -24.47
C ALA E 225 -15.13 -17.59 -25.98
N ALA E 226 -13.97 -17.48 -26.62
CA ALA E 226 -13.94 -17.23 -28.07
C ALA E 226 -13.44 -18.50 -28.77
N THR E 227 -14.25 -19.07 -29.64
CA THR E 227 -13.87 -20.31 -30.33
C THR E 227 -12.76 -20.20 -31.38
N PHE E 228 -12.72 -19.10 -32.11
CA PHE E 228 -11.67 -18.90 -33.10
C PHE E 228 -11.01 -17.60 -32.72
N ARG E 229 -9.68 -17.62 -32.56
CA ARG E 229 -8.98 -16.41 -32.14
C ARG E 229 -7.82 -16.06 -33.04
N PHE E 230 -7.79 -14.81 -33.48
CA PHE E 230 -6.76 -14.30 -34.37
C PHE E 230 -6.00 -13.13 -33.82
N PHE E 231 -4.76 -12.99 -34.27
CA PHE E 231 -3.94 -11.82 -33.96
C PHE E 231 -3.76 -11.29 -35.39
N VAL E 232 -4.12 -10.03 -35.62
CA VAL E 232 -3.96 -9.46 -36.95
C VAL E 232 -2.80 -8.48 -36.89
N ARG E 233 -1.83 -8.63 -37.80
CA ARG E 233 -0.62 -7.81 -37.87
C ARG E 233 -0.56 -7.01 -39.17
N LYS E 234 0.22 -5.95 -39.15
CA LYS E 234 0.39 -5.08 -40.31
C LYS E 234 1.59 -5.58 -41.11
N GLY E 235 1.38 -5.83 -42.39
CA GLY E 235 2.48 -6.28 -43.23
C GLY E 235 3.09 -5.05 -43.85
N LYS E 236 3.59 -5.18 -45.07
CA LYS E 236 4.19 -4.05 -45.78
C LYS E 236 3.07 -3.36 -46.56
N GLY E 237 2.95 -2.04 -46.43
CA GLY E 237 1.91 -1.33 -47.16
C GLY E 237 0.50 -1.73 -46.75
N ASP E 238 -0.37 -2.03 -47.71
CA ASP E 238 -1.72 -2.41 -47.36
C ASP E 238 -1.88 -3.91 -47.12
N LYS E 239 -0.78 -4.61 -46.90
CA LYS E 239 -0.87 -6.03 -46.63
C LYS E 239 -1.09 -6.23 -45.11
N ARG E 240 -1.83 -7.28 -44.77
CA ARG E 240 -2.14 -7.62 -43.38
C ARG E 240 -2.05 -9.14 -43.24
N VAL E 241 -1.65 -9.59 -42.06
CA VAL E 241 -1.54 -11.02 -41.78
C VAL E 241 -2.39 -11.37 -40.56
N ALA E 242 -3.30 -12.32 -40.72
CA ALA E 242 -4.16 -12.75 -39.63
C ALA E 242 -3.62 -14.10 -39.23
N LYS E 243 -3.32 -14.26 -37.94
CA LYS E 243 -2.77 -15.50 -37.44
C LYS E 243 -3.75 -16.19 -36.53
N LEU E 244 -4.26 -17.33 -36.98
CA LEU E 244 -5.19 -18.10 -36.18
C LEU E 244 -4.36 -18.91 -35.23
N TYR E 245 -4.45 -18.60 -33.95
CA TYR E 245 -3.67 -19.31 -32.96
C TYR E 245 -4.53 -20.14 -32.03
N ASP E 246 -5.83 -20.17 -32.26
CA ASP E 246 -6.73 -20.93 -31.41
C ASP E 246 -8.03 -21.21 -32.14
N SER E 247 -8.36 -22.49 -32.24
CA SER E 247 -9.59 -22.96 -32.89
C SER E 247 -9.80 -24.39 -32.42
N PRO E 248 -11.04 -24.87 -32.48
CA PRO E 248 -11.32 -26.24 -32.03
C PRO E 248 -10.55 -27.36 -32.74
N HIS E 249 -10.51 -27.34 -34.07
CA HIS E 249 -9.83 -28.40 -34.80
C HIS E 249 -8.94 -27.96 -35.95
N LEU E 250 -8.91 -26.67 -36.28
CA LEU E 250 -8.08 -26.24 -37.39
C LEU E 250 -6.62 -26.10 -36.99
N PRO E 251 -5.71 -26.10 -37.96
CA PRO E 251 -4.30 -25.95 -37.62
C PRO E 251 -3.96 -24.48 -37.40
N ASP E 252 -2.96 -24.23 -36.57
CA ASP E 252 -2.53 -22.86 -36.36
C ASP E 252 -1.92 -22.45 -37.71
N ALA E 253 -2.36 -21.34 -38.28
CA ALA E 253 -1.82 -20.92 -39.57
C ALA E 253 -2.01 -19.43 -39.76
N GLU E 254 -1.28 -18.84 -40.70
CA GLU E 254 -1.37 -17.40 -40.97
C GLU E 254 -1.89 -17.16 -42.36
N ALA E 255 -2.59 -16.05 -42.56
CA ALA E 255 -3.14 -15.72 -43.86
C ALA E 255 -2.78 -14.28 -44.21
N ILE E 256 -2.31 -14.03 -45.42
CA ILE E 256 -1.97 -12.67 -45.81
C ILE E 256 -2.98 -12.16 -46.81
N PHE E 257 -3.33 -10.88 -46.70
CA PHE E 257 -4.30 -10.29 -47.61
C PHE E 257 -4.08 -8.79 -47.70
N ARG E 258 -4.94 -8.11 -48.44
CA ARG E 258 -4.81 -6.68 -48.61
C ARG E 258 -6.09 -5.97 -48.27
N ILE E 259 -5.93 -4.72 -47.88
CA ILE E 259 -7.05 -3.86 -47.57
C ILE E 259 -6.91 -2.73 -48.57
N THR E 260 -7.77 -2.76 -49.58
CA THR E 260 -7.70 -1.77 -50.63
C THR E 260 -9.00 -1.01 -50.81
N GLU E 261 -9.03 -0.21 -51.87
CA GLU E 261 -10.18 0.61 -52.23
C GLU E 261 -11.41 -0.26 -52.40
N LYS E 262 -11.17 -1.52 -52.77
CA LYS E 262 -12.24 -2.49 -52.97
C LYS E 262 -12.62 -3.17 -51.66
N GLY E 263 -11.75 -3.04 -50.65
CA GLY E 263 -12.01 -3.67 -49.37
C GLY E 263 -11.00 -4.79 -49.15
N ILE E 264 -11.44 -5.92 -48.59
CA ILE E 264 -10.53 -7.03 -48.35
C ILE E 264 -10.33 -7.81 -49.66
N GLN E 265 -9.08 -8.10 -50.03
CA GLN E 265 -8.86 -8.88 -51.24
C GLN E 265 -7.62 -9.76 -51.26
N ASP E 266 -7.46 -10.49 -52.36
CA ASP E 266 -6.36 -11.42 -52.59
C ASP E 266 -6.66 -12.78 -51.95
N SER F 2 -39.80 0.21 -35.19
CA SER F 2 -39.76 -0.95 -34.26
C SER F 2 -38.35 -1.12 -33.69
N HIS F 3 -37.37 -1.21 -34.59
CA HIS F 3 -35.98 -1.37 -34.17
C HIS F 3 -35.50 -0.04 -33.60
N MET F 4 -36.24 1.03 -33.88
CA MET F 4 -35.91 2.36 -33.40
C MET F 4 -36.13 2.40 -31.88
N ASP F 5 -37.20 1.75 -31.42
CA ASP F 5 -37.50 1.70 -30.00
C ASP F 5 -36.33 1.08 -29.23
N LEU F 6 -35.67 0.12 -29.88
CA LEU F 6 -34.54 -0.58 -29.30
C LEU F 6 -33.18 0.11 -29.34
N GLY F 7 -33.11 1.32 -29.92
CA GLY F 7 -31.85 2.03 -29.98
C GLY F 7 -31.02 1.70 -31.22
N PHE F 8 -31.54 0.80 -32.05
CA PHE F 8 -30.87 0.38 -33.28
C PHE F 8 -31.29 1.26 -34.46
N LYS F 9 -30.39 1.41 -35.43
CA LYS F 9 -30.67 2.20 -36.63
C LYS F 9 -30.04 1.56 -37.85
N SER F 10 -30.79 1.45 -38.93
CA SER F 10 -30.23 0.85 -40.13
C SER F 10 -29.18 1.80 -40.72
N GLY F 11 -28.35 1.26 -41.60
CA GLY F 11 -27.36 2.12 -42.23
C GLY F 11 -28.11 3.22 -42.99
N ILE F 12 -29.32 2.92 -43.44
CA ILE F 12 -30.14 3.89 -44.17
C ILE F 12 -30.64 5.01 -43.25
N ASP F 13 -31.10 4.64 -42.05
CA ASP F 13 -31.57 5.63 -41.08
C ASP F 13 -30.40 6.58 -40.77
N LEU F 14 -29.21 6.01 -40.57
CA LEU F 14 -28.04 6.84 -40.27
C LEU F 14 -27.82 7.88 -41.35
N LEU F 15 -27.88 7.47 -42.62
CA LEU F 15 -27.68 8.42 -43.71
C LEU F 15 -28.78 9.47 -43.72
N LYS F 16 -30.02 9.03 -43.54
CA LYS F 16 -31.17 9.91 -43.52
C LYS F 16 -31.04 11.00 -42.47
N GLN F 17 -30.80 10.59 -41.23
CA GLN F 17 -30.66 11.53 -40.13
C GLN F 17 -29.53 12.53 -40.37
N ARG F 18 -28.53 12.12 -41.13
CA ARG F 18 -27.39 12.97 -41.45
C ARG F 18 -27.86 14.20 -42.22
N SER F 19 -28.94 14.05 -42.97
CA SER F 19 -29.49 15.15 -43.75
C SER F 19 -30.19 16.18 -42.89
N THR F 20 -30.60 15.77 -41.68
CA THR F 20 -31.31 16.70 -40.81
C THR F 20 -30.41 17.49 -39.84
N VAL F 21 -29.11 17.39 -40.01
CA VAL F 21 -28.19 18.09 -39.15
C VAL F 21 -28.20 19.57 -39.47
N TRP F 22 -28.33 20.42 -38.45
CA TRP F 22 -28.28 21.87 -38.63
C TRP F 22 -27.06 22.37 -37.85
N LYS F 23 -26.63 23.59 -38.13
CA LYS F 23 -25.44 24.14 -37.47
C LYS F 23 -25.72 25.53 -36.92
N LEU F 24 -25.03 25.87 -35.84
CA LEU F 24 -25.17 27.17 -35.18
C LEU F 24 -23.88 27.95 -35.30
N SER F 25 -23.98 29.17 -35.82
CA SER F 25 -22.81 30.03 -35.95
C SER F 25 -22.26 30.37 -34.57
N THR F 26 -20.96 30.59 -34.52
CA THR F 26 -20.26 30.94 -33.28
C THR F 26 -19.96 32.43 -33.25
N SER F 27 -20.32 33.13 -34.33
CA SER F 27 -20.08 34.57 -34.48
C SER F 27 -18.63 34.81 -34.91
N SER F 28 -17.90 33.73 -35.14
CA SER F 28 -16.52 33.82 -35.58
C SER F 28 -16.39 33.11 -36.91
N SER F 29 -15.90 33.86 -37.91
CA SER F 29 -15.71 33.33 -39.26
C SER F 29 -14.73 32.16 -39.25
N GLU F 30 -13.54 32.38 -38.72
CA GLU F 30 -12.55 31.32 -38.69
C GLU F 30 -13.02 30.09 -37.92
N LEU F 31 -13.69 30.28 -36.80
CA LEU F 31 -14.17 29.16 -36.01
C LEU F 31 -15.31 28.45 -36.75
N ASP F 32 -16.20 29.21 -37.38
CA ASP F 32 -17.29 28.59 -38.13
C ASP F 32 -16.70 27.72 -39.25
N SER F 33 -15.60 28.19 -39.83
CA SER F 33 -14.96 27.45 -40.91
C SER F 33 -14.29 26.18 -40.43
N VAL F 34 -13.61 26.24 -39.28
CA VAL F 34 -12.96 25.06 -38.75
C VAL F 34 -14.01 24.00 -38.43
N LEU F 35 -15.19 24.47 -38.04
CA LEU F 35 -16.32 23.61 -37.69
C LEU F 35 -17.05 23.05 -38.90
N GLY F 36 -16.67 23.51 -40.08
CA GLY F 36 -17.34 23.02 -41.28
C GLY F 36 -18.65 23.74 -41.49
N GLY F 37 -18.77 24.94 -40.94
CA GLY F 37 -19.99 25.71 -41.08
C GLY F 37 -20.53 26.26 -39.78
N GLY F 38 -20.47 25.44 -38.72
CA GLY F 38 -20.97 25.87 -37.42
C GLY F 38 -21.05 24.69 -36.49
N LEU F 39 -21.56 24.91 -35.27
CA LEU F 39 -21.68 23.83 -34.28
C LEU F 39 -22.79 22.90 -34.73
N GLU F 40 -22.47 21.61 -34.87
CA GLU F 40 -23.46 20.63 -35.35
C GLU F 40 -24.44 20.01 -34.37
N SER F 41 -25.69 19.92 -34.79
CA SER F 41 -26.71 19.30 -33.98
C SER F 41 -26.48 17.78 -34.09
N GLN F 42 -27.04 17.03 -33.16
CA GLN F 42 -26.90 15.58 -33.15
C GLN F 42 -25.51 15.14 -32.71
N SER F 43 -24.69 16.07 -32.27
CA SER F 43 -23.35 15.74 -31.80
C SER F 43 -23.01 16.49 -30.52
N VAL F 44 -22.06 15.94 -29.78
CA VAL F 44 -21.56 16.59 -28.57
C VAL F 44 -20.26 17.26 -28.98
N THR F 45 -20.16 18.54 -28.71
CA THR F 45 -18.93 19.27 -29.04
C THR F 45 -18.30 19.77 -27.75
N GLU F 46 -17.03 19.41 -27.56
CA GLU F 46 -16.30 19.78 -26.36
C GLU F 46 -15.24 20.85 -26.54
N PHE F 47 -15.23 21.81 -25.62
CA PHE F 47 -14.20 22.85 -25.61
C PHE F 47 -13.43 22.70 -24.29
N ALA F 48 -12.19 22.25 -24.38
CA ALA F 48 -11.33 22.06 -23.20
C ALA F 48 -10.21 23.10 -23.18
N GLY F 49 -9.96 23.65 -22.00
CA GLY F 49 -8.93 24.64 -21.84
C GLY F 49 -8.86 25.08 -20.40
N VAL F 50 -7.96 26.00 -20.09
CA VAL F 50 -7.80 26.50 -18.74
C VAL F 50 -8.86 27.54 -18.44
N PHE F 51 -8.95 27.94 -17.18
CA PHE F 51 -9.91 28.96 -16.80
C PHE F 51 -9.56 30.29 -17.47
N GLY F 52 -10.55 30.94 -18.07
CA GLY F 52 -10.32 32.21 -18.73
C GLY F 52 -10.01 32.04 -20.22
N SER F 53 -10.02 30.81 -20.71
CA SER F 53 -9.71 30.55 -22.11
C SER F 53 -10.82 30.86 -23.11
N GLY F 54 -12.02 31.17 -22.63
CA GLY F 54 -13.12 31.50 -23.53
C GLY F 54 -14.22 30.46 -23.70
N LYS F 55 -14.10 29.35 -22.99
CA LYS F 55 -15.10 28.28 -23.06
C LYS F 55 -16.49 28.80 -22.68
N THR F 56 -16.58 29.40 -21.50
CA THR F 56 -17.84 29.94 -21.01
C THR F 56 -18.37 31.06 -21.91
N GLN F 57 -17.47 31.80 -22.54
CA GLN F 57 -17.92 32.86 -23.42
C GLN F 57 -18.60 32.26 -24.65
N ILE F 58 -18.07 31.14 -25.14
CA ILE F 58 -18.67 30.50 -26.30
C ILE F 58 -20.04 29.95 -25.95
N MET F 59 -20.20 29.43 -24.72
CA MET F 59 -21.47 28.91 -24.26
C MET F 59 -22.53 30.01 -24.26
N HIS F 60 -22.17 31.17 -23.71
CA HIS F 60 -23.09 32.29 -23.66
C HIS F 60 -23.40 32.79 -25.08
N GLN F 61 -22.38 32.89 -25.93
CA GLN F 61 -22.60 33.35 -27.31
C GLN F 61 -23.52 32.38 -28.05
N SER F 62 -23.44 31.10 -27.71
CA SER F 62 -24.31 30.14 -28.38
C SER F 62 -25.76 30.36 -27.95
N CYS F 63 -25.99 30.69 -26.67
CA CYS F 63 -27.36 30.92 -26.22
C CYS F 63 -27.96 32.15 -26.90
N VAL F 64 -27.13 33.15 -27.15
CA VAL F 64 -27.61 34.36 -27.81
C VAL F 64 -27.90 34.05 -29.28
N ASN F 65 -26.92 33.48 -29.98
CA ASN F 65 -27.09 33.19 -31.40
C ASN F 65 -28.24 32.29 -31.77
N LEU F 66 -28.67 31.43 -30.85
CA LEU F 66 -29.78 30.51 -31.12
C LEU F 66 -31.07 31.30 -31.33
N GLN F 67 -31.11 32.53 -30.81
CA GLN F 67 -32.31 33.34 -30.96
C GLN F 67 -32.34 34.20 -32.23
N ASN F 68 -31.33 34.05 -33.10
CA ASN F 68 -31.31 34.79 -34.38
C ASN F 68 -31.43 33.73 -35.46
N PRO F 69 -32.63 33.59 -36.03
CA PRO F 69 -32.98 32.63 -37.08
C PRO F 69 -31.92 32.45 -38.14
N GLU F 70 -31.18 33.51 -38.44
CA GLU F 70 -30.15 33.43 -39.46
C GLU F 70 -28.83 32.79 -39.03
N PHE F 71 -28.69 32.49 -37.74
CA PHE F 71 -27.47 31.87 -37.27
C PHE F 71 -27.59 30.35 -37.23
N LEU F 72 -28.74 29.86 -37.69
CA LEU F 72 -29.01 28.42 -37.77
C LEU F 72 -28.97 28.03 -39.24
N PHE F 73 -28.04 27.15 -39.61
CA PHE F 73 -27.90 26.73 -40.99
C PHE F 73 -28.37 25.30 -41.20
N TYR F 74 -29.32 25.11 -42.11
CA TYR F 74 -29.85 23.79 -42.39
C TYR F 74 -30.39 23.63 -43.82
N ASP F 75 -30.61 22.37 -44.20
CA ASP F 75 -31.14 22.02 -45.51
C ASP F 75 -32.65 22.16 -45.47
N GLU F 76 -33.14 23.24 -46.05
CA GLU F 76 -34.57 23.51 -46.06
C GLU F 76 -35.43 22.42 -46.68
N GLU F 77 -34.81 21.48 -47.38
CA GLU F 77 -35.54 20.38 -48.00
C GLU F 77 -35.62 19.21 -47.04
N ALA F 78 -34.79 19.22 -45.99
CA ALA F 78 -34.77 18.12 -45.02
C ALA F 78 -35.23 18.54 -43.63
N VAL F 79 -35.06 19.81 -43.29
CA VAL F 79 -35.46 20.32 -41.98
C VAL F 79 -36.55 21.37 -42.12
N SER F 80 -37.69 21.14 -41.48
CA SER F 80 -38.82 22.07 -41.54
C SER F 80 -38.59 23.28 -40.64
N LYS F 81 -39.31 24.36 -40.90
CA LYS F 81 -39.15 25.56 -40.10
C LYS F 81 -39.72 25.40 -38.71
N GLY F 82 -40.63 24.43 -38.55
CA GLY F 82 -41.23 24.18 -37.26
C GLY F 82 -40.21 23.55 -36.32
N GLU F 83 -39.33 22.71 -36.86
CA GLU F 83 -38.30 22.05 -36.07
C GLU F 83 -37.36 23.05 -35.36
N VAL F 84 -37.09 24.19 -35.98
CA VAL F 84 -36.21 25.20 -35.42
C VAL F 84 -36.95 26.44 -34.94
N ALA F 85 -38.28 26.33 -34.83
CA ALA F 85 -39.11 27.44 -34.39
C ALA F 85 -39.09 27.54 -32.87
N GLN F 86 -39.15 28.77 -32.37
CA GLN F 86 -39.11 29.07 -30.94
C GLN F 86 -38.11 28.13 -30.24
N PRO F 87 -36.85 28.16 -30.69
CA PRO F 87 -35.81 27.30 -30.11
C PRO F 87 -35.44 27.79 -28.71
N LYS F 88 -35.11 26.86 -27.83
CA LYS F 88 -34.73 27.24 -26.48
C LYS F 88 -33.44 26.52 -26.10
N ALA F 89 -32.70 27.09 -25.15
CA ALA F 89 -31.46 26.49 -24.70
C ALA F 89 -31.54 26.13 -23.21
N VAL F 90 -30.74 25.15 -22.81
CA VAL F 90 -30.64 24.74 -21.41
C VAL F 90 -29.17 24.90 -21.02
N TYR F 91 -28.92 25.69 -19.99
CA TYR F 91 -27.55 25.91 -19.54
C TYR F 91 -27.40 25.26 -18.16
N ILE F 92 -26.72 24.12 -18.09
CA ILE F 92 -26.52 23.45 -16.81
C ILE F 92 -25.23 24.08 -16.28
N ASP F 93 -25.37 24.83 -15.20
CA ASP F 93 -24.32 25.61 -14.55
C ASP F 93 -23.75 24.89 -13.35
N THR F 94 -22.48 24.53 -13.46
CA THR F 94 -21.85 23.76 -12.43
C THR F 94 -21.02 24.54 -11.39
N GLU F 95 -20.70 25.79 -11.69
CA GLU F 95 -19.94 26.63 -10.78
C GLU F 95 -20.48 28.06 -10.69
N GLY F 96 -21.74 28.26 -11.07
CA GLY F 96 -22.31 29.59 -11.03
C GLY F 96 -21.66 30.55 -12.02
N THR F 97 -21.58 30.12 -13.27
CA THR F 97 -20.96 30.93 -14.33
C THR F 97 -21.94 31.59 -15.30
N PHE F 98 -23.23 31.31 -15.17
CA PHE F 98 -24.17 31.95 -16.08
C PHE F 98 -24.27 33.42 -15.68
N ARG F 99 -24.20 34.32 -16.65
CA ARG F 99 -24.24 35.76 -16.38
C ARG F 99 -25.29 36.42 -17.27
N PRO F 100 -26.50 36.64 -16.73
CA PRO F 100 -27.54 37.28 -17.55
C PRO F 100 -27.13 38.61 -18.19
N GLU F 101 -26.31 39.38 -17.49
CA GLU F 101 -25.86 40.66 -18.01
C GLU F 101 -24.99 40.46 -19.23
N ARG F 102 -24.23 39.36 -19.24
CA ARG F 102 -23.39 39.07 -20.39
C ARG F 102 -24.29 38.68 -21.56
N ILE F 103 -25.40 38.02 -21.25
CA ILE F 103 -26.32 37.63 -22.31
C ILE F 103 -26.86 38.93 -22.93
N MET F 104 -27.26 39.84 -22.05
CA MET F 104 -27.80 41.14 -22.45
C MET F 104 -26.83 41.92 -23.32
N GLN F 105 -25.57 41.94 -22.90
CA GLN F 105 -24.54 42.68 -23.63
C GLN F 105 -24.32 42.08 -25.03
N MET F 106 -24.08 40.78 -25.10
CA MET F 106 -23.86 40.12 -26.38
C MET F 106 -25.07 40.28 -27.28
N ALA F 107 -26.26 40.16 -26.72
CA ALA F 107 -27.49 40.29 -27.50
C ALA F 107 -27.60 41.67 -28.15
N GLU F 108 -27.57 42.72 -27.34
CA GLU F 108 -27.71 44.05 -27.91
C GLU F 108 -26.64 44.31 -28.97
N HIS F 109 -25.39 43.97 -28.70
CA HIS F 109 -24.34 44.18 -29.68
C HIS F 109 -24.55 43.35 -30.95
N ALA F 110 -25.41 42.35 -30.87
CA ALA F 110 -25.68 41.53 -32.04
C ALA F 110 -27.04 41.87 -32.67
N GLY F 111 -27.73 42.85 -32.07
CA GLY F 111 -29.03 43.24 -32.58
C GLY F 111 -30.12 42.22 -32.28
N ILE F 112 -29.97 41.53 -31.16
CA ILE F 112 -30.94 40.53 -30.74
C ILE F 112 -31.57 41.07 -29.46
N ASP F 113 -32.85 40.82 -29.22
CA ASP F 113 -33.46 41.29 -27.97
C ASP F 113 -32.97 40.37 -26.83
N GLY F 114 -32.20 40.93 -25.91
CA GLY F 114 -31.66 40.14 -24.80
C GLY F 114 -32.71 39.45 -23.95
N GLN F 115 -33.83 40.15 -23.78
CA GLN F 115 -34.96 39.66 -22.99
C GLN F 115 -35.49 38.39 -23.61
N THR F 116 -35.44 38.32 -24.94
CA THR F 116 -35.91 37.15 -25.65
C THR F 116 -34.96 35.99 -25.35
N VAL F 117 -33.66 36.28 -25.30
CA VAL F 117 -32.66 35.24 -25.04
C VAL F 117 -32.82 34.71 -23.61
N LEU F 118 -32.88 35.60 -22.64
CA LEU F 118 -33.04 35.19 -21.25
C LEU F 118 -34.35 34.44 -21.05
N ASP F 119 -35.37 34.89 -21.77
CA ASP F 119 -36.70 34.30 -21.69
C ASP F 119 -36.76 32.88 -22.25
N ASN F 120 -35.89 32.60 -23.21
CA ASN F 120 -35.87 31.27 -23.82
C ASN F 120 -34.63 30.44 -23.48
N THR F 121 -34.03 30.75 -22.33
CA THR F 121 -32.87 30.01 -21.88
C THR F 121 -33.13 29.55 -20.45
N PHE F 122 -33.18 28.23 -20.27
CA PHE F 122 -33.41 27.65 -18.96
C PHE F 122 -32.05 27.45 -18.32
N VAL F 123 -31.91 27.86 -17.07
CA VAL F 123 -30.65 27.71 -16.37
C VAL F 123 -30.86 26.74 -15.25
N ALA F 124 -29.95 25.77 -15.13
CA ALA F 124 -30.02 24.75 -14.09
C ALA F 124 -28.72 24.78 -13.29
N ARG F 125 -28.77 25.27 -12.05
CA ARG F 125 -27.60 25.32 -11.19
C ARG F 125 -27.47 23.95 -10.52
N ALA F 126 -26.39 23.24 -10.84
CA ALA F 126 -26.13 21.91 -10.28
C ALA F 126 -24.96 21.98 -9.32
N TYR F 127 -25.19 21.58 -8.07
CA TYR F 127 -24.15 21.59 -7.05
C TYR F 127 -23.34 20.30 -6.91
N ASN F 128 -23.84 19.19 -7.46
CA ASN F 128 -23.11 17.92 -7.43
C ASN F 128 -23.38 17.11 -8.71
N SER F 129 -22.63 16.03 -8.91
CA SER F 129 -22.81 15.21 -10.11
C SER F 129 -24.19 14.58 -10.23
N ASP F 130 -24.79 14.19 -9.10
CA ASP F 130 -26.13 13.64 -9.16
C ASP F 130 -27.07 14.67 -9.79
N MET F 131 -27.02 15.91 -9.31
CA MET F 131 -27.89 16.97 -9.85
C MET F 131 -27.62 17.25 -11.32
N GLN F 132 -26.34 17.29 -11.67
CA GLN F 132 -25.91 17.54 -13.04
C GLN F 132 -26.53 16.50 -13.96
N MET F 133 -26.35 15.23 -13.62
CA MET F 133 -26.86 14.14 -14.42
C MET F 133 -28.38 14.12 -14.45
N LEU F 134 -29.01 14.34 -13.30
CA LEU F 134 -30.46 14.32 -13.26
C LEU F 134 -31.03 15.48 -14.08
N PHE F 135 -30.36 16.61 -14.07
CA PHE F 135 -30.81 17.76 -14.86
C PHE F 135 -30.76 17.40 -16.35
N ALA F 136 -29.67 16.76 -16.78
CA ALA F 136 -29.54 16.40 -18.18
C ALA F 136 -30.64 15.45 -18.61
N GLU F 137 -30.97 14.47 -17.75
CA GLU F 137 -32.03 13.54 -18.09
C GLU F 137 -33.38 14.24 -18.10
N LYS F 138 -33.57 15.24 -17.24
CA LYS F 138 -34.84 15.96 -17.18
C LYS F 138 -35.04 16.90 -18.37
N ILE F 139 -34.04 17.04 -19.21
CA ILE F 139 -34.21 17.89 -20.37
C ILE F 139 -35.25 17.20 -21.24
N GLU F 140 -35.31 15.87 -21.17
CA GLU F 140 -36.30 15.14 -21.94
C GLU F 140 -37.69 15.55 -21.48
N ASP F 141 -37.88 15.67 -20.17
CA ASP F 141 -39.17 16.07 -19.62
C ASP F 141 -39.52 17.52 -20.01
N LEU F 142 -38.52 18.37 -20.15
CA LEU F 142 -38.78 19.76 -20.54
C LEU F 142 -39.30 19.76 -21.97
N ILE F 143 -38.75 18.88 -22.80
CA ILE F 143 -39.17 18.79 -24.19
C ILE F 143 -40.58 18.22 -24.24
N GLN F 144 -40.83 17.21 -23.41
CA GLN F 144 -42.12 16.54 -23.29
C GLN F 144 -43.22 17.51 -22.84
N GLU F 145 -42.84 18.64 -22.26
CA GLU F 145 -43.81 19.63 -21.80
C GLU F 145 -44.08 20.69 -22.87
N GLY F 146 -43.45 20.55 -24.02
CA GLY F 146 -43.66 21.49 -25.09
C GLY F 146 -42.57 22.52 -25.35
N ASN F 147 -41.36 22.30 -24.81
CA ASN F 147 -40.28 23.25 -25.02
C ASN F 147 -39.35 22.73 -26.11
N ASN F 148 -39.18 23.51 -27.16
CA ASN F 148 -38.31 23.11 -28.27
C ASN F 148 -36.84 23.32 -27.91
N ILE F 149 -36.32 22.44 -27.05
CA ILE F 149 -34.93 22.51 -26.65
C ILE F 149 -34.06 22.16 -27.84
N LYS F 150 -33.19 23.08 -28.24
CA LYS F 150 -32.31 22.87 -29.39
C LYS F 150 -30.82 23.04 -29.09
N LEU F 151 -30.51 23.56 -27.90
CA LEU F 151 -29.13 23.76 -27.48
C LEU F 151 -28.97 23.34 -26.02
N VAL F 152 -27.99 22.51 -25.77
CA VAL F 152 -27.72 22.10 -24.42
C VAL F 152 -26.26 22.40 -24.12
N VAL F 153 -26.06 23.15 -23.05
CA VAL F 153 -24.74 23.53 -22.60
C VAL F 153 -24.49 22.89 -21.23
N ILE F 154 -23.35 22.20 -21.08
CA ILE F 154 -23.00 21.64 -19.79
C ILE F 154 -21.70 22.36 -19.42
N ASP F 155 -21.79 23.37 -18.57
CA ASP F 155 -20.64 24.16 -18.13
C ASP F 155 -20.46 24.04 -16.60
N SER F 156 -19.57 23.18 -16.12
CA SER F 156 -18.70 22.33 -16.93
C SER F 156 -19.06 20.83 -16.82
N LEU F 157 -18.48 20.03 -17.70
CA LEU F 157 -18.75 18.60 -17.73
C LEU F 157 -18.20 17.75 -16.57
N THR F 158 -17.00 18.08 -16.12
CA THR F 158 -16.30 17.27 -15.13
C THR F 158 -16.08 17.82 -13.74
N SER F 159 -16.29 19.12 -13.59
CA SER F 159 -16.14 19.88 -12.35
C SER F 159 -16.64 19.14 -11.09
N THR F 160 -17.90 18.72 -11.13
CA THR F 160 -18.51 18.03 -10.01
C THR F 160 -17.91 16.64 -9.82
N PHE F 161 -17.62 15.95 -10.92
CA PHE F 161 -17.04 14.61 -10.83
C PHE F 161 -15.68 14.64 -10.16
N ARG F 162 -14.89 15.66 -10.52
CA ARG F 162 -13.56 15.84 -9.96
C ARG F 162 -13.65 16.18 -8.48
N ASN F 163 -14.60 17.03 -8.11
CA ASN F 163 -14.77 17.41 -6.72
C ASN F 163 -15.22 16.26 -5.83
N GLU F 164 -15.95 15.32 -6.40
CA GLU F 164 -16.48 14.20 -5.63
C GLU F 164 -15.58 12.99 -5.54
N TYR F 165 -14.98 12.63 -6.66
CA TYR F 165 -14.11 11.48 -6.72
C TYR F 165 -12.64 11.83 -6.67
N THR F 166 -12.18 12.13 -5.46
CA THR F 166 -10.78 12.43 -5.20
C THR F 166 -10.21 11.02 -4.94
N GLY F 167 -8.91 10.85 -5.09
CA GLY F 167 -8.34 9.53 -4.88
C GLY F 167 -8.67 8.60 -6.03
N ARG F 168 -7.69 7.81 -6.46
CA ARG F 168 -7.90 6.89 -7.58
C ARG F 168 -8.43 5.51 -7.19
N GLY F 169 -8.99 5.40 -5.99
CA GLY F 169 -9.54 4.14 -5.55
C GLY F 169 -11.02 4.08 -5.90
N LYS F 170 -11.54 5.19 -6.41
CA LYS F 170 -12.96 5.26 -6.77
C LYS F 170 -13.06 5.80 -8.20
N LEU F 171 -11.92 5.83 -8.89
CA LEU F 171 -11.85 6.31 -10.26
C LEU F 171 -12.75 5.54 -11.21
N ALA F 172 -12.85 4.22 -11.01
CA ALA F 172 -13.70 3.40 -11.86
C ALA F 172 -15.16 3.83 -11.73
N GLU F 173 -15.60 4.10 -10.51
CA GLU F 173 -16.98 4.51 -10.30
C GLU F 173 -17.24 5.88 -10.93
N ARG F 174 -16.24 6.75 -10.89
CA ARG F 174 -16.35 8.08 -11.48
C ARG F 174 -16.42 7.92 -13.00
N GLN F 175 -15.58 7.04 -13.56
CA GLN F 175 -15.57 6.84 -15.01
C GLN F 175 -16.87 6.24 -15.53
N GLN F 176 -17.50 5.40 -14.74
CA GLN F 176 -18.77 4.82 -15.16
C GLN F 176 -19.91 5.82 -15.07
N LYS F 177 -19.89 6.65 -14.02
CA LYS F 177 -20.96 7.63 -13.86
C LYS F 177 -20.84 8.60 -15.05
N LEU F 178 -19.61 8.93 -15.38
CA LEU F 178 -19.30 9.85 -16.46
C LEU F 178 -19.77 9.25 -17.80
N GLY F 179 -19.53 7.95 -17.97
CA GLY F 179 -19.94 7.26 -19.19
C GLY F 179 -21.46 7.25 -19.30
N ARG F 180 -22.13 7.13 -18.17
CA ARG F 180 -23.59 7.15 -18.18
C ARG F 180 -24.06 8.57 -18.58
N HIS F 181 -23.40 9.59 -18.04
CA HIS F 181 -23.73 10.97 -18.36
C HIS F 181 -23.49 11.25 -19.87
N MET F 182 -22.35 10.82 -20.40
CA MET F 182 -22.04 11.02 -21.83
C MET F 182 -23.11 10.38 -22.70
N ALA F 183 -23.56 9.18 -22.33
CA ALA F 183 -24.62 8.48 -23.08
C ALA F 183 -25.87 9.35 -23.17
N THR F 184 -26.25 9.95 -22.04
CA THR F 184 -27.43 10.80 -21.98
C THR F 184 -27.31 12.05 -22.87
N LEU F 185 -26.13 12.65 -22.85
CA LEU F 185 -25.86 13.85 -23.63
C LEU F 185 -25.96 13.57 -25.13
N ASN F 186 -25.43 12.42 -25.55
CA ASN F 186 -25.46 11.99 -26.95
C ASN F 186 -26.88 11.61 -27.32
N LYS F 187 -27.61 11.05 -26.36
CA LYS F 187 -29.00 10.66 -26.60
C LYS F 187 -29.87 11.89 -26.85
N LEU F 188 -29.67 12.95 -26.09
CA LEU F 188 -30.53 14.08 -26.34
C LEU F 188 -30.16 14.79 -27.65
N ALA F 189 -28.88 14.82 -27.99
CA ALA F 189 -28.42 15.45 -29.22
C ALA F 189 -29.04 14.72 -30.40
N ASP F 190 -28.99 13.40 -30.33
CA ASP F 190 -29.51 12.56 -31.39
C ASP F 190 -31.04 12.50 -31.50
N LEU F 191 -31.72 12.15 -30.41
CA LEU F 191 -33.17 12.04 -30.44
C LEU F 191 -33.93 13.34 -30.66
N PHE F 192 -33.40 14.45 -30.16
CA PHE F 192 -34.13 15.70 -30.30
C PHE F 192 -33.42 16.67 -31.21
N ASN F 193 -32.52 16.12 -32.03
CA ASN F 193 -31.78 16.89 -33.01
C ASN F 193 -31.30 18.23 -32.48
N CYS F 194 -30.44 18.21 -31.44
CA CYS F 194 -29.93 19.47 -30.97
C CYS F 194 -28.44 19.50 -30.78
N VAL F 195 -27.90 20.69 -30.56
CA VAL F 195 -26.47 20.74 -30.35
C VAL F 195 -26.21 20.74 -28.84
N VAL F 196 -25.25 19.91 -28.46
CA VAL F 196 -24.83 19.78 -27.08
C VAL F 196 -23.37 20.21 -27.01
N LEU F 197 -23.12 21.23 -26.18
CA LEU F 197 -21.78 21.77 -25.99
C LEU F 197 -21.37 21.52 -24.54
N VAL F 198 -20.12 21.18 -24.31
CA VAL F 198 -19.64 20.99 -22.95
C VAL F 198 -18.28 21.65 -22.84
N THR F 199 -17.98 22.18 -21.66
CA THR F 199 -16.70 22.78 -21.42
C THR F 199 -15.97 21.76 -20.54
N ASN F 200 -14.65 21.80 -20.55
CA ASN F 200 -13.86 20.87 -19.75
C ASN F 200 -12.49 21.47 -19.47
N GLN F 201 -11.77 20.85 -18.54
CA GLN F 201 -10.43 21.28 -18.18
C GLN F 201 -9.45 20.31 -18.80
N VAL F 202 -8.17 20.63 -18.72
CA VAL F 202 -7.15 19.79 -19.31
C VAL F 202 -6.11 19.46 -18.26
N SER F 203 -5.27 18.47 -18.52
CA SER F 203 -4.22 18.12 -17.58
C SER F 203 -2.94 17.67 -18.30
N ALA F 204 -1.83 17.73 -17.57
CA ALA F 204 -0.50 17.35 -18.05
C ALA F 204 -0.51 16.64 -19.40
N ALA F 213 1.20 14.26 -22.64
CA ALA F 213 0.87 15.60 -22.16
C ALA F 213 -0.22 16.27 -23.03
N GLU F 214 -1.17 16.92 -22.36
CA GLU F 214 -2.29 17.62 -23.00
C GLU F 214 -3.48 16.69 -23.28
N GLN F 215 -4.42 16.63 -22.33
CA GLN F 215 -5.59 15.77 -22.47
C GLN F 215 -6.78 16.32 -21.66
N ALA F 216 -7.97 16.28 -22.24
CA ALA F 216 -9.18 16.77 -21.57
C ALA F 216 -9.49 15.83 -20.42
N ILE F 217 -9.97 16.38 -19.32
CA ILE F 217 -10.27 15.56 -18.15
C ILE F 217 -11.41 14.58 -18.40
N GLY F 218 -11.23 13.35 -17.95
CA GLY F 218 -12.27 12.35 -18.15
C GLY F 218 -11.80 11.19 -19.01
N GLY F 219 -10.59 11.31 -19.54
CA GLY F 219 -10.04 10.23 -20.35
C GLY F 219 -10.83 9.86 -21.59
N HIS F 220 -10.68 8.61 -22.00
CA HIS F 220 -11.35 8.09 -23.18
C HIS F 220 -12.84 7.92 -23.02
N ILE F 221 -13.29 7.78 -21.79
CA ILE F 221 -14.72 7.63 -21.55
C ILE F 221 -15.42 8.84 -22.16
N VAL F 222 -14.85 10.02 -21.92
CA VAL F 222 -15.39 11.26 -22.45
C VAL F 222 -15.00 11.40 -23.94
N GLY F 223 -13.72 11.23 -24.21
CA GLY F 223 -13.20 11.37 -25.56
C GLY F 223 -13.86 10.59 -26.69
N HIS F 224 -14.10 9.29 -26.48
CA HIS F 224 -14.73 8.46 -27.50
C HIS F 224 -16.17 8.90 -27.68
N ALA F 225 -16.70 9.58 -26.67
CA ALA F 225 -18.10 10.00 -26.70
C ALA F 225 -18.33 11.45 -27.15
N ALA F 226 -17.26 12.17 -27.45
CA ALA F 226 -17.42 13.54 -27.91
C ALA F 226 -17.06 13.58 -29.41
N THR F 227 -18.03 13.86 -30.28
CA THR F 227 -17.80 13.91 -31.71
C THR F 227 -16.82 14.99 -32.19
N PHE F 228 -16.91 16.19 -31.63
CA PHE F 228 -15.96 17.23 -32.01
C PHE F 228 -15.23 17.67 -30.75
N ARG F 229 -13.92 17.76 -30.83
CA ARG F 229 -13.15 18.16 -29.65
C ARG F 229 -12.15 19.26 -29.95
N PHE F 230 -12.14 20.25 -29.07
CA PHE F 230 -11.28 21.42 -29.16
C PHE F 230 -10.47 21.65 -27.89
N PHE F 231 -9.32 22.28 -28.08
CA PHE F 231 -8.46 22.72 -27.00
C PHE F 231 -8.45 24.21 -27.26
N VAL F 232 -8.88 25.01 -26.30
CA VAL F 232 -8.89 26.45 -26.46
C VAL F 232 -7.74 27.03 -25.65
N ARG F 233 -6.95 27.91 -26.27
CA ARG F 233 -5.79 28.54 -25.64
C ARG F 233 -5.90 30.08 -25.66
N LYS F 234 -5.20 30.74 -24.75
CA LYS F 234 -5.19 32.21 -24.70
C LYS F 234 -4.09 32.74 -25.61
N GLY F 235 -4.44 33.69 -26.48
CA GLY F 235 -3.43 34.27 -27.34
C GLY F 235 -2.98 35.54 -26.66
N LYS F 236 -2.60 36.55 -27.44
CA LYS F 236 -2.17 37.81 -26.86
C LYS F 236 -3.40 38.65 -26.52
N GLY F 237 -3.41 39.22 -25.32
CA GLY F 237 -4.55 40.03 -24.92
C GLY F 237 -5.84 39.24 -25.00
N ASP F 238 -6.84 39.81 -25.67
CA ASP F 238 -8.14 39.15 -25.80
C ASP F 238 -8.25 38.13 -26.92
N LYS F 239 -7.13 37.79 -27.56
CA LYS F 239 -7.17 36.80 -28.62
C LYS F 239 -7.17 35.39 -28.03
N ARG F 240 -7.82 34.46 -28.74
CA ARG F 240 -7.93 33.07 -28.31
C ARG F 240 -7.80 32.19 -29.53
N VAL F 241 -7.31 30.96 -29.33
CA VAL F 241 -7.14 30.03 -30.43
C VAL F 241 -7.83 28.71 -30.11
N ALA F 242 -8.77 28.31 -30.95
CA ALA F 242 -9.47 27.06 -30.75
C ALA F 242 -8.86 26.08 -31.73
N LYS F 243 -8.37 24.97 -31.21
CA LYS F 243 -7.77 23.95 -32.06
C LYS F 243 -8.65 22.71 -32.12
N LEU F 244 -9.12 22.38 -33.32
CA LEU F 244 -9.95 21.19 -33.50
C LEU F 244 -8.99 20.02 -33.69
N TYR F 245 -8.99 19.08 -32.74
CA TYR F 245 -8.07 17.95 -32.86
C TYR F 245 -8.79 16.63 -33.10
N ASP F 246 -10.11 16.67 -33.12
CA ASP F 246 -10.87 15.45 -33.35
C ASP F 246 -12.22 15.79 -33.97
N SER F 247 -12.51 15.16 -35.09
CA SER F 247 -13.78 15.34 -35.80
C SER F 247 -13.94 14.12 -36.68
N PRO F 248 -15.17 13.81 -37.10
CA PRO F 248 -15.40 12.65 -37.95
C PRO F 248 -14.78 12.75 -39.35
N HIS F 249 -14.91 13.91 -39.98
CA HIS F 249 -14.37 14.07 -41.32
C HIS F 249 -13.78 15.44 -41.64
N LEU F 250 -13.54 16.25 -40.62
CA LEU F 250 -12.95 17.56 -40.84
C LEU F 250 -11.46 17.52 -40.60
N PRO F 251 -10.72 18.45 -41.22
CA PRO F 251 -9.27 18.43 -41.00
C PRO F 251 -9.01 19.01 -39.61
N ASP F 252 -7.88 18.64 -39.01
CA ASP F 252 -7.54 19.20 -37.72
C ASP F 252 -7.01 20.58 -38.05
N ALA F 253 -7.59 21.63 -37.47
CA ALA F 253 -7.16 22.98 -37.75
C ALA F 253 -7.34 23.88 -36.56
N GLU F 254 -6.84 25.11 -36.68
CA GLU F 254 -6.91 26.12 -35.62
C GLU F 254 -7.61 27.38 -36.09
N ALA F 255 -8.37 27.99 -35.19
CA ALA F 255 -9.08 29.22 -35.51
C ALA F 255 -8.80 30.22 -34.41
N ILE F 256 -8.44 31.44 -34.79
CA ILE F 256 -8.17 32.48 -33.81
C ILE F 256 -9.36 33.42 -33.83
N PHE F 257 -9.73 33.92 -32.65
CA PHE F 257 -10.87 34.82 -32.53
C PHE F 257 -10.69 35.68 -31.30
N ARG F 258 -11.63 36.59 -31.06
CA ARG F 258 -11.54 37.47 -29.91
C ARG F 258 -12.77 37.49 -29.04
N ILE F 259 -12.57 37.86 -27.78
CA ILE F 259 -13.64 37.97 -26.84
C ILE F 259 -13.63 39.43 -26.43
N THR F 260 -14.65 40.17 -26.86
CA THR F 260 -14.75 41.60 -26.58
C THR F 260 -16.12 41.91 -26.01
N GLU F 261 -16.46 43.19 -25.88
CA GLU F 261 -17.78 43.55 -25.33
C GLU F 261 -18.90 42.97 -26.15
N LYS F 262 -18.64 42.77 -27.44
CA LYS F 262 -19.63 42.22 -28.33
C LYS F 262 -19.73 40.71 -28.20
N GLY F 263 -18.76 40.11 -27.52
CA GLY F 263 -18.76 38.67 -27.34
C GLY F 263 -17.66 38.04 -28.17
N ILE F 264 -17.97 36.95 -28.87
CA ILE F 264 -17.00 36.28 -29.72
C ILE F 264 -17.03 37.04 -31.04
N GLN F 265 -15.86 37.27 -31.65
CA GLN F 265 -15.86 37.99 -32.92
C GLN F 265 -14.67 37.75 -33.86
N ASP F 266 -14.87 38.11 -35.12
CA ASP F 266 -13.90 37.97 -36.21
C ASP F 266 -13.98 36.61 -36.92
N SER G 2 45.44 -11.51 -25.82
CA SER G 2 45.32 -10.35 -24.87
C SER G 2 43.85 -10.10 -24.54
N HIS G 3 42.99 -10.42 -25.49
CA HIS G 3 41.55 -10.24 -25.31
C HIS G 3 40.97 -11.27 -24.35
N MET G 4 41.63 -12.42 -24.24
CA MET G 4 41.18 -13.48 -23.35
C MET G 4 41.14 -12.98 -21.91
N ASP G 5 42.09 -12.13 -21.55
CA ASP G 5 42.15 -11.59 -20.20
C ASP G 5 40.96 -10.68 -19.93
N LEU G 6 40.50 -9.99 -20.98
CA LEU G 6 39.37 -9.09 -20.86
C LEU G 6 38.03 -9.81 -20.90
N GLY G 7 38.07 -11.14 -20.96
CA GLY G 7 36.83 -11.92 -20.97
C GLY G 7 36.21 -12.16 -22.33
N PHE G 8 36.87 -11.67 -23.37
CA PHE G 8 36.40 -11.84 -24.76
C PHE G 8 37.03 -13.07 -25.37
N LYS G 9 36.31 -13.74 -26.27
CA LYS G 9 36.83 -14.91 -26.95
C LYS G 9 36.45 -14.75 -28.42
N SER G 10 37.41 -14.91 -29.34
CA SER G 10 37.08 -14.79 -30.75
C SER G 10 36.13 -15.92 -31.13
N GLY G 11 35.56 -15.82 -32.32
CA GLY G 11 34.66 -16.86 -32.77
C GLY G 11 35.46 -18.14 -32.91
N ILE G 12 36.75 -18.00 -33.21
CA ILE G 12 37.63 -19.15 -33.38
C ILE G 12 37.93 -19.77 -32.01
N ASP G 13 38.14 -18.94 -31.00
CA ASP G 13 38.36 -19.44 -29.64
C ASP G 13 37.14 -20.28 -29.29
N LEU G 14 35.96 -19.77 -29.64
CA LEU G 14 34.71 -20.48 -29.33
C LEU G 14 34.68 -21.87 -29.97
N LEU G 15 34.99 -21.96 -31.26
CA LEU G 15 34.99 -23.25 -31.93
C LEU G 15 36.02 -24.19 -31.29
N LYS G 16 37.23 -23.70 -31.06
CA LYS G 16 38.26 -24.52 -30.45
C LYS G 16 37.79 -25.04 -29.10
N GLN G 17 37.31 -24.14 -28.27
CA GLN G 17 36.78 -24.46 -26.94
C GLN G 17 35.83 -25.67 -27.01
N ARG G 18 34.91 -25.63 -27.96
CA ARG G 18 33.96 -26.70 -28.15
C ARG G 18 34.62 -28.07 -28.32
N SER G 19 35.82 -28.09 -28.89
CA SER G 19 36.50 -29.37 -29.11
C SER G 19 36.99 -30.07 -27.84
N THR G 20 37.17 -29.33 -26.74
CA THR G 20 37.66 -29.90 -25.49
C THR G 20 36.58 -30.26 -24.47
N VAL G 21 35.33 -30.23 -24.90
CA VAL G 21 34.24 -30.55 -24.02
C VAL G 21 34.20 -32.05 -23.80
N TRP G 22 34.13 -32.46 -22.55
CA TRP G 22 34.02 -33.87 -22.21
C TRP G 22 32.65 -34.06 -21.55
N LYS G 23 32.14 -35.29 -21.56
CA LYS G 23 30.83 -35.58 -20.96
C LYS G 23 30.92 -36.68 -19.87
N LEU G 24 30.06 -36.59 -18.86
CA LEU G 24 30.05 -37.54 -17.74
C LEU G 24 28.75 -38.35 -17.72
N SER G 25 28.87 -39.67 -17.71
CA SER G 25 27.70 -40.54 -17.69
C SER G 25 26.87 -40.41 -16.41
N THR G 26 25.57 -40.54 -16.56
CA THR G 26 24.64 -40.48 -15.45
C THR G 26 24.28 -41.89 -14.99
N SER G 27 24.81 -42.88 -15.70
CA SER G 27 24.56 -44.30 -15.40
C SER G 27 23.18 -44.69 -15.93
N SER G 28 22.50 -43.74 -16.58
CA SER G 28 21.19 -44.01 -17.17
C SER G 28 21.34 -43.92 -18.68
N SER G 29 21.07 -45.02 -19.37
CA SER G 29 21.17 -45.07 -20.82
C SER G 29 20.26 -44.03 -21.45
N GLU G 30 19.01 -43.97 -20.98
CA GLU G 30 18.08 -43.03 -21.56
C GLU G 30 18.45 -41.57 -21.25
N LEU G 31 18.88 -41.29 -20.02
CA LEU G 31 19.25 -39.92 -19.65
C LEU G 31 20.50 -39.47 -20.41
N ASP G 32 21.48 -40.36 -20.49
CA ASP G 32 22.72 -40.11 -21.21
C ASP G 32 22.37 -39.78 -22.66
N SER G 33 21.40 -40.50 -23.20
CA SER G 33 20.97 -40.29 -24.57
C SER G 33 20.29 -38.92 -24.74
N VAL G 34 19.43 -38.57 -23.78
CA VAL G 34 18.72 -37.29 -23.83
C VAL G 34 19.72 -36.14 -23.75
N LEU G 35 20.81 -36.37 -23.02
CA LEU G 35 21.89 -35.39 -22.86
C LEU G 35 22.83 -35.31 -24.07
N GLY G 36 22.61 -36.14 -25.08
CA GLY G 36 23.48 -36.13 -26.24
C GLY G 36 24.80 -36.82 -25.95
N GLY G 37 24.84 -37.62 -24.90
CA GLY G 37 26.07 -38.32 -24.57
C GLY G 37 26.35 -38.40 -23.07
N GLY G 38 26.08 -37.31 -22.37
CA GLY G 38 26.33 -37.23 -20.94
C GLY G 38 26.31 -35.78 -20.49
N LEU G 39 26.62 -35.55 -19.21
CA LEU G 39 26.67 -34.19 -18.65
C LEU G 39 27.90 -33.49 -19.20
N GLU G 40 27.70 -32.35 -19.85
CA GLU G 40 28.78 -31.60 -20.47
C GLU G 40 29.59 -30.63 -19.63
N SER G 41 30.90 -30.69 -19.81
CA SER G 41 31.79 -29.76 -19.13
C SER G 41 31.59 -28.40 -19.83
N GLN G 42 32.04 -27.34 -19.17
CA GLN G 42 31.94 -25.99 -19.70
C GLN G 42 30.52 -25.45 -19.74
N SER G 43 29.58 -26.16 -19.11
CA SER G 43 28.20 -25.69 -19.06
C SER G 43 27.62 -25.95 -17.68
N VAL G 44 26.54 -25.23 -17.39
CA VAL G 44 25.83 -25.41 -16.12
C VAL G 44 24.55 -26.17 -16.50
N THR G 45 24.32 -27.28 -15.81
CA THR G 45 23.16 -28.10 -16.05
C THR G 45 22.31 -28.06 -14.79
N GLU G 46 21.04 -27.69 -14.95
CA GLU G 46 20.11 -27.59 -13.84
C GLU G 46 19.10 -28.73 -13.78
N PHE G 47 18.91 -29.26 -12.58
CA PHE G 47 17.91 -30.30 -12.33
C PHE G 47 16.93 -29.70 -11.31
N ALA G 48 15.73 -29.33 -11.79
CA ALA G 48 14.70 -28.71 -10.94
C ALA G 48 13.53 -29.66 -10.69
N GLY G 49 13.04 -29.71 -9.47
CA GLY G 49 11.93 -30.58 -9.17
C GLY G 49 11.61 -30.53 -7.68
N VAL G 50 10.54 -31.22 -7.30
CA VAL G 50 10.15 -31.24 -5.89
C VAL G 50 11.11 -32.14 -5.12
N PHE G 51 11.06 -32.05 -3.80
CA PHE G 51 11.91 -32.88 -2.97
C PHE G 51 11.60 -34.35 -3.24
N GLY G 52 12.64 -35.19 -3.35
CA GLY G 52 12.46 -36.61 -3.60
C GLY G 52 12.43 -36.97 -5.07
N SER G 53 12.63 -35.99 -5.94
CA SER G 53 12.59 -36.32 -7.36
C SER G 53 13.87 -36.89 -7.98
N GLY G 54 14.96 -36.96 -7.24
CA GLY G 54 16.18 -37.52 -7.82
C GLY G 54 17.34 -36.56 -8.04
N LYS G 55 17.10 -35.25 -7.84
CA LYS G 55 18.15 -34.23 -8.00
C LYS G 55 19.42 -34.56 -7.22
N THR G 56 19.28 -34.66 -5.89
CA THR G 56 20.42 -34.95 -5.05
C THR G 56 21.08 -36.30 -5.42
N GLN G 57 20.27 -37.28 -5.82
CA GLN G 57 20.76 -38.60 -6.20
C GLN G 57 21.66 -38.52 -7.42
N ILE G 58 21.27 -37.69 -8.38
CA ILE G 58 22.09 -37.52 -9.57
C ILE G 58 23.38 -36.82 -9.17
N MET G 59 23.32 -35.90 -8.22
CA MET G 59 24.53 -35.19 -7.79
C MET G 59 25.54 -36.22 -7.22
N HIS G 60 25.07 -37.08 -6.31
CA HIS G 60 25.92 -38.12 -5.70
C HIS G 60 26.45 -39.11 -6.76
N GLN G 61 25.57 -39.56 -7.64
CA GLN G 61 25.99 -40.49 -8.70
C GLN G 61 27.08 -39.88 -9.58
N SER G 62 27.03 -38.56 -9.80
CA SER G 62 28.04 -37.90 -10.64
C SER G 62 29.38 -37.92 -9.96
N CYS G 63 29.38 -37.69 -8.65
CA CYS G 63 30.62 -37.71 -7.90
C CYS G 63 31.24 -39.11 -8.01
N VAL G 64 30.40 -40.13 -7.93
CA VAL G 64 30.89 -41.50 -8.00
C VAL G 64 31.40 -41.78 -9.39
N ASN G 65 30.58 -41.47 -10.39
CA ASN G 65 30.97 -41.73 -11.77
C ASN G 65 32.25 -41.04 -12.19
N LEU G 66 32.49 -39.85 -11.62
CA LEU G 66 33.69 -39.09 -11.96
C LEU G 66 34.97 -39.92 -11.79
N GLN G 67 34.95 -40.86 -10.83
CA GLN G 67 36.11 -41.72 -10.55
C GLN G 67 36.28 -42.94 -11.46
N ASN G 68 35.32 -43.23 -12.33
CA ASN G 68 35.47 -44.35 -13.27
C ASN G 68 35.77 -43.73 -14.63
N PRO G 69 37.05 -43.75 -15.03
CA PRO G 69 37.56 -43.20 -16.29
C PRO G 69 36.77 -43.63 -17.53
N GLU G 70 36.06 -44.73 -17.43
CA GLU G 70 35.27 -45.20 -18.57
C GLU G 70 33.98 -44.41 -18.69
N PHE G 71 33.69 -43.59 -17.67
CA PHE G 71 32.46 -42.79 -17.67
C PHE G 71 32.67 -41.36 -18.15
N LEU G 72 33.91 -41.02 -18.47
CA LEU G 72 34.21 -39.68 -18.97
C LEU G 72 34.44 -39.83 -20.47
N PHE G 73 33.57 -39.23 -21.28
CA PHE G 73 33.70 -39.34 -22.72
C PHE G 73 34.29 -38.06 -23.29
N TYR G 74 35.36 -38.21 -24.06
CA TYR G 74 36.05 -37.06 -24.65
C TYR G 74 36.85 -37.45 -25.89
N ASP G 75 37.31 -36.47 -26.65
CA ASP G 75 38.10 -36.72 -27.84
C ASP G 75 39.58 -36.74 -27.44
N GLU G 76 40.21 -37.89 -27.60
CA GLU G 76 41.61 -38.05 -27.23
C GLU G 76 42.55 -37.19 -28.05
N GLU G 77 42.04 -36.69 -29.17
CA GLU G 77 42.83 -35.82 -30.04
C GLU G 77 42.74 -34.36 -29.61
N ALA G 78 41.71 -34.02 -28.83
CA ALA G 78 41.52 -32.66 -28.37
C ALA G 78 41.72 -32.51 -26.86
N VAL G 79 41.56 -33.61 -26.13
CA VAL G 79 41.73 -33.59 -24.68
C VAL G 79 42.73 -34.66 -24.25
N SER G 80 43.76 -34.25 -23.53
CA SER G 80 44.79 -35.18 -23.08
C SER G 80 44.31 -36.01 -21.89
N LYS G 81 44.88 -37.20 -21.74
CA LYS G 81 44.51 -38.07 -20.64
C LYS G 81 44.95 -37.43 -19.32
N GLY G 82 45.86 -36.47 -19.41
CA GLY G 82 46.35 -35.80 -18.22
C GLY G 82 45.40 -34.78 -17.63
N GLU G 83 44.62 -34.11 -18.49
CA GLU G 83 43.67 -33.13 -17.99
C GLU G 83 42.52 -33.78 -17.21
N VAL G 84 42.19 -35.02 -17.54
CA VAL G 84 41.12 -35.71 -16.83
C VAL G 84 41.66 -36.69 -15.78
N ALA G 85 42.98 -36.67 -15.58
CA ALA G 85 43.63 -37.55 -14.61
C ALA G 85 43.44 -37.03 -13.19
N GLN G 86 43.27 -37.96 -12.25
CA GLN G 86 43.04 -37.64 -10.85
C GLN G 86 42.01 -36.53 -10.68
N PRO G 87 40.83 -36.71 -11.30
CA PRO G 87 39.74 -35.74 -11.23
C PRO G 87 39.13 -35.66 -9.84
N LYS G 88 38.79 -34.45 -9.41
CA LYS G 88 38.18 -34.22 -8.11
C LYS G 88 36.86 -33.42 -8.20
N ALA G 89 35.99 -33.59 -7.23
CA ALA G 89 34.70 -32.91 -7.23
C ALA G 89 34.52 -32.02 -6.03
N VAL G 90 33.64 -31.03 -6.20
CA VAL G 90 33.30 -30.10 -5.13
C VAL G 90 31.79 -30.19 -4.99
N TYR G 91 31.32 -30.39 -3.77
CA TYR G 91 29.90 -30.53 -3.52
C TYR G 91 29.53 -29.48 -2.48
N ILE G 92 28.92 -28.38 -2.93
CA ILE G 92 28.51 -27.29 -2.02
C ILE G 92 27.14 -27.68 -1.53
N ASP G 93 27.05 -27.96 -0.24
CA ASP G 93 25.86 -28.47 0.43
C ASP G 93 25.11 -27.37 1.16
N THR G 94 23.94 -27.04 0.67
CA THR G 94 23.18 -25.93 1.23
C THR G 94 22.09 -26.27 2.22
N GLU G 95 21.71 -27.54 2.30
CA GLU G 95 20.69 -27.94 3.25
C GLU G 95 21.10 -29.18 4.05
N GLY G 96 22.32 -29.64 3.87
CA GLY G 96 22.82 -30.81 4.60
C GLY G 96 22.43 -32.12 3.94
N THR G 97 22.51 -32.18 2.61
CA THR G 97 22.11 -33.37 1.88
C THR G 97 23.21 -34.38 1.47
N PHE G 98 24.48 -34.04 1.67
CA PHE G 98 25.56 -34.96 1.29
C PHE G 98 25.55 -36.19 2.20
N ARG G 99 25.62 -37.37 1.61
CA ARG G 99 25.58 -38.62 2.38
C ARG G 99 26.70 -39.58 1.98
N PRO G 100 27.81 -39.59 2.72
CA PRO G 100 28.94 -40.49 2.40
C PRO G 100 28.56 -41.97 2.24
N GLU G 101 27.59 -42.42 3.02
CA GLU G 101 27.17 -43.80 2.91
C GLU G 101 26.52 -44.04 1.56
N ARG G 102 25.85 -43.03 1.02
CA ARG G 102 25.20 -43.18 -0.26
C ARG G 102 26.27 -43.27 -1.34
N ILE G 103 27.36 -42.54 -1.14
CA ILE G 103 28.50 -42.54 -2.07
C ILE G 103 29.14 -43.95 -2.08
N MET G 104 29.28 -44.52 -0.88
CA MET G 104 29.86 -45.85 -0.71
C MET G 104 29.03 -46.91 -1.42
N GLN G 105 27.72 -46.88 -1.17
CA GLN G 105 26.82 -47.84 -1.77
C GLN G 105 26.81 -47.74 -3.30
N MET G 106 26.72 -46.52 -3.84
CA MET G 106 26.71 -46.37 -5.29
C MET G 106 28.00 -46.90 -5.94
N ALA G 107 29.14 -46.54 -5.37
CA ALA G 107 30.43 -46.99 -5.89
C ALA G 107 30.46 -48.51 -5.87
N GLU G 108 30.36 -49.05 -4.65
CA GLU G 108 30.34 -50.49 -4.38
C GLU G 108 29.61 -51.24 -5.51
N HIS G 109 28.31 -51.00 -5.61
CA HIS G 109 27.49 -51.67 -6.62
C HIS G 109 27.83 -51.31 -8.06
N ALA G 110 28.79 -50.41 -8.25
CA ALA G 110 29.19 -50.00 -9.59
C ALA G 110 30.61 -50.48 -9.87
N GLY G 111 31.18 -51.19 -8.90
CA GLY G 111 32.53 -51.69 -9.07
C GLY G 111 33.56 -50.58 -8.93
N ILE G 112 33.16 -49.48 -8.28
CA ILE G 112 34.05 -48.34 -8.07
C ILE G 112 34.44 -48.34 -6.59
N ASP G 113 35.65 -47.90 -6.28
CA ASP G 113 36.12 -47.85 -4.88
C ASP G 113 35.56 -46.60 -4.22
N GLY G 114 34.67 -46.82 -3.25
CA GLY G 114 34.06 -45.72 -2.52
C GLY G 114 35.03 -44.80 -1.80
N GLN G 115 36.13 -45.36 -1.30
CA GLN G 115 37.10 -44.54 -0.56
C GLN G 115 37.77 -43.56 -1.50
N THR G 116 37.95 -43.97 -2.75
CA THR G 116 38.58 -43.10 -3.73
C THR G 116 37.62 -41.96 -4.05
N VAL G 117 36.33 -42.28 -4.14
CA VAL G 117 35.32 -41.26 -4.41
C VAL G 117 35.31 -40.25 -3.28
N LEU G 118 35.15 -40.74 -2.06
CA LEU G 118 35.13 -39.87 -0.87
C LEU G 118 36.40 -39.06 -0.70
N ASP G 119 37.54 -39.66 -1.00
CA ASP G 119 38.82 -38.99 -0.84
C ASP G 119 39.03 -37.85 -1.84
N ASN G 120 38.36 -37.93 -2.98
CA ASN G 120 38.50 -36.90 -4.02
C ASN G 120 37.26 -36.03 -4.23
N THR G 121 36.41 -35.96 -3.20
CA THR G 121 35.21 -35.15 -3.27
C THR G 121 35.22 -34.20 -2.08
N PHE G 122 35.39 -32.92 -2.37
CA PHE G 122 35.40 -31.91 -1.31
C PHE G 122 33.97 -31.47 -1.02
N VAL G 123 33.58 -31.47 0.25
CA VAL G 123 32.22 -31.06 0.60
C VAL G 123 32.27 -29.73 1.35
N ALA G 124 31.41 -28.78 0.96
CA ALA G 124 31.36 -27.46 1.59
C ALA G 124 29.95 -27.15 2.07
N ARG G 125 29.78 -27.07 3.39
CA ARG G 125 28.47 -26.80 3.96
C ARG G 125 28.22 -25.29 4.05
N ALA G 126 27.24 -24.80 3.30
CA ALA G 126 26.90 -23.37 3.28
C ALA G 126 25.57 -23.14 3.99
N TYR G 127 25.58 -22.27 5.01
CA TYR G 127 24.38 -21.96 5.79
C TYR G 127 23.67 -20.68 5.31
N ASN G 128 24.26 -19.97 4.36
CA ASN G 128 23.64 -18.76 3.83
C ASN G 128 24.21 -18.47 2.44
N SER G 129 23.59 -17.51 1.74
CA SER G 129 24.03 -17.20 0.38
C SER G 129 25.45 -16.66 0.25
N ASP G 130 25.96 -15.95 1.26
CA ASP G 130 27.33 -15.45 1.18
C ASP G 130 28.31 -16.62 1.14
N MET G 131 28.15 -17.57 2.06
CA MET G 131 29.02 -18.76 2.11
C MET G 131 28.95 -19.53 0.82
N GLN G 132 27.74 -19.76 0.35
CA GLN G 132 27.47 -20.48 -0.88
C GLN G 132 28.27 -19.87 -2.03
N MET G 133 28.19 -18.56 -2.17
CA MET G 133 28.88 -17.86 -3.24
C MET G 133 30.37 -17.82 -3.03
N LEU G 134 30.79 -17.64 -1.79
CA LEU G 134 32.22 -17.58 -1.50
C LEU G 134 32.88 -18.94 -1.78
N PHE G 135 32.22 -20.02 -1.40
CA PHE G 135 32.80 -21.35 -1.66
C PHE G 135 32.98 -21.54 -3.17
N ALA G 136 31.98 -21.13 -3.95
CA ALA G 136 32.05 -21.28 -5.39
C ALA G 136 33.29 -20.59 -5.92
N GLU G 137 33.54 -19.38 -5.44
CA GLU G 137 34.71 -18.62 -5.85
C GLU G 137 36.03 -19.26 -5.40
N LYS G 138 36.04 -19.84 -4.20
CA LYS G 138 37.26 -20.46 -3.69
C LYS G 138 37.65 -21.72 -4.47
N ILE G 139 36.77 -22.20 -5.34
CA ILE G 139 37.10 -23.37 -6.14
C ILE G 139 38.31 -22.99 -7.01
N GLU G 140 38.41 -21.72 -7.37
CA GLU G 140 39.54 -21.27 -8.17
C GLU G 140 40.82 -21.54 -7.38
N ASP G 141 40.74 -21.35 -6.06
CA ASP G 141 41.87 -21.57 -5.16
C ASP G 141 42.23 -23.05 -5.06
N LEU G 142 41.22 -23.90 -4.87
CA LEU G 142 41.49 -25.33 -4.79
C LEU G 142 42.26 -25.74 -6.02
N ILE G 143 41.81 -25.26 -7.17
CA ILE G 143 42.46 -25.58 -8.43
C ILE G 143 43.90 -25.07 -8.41
N GLN G 144 44.13 -23.91 -7.80
CA GLN G 144 45.48 -23.34 -7.71
C GLN G 144 46.39 -24.28 -6.91
N GLU G 145 45.91 -24.72 -5.76
CA GLU G 145 46.66 -25.63 -4.90
C GLU G 145 46.96 -26.95 -5.58
N GLY G 146 46.52 -27.11 -6.83
CA GLY G 146 46.82 -28.33 -7.55
C GLY G 146 45.73 -29.38 -7.70
N ASN G 147 44.52 -29.11 -7.19
CA ASN G 147 43.42 -30.07 -7.28
C ASN G 147 42.72 -29.98 -8.63
N ASN G 148 42.68 -31.10 -9.35
CA ASN G 148 42.03 -31.13 -10.65
C ASN G 148 40.51 -31.23 -10.53
N ILE G 149 39.89 -30.11 -10.17
CA ILE G 149 38.45 -30.03 -10.02
C ILE G 149 37.79 -30.14 -11.39
N LYS G 150 36.99 -31.18 -11.58
CA LYS G 150 36.30 -31.39 -12.86
C LYS G 150 34.78 -31.50 -12.70
N LEU G 151 34.30 -31.44 -11.46
CA LEU G 151 32.85 -31.50 -11.23
C LEU G 151 32.49 -30.63 -10.05
N VAL G 152 31.54 -29.73 -10.27
CA VAL G 152 31.10 -28.85 -9.21
C VAL G 152 29.60 -29.03 -9.08
N VAL G 153 29.18 -29.29 -7.86
CA VAL G 153 27.79 -29.53 -7.57
C VAL G 153 27.28 -28.43 -6.64
N ILE G 154 26.12 -27.88 -6.95
CA ILE G 154 25.51 -26.88 -6.09
C ILE G 154 24.14 -27.42 -5.73
N ASP G 155 24.04 -27.92 -4.50
CA ASP G 155 22.80 -28.49 -4.04
C ASP G 155 22.44 -27.90 -2.70
N SER G 156 21.50 -26.95 -2.69
CA SER G 156 20.79 -26.50 -3.90
C SER G 156 21.18 -25.09 -4.33
N LEU G 157 20.82 -24.73 -5.55
CA LEU G 157 21.17 -23.41 -6.08
C LEU G 157 20.53 -22.25 -5.34
N THR G 158 19.23 -22.37 -5.08
CA THR G 158 18.44 -21.28 -4.51
C THR G 158 17.82 -21.34 -3.10
N SER G 159 17.97 -22.44 -2.35
CA SER G 159 17.34 -22.47 -1.03
C SER G 159 17.80 -21.31 -0.13
N THR G 160 19.10 -21.00 -0.14
CA THR G 160 19.60 -19.92 0.71
C THR G 160 19.07 -18.55 0.28
N PHE G 161 19.00 -18.28 -1.02
CA PHE G 161 18.51 -16.99 -1.50
C PHE G 161 17.04 -16.83 -1.17
N ARG G 162 16.32 -17.92 -1.34
CA ARG G 162 14.92 -17.94 -1.07
C ARG G 162 14.65 -17.70 0.42
N ASN G 163 15.47 -18.28 1.30
CA ASN G 163 15.30 -18.12 2.74
C ASN G 163 15.67 -16.74 3.27
N GLU G 164 16.49 -16.01 2.54
CA GLU G 164 16.93 -14.70 2.97
C GLU G 164 16.09 -13.56 2.42
N TYR G 165 15.71 -13.65 1.16
CA TYR G 165 14.93 -12.62 0.51
C TYR G 165 13.47 -12.99 0.40
N THR G 166 12.68 -12.55 1.36
CA THR G 166 11.25 -12.79 1.33
C THR G 166 10.61 -11.44 1.00
N GLY G 167 9.51 -11.47 0.27
CA GLY G 167 8.83 -10.24 -0.11
C GLY G 167 9.40 -9.57 -1.36
N ARG G 168 8.53 -8.91 -2.11
CA ARG G 168 8.92 -8.23 -3.35
C ARG G 168 9.93 -7.07 -3.16
N GLY G 169 10.00 -6.52 -1.96
CA GLY G 169 10.89 -5.40 -1.69
C GLY G 169 12.38 -5.62 -1.87
N LYS G 170 12.81 -6.87 -1.83
CA LYS G 170 14.23 -7.16 -1.99
C LYS G 170 14.46 -8.13 -3.12
N LEU G 171 13.39 -8.48 -3.85
CA LEU G 171 13.49 -9.42 -4.95
C LEU G 171 14.54 -8.96 -5.96
N ALA G 172 14.67 -7.65 -6.13
CA ALA G 172 15.65 -7.10 -7.05
C ALA G 172 17.05 -7.44 -6.54
N GLU G 173 17.29 -7.19 -5.27
CA GLU G 173 18.58 -7.48 -4.67
C GLU G 173 18.89 -9.00 -4.77
N ARG G 174 17.86 -9.82 -4.61
CA ARG G 174 18.01 -11.26 -4.68
C ARG G 174 18.38 -11.68 -6.12
N GLN G 175 17.68 -11.12 -7.10
CA GLN G 175 17.95 -11.44 -8.50
C GLN G 175 19.36 -11.06 -8.90
N GLN G 176 19.85 -9.94 -8.37
CA GLN G 176 21.20 -9.51 -8.70
C GLN G 176 22.27 -10.39 -8.04
N LYS G 177 22.03 -10.81 -6.80
CA LYS G 177 23.03 -11.65 -6.15
C LYS G 177 23.11 -12.98 -6.91
N LEU G 178 21.95 -13.51 -7.26
CA LEU G 178 21.84 -14.76 -7.99
C LEU G 178 22.57 -14.65 -9.33
N GLY G 179 22.44 -13.50 -9.99
CA GLY G 179 23.10 -13.31 -11.27
C GLY G 179 24.61 -13.36 -11.15
N ARG G 180 25.12 -12.83 -10.04
CA ARG G 180 26.55 -12.83 -9.81
C ARG G 180 27.01 -14.27 -9.55
N HIS G 181 26.22 -15.02 -8.81
CA HIS G 181 26.57 -16.41 -8.52
C HIS G 181 26.54 -17.22 -9.84
N MET G 182 25.51 -17.03 -10.67
CA MET G 182 25.43 -17.74 -11.94
C MET G 182 26.64 -17.42 -12.82
N ALA G 183 27.11 -16.18 -12.78
CA ALA G 183 28.28 -15.81 -13.59
C ALA G 183 29.51 -16.60 -13.11
N THR G 184 29.65 -16.69 -11.80
CA THR G 184 30.78 -17.41 -11.24
C THR G 184 30.74 -18.90 -11.65
N LEU G 185 29.57 -19.52 -11.57
CA LEU G 185 29.46 -20.93 -11.90
C LEU G 185 29.82 -21.15 -13.37
N ASN G 186 29.32 -20.29 -14.25
CA ASN G 186 29.64 -20.41 -15.66
C ASN G 186 31.11 -20.20 -15.90
N LYS G 187 31.71 -19.30 -15.11
CA LYS G 187 33.11 -18.98 -15.25
C LYS G 187 33.98 -20.19 -14.92
N LEU G 188 33.70 -20.90 -13.83
CA LEU G 188 34.52 -22.06 -13.54
C LEU G 188 34.28 -23.19 -14.54
N ALA G 189 33.04 -23.35 -15.00
CA ALA G 189 32.76 -24.41 -15.98
C ALA G 189 33.59 -24.14 -17.24
N ASP G 190 33.61 -22.88 -17.65
CA ASP G 190 34.34 -22.44 -18.83
C ASP G 190 35.86 -22.49 -18.68
N LEU G 191 36.40 -21.73 -17.73
CA LEU G 191 37.85 -21.67 -17.55
C LEU G 191 38.53 -22.96 -17.11
N PHE G 192 37.85 -23.76 -16.31
CA PHE G 192 38.47 -24.98 -15.86
C PHE G 192 37.91 -26.24 -16.47
N ASN G 193 37.24 -26.06 -17.60
CA ASN G 193 36.64 -27.15 -18.37
C ASN G 193 36.03 -28.23 -17.48
N CYS G 194 35.07 -27.85 -16.64
CA CYS G 194 34.41 -28.87 -15.84
C CYS G 194 32.89 -28.79 -15.93
N VAL G 195 32.23 -29.84 -15.46
CA VAL G 195 30.78 -29.82 -15.49
C VAL G 195 30.30 -29.27 -14.15
N VAL G 196 29.31 -28.38 -14.24
CA VAL G 196 28.73 -27.73 -13.09
C VAL G 196 27.28 -28.15 -13.09
N LEU G 197 26.84 -28.69 -11.97
CA LEU G 197 25.49 -29.15 -11.84
C LEU G 197 24.85 -28.41 -10.68
N VAL G 198 23.57 -28.09 -10.82
CA VAL G 198 22.85 -27.38 -9.77
C VAL G 198 21.45 -27.99 -9.64
N THR G 199 20.92 -28.00 -8.42
CA THR G 199 19.60 -28.50 -8.19
C THR G 199 18.76 -27.27 -7.84
N ASN G 200 17.45 -27.37 -8.06
CA ASN G 200 16.57 -26.24 -7.81
C ASN G 200 15.17 -26.77 -7.58
N GLN G 201 14.28 -25.91 -7.12
CA GLN G 201 12.88 -26.28 -6.87
C GLN G 201 12.06 -25.58 -7.95
N VAL G 202 10.78 -25.91 -7.99
CA VAL G 202 9.87 -25.32 -8.96
C VAL G 202 8.70 -24.68 -8.20
N SER G 203 7.93 -23.86 -8.91
CA SER G 203 6.76 -23.19 -8.33
C SER G 203 5.67 -23.13 -9.39
N ALA G 204 4.43 -23.11 -8.94
CA ALA G 204 3.23 -23.04 -9.78
C ALA G 204 3.51 -22.87 -11.28
N ALA G 213 2.23 -22.41 -15.91
CA ALA G 213 2.52 -22.70 -14.51
C ALA G 213 3.50 -23.88 -14.41
N GLU G 214 4.79 -23.57 -14.37
CA GLU G 214 5.85 -24.58 -14.30
C GLU G 214 7.22 -23.91 -14.53
N GLN G 215 7.81 -23.37 -13.47
CA GLN G 215 9.10 -22.71 -13.59
C GLN G 215 10.06 -22.89 -12.41
N ALA G 216 11.33 -23.06 -12.74
CA ALA G 216 12.37 -23.24 -11.74
C ALA G 216 12.57 -21.91 -11.02
N ILE G 217 12.77 -21.97 -9.71
CA ILE G 217 12.97 -20.78 -8.91
C ILE G 217 14.17 -19.92 -9.31
N GLY G 218 13.98 -18.61 -9.34
CA GLY G 218 15.07 -17.72 -9.71
C GLY G 218 14.80 -17.03 -11.04
N GLY G 219 13.75 -17.47 -11.71
CA GLY G 219 13.35 -16.87 -12.97
C GLY G 219 14.38 -16.89 -14.08
N HIS G 220 14.32 -15.88 -14.94
CA HIS G 220 15.22 -15.81 -16.09
C HIS G 220 16.67 -15.51 -15.80
N ILE G 221 16.96 -14.82 -14.71
CA ILE G 221 18.35 -14.54 -14.37
C ILE G 221 19.10 -15.87 -14.28
N VAL G 222 18.41 -16.88 -13.77
CA VAL G 222 18.98 -18.22 -13.63
C VAL G 222 18.82 -18.97 -14.96
N GLY G 223 17.61 -18.99 -15.49
CA GLY G 223 17.33 -19.69 -16.73
C GLY G 223 18.21 -19.35 -17.91
N HIS G 224 18.44 -18.05 -18.12
CA HIS G 224 19.27 -17.61 -19.24
C HIS G 224 20.71 -18.06 -19.07
N ALA G 225 21.11 -18.25 -17.81
CA ALA G 225 22.49 -18.64 -17.50
C ALA G 225 22.74 -20.15 -17.30
N ALA G 226 21.73 -20.97 -17.51
CA ALA G 226 21.89 -22.42 -17.40
C ALA G 226 21.76 -22.99 -18.80
N THR G 227 22.82 -23.66 -19.27
CA THR G 227 22.80 -24.23 -20.62
C THR G 227 21.86 -25.41 -20.85
N PHE G 228 21.77 -26.30 -19.87
CA PHE G 228 20.88 -27.45 -19.99
C PHE G 228 19.95 -27.39 -18.79
N ARG G 229 18.65 -27.47 -19.04
CA ARG G 229 17.67 -27.40 -17.96
C ARG G 229 16.67 -28.55 -18.00
N PHE G 230 16.48 -29.18 -16.84
CA PHE G 230 15.55 -30.29 -16.71
C PHE G 230 14.56 -30.03 -15.61
N PHE G 231 13.39 -30.65 -15.75
CA PHE G 231 12.37 -30.64 -14.72
C PHE G 231 12.34 -32.14 -14.43
N VAL G 232 12.61 -32.52 -13.18
CA VAL G 232 12.61 -33.93 -12.80
C VAL G 232 11.32 -34.20 -12.03
N ARG G 233 10.61 -35.26 -12.39
CA ARG G 233 9.36 -35.58 -11.70
C ARG G 233 9.25 -37.06 -11.31
N LYS G 234 8.35 -37.35 -10.38
CA LYS G 234 8.16 -38.70 -9.90
C LYS G 234 7.20 -39.54 -10.73
N GLY G 235 7.63 -40.75 -11.04
CA GLY G 235 6.76 -41.65 -11.76
C GLY G 235 6.19 -42.56 -10.68
N LYS G 236 5.90 -43.80 -11.02
CA LYS G 236 5.34 -44.74 -10.04
C LYS G 236 6.51 -45.34 -9.25
N GLY G 237 6.40 -45.37 -7.93
CA GLY G 237 7.47 -45.94 -7.11
C GLY G 237 8.85 -45.31 -7.25
N ASP G 238 9.85 -46.10 -7.62
CA ASP G 238 11.19 -45.55 -7.77
C ASP G 238 11.46 -45.00 -9.16
N LYS G 239 10.44 -44.90 -9.99
CA LYS G 239 10.63 -44.35 -11.33
C LYS G 239 10.61 -42.81 -11.27
N ARG G 240 11.37 -42.18 -12.17
CA ARG G 240 11.46 -40.72 -12.25
C ARG G 240 11.63 -40.34 -13.73
N VAL G 241 11.09 -39.19 -14.13
CA VAL G 241 11.26 -38.78 -15.52
C VAL G 241 12.01 -37.45 -15.57
N ALA G 242 13.10 -37.40 -16.33
CA ALA G 242 13.85 -36.17 -16.46
C ALA G 242 13.48 -35.55 -17.79
N LYS G 243 12.98 -34.34 -17.76
CA LYS G 243 12.58 -33.67 -18.99
C LYS G 243 13.49 -32.50 -19.34
N LEU G 244 14.24 -32.69 -20.42
CA LEU G 244 15.14 -31.67 -20.91
C LEU G 244 14.28 -30.72 -21.70
N TYR G 245 14.12 -29.50 -21.20
CA TYR G 245 13.29 -28.54 -21.93
C TYR G 245 14.08 -27.36 -22.46
N ASP G 246 15.38 -27.34 -22.19
CA ASP G 246 16.24 -26.26 -22.65
C ASP G 246 17.67 -26.75 -22.85
N SER G 247 18.15 -26.60 -24.07
CA SER G 247 19.49 -27.00 -24.45
C SER G 247 19.81 -26.22 -25.74
N PRO G 248 21.10 -25.98 -25.98
CA PRO G 248 21.48 -25.24 -27.19
C PRO G 248 21.16 -25.93 -28.52
N HIS G 249 21.34 -27.25 -28.59
CA HIS G 249 21.10 -27.94 -29.86
C HIS G 249 20.47 -29.31 -29.79
N LEU G 250 20.02 -29.72 -28.61
CA LEU G 250 19.42 -31.02 -28.48
C LEU G 250 17.90 -30.94 -28.59
N PRO G 251 17.25 -32.05 -28.89
CA PRO G 251 15.79 -32.02 -28.99
C PRO G 251 15.21 -32.10 -27.58
N ASP G 252 14.06 -31.48 -27.38
CA ASP G 252 13.40 -31.52 -26.09
C ASP G 252 12.92 -32.95 -25.97
N ALA G 253 13.33 -33.64 -24.91
CA ALA G 253 12.94 -35.03 -24.73
C ALA G 253 12.87 -35.43 -23.27
N GLU G 254 12.27 -36.60 -23.03
CA GLU G 254 12.12 -37.13 -21.67
C GLU G 254 12.82 -38.46 -21.56
N ALA G 255 13.48 -38.67 -20.43
CA ALA G 255 14.18 -39.91 -20.19
C ALA G 255 13.68 -40.43 -18.85
N ILE G 256 13.25 -41.68 -18.82
CA ILE G 256 12.79 -42.26 -17.56
C ILE G 256 13.99 -42.99 -16.96
N PHE G 257 14.10 -42.92 -15.64
CA PHE G 257 15.19 -43.58 -14.94
C PHE G 257 14.71 -43.99 -13.57
N ARG G 258 15.53 -44.79 -12.88
CA ARG G 258 15.14 -45.26 -11.57
C ARG G 258 16.18 -45.00 -10.53
N ILE G 259 15.74 -44.88 -9.29
CA ILE G 259 16.63 -44.62 -8.19
C ILE G 259 16.60 -45.92 -7.38
N THR G 260 17.69 -46.67 -7.41
CA THR G 260 17.78 -47.94 -6.69
C THR G 260 19.02 -47.98 -5.83
N GLU G 261 19.31 -49.15 -5.26
CA GLU G 261 20.48 -49.33 -4.38
C GLU G 261 21.76 -49.08 -5.15
N LYS G 262 21.75 -49.41 -6.43
CA LYS G 262 22.92 -49.20 -7.25
C LYS G 262 23.07 -47.70 -7.48
N GLY G 263 21.94 -47.01 -7.59
CA GLY G 263 21.94 -45.57 -7.83
C GLY G 263 21.05 -45.23 -9.00
N ILE G 264 21.49 -44.32 -9.85
CA ILE G 264 20.71 -43.92 -11.00
C ILE G 264 20.86 -44.98 -12.09
N GLN G 265 19.74 -45.50 -12.60
CA GLN G 265 19.83 -46.54 -13.62
C GLN G 265 18.75 -46.56 -14.70
N ASP G 266 18.99 -47.41 -15.70
CA ASP G 266 18.11 -47.67 -16.86
C ASP G 266 18.46 -46.95 -18.18
N SER H 2 45.49 -28.35 3.13
CA SER H 2 45.41 -26.99 2.52
C SER H 2 43.97 -26.65 2.16
N HIS H 3 43.23 -27.66 1.71
CA HIS H 3 41.83 -27.51 1.32
C HIS H 3 40.91 -27.19 2.50
N MET H 4 41.19 -27.79 3.65
CA MET H 4 40.37 -27.56 4.82
C MET H 4 40.49 -26.13 5.34
N ASP H 5 41.58 -25.45 4.97
CA ASP H 5 41.78 -24.06 5.37
C ASP H 5 40.78 -23.17 4.63
N LEU H 6 40.25 -23.69 3.53
CA LEU H 6 39.28 -22.96 2.74
C LEU H 6 37.84 -23.33 3.12
N GLY H 7 37.69 -24.06 4.22
CA GLY H 7 36.36 -24.46 4.65
C GLY H 7 35.84 -25.70 3.94
N PHE H 8 36.68 -26.37 3.16
CA PHE H 8 36.25 -27.59 2.47
C PHE H 8 36.71 -28.81 3.28
N LYS H 9 35.97 -29.91 3.17
CA LYS H 9 36.34 -31.16 3.85
C LYS H 9 36.08 -32.28 2.85
N SER H 10 37.04 -33.17 2.66
CA SER H 10 36.84 -34.30 1.75
C SER H 10 35.84 -35.24 2.41
N GLY H 11 35.34 -36.20 1.65
CA GLY H 11 34.39 -37.16 2.18
C GLY H 11 35.06 -37.97 3.30
N ILE H 12 36.35 -38.20 3.16
CA ILE H 12 37.09 -38.93 4.18
C ILE H 12 37.22 -38.06 5.44
N ASP H 13 37.49 -36.76 5.27
CA ASP H 13 37.62 -35.86 6.42
C ASP H 13 36.31 -35.87 7.20
N LEU H 14 35.19 -35.92 6.48
CA LEU H 14 33.90 -35.94 7.14
C LEU H 14 33.75 -37.20 8.00
N LEU H 15 34.09 -38.36 7.44
CA LEU H 15 33.97 -39.61 8.18
C LEU H 15 34.85 -39.57 9.41
N LYS H 16 36.06 -39.07 9.24
CA LYS H 16 37.01 -38.98 10.33
C LYS H 16 36.47 -38.17 11.49
N GLN H 17 36.04 -36.95 11.21
CA GLN H 17 35.53 -36.08 12.27
C GLN H 17 34.32 -36.66 13.02
N ARG H 18 33.57 -37.52 12.36
CA ARG H 18 32.40 -38.13 12.98
C ARG H 18 32.81 -38.92 14.22
N SER H 19 34.06 -39.39 14.24
CA SER H 19 34.58 -40.19 15.36
C SER H 19 34.93 -39.37 16.59
N THR H 20 35.19 -38.08 16.40
CA THR H 20 35.54 -37.21 17.52
C THR H 20 34.36 -36.54 18.19
N VAL H 21 33.14 -36.94 17.80
CA VAL H 21 31.94 -36.36 18.39
C VAL H 21 31.75 -36.92 19.79
N TRP H 22 31.52 -36.03 20.76
CA TRP H 22 31.24 -36.47 22.12
C TRP H 22 29.85 -35.98 22.49
N LYS H 23 29.28 -36.52 23.57
CA LYS H 23 27.93 -36.14 23.99
C LYS H 23 27.79 -35.75 25.44
N LEU H 24 26.91 -34.78 25.71
CA LEU H 24 26.65 -34.29 27.06
C LEU H 24 25.27 -34.71 27.57
N SER H 25 25.26 -35.35 28.73
CA SER H 25 24.04 -35.83 29.37
C SER H 25 23.15 -34.66 29.83
N THR H 26 21.84 -34.86 29.75
CA THR H 26 20.88 -33.84 30.15
C THR H 26 20.33 -34.11 31.55
N SER H 27 20.72 -35.25 32.13
CA SER H 27 20.26 -35.65 33.47
C SER H 27 18.85 -36.25 33.40
N SER H 28 18.37 -36.48 32.18
CA SER H 28 17.06 -37.09 31.97
C SER H 28 17.30 -38.32 31.14
N SER H 29 16.95 -39.47 31.68
CA SER H 29 17.13 -40.75 31.01
C SER H 29 16.40 -40.75 29.68
N GLU H 30 15.13 -40.38 29.69
CA GLU H 30 14.34 -40.36 28.48
C GLU H 30 14.92 -39.38 27.46
N LEU H 31 15.25 -38.17 27.93
CA LEU H 31 15.81 -37.14 27.05
C LEU H 31 17.14 -37.58 26.46
N ASP H 32 18.02 -38.16 27.28
CA ASP H 32 19.31 -38.64 26.78
C ASP H 32 19.06 -39.72 25.74
N SER H 33 18.01 -40.51 25.97
CA SER H 33 17.65 -41.60 25.07
C SER H 33 17.20 -41.08 23.69
N VAL H 34 16.31 -40.10 23.70
CA VAL H 34 15.83 -39.53 22.43
C VAL H 34 17.00 -38.91 21.69
N LEU H 35 17.96 -38.39 22.44
CA LEU H 35 19.16 -37.75 21.89
C LEU H 35 20.14 -38.76 21.30
N GLY H 36 19.94 -40.04 21.61
CA GLY H 36 20.84 -41.06 21.10
C GLY H 36 22.14 -41.07 21.85
N GLY H 37 22.07 -40.75 23.14
CA GLY H 37 23.26 -40.70 23.97
C GLY H 37 23.27 -39.41 24.78
N GLY H 38 23.23 -38.29 24.07
CA GLY H 38 23.21 -36.98 24.72
C GLY H 38 23.33 -35.88 23.69
N LEU H 39 23.53 -34.64 24.15
CA LEU H 39 23.67 -33.49 23.26
C LEU H 39 25.02 -33.64 22.53
N GLU H 40 24.99 -33.69 21.19
CA GLU H 40 26.22 -33.86 20.42
C GLU H 40 27.04 -32.61 20.14
N SER H 41 28.36 -32.80 20.10
CA SER H 41 29.27 -31.73 19.81
C SER H 41 29.30 -31.62 18.28
N GLN H 42 29.86 -30.54 17.76
CA GLN H 42 29.92 -30.32 16.32
C GLN H 42 28.52 -30.18 15.72
N SER H 43 27.54 -29.86 16.56
CA SER H 43 26.17 -29.68 16.08
C SER H 43 25.45 -28.61 16.89
N VAL H 44 24.39 -28.05 16.31
CA VAL H 44 23.60 -27.08 17.02
C VAL H 44 22.27 -27.75 17.37
N THR H 45 21.89 -27.63 18.64
CA THR H 45 20.65 -28.22 19.11
C THR H 45 19.72 -27.10 19.59
N GLU H 46 18.52 -27.10 19.04
CA GLU H 46 17.53 -26.08 19.34
C GLU H 46 16.39 -26.58 20.18
N PHE H 47 16.06 -25.81 21.21
CA PHE H 47 14.92 -26.09 22.06
C PHE H 47 13.97 -24.90 21.97
N ALA H 48 12.90 -25.07 21.21
CA ALA H 48 11.88 -24.04 21.01
C ALA H 48 10.60 -24.39 21.74
N GLY H 49 10.04 -23.39 22.41
CA GLY H 49 8.81 -23.58 23.14
C GLY H 49 8.40 -22.25 23.71
N VAL H 50 7.34 -22.23 24.50
CA VAL H 50 6.86 -20.99 25.12
C VAL H 50 7.62 -20.74 26.43
N PHE H 51 7.44 -19.55 26.98
CA PHE H 51 8.08 -19.19 28.24
C PHE H 51 7.65 -20.17 29.33
N GLY H 52 8.62 -20.59 30.14
CA GLY H 52 8.32 -21.53 31.22
C GLY H 52 8.31 -22.98 30.77
N SER H 53 8.57 -23.21 29.49
CA SER H 53 8.55 -24.58 28.98
C SER H 53 9.77 -25.40 29.39
N GLY H 54 10.77 -24.73 29.98
CA GLY H 54 11.97 -25.42 30.41
C GLY H 54 13.22 -25.25 29.57
N LYS H 55 13.16 -24.44 28.52
CA LYS H 55 14.33 -24.24 27.65
C LYS H 55 15.54 -23.75 28.44
N THR H 56 15.33 -22.74 29.27
CA THR H 56 16.40 -22.19 30.07
C THR H 56 16.90 -23.15 31.17
N GLN H 57 16.03 -24.01 31.66
CA GLN H 57 16.45 -24.97 32.69
C GLN H 57 17.48 -25.91 32.10
N ILE H 58 17.21 -26.36 30.87
CA ILE H 58 18.11 -27.25 30.19
C ILE H 58 19.46 -26.56 29.93
N MET H 59 19.44 -25.25 29.67
CA MET H 59 20.70 -24.53 29.45
C MET H 59 21.52 -24.57 30.74
N HIS H 60 20.91 -24.11 31.83
CA HIS H 60 21.57 -24.10 33.14
C HIS H 60 22.07 -25.50 33.50
N GLN H 61 21.20 -26.50 33.34
CA GLN H 61 21.55 -27.89 33.64
C GLN H 61 22.76 -28.32 32.84
N SER H 62 22.82 -27.91 31.57
CA SER H 62 23.95 -28.28 30.72
C SER H 62 25.26 -27.66 31.22
N CYS H 63 25.20 -26.46 31.79
CA CYS H 63 26.40 -25.80 32.30
C CYS H 63 26.92 -26.57 33.53
N VAL H 64 26.01 -27.05 34.36
CA VAL H 64 26.40 -27.81 35.54
C VAL H 64 27.03 -29.15 35.13
N ASN H 65 26.27 -29.97 34.42
CA ASN H 65 26.72 -31.28 33.96
C ASN H 65 28.07 -31.32 33.26
N LEU H 66 28.41 -30.26 32.52
CA LEU H 66 29.70 -30.23 31.82
C LEU H 66 30.87 -30.32 32.80
N GLN H 67 30.62 -29.95 34.05
CA GLN H 67 31.64 -29.99 35.09
C GLN H 67 31.71 -31.34 35.82
N ASN H 68 31.16 -32.38 35.20
CA ASN H 68 31.19 -33.74 35.76
C ASN H 68 31.69 -34.64 34.65
N PRO H 69 32.98 -35.01 34.71
CA PRO H 69 33.63 -35.87 33.73
C PRO H 69 32.79 -37.05 33.26
N GLU H 70 31.94 -37.55 34.15
CA GLU H 70 31.10 -38.71 33.85
C GLU H 70 29.90 -38.41 32.96
N PHE H 71 29.54 -37.15 32.82
CA PHE H 71 28.41 -36.79 31.98
C PHE H 71 28.79 -36.47 30.55
N LEU H 72 30.08 -36.69 30.25
CA LEU H 72 30.60 -36.50 28.89
C LEU H 72 30.91 -37.88 28.33
N PHE H 73 30.31 -38.21 27.20
CA PHE H 73 30.53 -39.51 26.59
C PHE H 73 31.31 -39.38 25.28
N TYR H 74 32.40 -40.12 25.18
CA TYR H 74 33.23 -40.08 23.98
C TYR H 74 34.01 -41.35 23.74
N ASP H 75 34.61 -41.46 22.56
CA ASP H 75 35.41 -42.62 22.23
C ASP H 75 36.88 -42.30 22.51
N GLU H 76 37.38 -42.88 23.59
CA GLU H 76 38.76 -42.69 24.03
C GLU H 76 39.80 -42.95 22.96
N GLU H 77 39.47 -43.78 21.98
CA GLU H 77 40.39 -44.10 20.91
C GLU H 77 40.41 -42.98 19.87
N ALA H 78 39.48 -42.02 20.03
CA ALA H 78 39.38 -40.90 19.11
C ALA H 78 39.51 -39.58 19.85
N VAL H 79 39.02 -39.53 21.08
CA VAL H 79 39.10 -38.31 21.87
C VAL H 79 39.88 -38.50 23.17
N SER H 80 41.03 -37.83 23.26
CA SER H 80 41.88 -37.89 24.43
C SER H 80 41.20 -37.24 25.63
N LYS H 81 41.58 -37.65 26.83
CA LYS H 81 40.97 -37.09 28.03
C LYS H 81 41.40 -35.63 28.20
N GLY H 82 42.48 -35.26 27.52
CA GLY H 82 42.95 -33.89 27.59
C GLY H 82 41.95 -32.95 26.94
N GLU H 83 41.52 -33.30 25.72
CA GLU H 83 40.56 -32.50 24.96
C GLU H 83 39.34 -32.05 25.77
N VAL H 84 38.82 -32.93 26.60
CA VAL H 84 37.65 -32.60 27.40
C VAL H 84 37.98 -32.19 28.84
N ALA H 85 39.23 -31.81 29.08
CA ALA H 85 39.70 -31.39 30.41
C ALA H 85 39.54 -29.90 30.68
N GLN H 86 39.28 -29.56 31.93
CA GLN H 86 39.07 -28.18 32.32
C GLN H 86 38.09 -27.54 31.33
N PRO H 87 36.99 -28.26 31.00
CA PRO H 87 36.00 -27.73 30.06
C PRO H 87 35.25 -26.50 30.59
N LYS H 88 35.07 -25.50 29.72
CA LYS H 88 34.34 -24.30 30.13
C LYS H 88 33.10 -24.06 29.26
N ALA H 89 32.17 -23.28 29.80
CA ALA H 89 30.92 -22.95 29.12
C ALA H 89 30.73 -21.45 28.96
N VAL H 90 30.15 -21.07 27.82
CA VAL H 90 29.83 -19.67 27.51
C VAL H 90 28.30 -19.58 27.46
N TYR H 91 27.73 -18.64 28.19
CA TYR H 91 26.28 -18.51 28.20
C TYR H 91 25.94 -17.10 27.72
N ILE H 92 25.50 -16.97 26.47
CA ILE H 92 25.14 -15.66 25.93
C ILE H 92 23.69 -15.42 26.33
N ASP H 93 23.50 -14.43 27.21
CA ASP H 93 22.22 -14.10 27.79
C ASP H 93 21.53 -12.91 27.11
N THR H 94 20.36 -13.14 26.52
CA THR H 94 19.64 -12.09 25.78
C THR H 94 18.55 -11.33 26.55
N GLU H 95 18.10 -11.89 27.66
CA GLU H 95 17.06 -11.25 28.45
C GLU H 95 17.35 -11.27 29.96
N GLY H 96 18.59 -11.57 30.33
CA GLY H 96 18.96 -11.63 31.74
C GLY H 96 18.39 -12.85 32.44
N THR H 97 18.52 -14.01 31.81
CA THR H 97 17.99 -15.26 32.38
C THR H 97 19.01 -16.15 33.11
N PHE H 98 20.25 -15.70 33.21
CA PHE H 98 21.26 -16.50 33.91
C PHE H 98 21.03 -16.32 35.41
N ARG H 99 20.91 -17.44 36.12
CA ARG H 99 20.68 -17.40 37.56
C ARG H 99 21.79 -18.16 38.26
N PRO H 100 22.76 -17.44 38.85
CA PRO H 100 23.85 -18.14 39.54
C PRO H 100 23.36 -19.04 40.69
N GLU H 101 22.34 -18.59 41.40
CA GLU H 101 21.81 -19.39 42.50
C GLU H 101 21.18 -20.69 42.02
N ARG H 102 20.66 -20.71 40.79
CA ARG H 102 20.05 -21.92 40.26
C ARG H 102 21.17 -22.88 39.87
N ILE H 103 22.31 -22.30 39.51
CA ILE H 103 23.49 -23.08 39.16
C ILE H 103 23.99 -23.81 40.42
N MET H 104 23.93 -23.10 41.55
CA MET H 104 24.36 -23.66 42.84
C MET H 104 23.44 -24.81 43.17
N GLN H 105 22.15 -24.50 43.21
CA GLN H 105 21.12 -25.47 43.51
C GLN H 105 21.22 -26.75 42.68
N MET H 106 21.39 -26.61 41.36
CA MET H 106 21.51 -27.78 40.50
C MET H 106 22.80 -28.52 40.82
N ALA H 107 23.86 -27.76 41.06
CA ALA H 107 25.16 -28.35 41.37
C ALA H 107 25.09 -29.17 42.67
N GLU H 108 24.63 -28.55 43.74
CA GLU H 108 24.52 -29.19 45.03
C GLU H 108 23.81 -30.54 44.91
N HIS H 109 22.53 -30.52 44.54
CA HIS H 109 21.78 -31.74 44.40
C HIS H 109 22.45 -32.75 43.48
N ALA H 110 23.29 -32.28 42.57
CA ALA H 110 23.96 -33.17 41.62
C ALA H 110 25.31 -33.71 42.10
N GLY H 111 25.75 -33.25 43.27
CA GLY H 111 27.02 -33.72 43.80
C GLY H 111 28.20 -33.09 43.07
N ILE H 112 27.96 -31.93 42.45
CA ILE H 112 28.99 -31.20 41.71
C ILE H 112 29.31 -29.97 42.55
N ASP H 113 30.48 -29.38 42.36
CA ASP H 113 30.85 -28.18 43.10
C ASP H 113 30.28 -26.91 42.45
N GLY H 114 29.33 -26.27 43.13
CA GLY H 114 28.70 -25.07 42.62
C GLY H 114 29.69 -24.02 42.16
N GLN H 115 30.61 -23.67 43.06
CA GLN H 115 31.64 -22.68 42.79
C GLN H 115 32.44 -22.97 41.52
N THR H 116 32.69 -24.24 41.24
CA THR H 116 33.45 -24.60 40.06
C THR H 116 32.69 -24.34 38.76
N VAL H 117 31.38 -24.60 38.78
CA VAL H 117 30.55 -24.37 37.60
C VAL H 117 30.58 -22.87 37.29
N LEU H 118 30.24 -22.06 38.29
CA LEU H 118 30.22 -20.61 38.17
C LEU H 118 31.58 -20.08 37.70
N ASP H 119 32.62 -20.66 38.28
CA ASP H 119 33.99 -20.30 37.98
C ASP H 119 34.33 -20.64 36.54
N ASN H 120 33.74 -21.72 36.03
CA ASN H 120 33.99 -22.16 34.66
C ASN H 120 32.85 -21.92 33.65
N THR H 121 32.04 -20.91 33.91
CA THR H 121 30.98 -20.55 33.00
C THR H 121 31.07 -19.06 32.72
N PHE H 122 31.36 -18.72 31.47
CA PHE H 122 31.45 -17.33 31.09
C PHE H 122 30.07 -16.89 30.71
N VAL H 123 29.65 -15.74 31.22
CA VAL H 123 28.33 -15.20 30.93
C VAL H 123 28.47 -13.88 30.18
N ALA H 124 27.76 -13.75 29.05
CA ALA H 124 27.80 -12.52 28.26
C ALA H 124 26.38 -11.98 28.07
N ARG H 125 26.09 -10.86 28.72
CA ARG H 125 24.79 -10.24 28.63
C ARG H 125 24.71 -9.44 27.32
N ALA H 126 23.82 -9.86 26.43
CA ALA H 126 23.64 -9.22 25.12
C ALA H 126 22.35 -8.39 25.04
N TYR H 127 22.46 -7.08 24.83
CA TYR H 127 21.26 -6.25 24.77
C TYR H 127 20.72 -6.03 23.34
N ASN H 128 21.43 -6.52 22.33
CA ASN H 128 20.95 -6.36 20.94
C ASN H 128 21.61 -7.42 20.08
N SER H 129 21.15 -7.56 18.85
CA SER H 129 21.70 -8.57 17.94
C SER H 129 23.18 -8.34 17.65
N ASP H 130 23.59 -7.09 17.60
CA ASP H 130 25.00 -6.80 17.35
C ASP H 130 25.86 -7.47 18.44
N MET H 131 25.58 -7.17 19.70
CA MET H 131 26.37 -7.74 20.80
C MET H 131 26.34 -9.28 20.77
N GLN H 132 25.14 -9.81 20.59
CA GLN H 132 24.91 -11.24 20.54
C GLN H 132 25.80 -11.94 19.54
N MET H 133 25.86 -11.42 18.32
CA MET H 133 26.67 -12.00 17.28
C MET H 133 28.15 -11.78 17.53
N LEU H 134 28.51 -10.60 18.02
CA LEU H 134 29.91 -10.33 18.29
C LEU H 134 30.40 -11.22 19.45
N PHE H 135 29.55 -11.46 20.44
CA PHE H 135 29.96 -12.33 21.55
C PHE H 135 30.25 -13.75 21.03
N ALA H 136 29.43 -14.23 20.10
CA ALA H 136 29.65 -15.58 19.58
C ALA H 136 31.00 -15.66 18.87
N GLU H 137 31.29 -14.64 18.05
CA GLU H 137 32.55 -14.61 17.33
C GLU H 137 33.72 -14.52 18.30
N LYS H 138 33.56 -13.76 19.38
CA LYS H 138 34.61 -13.63 20.37
C LYS H 138 34.89 -14.92 21.14
N ILE H 139 34.08 -15.94 20.93
CA ILE H 139 34.32 -17.21 21.62
C ILE H 139 35.63 -17.80 21.12
N GLU H 140 35.98 -17.52 19.87
CA GLU H 140 37.24 -18.03 19.36
C GLU H 140 38.35 -17.39 20.18
N ASP H 141 38.18 -16.10 20.49
CA ASP H 141 39.16 -15.36 21.28
C ASP H 141 39.32 -15.93 22.68
N LEU H 142 38.22 -16.41 23.26
CA LEU H 142 38.29 -17.02 24.58
C LEU H 142 39.13 -18.27 24.47
N ILE H 143 38.89 -19.04 23.41
CA ILE H 143 39.62 -20.27 23.17
C ILE H 143 41.08 -19.94 22.85
N GLN H 144 41.33 -18.72 22.39
CA GLN H 144 42.69 -18.30 22.05
C GLN H 144 43.51 -18.16 23.33
N GLU H 145 42.91 -17.53 24.34
CA GLU H 145 43.56 -17.30 25.63
C GLU H 145 43.68 -18.60 26.45
N GLY H 146 43.49 -19.74 25.81
CA GLY H 146 43.61 -21.00 26.52
C GLY H 146 42.41 -21.48 27.32
N ASN H 147 41.21 -21.09 26.90
CA ASN H 147 39.98 -21.51 27.58
C ASN H 147 39.38 -22.66 26.76
N ASN H 148 39.20 -23.81 27.39
CA ASN H 148 38.64 -24.95 26.69
C ASN H 148 37.11 -24.88 26.63
N ILE H 149 36.61 -23.95 25.81
CA ILE H 149 35.17 -23.79 25.64
C ILE H 149 34.64 -25.06 24.98
N LYS H 150 33.73 -25.74 25.66
CA LYS H 150 33.15 -26.98 25.17
C LYS H 150 31.61 -26.92 25.08
N LEU H 151 31.03 -25.86 25.62
CA LEU H 151 29.60 -25.68 25.58
C LEU H 151 29.28 -24.22 25.29
N VAL H 152 28.40 -23.99 24.34
CA VAL H 152 27.99 -22.63 24.04
C VAL H 152 26.48 -22.66 24.13
N VAL H 153 25.95 -21.70 24.87
CA VAL H 153 24.52 -21.58 25.07
C VAL H 153 24.09 -20.20 24.55
N ILE H 154 23.09 -20.17 23.68
CA ILE H 154 22.58 -18.88 23.21
C ILE H 154 21.14 -18.85 23.72
N ASP H 155 20.89 -18.05 24.76
CA ASP H 155 19.56 -17.93 25.35
C ASP H 155 19.12 -16.45 25.38
N SER H 156 18.28 -16.02 24.44
CA SER H 156 17.72 -16.87 23.38
C SER H 156 18.33 -16.54 22.01
N LEU H 157 18.05 -17.38 21.04
CA LEU H 157 18.58 -17.20 19.70
C LEU H 157 18.02 -16.01 18.89
N THR H 158 16.70 -15.81 18.96
CA THR H 158 16.00 -14.79 18.15
C THR H 158 15.44 -13.56 18.83
N SER H 159 15.43 -13.56 20.16
CA SER H 159 14.92 -12.45 20.97
C SER H 159 15.34 -11.04 20.47
N THR H 160 16.63 -10.82 20.27
CA THR H 160 17.11 -9.53 19.83
C THR H 160 16.74 -9.20 18.37
N PHE H 161 16.76 -10.21 17.50
CA PHE H 161 16.42 -9.99 16.09
C PHE H 161 14.94 -9.64 15.97
N ARG H 162 14.12 -10.27 16.80
CA ARG H 162 12.69 -10.02 16.79
C ARG H 162 12.40 -8.61 17.29
N ASN H 163 13.07 -8.21 18.36
CA ASN H 163 12.87 -6.87 18.91
C ASN H 163 13.37 -5.76 17.98
N GLU H 164 14.35 -6.08 17.15
CA GLU H 164 14.93 -5.10 16.25
C GLU H 164 14.31 -5.00 14.86
N TYR H 165 13.80 -6.12 14.36
CA TYR H 165 13.20 -6.17 13.04
C TYR H 165 11.71 -6.46 13.13
N THR H 166 10.98 -5.42 13.50
CA THR H 166 9.53 -5.51 13.60
C THR H 166 9.02 -4.88 12.30
N GLY H 167 8.66 -5.73 11.34
CA GLY H 167 8.17 -5.25 10.07
C GLY H 167 8.65 -6.08 8.88
N ARG H 168 7.70 -6.57 8.09
CA ARG H 168 7.99 -7.41 6.93
C ARG H 168 8.91 -6.72 5.91
N GLY H 169 9.09 -5.40 6.05
CA GLY H 169 9.94 -4.67 5.13
C GLY H 169 11.41 -4.76 5.47
N LYS H 170 11.71 -5.36 6.62
CA LYS H 170 13.09 -5.51 7.07
C LYS H 170 13.45 -6.97 7.27
N LEU H 171 12.45 -7.83 7.15
CA LEU H 171 12.61 -9.25 7.33
C LEU H 171 13.78 -9.88 6.58
N ALA H 172 14.08 -9.39 5.38
CA ALA H 172 15.19 -9.92 4.62
C ALA H 172 16.50 -9.65 5.34
N GLU H 173 16.70 -8.39 5.74
CA GLU H 173 17.92 -8.05 6.45
C GLU H 173 18.02 -8.85 7.76
N ARG H 174 16.89 -9.07 8.41
CA ARG H 174 16.87 -9.84 9.64
C ARG H 174 17.31 -11.29 9.38
N GLN H 175 16.79 -11.88 8.32
CA GLN H 175 17.12 -13.24 7.95
C GLN H 175 18.58 -13.41 7.56
N GLN H 176 19.14 -12.39 6.91
CA GLN H 176 20.53 -12.47 6.51
C GLN H 176 21.48 -12.39 7.72
N LYS H 177 21.17 -11.50 8.65
CA LYS H 177 21.99 -11.36 9.84
C LYS H 177 21.95 -12.70 10.63
N LEU H 178 20.76 -13.29 10.71
CA LEU H 178 20.52 -14.54 11.40
C LEU H 178 21.32 -15.66 10.75
N GLY H 179 21.34 -15.65 9.41
CA GLY H 179 22.05 -16.66 8.65
C GLY H 179 23.52 -16.57 8.95
N ARG H 180 23.97 -15.35 9.15
CA ARG H 180 25.36 -15.10 9.46
C ARG H 180 25.65 -15.64 10.88
N HIS H 181 24.76 -15.37 11.81
CA HIS H 181 24.92 -15.82 13.19
C HIS H 181 24.93 -17.36 13.24
N MET H 182 24.04 -17.99 12.47
CA MET H 182 23.95 -19.45 12.43
C MET H 182 25.24 -20.08 11.89
N ALA H 183 25.86 -19.45 10.90
CA ALA H 183 27.11 -19.95 10.34
C ALA H 183 28.20 -19.93 11.41
N THR H 184 28.21 -18.86 12.19
CA THR H 184 29.20 -18.73 13.26
C THR H 184 29.01 -19.82 14.32
N LEU H 185 27.76 -20.08 14.70
CA LEU H 185 27.48 -21.08 15.72
C LEU H 185 27.86 -22.48 15.27
N ASN H 186 27.67 -22.75 13.98
CA ASN H 186 28.00 -24.04 13.39
C ASN H 186 29.52 -24.15 13.21
N LYS H 187 30.15 -23.03 12.92
CA LYS H 187 31.59 -22.99 12.71
C LYS H 187 32.32 -23.27 14.03
N LEU H 188 31.82 -22.72 15.12
CA LEU H 188 32.50 -22.96 16.37
C LEU H 188 32.20 -24.37 16.90
N ALA H 189 31.02 -24.90 16.59
CA ALA H 189 30.69 -26.26 17.02
C ALA H 189 31.65 -27.25 16.34
N ASP H 190 31.88 -27.04 15.05
CA ASP H 190 32.73 -27.92 14.25
C ASP H 190 34.24 -27.73 14.43
N LEU H 191 34.71 -26.49 14.43
CA LEU H 191 36.14 -26.25 14.58
C LEU H 191 36.66 -26.51 15.97
N PHE H 192 35.83 -26.26 16.97
CA PHE H 192 36.25 -26.43 18.35
C PHE H 192 35.60 -27.60 19.07
N ASN H 193 35.06 -28.52 18.30
CA ASN H 193 34.42 -29.71 18.85
C ASN H 193 33.61 -29.46 20.11
N CYS H 194 32.67 -28.52 20.06
CA CYS H 194 31.82 -28.28 21.22
C CYS H 194 30.34 -28.38 20.88
N VAL H 195 29.50 -28.42 21.91
CA VAL H 195 28.08 -28.51 21.69
C VAL H 195 27.52 -27.11 21.83
N VAL H 196 26.70 -26.73 20.87
CA VAL H 196 26.06 -25.43 20.88
C VAL H 196 24.57 -25.67 21.08
N LEU H 197 23.99 -25.00 22.05
CA LEU H 197 22.57 -25.09 22.35
C LEU H 197 21.94 -23.72 22.19
N VAL H 198 20.75 -23.69 21.64
CA VAL H 198 20.05 -22.41 21.49
C VAL H 198 18.61 -22.63 21.89
N THR H 199 18.00 -21.61 22.48
CA THR H 199 16.61 -21.66 22.88
C THR H 199 15.91 -20.72 21.88
N ASN H 200 14.63 -20.95 21.63
CA ASN H 200 13.88 -20.14 20.67
C ASN H 200 12.41 -20.16 21.03
N GLN H 201 11.63 -19.27 20.41
CA GLN H 201 10.19 -19.20 20.64
C GLN H 201 9.50 -19.80 19.43
N VAL H 202 8.22 -20.11 19.55
CA VAL H 202 7.44 -20.69 18.47
C VAL H 202 6.27 -19.78 18.06
N SER H 203 5.63 -20.11 16.94
CA SER H 203 4.48 -19.35 16.44
C SER H 203 3.62 -20.26 15.57
N ALA H 204 2.32 -19.98 15.53
CA ALA H 204 1.36 -20.75 14.74
C ALA H 204 1.98 -21.38 13.49
N ALA H 213 1.80 -26.18 11.34
CA ALA H 213 0.93 -25.77 12.45
C ALA H 213 1.79 -25.36 13.65
N GLU H 214 3.05 -25.76 13.62
CA GLU H 214 4.00 -25.45 14.69
C GLU H 214 5.30 -24.99 14.04
N GLN H 215 5.87 -23.88 14.51
CA GLN H 215 7.11 -23.40 13.91
C GLN H 215 7.99 -22.50 14.77
N ALA H 216 9.29 -22.79 14.80
CA ALA H 216 10.25 -22.01 15.58
C ALA H 216 10.57 -20.71 14.85
N ILE H 217 10.72 -19.63 15.61
CA ILE H 217 11.00 -18.33 15.03
C ILE H 217 12.31 -18.27 14.27
N GLY H 218 12.27 -17.70 13.07
CA GLY H 218 13.49 -17.59 12.28
C GLY H 218 13.36 -18.28 10.95
N GLY H 219 12.35 -19.12 10.80
CA GLY H 219 12.13 -19.81 9.54
C GLY H 219 13.18 -20.84 9.15
N HIS H 220 13.31 -21.06 7.85
CA HIS H 220 14.25 -22.03 7.29
C HIS H 220 15.70 -21.63 7.41
N ILE H 221 15.97 -20.34 7.51
CA ILE H 221 17.34 -19.88 7.66
C ILE H 221 17.94 -20.53 8.92
N VAL H 222 17.13 -20.58 9.98
CA VAL H 222 17.54 -21.17 11.25
C VAL H 222 17.39 -22.70 11.19
N GLY H 223 16.19 -23.15 10.82
CA GLY H 223 15.91 -24.57 10.74
C GLY H 223 16.89 -25.40 9.94
N HIS H 224 17.28 -24.91 8.76
CA HIS H 224 18.24 -25.64 7.92
C HIS H 224 19.63 -25.73 8.56
N ALA H 225 19.96 -24.74 9.38
CA ALA H 225 21.26 -24.67 10.04
C ALA H 225 21.31 -25.27 11.46
N ALA H 226 20.22 -25.87 11.93
CA ALA H 226 20.19 -26.49 13.27
C ALA H 226 20.10 -27.99 13.04
N THR H 227 21.09 -28.74 13.51
CA THR H 227 21.09 -30.19 13.30
C THR H 227 20.03 -30.97 14.10
N PHE H 228 19.81 -30.59 15.35
CA PHE H 228 18.83 -31.26 16.19
C PHE H 228 17.83 -30.23 16.68
N ARG H 229 16.55 -30.50 16.46
CA ARG H 229 15.53 -29.55 16.87
C ARG H 229 14.43 -30.19 17.69
N PHE H 230 14.04 -29.48 18.74
CA PHE H 230 13.00 -29.90 19.65
C PHE H 230 11.92 -28.85 19.83
N PHE H 231 10.74 -29.32 20.18
CA PHE H 231 9.64 -28.43 20.56
C PHE H 231 9.47 -28.89 21.99
N VAL H 232 9.43 -27.94 22.92
CA VAL H 232 9.28 -28.26 24.33
C VAL H 232 7.94 -27.78 24.85
N ARG H 233 7.13 -28.70 25.36
CA ARG H 233 5.81 -28.35 25.87
C ARG H 233 5.68 -28.66 27.36
N LYS H 234 4.74 -27.97 27.98
CA LYS H 234 4.45 -28.15 29.40
C LYS H 234 3.45 -29.28 29.57
N GLY H 235 3.82 -30.25 30.39
CA GLY H 235 2.91 -31.34 30.69
C GLY H 235 2.15 -30.89 31.92
N LYS H 236 1.60 -31.82 32.69
CA LYS H 236 0.89 -31.46 33.92
C LYS H 236 1.95 -31.22 35.00
N GLY H 237 1.78 -30.16 35.77
CA GLY H 237 2.74 -29.85 36.83
C GLY H 237 4.14 -29.50 36.36
N ASP H 238 5.14 -30.09 37.02
CA ASP H 238 6.53 -29.84 36.68
C ASP H 238 7.02 -30.74 35.55
N LYS H 239 6.11 -31.45 34.91
CA LYS H 239 6.49 -32.31 33.81
C LYS H 239 6.61 -31.49 32.52
N ARG H 240 7.47 -31.93 31.63
CA ARG H 240 7.68 -31.26 30.36
C ARG H 240 7.91 -32.34 29.34
N VAL H 241 7.64 -32.04 28.07
CA VAL H 241 7.84 -33.03 27.03
C VAL H 241 8.64 -32.40 25.91
N ALA H 242 9.77 -32.99 25.60
CA ALA H 242 10.59 -32.48 24.54
C ALA H 242 10.39 -33.40 23.34
N LYS H 243 10.00 -32.83 22.21
CA LYS H 243 9.82 -33.62 21.00
C LYS H 243 10.87 -33.31 19.95
N LEU H 244 11.65 -34.34 19.62
CA LEU H 244 12.69 -34.23 18.62
C LEU H 244 11.96 -34.46 17.31
N TYR H 245 11.85 -33.40 16.50
CA TYR H 245 11.16 -33.54 15.23
C TYR H 245 12.11 -33.48 14.06
N ASP H 246 13.39 -33.26 14.34
CA ASP H 246 14.38 -33.19 13.28
C ASP H 246 15.77 -33.55 13.82
N SER H 247 16.43 -34.45 13.11
CA SER H 247 17.77 -34.93 13.44
C SER H 247 18.22 -35.63 12.16
N PRO H 248 19.54 -35.72 11.93
CA PRO H 248 20.01 -36.38 10.71
C PRO H 248 19.69 -37.87 10.59
N HIS H 249 19.84 -38.61 11.69
CA HIS H 249 19.59 -40.05 11.64
C HIS H 249 18.80 -40.64 12.81
N LEU H 250 18.25 -39.79 13.66
CA LEU H 250 17.46 -40.31 14.77
C LEU H 250 15.98 -40.32 14.42
N PRO H 251 15.19 -41.17 15.10
CA PRO H 251 13.77 -41.25 14.82
C PRO H 251 13.09 -40.09 15.54
N ASP H 252 12.04 -39.53 14.94
CA ASP H 252 11.33 -38.46 15.62
C ASP H 252 10.74 -39.15 16.83
N ALA H 253 10.74 -38.48 17.98
CA ALA H 253 10.21 -39.09 19.21
C ALA H 253 10.06 -38.07 20.32
N GLU H 254 9.34 -38.45 21.36
CA GLU H 254 9.08 -37.58 22.50
C GLU H 254 9.66 -38.14 23.78
N ALA H 255 10.16 -37.25 24.64
CA ALA H 255 10.71 -37.66 25.92
C ALA H 255 10.09 -36.79 27.00
N ILE H 256 9.64 -37.41 28.08
CA ILE H 256 9.04 -36.68 29.17
C ILE H 256 10.04 -36.61 30.32
N PHE H 257 10.00 -35.51 31.06
CA PHE H 257 10.91 -35.31 32.18
C PHE H 257 10.34 -34.26 33.10
N ARG H 258 11.06 -33.92 34.16
CA ARG H 258 10.55 -32.92 35.06
C ARG H 258 11.61 -31.90 35.47
N ILE H 259 11.14 -30.76 35.93
CA ILE H 259 12.00 -29.68 36.39
C ILE H 259 11.67 -29.46 37.86
N THR H 260 12.62 -29.80 38.73
CA THR H 260 12.40 -29.70 40.17
C THR H 260 13.52 -28.91 40.83
N GLU H 261 13.54 -28.89 42.17
CA GLU H 261 14.59 -28.16 42.88
C GLU H 261 15.94 -28.77 42.56
N LYS H 262 15.93 -30.03 42.14
CA LYS H 262 17.15 -30.72 41.77
C LYS H 262 17.55 -30.42 40.34
N GLY H 263 16.69 -29.69 39.62
CA GLY H 263 16.96 -29.36 38.23
C GLY H 263 16.17 -30.26 37.29
N ILE H 264 16.81 -30.73 36.22
CA ILE H 264 16.16 -31.61 35.25
C ILE H 264 16.34 -33.04 35.74
N GLN H 265 15.27 -33.82 35.78
CA GLN H 265 15.39 -35.19 36.25
C GLN H 265 14.46 -36.22 35.61
N ASP H 266 14.66 -37.47 36.02
CA ASP H 266 13.90 -38.64 35.56
C ASP H 266 14.47 -39.22 34.27
N SER I 2 41.30 -11.25 31.53
CA SER I 2 41.47 -11.58 30.08
C SER I 2 40.10 -11.61 29.41
N HIS I 3 39.24 -12.49 29.90
CA HIS I 3 37.89 -12.62 29.38
C HIS I 3 37.17 -11.31 29.66
N MET I 4 37.62 -10.63 30.71
CA MET I 4 37.06 -9.35 31.12
C MET I 4 37.12 -8.39 29.94
N ASP I 5 38.32 -8.23 29.39
CA ASP I 5 38.53 -7.35 28.25
C ASP I 5 37.59 -7.68 27.11
N LEU I 6 37.16 -8.95 27.05
CA LEU I 6 36.27 -9.40 26.00
C LEU I 6 34.77 -9.17 26.25
N GLY I 7 34.41 -8.79 27.47
CA GLY I 7 33.00 -8.56 27.76
C GLY I 7 32.34 -9.73 28.47
N PHE I 8 33.09 -10.79 28.72
CA PHE I 8 32.56 -11.96 29.41
C PHE I 8 32.87 -11.83 30.90
N LYS I 9 32.03 -12.46 31.74
CA LYS I 9 32.21 -12.45 33.17
C LYS I 9 31.85 -13.80 33.71
N SER I 10 32.75 -14.41 34.46
CA SER I 10 32.47 -15.72 35.05
C SER I 10 31.29 -15.54 36.00
N GLY I 11 30.69 -16.65 36.42
CA GLY I 11 29.57 -16.55 37.34
C GLY I 11 30.09 -16.01 38.65
N ILE I 12 31.34 -16.33 38.96
CA ILE I 12 31.96 -15.85 40.18
C ILE I 12 32.10 -14.34 40.07
N ASP I 13 32.53 -13.85 38.90
CA ASP I 13 32.67 -12.41 38.70
C ASP I 13 31.34 -11.73 38.99
N LEU I 14 30.25 -12.29 38.45
CA LEU I 14 28.91 -11.73 38.65
C LEU I 14 28.62 -11.61 40.14
N LEU I 15 28.80 -12.70 40.87
CA LEU I 15 28.56 -12.70 42.31
C LEU I 15 29.40 -11.63 42.99
N LYS I 16 30.66 -11.51 42.56
CA LYS I 16 31.56 -10.53 43.14
C LYS I 16 31.15 -9.09 42.85
N GLN I 17 30.60 -8.84 41.68
CA GLN I 17 30.20 -7.48 41.34
C GLN I 17 28.92 -7.10 42.08
N ARG I 18 28.16 -8.12 42.48
CA ARG I 18 26.93 -7.92 43.20
C ARG I 18 27.21 -7.20 44.55
N SER I 19 28.38 -7.46 45.13
CA SER I 19 28.74 -6.87 46.42
C SER I 19 29.00 -5.37 46.38
N THR I 20 29.41 -4.88 45.22
CA THR I 20 29.74 -3.46 45.08
C THR I 20 28.57 -2.54 44.72
N VAL I 21 27.37 -3.12 44.60
CA VAL I 21 26.21 -2.30 44.27
C VAL I 21 25.89 -1.35 45.41
N TRP I 22 25.70 -0.07 45.09
CA TRP I 22 25.34 0.90 46.13
C TRP I 22 23.97 1.47 45.74
N LYS I 23 23.26 2.06 46.69
CA LYS I 23 21.96 2.63 46.40
C LYS I 23 21.85 4.11 46.76
N LEU I 24 21.01 4.81 46.02
CA LEU I 24 20.76 6.24 46.21
C LEU I 24 19.31 6.42 46.63
N SER I 25 19.12 7.09 47.76
CA SER I 25 17.78 7.35 48.26
C SER I 25 17.01 8.33 47.39
N THR I 26 15.70 8.15 47.36
CA THR I 26 14.82 9.00 46.58
C THR I 26 14.19 10.10 47.43
N SER I 27 14.41 10.06 48.75
CA SER I 27 13.82 11.04 49.66
C SER I 27 12.40 10.65 50.04
N SER I 28 11.99 9.46 49.63
CA SER I 28 10.67 8.91 49.93
C SER I 28 10.88 7.52 50.53
N SER I 29 10.39 7.34 51.76
CA SER I 29 10.52 6.08 52.49
C SER I 29 9.83 4.96 51.75
N GLU I 30 8.61 5.23 51.28
CA GLU I 30 7.84 4.24 50.55
C GLU I 30 8.55 3.83 49.25
N LEU I 31 8.99 4.81 48.47
CA LEU I 31 9.66 4.50 47.20
C LEU I 31 10.97 3.73 47.45
N ASP I 32 11.74 4.17 48.45
CA ASP I 32 13.00 3.50 48.80
C ASP I 32 12.70 2.05 49.22
N SER I 33 11.58 1.84 49.89
CA SER I 33 11.25 0.50 50.33
C SER I 33 10.88 -0.36 49.14
N VAL I 34 10.12 0.22 48.21
CA VAL I 34 9.74 -0.52 47.03
C VAL I 34 10.99 -0.91 46.24
N LEU I 35 11.98 -0.01 46.21
CA LEU I 35 13.23 -0.26 45.50
C LEU I 35 14.13 -1.22 46.25
N GLY I 36 13.68 -1.64 47.43
CA GLY I 36 14.46 -2.54 48.24
C GLY I 36 15.70 -1.86 48.80
N GLY I 37 15.57 -0.56 49.10
CA GLY I 37 16.68 0.19 49.64
C GLY I 37 16.86 1.55 48.99
N GLY I 38 16.87 1.57 47.66
CA GLY I 38 17.04 2.82 46.92
C GLY I 38 17.41 2.51 45.48
N LEU I 39 17.65 3.52 44.66
CA LEU I 39 18.00 3.34 43.25
C LEU I 39 19.37 2.66 43.19
N GLU I 40 19.44 1.53 42.49
CA GLU I 40 20.67 0.74 42.38
C GLU I 40 21.71 1.11 41.33
N SER I 41 22.97 1.05 41.74
CA SER I 41 24.07 1.31 40.82
C SER I 41 24.20 0.03 39.98
N GLN I 42 24.87 0.13 38.84
CA GLN I 42 25.05 -1.04 37.96
C GLN I 42 23.75 -1.48 37.28
N SER I 43 22.70 -0.68 37.39
CA SER I 43 21.44 -1.03 36.73
C SER I 43 20.82 0.19 36.06
N VAL I 44 19.94 -0.05 35.10
CA VAL I 44 19.23 1.04 34.45
C VAL I 44 17.85 0.98 35.05
N THR I 45 17.39 2.09 35.61
CA THR I 45 16.07 2.14 36.20
C THR I 45 15.21 3.11 35.39
N GLU I 46 14.05 2.63 34.97
CA GLU I 46 13.13 3.42 34.15
C GLU I 46 11.88 3.91 34.83
N PHE I 47 11.60 5.20 34.68
CA PHE I 47 10.37 5.78 35.20
C PHE I 47 9.53 6.22 34.00
N ALA I 48 8.46 5.49 33.73
CA ALA I 48 7.58 5.81 32.61
C ALA I 48 6.23 6.36 33.07
N GLY I 49 5.79 7.44 32.41
CA GLY I 49 4.51 8.04 32.76
C GLY I 49 4.18 9.25 31.90
N VAL I 50 3.04 9.88 32.15
CA VAL I 50 2.64 11.05 31.39
C VAL I 50 3.37 12.31 31.81
N PHE I 51 3.25 13.35 31.02
CA PHE I 51 3.86 14.61 31.37
C PHE I 51 3.27 15.06 32.70
N GLY I 52 4.13 15.48 33.61
CA GLY I 52 3.67 15.96 34.90
C GLY I 52 3.47 14.90 35.97
N SER I 53 3.90 13.68 35.69
CA SER I 53 3.76 12.58 36.63
C SER I 53 4.88 12.42 37.66
N GLY I 54 5.88 13.30 37.62
CA GLY I 54 6.97 13.23 38.58
C GLY I 54 8.32 12.69 38.11
N LYS I 55 8.38 12.16 36.89
CA LYS I 55 9.62 11.62 36.34
C LYS I 55 10.81 12.58 36.45
N THR I 56 10.65 13.79 35.92
CA THR I 56 11.70 14.80 35.94
C THR I 56 12.05 15.25 37.36
N GLN I 57 11.06 15.28 38.26
CA GLN I 57 11.28 15.67 39.65
C GLN I 57 12.19 14.64 40.34
N ILE I 58 11.94 13.37 40.08
CA ILE I 58 12.78 12.34 40.66
C ILE I 58 14.22 12.51 40.14
N MET I 59 14.38 12.84 38.86
CA MET I 59 15.72 13.03 38.31
C MET I 59 16.44 14.15 39.05
N HIS I 60 15.75 15.28 39.24
CA HIS I 60 16.34 16.41 39.93
C HIS I 60 16.65 16.00 41.39
N GLN I 61 15.68 15.42 42.08
CA GLN I 61 15.91 15.00 43.46
C GLN I 61 17.14 14.10 43.54
N SER I 62 17.33 13.23 42.56
CA SER I 62 18.48 12.33 42.55
C SER I 62 19.81 13.10 42.45
N CYS I 63 19.83 14.16 41.64
CA CYS I 63 21.06 14.94 41.52
C CYS I 63 21.35 15.65 42.85
N VAL I 64 20.31 16.11 43.52
CA VAL I 64 20.50 16.80 44.81
C VAL I 64 21.00 15.78 45.87
N ASN I 65 20.29 14.65 45.99
CA ASN I 65 20.62 13.62 46.96
C ASN I 65 21.99 13.01 46.83
N LEU I 66 22.55 13.04 45.62
CA LEU I 66 23.87 12.47 45.39
C LEU I 66 24.93 13.25 46.17
N GLN I 67 24.63 14.51 46.46
CA GLN I 67 25.57 15.36 47.18
C GLN I 67 25.47 15.26 48.71
N ASN I 68 24.68 14.33 49.21
CA ASN I 68 24.59 14.14 50.65
C ASN I 68 25.05 12.72 50.92
N PRO I 69 26.29 12.56 51.39
CA PRO I 69 26.90 11.26 51.69
C PRO I 69 26.01 10.25 52.37
N GLU I 70 25.14 10.72 53.27
CA GLU I 70 24.26 9.82 54.00
C GLU I 70 23.14 9.25 53.16
N PHE I 71 22.95 9.79 51.96
CA PHE I 71 21.90 9.28 51.09
C PHE I 71 22.38 8.13 50.20
N LEU I 72 23.68 7.83 50.24
CA LEU I 72 24.19 6.70 49.46
C LEU I 72 24.37 5.52 50.44
N PHE I 73 23.80 4.37 50.12
CA PHE I 73 23.90 3.20 51.00
C PHE I 73 24.73 2.12 50.37
N TYR I 74 25.76 1.68 51.08
CA TYR I 74 26.63 0.64 50.57
C TYR I 74 27.35 -0.17 51.63
N ASP I 75 27.94 -1.28 51.19
CA ASP I 75 28.69 -2.16 52.07
C ASP I 75 30.08 -1.56 52.22
N GLU I 76 30.31 -0.91 53.34
CA GLU I 76 31.58 -0.29 53.64
C GLU I 76 32.74 -1.27 53.55
N GLU I 77 32.41 -2.56 53.58
CA GLU I 77 33.41 -3.63 53.48
C GLU I 77 33.75 -3.92 52.02
N ALA I 78 32.86 -3.53 51.09
CA ALA I 78 33.09 -3.77 49.67
C ALA I 78 33.27 -2.49 48.86
N VAL I 79 32.78 -1.36 49.37
CA VAL I 79 32.93 -0.10 48.64
C VAL I 79 33.72 0.94 49.45
N SER I 80 34.88 1.33 48.94
CA SER I 80 35.73 2.32 49.61
C SER I 80 35.12 3.70 49.52
N LYS I 81 35.38 4.53 50.53
CA LYS I 81 34.84 5.88 50.56
C LYS I 81 35.21 6.66 49.30
N GLY I 82 36.40 6.39 48.77
CA GLY I 82 36.86 7.07 47.56
C GLY I 82 36.04 6.73 46.33
N GLU I 83 35.51 5.51 46.29
CA GLU I 83 34.68 5.09 45.16
C GLU I 83 33.54 6.09 45.02
N VAL I 84 32.97 6.49 46.15
CA VAL I 84 31.85 7.44 46.13
C VAL I 84 32.17 8.87 46.52
N ALA I 85 33.45 9.23 46.61
CA ALA I 85 33.84 10.60 47.00
C ALA I 85 33.67 11.59 45.84
N GLN I 86 33.40 12.84 46.17
CA GLN I 86 33.17 13.90 45.18
C GLN I 86 32.40 13.32 43.99
N PRO I 87 31.24 12.72 44.24
CA PRO I 87 30.44 12.15 43.16
C PRO I 87 29.83 13.25 42.29
N LYS I 88 29.70 12.96 41.01
CA LYS I 88 29.10 13.91 40.09
C LYS I 88 27.96 13.28 39.29
N ALA I 89 27.06 14.11 38.79
CA ALA I 89 25.97 13.59 37.99
C ALA I 89 26.03 14.18 36.58
N VAL I 90 25.43 13.46 35.65
CA VAL I 90 25.31 13.87 34.26
C VAL I 90 23.80 13.82 33.98
N TYR I 91 23.27 14.93 33.52
CA TYR I 91 21.86 15.04 33.20
C TYR I 91 21.76 15.34 31.69
N ILE I 92 21.35 14.34 30.91
CA ILE I 92 21.19 14.52 29.48
C ILE I 92 19.74 14.95 29.27
N ASP I 93 19.56 16.21 28.91
CA ASP I 93 18.26 16.86 28.75
C ASP I 93 17.85 16.95 27.26
N THR I 94 16.80 16.21 26.89
CA THR I 94 16.34 16.18 25.51
C THR I 94 15.18 17.10 25.17
N GLU I 95 14.62 17.78 26.17
CA GLU I 95 13.51 18.68 25.91
C GLU I 95 13.59 20.02 26.64
N GLY I 96 14.69 20.24 27.38
CA GLY I 96 14.89 21.48 28.13
C GLY I 96 14.24 21.48 29.51
N THR I 97 14.30 20.34 30.19
CA THR I 97 13.68 20.20 31.51
C THR I 97 14.57 20.47 32.72
N PHE I 98 15.86 20.70 32.51
CA PHE I 98 16.72 20.94 33.65
C PHE I 98 16.42 22.33 34.21
N ARG I 99 16.25 22.42 35.53
CA ARG I 99 15.93 23.69 36.18
C ARG I 99 16.86 23.93 37.35
N PRO I 100 17.91 24.76 37.15
CA PRO I 100 18.84 25.03 38.25
C PRO I 100 18.16 25.55 39.52
N GLU I 101 17.10 26.33 39.36
CA GLU I 101 16.42 26.88 40.52
C GLU I 101 15.68 25.79 41.29
N ARG I 102 15.23 24.73 40.61
CA ARG I 102 14.55 23.65 41.29
C ARG I 102 15.60 22.87 42.07
N ILE I 103 16.81 22.81 41.52
CA ILE I 103 17.93 22.15 42.18
C ILE I 103 18.25 22.91 43.48
N MET I 104 18.32 24.24 43.35
CA MET I 104 18.60 25.12 44.48
C MET I 104 17.58 24.89 45.58
N GLN I 105 16.32 24.93 45.20
CA GLN I 105 15.22 24.75 46.13
C GLN I 105 15.28 23.40 46.85
N MET I 106 15.38 22.30 46.12
CA MET I 106 15.44 20.98 46.74
C MET I 106 16.60 20.88 47.70
N ALA I 107 17.75 21.41 47.29
CA ALA I 107 18.95 21.39 48.11
C ALA I 107 18.72 22.15 49.43
N GLU I 108 18.25 23.39 49.32
CA GLU I 108 17.99 24.20 50.51
C GLU I 108 17.13 23.45 51.52
N HIS I 109 15.98 22.95 51.06
CA HIS I 109 15.07 22.20 51.91
C HIS I 109 15.65 20.86 52.38
N ALA I 110 16.81 20.50 51.85
CA ALA I 110 17.43 19.24 52.23
C ALA I 110 18.68 19.52 53.08
N GLY I 111 18.94 20.79 53.33
CA GLY I 111 20.12 21.16 54.10
C GLY I 111 21.39 20.87 53.33
N ILE I 112 21.27 20.86 52.00
CA ILE I 112 22.40 20.61 51.12
C ILE I 112 22.71 21.92 50.42
N ASP I 113 23.99 22.21 50.21
CA ASP I 113 24.34 23.44 49.53
C ASP I 113 23.96 23.29 48.06
N GLY I 114 23.05 24.14 47.59
CA GLY I 114 22.62 24.07 46.20
C GLY I 114 23.74 24.36 45.22
N GLN I 115 24.64 25.24 45.64
CA GLN I 115 25.78 25.62 44.82
C GLN I 115 26.66 24.41 44.54
N THR I 116 26.76 23.53 45.53
CA THR I 116 27.56 22.32 45.39
C THR I 116 26.91 21.38 44.39
N VAL I 117 25.58 21.32 44.41
CA VAL I 117 24.89 20.43 43.50
C VAL I 117 25.11 20.88 42.07
N LEU I 118 24.96 22.19 41.84
CA LEU I 118 25.13 22.76 40.51
C LEU I 118 26.55 22.61 40.00
N ASP I 119 27.50 22.74 40.91
CA ASP I 119 28.90 22.63 40.55
C ASP I 119 29.28 21.19 40.26
N ASN I 120 28.48 20.24 40.72
CA ASN I 120 28.81 18.82 40.50
C ASN I 120 27.81 18.05 39.65
N THR I 121 27.07 18.79 38.85
CA THR I 121 26.09 18.19 37.96
C THR I 121 26.33 18.72 36.56
N PHE I 122 26.74 17.84 35.67
CA PHE I 122 26.95 18.24 34.29
C PHE I 122 25.63 18.11 33.52
N VAL I 123 25.30 19.14 32.76
CA VAL I 123 24.06 19.14 31.97
C VAL I 123 24.42 19.06 30.47
N ALA I 124 23.79 18.13 29.74
CA ALA I 124 24.05 17.97 28.31
C ALA I 124 22.75 18.13 27.52
N ARG I 125 22.56 19.29 26.92
CA ARG I 125 21.35 19.54 26.16
C ARG I 125 21.45 18.84 24.81
N ALA I 126 20.60 17.84 24.59
CA ALA I 126 20.60 17.08 23.33
C ALA I 126 19.38 17.45 22.48
N TYR I 127 19.61 17.86 21.24
CA TYR I 127 18.51 18.23 20.35
C TYR I 127 18.05 17.14 19.37
N ASN I 128 18.77 16.02 19.33
CA ASN I 128 18.40 14.89 18.47
C ASN I 128 19.05 13.64 19.04
N SER I 129 18.67 12.48 18.51
CA SER I 129 19.18 11.20 19.02
C SER I 129 20.66 10.99 18.86
N ASP I 130 21.22 11.50 17.78
CA ASP I 130 22.66 11.37 17.60
C ASP I 130 23.38 12.04 18.76
N MET I 131 22.99 13.27 19.11
CA MET I 131 23.64 13.97 20.22
C MET I 131 23.43 13.21 21.53
N GLN I 132 22.18 12.77 21.75
CA GLN I 132 21.82 12.03 22.94
C GLN I 132 22.72 10.81 23.12
N MET I 133 22.86 10.03 22.06
CA MET I 133 23.68 8.82 22.13
C MET I 133 25.15 9.16 22.25
N LEU I 134 25.59 10.22 21.57
CA LEU I 134 27.00 10.60 21.64
C LEU I 134 27.31 11.11 23.06
N PHE I 135 26.43 11.93 23.62
CA PHE I 135 26.66 12.43 24.97
C PHE I 135 26.85 11.24 25.92
N ALA I 136 26.00 10.23 25.78
CA ALA I 136 26.10 9.04 26.61
C ALA I 136 27.48 8.38 26.51
N GLU I 137 27.98 8.24 25.30
CA GLU I 137 29.29 7.62 25.09
C GLU I 137 30.42 8.50 25.65
N LYS I 138 30.24 9.82 25.58
CA LYS I 138 31.26 10.73 26.08
C LYS I 138 31.32 10.78 27.61
N ILE I 139 30.38 10.14 28.28
CA ILE I 139 30.44 10.14 29.74
C ILE I 139 31.75 9.42 30.11
N GLU I 140 32.15 8.45 29.31
CA GLU I 140 33.40 7.73 29.57
C GLU I 140 34.59 8.74 29.54
N ASP I 141 34.58 9.64 28.56
CA ASP I 141 35.64 10.65 28.44
C ASP I 141 35.58 11.61 29.64
N LEU I 142 34.38 11.90 30.13
CA LEU I 142 34.23 12.77 31.30
C LEU I 142 34.92 12.10 32.49
N ILE I 143 34.66 10.81 32.64
CA ILE I 143 35.26 10.06 33.74
C ILE I 143 36.78 10.11 33.61
N GLN I 144 37.28 9.80 32.42
CA GLN I 144 38.72 9.80 32.13
C GLN I 144 39.42 11.14 32.37
N GLU I 145 38.65 12.21 32.53
CA GLU I 145 39.20 13.53 32.82
C GLU I 145 39.29 13.77 34.33
N GLY I 146 38.82 12.82 35.13
CA GLY I 146 38.89 12.98 36.58
C GLY I 146 37.58 13.26 37.28
N ASN I 147 36.47 13.08 36.57
CA ASN I 147 35.15 13.32 37.14
C ASN I 147 34.53 12.01 37.59
N ASN I 148 34.31 11.88 38.89
CA ASN I 148 33.72 10.66 39.43
C ASN I 148 32.21 10.67 39.18
N ILE I 149 31.83 10.36 37.94
CA ILE I 149 30.42 10.32 37.57
C ILE I 149 29.79 9.11 38.23
N LYS I 150 28.78 9.35 39.05
CA LYS I 150 28.11 8.25 39.75
C LYS I 150 26.61 8.17 39.46
N LEU I 151 26.07 9.21 38.84
CA LEU I 151 24.66 9.20 38.48
C LEU I 151 24.48 9.72 37.06
N VAL I 152 23.74 8.97 36.26
CA VAL I 152 23.45 9.39 34.90
C VAL I 152 21.94 9.38 34.69
N VAL I 153 21.42 10.53 34.28
CA VAL I 153 20.00 10.72 34.01
C VAL I 153 19.77 10.92 32.49
N ILE I 154 18.84 10.16 31.93
CA ILE I 154 18.44 10.33 30.54
C ILE I 154 16.97 10.79 30.57
N ASP I 155 16.76 12.10 30.50
CA ASP I 155 15.44 12.69 30.53
C ASP I 155 15.25 13.50 29.24
N SER I 156 14.59 12.93 28.23
CA SER I 156 14.01 11.59 28.29
C SER I 156 14.72 10.61 27.35
N LEU I 157 14.43 9.33 27.58
CA LEU I 157 15.02 8.25 26.80
C LEU I 157 14.63 8.18 25.32
N THR I 158 13.35 8.42 25.02
CA THR I 158 12.81 8.24 23.69
C THR I 158 12.33 9.45 22.90
N SER I 159 12.13 10.57 23.58
CA SER I 159 11.68 11.79 22.95
C SER I 159 12.31 11.99 21.54
N THR I 160 13.62 12.08 21.50
CA THR I 160 14.33 12.29 20.24
C THR I 160 14.04 11.19 19.21
N PHE I 161 14.16 9.93 19.61
CA PHE I 161 13.91 8.84 18.69
C PHE I 161 12.49 8.88 18.15
N ARG I 162 11.56 9.29 18.99
CA ARG I 162 10.19 9.35 18.56
C ARG I 162 9.94 10.52 17.59
N ASN I 163 10.65 11.63 17.80
CA ASN I 163 10.47 12.80 16.92
C ASN I 163 11.11 12.62 15.55
N GLU I 164 12.07 11.70 15.46
CA GLU I 164 12.77 11.46 14.22
C GLU I 164 12.20 10.30 13.43
N TYR I 165 11.73 9.28 14.13
CA TYR I 165 11.19 8.10 13.47
C TYR I 165 9.69 8.03 13.44
N THR I 166 9.11 8.76 12.50
CA THR I 166 7.68 8.76 12.29
C THR I 166 7.50 7.70 11.19
N GLY I 167 6.42 6.93 11.27
CA GLY I 167 6.18 5.90 10.27
C GLY I 167 6.86 4.57 10.56
N ARG I 168 6.14 3.49 10.31
CA ARG I 168 6.64 2.13 10.53
C ARG I 168 7.76 1.77 9.56
N GLY I 169 7.97 2.64 8.57
CA GLY I 169 9.00 2.38 7.59
C GLY I 169 10.42 2.41 8.12
N LYS I 170 10.62 3.10 9.24
CA LYS I 170 11.95 3.19 9.82
C LYS I 170 11.97 2.70 11.26
N LEU I 171 10.90 2.04 11.68
CA LEU I 171 10.79 1.52 13.04
C LEU I 171 11.92 0.55 13.36
N ALA I 172 12.29 -0.28 12.39
CA ALA I 172 13.36 -1.25 12.59
C ALA I 172 14.64 -0.47 12.87
N GLU I 173 14.86 0.58 12.09
CA GLU I 173 16.05 1.42 12.26
C GLU I 173 16.01 2.12 13.62
N ARG I 174 14.85 2.62 13.99
CA ARG I 174 14.68 3.28 15.28
C ARG I 174 14.94 2.29 16.42
N GLN I 175 14.44 1.06 16.29
CA GLN I 175 14.65 0.02 17.30
C GLN I 175 16.11 -0.36 17.44
N GLN I 176 16.83 -0.40 16.33
CA GLN I 176 18.25 -0.77 16.36
C GLN I 176 19.09 0.33 16.98
N LYS I 177 18.72 1.59 16.75
CA LYS I 177 19.49 2.67 17.32
C LYS I 177 19.21 2.69 18.84
N LEU I 178 17.97 2.44 19.21
CA LEU I 178 17.60 2.40 20.62
C LEU I 178 18.38 1.27 21.35
N GLY I 179 18.48 0.11 20.72
CA GLY I 179 19.21 -1.01 21.31
C GLY I 179 20.69 -0.67 21.52
N ARG I 180 21.24 0.08 20.59
CA ARG I 180 22.63 0.51 20.71
C ARG I 180 22.75 1.41 21.95
N HIS I 181 21.81 2.35 22.07
CA HIS I 181 21.81 3.29 23.19
C HIS I 181 21.66 2.56 24.53
N MET I 182 20.72 1.60 24.60
CA MET I 182 20.48 0.82 25.82
C MET I 182 21.75 0.04 26.21
N ALA I 183 22.50 -0.42 25.22
CA ALA I 183 23.73 -1.16 25.47
C ALA I 183 24.72 -0.22 26.11
N THR I 184 24.80 1.00 25.57
CA THR I 184 25.71 2.00 26.11
C THR I 184 25.32 2.39 27.55
N LEU I 185 24.03 2.61 27.82
CA LEU I 185 23.61 2.99 29.17
C LEU I 185 23.96 1.88 30.18
N ASN I 186 23.72 0.64 29.80
CA ASN I 186 24.04 -0.50 30.67
C ASN I 186 25.55 -0.64 30.88
N LYS I 187 26.33 -0.31 29.86
CA LYS I 187 27.78 -0.37 29.96
C LYS I 187 28.30 0.68 30.95
N LEU I 188 27.74 1.89 30.91
CA LEU I 188 28.17 2.94 31.84
C LEU I 188 27.89 2.50 33.27
N ALA I 189 26.67 2.01 33.48
CA ALA I 189 26.21 1.58 34.79
C ALA I 189 27.10 0.50 35.38
N ASP I 190 27.44 -0.48 34.56
CA ASP I 190 28.26 -1.60 34.98
C ASP I 190 29.76 -1.33 35.15
N LEU I 191 30.40 -0.78 34.12
CA LEU I 191 31.84 -0.51 34.18
C LEU I 191 32.24 0.55 35.19
N PHE I 192 31.41 1.57 35.34
CA PHE I 192 31.72 2.64 36.24
C PHE I 192 30.90 2.65 37.52
N ASN I 193 30.23 1.54 37.75
CA ASN I 193 29.43 1.38 38.95
C ASN I 193 28.57 2.60 39.30
N CYS I 194 27.66 2.98 38.39
CA CYS I 194 26.81 4.08 38.75
C CYS I 194 25.33 3.82 38.53
N VAL I 195 24.50 4.75 38.97
CA VAL I 195 23.10 4.52 38.77
C VAL I 195 22.71 5.29 37.54
N VAL I 196 21.96 4.59 36.68
CA VAL I 196 21.49 5.18 35.46
C VAL I 196 19.99 5.13 35.52
N LEU I 197 19.40 6.32 35.43
CA LEU I 197 17.96 6.52 35.48
C LEU I 197 17.47 7.05 34.13
N VAL I 198 16.32 6.57 33.67
CA VAL I 198 15.75 7.05 32.41
C VAL I 198 14.26 7.35 32.61
N THR I 199 13.78 8.42 31.97
CA THR I 199 12.38 8.79 32.02
C THR I 199 11.83 8.36 30.67
N ASN I 200 10.55 8.02 30.59
CA ASN I 200 9.94 7.58 29.35
C ASN I 200 8.44 7.83 29.35
N GLN I 201 7.84 7.76 28.18
CA GLN I 201 6.40 7.95 28.06
C GLN I 201 5.76 6.58 27.90
N VAL I 202 4.42 6.54 27.93
CA VAL I 202 3.68 5.30 27.80
C VAL I 202 2.77 5.37 26.56
N SER I 203 1.94 4.35 26.34
CA SER I 203 1.02 4.38 25.21
C SER I 203 -0.08 3.34 25.37
N ALA I 204 -1.29 3.69 24.92
CA ALA I 204 -2.48 2.85 24.98
C ALA I 204 -2.23 1.42 25.47
N ALA I 213 -3.27 -2.96 27.41
CA ALA I 213 -2.98 -1.66 26.82
C ALA I 213 -2.23 -0.78 27.83
N GLU I 214 -0.96 -1.10 28.05
CA GLU I 214 -0.11 -0.34 28.97
C GLU I 214 1.37 -0.67 28.73
N GLN I 215 2.09 0.22 28.03
CA GLN I 215 3.50 -0.04 27.74
C GLN I 215 4.36 1.22 27.62
N ALA I 216 5.62 1.11 28.04
CA ALA I 216 6.58 2.20 27.94
C ALA I 216 7.08 2.23 26.48
N ILE I 217 7.24 3.41 25.93
CA ILE I 217 7.71 3.53 24.54
C ILE I 217 9.08 2.88 24.27
N GLY I 218 9.20 2.14 23.17
CA GLY I 218 10.47 1.51 22.86
C GLY I 218 10.37 -0.01 22.77
N GLY I 219 9.21 -0.54 23.13
CA GLY I 219 9.01 -1.98 23.06
C GLY I 219 10.02 -2.75 23.88
N HIS I 220 10.18 -4.04 23.56
CA HIS I 220 11.08 -4.92 24.28
C HIS I 220 12.57 -4.59 24.17
N ILE I 221 12.96 -3.90 23.11
CA ILE I 221 14.35 -3.53 22.97
C ILE I 221 14.74 -2.75 24.24
N VAL I 222 13.89 -1.80 24.64
CA VAL I 222 14.12 -0.99 25.84
C VAL I 222 13.81 -1.79 27.11
N GLY I 223 12.65 -2.46 27.09
CA GLY I 223 12.20 -3.24 28.23
C GLY I 223 13.16 -4.29 28.69
N HIS I 224 13.65 -5.12 27.77
CA HIS I 224 14.57 -6.20 28.11
C HIS I 224 15.89 -5.67 28.66
N ALA I 225 16.24 -4.45 28.28
CA ALA I 225 17.50 -3.87 28.72
C ALA I 225 17.42 -3.00 29.97
N ALA I 226 16.22 -2.84 30.52
CA ALA I 226 16.04 -2.04 31.73
C ALA I 226 15.84 -3.02 32.90
N THR I 227 16.71 -2.97 33.90
CA THR I 227 16.62 -3.85 35.07
C THR I 227 15.46 -3.53 36.01
N PHE I 228 15.21 -2.25 36.27
CA PHE I 228 14.10 -1.87 37.14
C PHE I 228 13.19 -0.95 36.35
N ARG I 229 11.90 -1.30 36.28
CA ARG I 229 10.93 -0.51 35.54
C ARG I 229 9.70 -0.09 36.32
N PHE I 230 9.38 1.19 36.26
CA PHE I 230 8.22 1.76 36.96
C PHE I 230 7.25 2.45 36.01
N PHE I 231 5.98 2.47 36.43
CA PHE I 231 4.95 3.23 35.73
C PHE I 231 4.62 4.21 36.84
N VAL I 232 4.77 5.51 36.58
CA VAL I 232 4.48 6.52 37.58
C VAL I 232 3.17 7.19 37.16
N ARG I 233 2.24 7.35 38.10
CA ARG I 233 0.97 7.98 37.77
C ARG I 233 0.52 9.04 38.79
N LYS I 234 -0.40 9.90 38.38
CA LYS I 234 -0.90 10.97 39.24
C LYS I 234 -1.99 10.52 40.19
N GLY I 235 -1.89 10.96 41.44
CA GLY I 235 -2.90 10.65 42.42
C GLY I 235 -3.65 11.96 42.55
N LYS I 236 -4.22 12.23 43.72
CA LYS I 236 -4.94 13.48 43.95
C LYS I 236 -3.94 14.58 44.29
N GLY I 237 -4.11 15.77 43.73
CA GLY I 237 -3.21 16.88 44.00
C GLY I 237 -1.75 16.58 43.73
N ASP I 238 -0.90 16.84 44.72
CA ASP I 238 0.52 16.59 44.56
C ASP I 238 0.93 15.16 44.85
N LYS I 239 -0.03 14.25 44.99
CA LYS I 239 0.31 12.84 45.24
C LYS I 239 0.62 12.13 43.93
N ARG I 240 1.47 11.10 44.00
CA ARG I 240 1.88 10.31 42.83
C ARG I 240 2.11 8.88 43.26
N VAL I 241 1.89 7.94 42.36
CA VAL I 241 2.09 6.55 42.71
C VAL I 241 3.06 5.91 41.73
N ALA I 242 4.15 5.36 42.27
CA ALA I 242 5.15 4.72 41.45
C ALA I 242 4.95 3.21 41.57
N LYS I 243 4.67 2.57 40.44
CA LYS I 243 4.44 1.14 40.43
C LYS I 243 5.57 0.32 39.81
N LEU I 244 6.30 -0.40 40.65
CA LEU I 244 7.39 -1.21 40.14
C LEU I 244 6.76 -2.47 39.58
N TYR I 245 6.97 -2.73 38.29
CA TYR I 245 6.40 -3.92 37.67
C TYR I 245 7.42 -4.88 37.09
N ASP I 246 8.69 -4.50 37.11
CA ASP I 246 9.73 -5.36 36.57
C ASP I 246 11.02 -5.14 37.34
N SER I 247 11.58 -6.24 37.85
CA SER I 247 12.81 -6.23 38.62
C SER I 247 13.35 -7.66 38.72
N PRO I 248 14.67 -7.82 38.89
CA PRO I 248 15.26 -9.15 38.98
C PRO I 248 14.65 -10.00 40.10
N HIS I 249 14.57 -9.44 41.31
CA HIS I 249 14.03 -10.20 42.43
C HIS I 249 13.12 -9.49 43.43
N LEU I 250 12.80 -8.22 43.20
CA LEU I 250 11.91 -7.51 44.11
C LEU I 250 10.47 -7.84 43.76
N PRO I 251 9.55 -7.74 44.74
CA PRO I 251 8.14 -8.04 44.43
C PRO I 251 7.52 -6.88 43.68
N ASP I 252 6.49 -7.15 42.88
CA ASP I 252 5.84 -6.06 42.17
C ASP I 252 5.01 -5.28 43.19
N ALA I 253 5.36 -4.01 43.42
CA ALA I 253 4.64 -3.19 44.39
C ALA I 253 4.47 -1.72 44.00
N GLU I 254 3.62 -1.03 44.76
CA GLU I 254 3.30 0.37 44.54
C GLU I 254 3.76 1.22 45.73
N ALA I 255 4.12 2.46 45.45
CA ALA I 255 4.56 3.35 46.49
C ALA I 255 4.00 4.73 46.22
N ILE I 256 3.41 5.35 47.24
CA ILE I 256 2.89 6.70 47.04
C ILE I 256 3.87 7.73 47.61
N PHE I 257 3.88 8.91 47.02
CA PHE I 257 4.77 9.97 47.45
C PHE I 257 4.24 11.29 46.95
N ARG I 258 4.86 12.38 47.36
CA ARG I 258 4.38 13.66 46.87
C ARG I 258 5.48 14.50 46.31
N ILE I 259 5.09 15.53 45.56
CA ILE I 259 6.02 16.46 44.98
C ILE I 259 5.65 17.80 45.56
N THR I 260 6.55 18.35 46.38
CA THR I 260 6.27 19.59 47.04
C THR I 260 7.41 20.58 46.89
N GLU I 261 7.22 21.75 47.48
CA GLU I 261 8.22 22.80 47.44
C GLU I 261 9.57 22.23 47.87
N LYS I 262 9.51 21.16 48.66
CA LYS I 262 10.72 20.55 49.17
C LYS I 262 11.29 19.46 48.25
N GLY I 263 10.49 19.02 47.28
CA GLY I 263 10.93 17.99 46.37
C GLY I 263 10.14 16.71 46.58
N ILE I 264 10.78 15.56 46.48
CA ILE I 264 10.10 14.29 46.69
C ILE I 264 10.01 14.03 48.19
N GLN I 265 8.82 13.72 48.69
CA GLN I 265 8.69 13.45 50.14
C GLN I 265 7.65 12.42 50.56
N ASP I 266 7.86 11.90 51.77
CA ASP I 266 7.02 10.90 52.45
C ASP I 266 7.54 9.46 52.37
N SER J 2 37.10 22.09 30.24
CA SER J 2 37.54 20.77 29.68
C SER J 2 36.31 19.90 29.40
N HIS J 3 35.33 20.02 30.28
CA HIS J 3 34.08 19.28 30.15
C HIS J 3 33.22 20.00 29.11
N MET J 4 33.37 21.33 29.06
CA MET J 4 32.63 22.15 28.11
C MET J 4 33.12 21.81 26.71
N ASP J 5 34.31 21.24 26.66
CA ASP J 5 34.93 20.81 25.40
C ASP J 5 34.15 19.60 24.87
N LEU J 6 33.66 18.77 25.79
CA LEU J 6 32.89 17.59 25.44
C LEU J 6 31.42 17.93 25.22
N GLY J 7 31.09 19.22 25.33
CA GLY J 7 29.71 19.64 25.16
C GLY J 7 28.92 19.66 26.45
N PHE J 8 29.60 19.38 27.57
CA PHE J 8 28.96 19.36 28.88
C PHE J 8 29.10 20.73 29.57
N LYS J 9 28.15 21.08 30.43
CA LYS J 9 28.20 22.32 31.19
C LYS J 9 27.68 22.08 32.59
N SER J 10 28.39 22.56 33.61
CA SER J 10 27.92 22.38 34.99
C SER J 10 26.71 23.27 35.27
N GLY J 11 26.03 22.99 36.38
CA GLY J 11 24.88 23.78 36.78
C GLY J 11 25.33 25.22 36.99
N ILE J 12 26.55 25.38 37.50
CA ILE J 12 27.10 26.70 37.73
C ILE J 12 27.39 27.42 36.43
N ASP J 13 27.95 26.69 35.46
CA ASP J 13 28.24 27.28 34.14
C ASP J 13 26.95 27.82 33.54
N LEU J 14 25.87 27.07 33.71
CA LEU J 14 24.56 27.48 33.19
C LEU J 14 24.11 28.81 33.80
N LEU J 15 24.27 28.96 35.12
CA LEU J 15 23.89 30.21 35.77
C LEU J 15 24.79 31.31 35.29
N LYS J 16 26.10 31.04 35.21
CA LYS J 16 27.05 32.03 34.75
C LYS J 16 26.66 32.49 33.36
N GLN J 17 26.30 31.52 32.52
CA GLN J 17 25.87 31.77 31.15
C GLN J 17 24.73 32.80 31.16
N ARG J 18 23.74 32.55 32.02
CA ARG J 18 22.56 33.39 32.14
C ARG J 18 22.86 34.88 32.34
N SER J 19 23.96 35.17 33.02
CA SER J 19 24.30 36.57 33.28
C SER J 19 24.78 37.35 32.04
N THR J 20 25.28 36.63 31.04
CA THR J 20 25.77 37.29 29.83
C THR J 20 24.75 37.47 28.71
N VAL J 21 23.50 37.09 28.97
CA VAL J 21 22.45 37.23 27.96
C VAL J 21 22.15 38.70 27.68
N TRP J 22 22.11 39.05 26.40
CA TRP J 22 21.77 40.41 26.01
C TRP J 22 20.53 40.33 25.11
N LYS J 23 19.74 41.40 25.06
CA LYS J 23 18.51 41.41 24.27
C LYS J 23 18.50 42.50 23.21
N LEU J 24 17.82 42.23 22.09
CA LEU J 24 17.72 43.15 20.97
C LEU J 24 16.30 43.61 20.69
N SER J 25 16.11 44.93 20.78
CA SER J 25 14.82 45.55 20.53
C SER J 25 14.33 45.29 19.11
N THR J 26 13.02 45.14 18.99
CA THR J 26 12.34 44.87 17.73
C THR J 26 11.71 46.12 17.13
N SER J 27 11.76 47.23 17.88
CA SER J 27 11.15 48.52 17.48
C SER J 27 9.66 48.54 17.84
N SER J 28 9.20 47.51 18.52
CA SER J 28 7.80 47.44 18.93
C SER J 28 7.78 47.39 20.45
N SER J 29 7.01 48.32 21.03
CA SER J 29 6.89 48.42 22.46
C SER J 29 6.27 47.15 22.97
N GLU J 30 5.18 46.74 22.34
CA GLU J 30 4.50 45.56 22.80
C GLU J 30 5.31 44.29 22.60
N LEU J 31 5.86 44.11 21.41
CA LEU J 31 6.64 42.90 21.15
C LEU J 31 7.80 42.80 22.14
N ASP J 32 8.52 43.92 22.33
CA ASP J 32 9.63 43.92 23.28
C ASP J 32 9.15 43.53 24.68
N SER J 33 7.98 44.04 25.05
CA SER J 33 7.42 43.73 26.36
C SER J 33 7.11 42.25 26.48
N VAL J 34 6.49 41.69 25.45
CA VAL J 34 6.15 40.26 25.44
C VAL J 34 7.40 39.39 25.56
N LEU J 35 8.51 39.90 25.02
CA LEU J 35 9.80 39.21 25.01
C LEU J 35 10.58 39.31 26.30
N GLY J 36 10.20 40.24 27.16
CA GLY J 36 10.91 40.43 28.41
C GLY J 36 12.06 41.41 28.24
N GLY J 37 11.97 42.25 27.21
CA GLY J 37 13.02 43.21 26.97
C GLY J 37 13.40 43.28 25.51
N GLY J 38 13.52 42.11 24.90
CA GLY J 38 13.88 42.03 23.51
C GLY J 38 14.30 40.61 23.16
N LEU J 39 14.73 40.41 21.92
CA LEU J 39 15.17 39.12 21.42
C LEU J 39 16.44 38.72 22.17
N GLU J 40 16.40 37.55 22.83
CA GLU J 40 17.53 37.09 23.62
C GLU J 40 18.63 36.32 22.90
N SER J 41 19.87 36.60 23.29
CA SER J 41 21.03 35.92 22.75
C SER J 41 21.03 34.55 23.43
N GLN J 42 21.82 33.62 22.91
CA GLN J 42 21.93 32.28 23.47
C GLN J 42 20.69 31.39 23.33
N SER J 43 19.69 31.88 22.62
CA SER J 43 18.46 31.13 22.40
C SER J 43 18.05 31.27 20.95
N VAL J 44 17.24 30.32 20.48
CA VAL J 44 16.70 30.34 19.12
C VAL J 44 15.26 30.83 19.25
N THR J 45 14.91 31.87 18.49
CA THR J 45 13.56 32.43 18.50
C THR J 45 12.92 32.20 17.13
N GLU J 46 11.75 31.57 17.13
CA GLU J 46 11.06 31.24 15.91
C GLU J 46 9.80 32.07 15.71
N PHE J 47 9.63 32.57 14.49
CA PHE J 47 8.42 33.29 14.14
C PHE J 47 7.77 32.50 13.01
N ALA J 48 6.64 31.87 13.28
CA ALA J 48 5.95 31.08 12.27
C ALA J 48 4.64 31.73 11.91
N GLY J 49 4.28 31.68 10.63
CA GLY J 49 3.03 32.28 10.18
C GLY J 49 2.94 32.16 8.66
N VAL J 50 1.86 32.62 8.07
CA VAL J 50 1.69 32.53 6.64
C VAL J 50 2.52 33.59 5.94
N PHE J 51 2.59 33.52 4.61
CA PHE J 51 3.36 34.50 3.86
C PHE J 51 2.70 35.88 4.04
N GLY J 52 3.50 36.91 4.25
CA GLY J 52 2.98 38.25 4.43
C GLY J 52 2.64 38.59 5.87
N SER J 53 2.91 37.69 6.81
CA SER J 53 2.59 37.96 8.21
C SER J 53 3.60 38.84 8.92
N GLY J 54 4.68 39.21 8.23
CA GLY J 54 5.68 40.06 8.82
C GLY J 54 6.96 39.39 9.32
N LYS J 55 7.08 38.06 9.20
CA LYS J 55 8.29 37.37 9.66
C LYS J 55 9.54 37.95 9.02
N THR J 56 9.55 38.02 7.69
CA THR J 56 10.69 38.57 6.98
C THR J 56 11.00 40.03 7.38
N GLN J 57 9.97 40.80 7.67
CA GLN J 57 10.14 42.20 8.08
C GLN J 57 10.87 42.28 9.42
N ILE J 58 10.50 41.40 10.34
CA ILE J 58 11.16 41.38 11.64
C ILE J 58 12.64 41.01 11.45
N MET J 59 12.92 40.03 10.58
CA MET J 59 14.32 39.65 10.35
C MET J 59 15.14 40.87 9.88
N HIS J 60 14.58 41.65 8.94
CA HIS J 60 15.27 42.84 8.42
C HIS J 60 15.40 43.90 9.49
N GLN J 61 14.31 44.21 10.18
CA GLN J 61 14.36 45.19 11.26
C GLN J 61 15.45 44.80 12.25
N SER J 62 15.56 43.51 12.57
CA SER J 62 16.57 43.08 13.54
C SER J 62 17.97 43.37 13.03
N CYS J 63 18.19 43.20 11.73
CA CYS J 63 19.49 43.48 11.16
C CYS J 63 19.79 44.98 11.29
N VAL J 64 18.78 45.81 11.08
CA VAL J 64 18.98 47.26 11.20
C VAL J 64 19.22 47.64 12.67
N ASN J 65 18.36 47.18 13.57
CA ASN J 65 18.50 47.54 14.98
C ASN J 65 19.82 47.14 15.61
N LEU J 66 20.41 46.02 15.18
CA LEU J 66 21.68 45.56 15.72
C LEU J 66 22.74 46.66 15.58
N GLN J 67 22.61 47.50 14.56
CA GLN J 67 23.61 48.55 14.36
C GLN J 67 23.39 49.81 15.21
N ASN J 68 22.42 49.80 16.11
CA ASN J 68 22.20 50.93 17.00
C ASN J 68 22.52 50.45 18.41
N PRO J 69 23.69 50.82 18.93
CA PRO J 69 24.18 50.45 20.26
C PRO J 69 23.11 50.52 21.35
N GLU J 70 22.25 51.53 21.26
CA GLU J 70 21.19 51.72 22.24
C GLU J 70 20.08 50.66 22.19
N PHE J 71 20.07 49.86 21.12
CA PHE J 71 19.03 48.84 20.99
C PHE J 71 19.46 47.48 21.52
N LEU J 72 20.66 47.43 22.10
CA LEU J 72 21.15 46.18 22.69
C LEU J 72 21.15 46.33 24.20
N PHE J 73 20.39 45.48 24.89
CA PHE J 73 20.31 45.59 26.34
C PHE J 73 21.10 44.48 27.02
N TYR J 74 21.97 44.87 27.94
CA TYR J 74 22.79 43.90 28.66
C TYR J 74 23.30 44.48 29.98
N ASP J 75 23.65 43.59 30.89
CA ASP J 75 24.17 44.00 32.19
C ASP J 75 25.63 44.38 32.00
N GLU J 76 25.93 45.66 32.25
CA GLU J 76 27.29 46.17 32.10
C GLU J 76 28.31 45.49 33.00
N GLU J 77 27.85 44.99 34.14
CA GLU J 77 28.72 44.31 35.10
C GLU J 77 28.93 42.85 34.71
N ALA J 78 28.21 42.38 33.69
CA ALA J 78 28.32 41.00 33.25
C ALA J 78 28.83 40.88 31.81
N VAL J 79 28.53 41.88 30.99
CA VAL J 79 28.94 41.89 29.59
C VAL J 79 29.71 43.16 29.25
N SER J 80 30.95 42.97 28.80
CA SER J 80 31.82 44.08 28.45
C SER J 80 31.36 44.75 27.16
N LYS J 81 31.65 46.03 27.03
CA LYS J 81 31.25 46.78 25.84
C LYS J 81 32.00 46.24 24.63
N GLY J 82 33.07 45.48 24.89
CA GLY J 82 33.84 44.92 23.80
C GLY J 82 33.16 43.74 23.14
N GLU J 83 32.47 42.92 23.93
CA GLU J 83 31.78 41.76 23.39
C GLU J 83 30.72 42.15 22.36
N VAL J 84 30.02 43.26 22.58
CA VAL J 84 28.98 43.67 21.65
C VAL J 84 29.39 44.77 20.68
N ALA J 85 30.70 45.00 20.58
CA ALA J 85 31.23 46.03 19.69
C ALA J 85 31.39 45.52 18.27
N GLN J 86 31.11 46.38 17.30
CA GLN J 86 31.19 46.04 15.89
C GLN J 86 30.43 44.74 15.66
N PRO J 87 29.13 44.74 15.98
CA PRO J 87 28.34 43.53 15.79
C PRO J 87 27.97 43.34 14.34
N LYS J 88 28.00 42.11 13.87
CA LYS J 88 27.62 41.82 12.50
C LYS J 88 26.50 40.79 12.48
N ALA J 89 25.75 40.77 11.38
CA ALA J 89 24.65 39.81 11.25
C ALA J 89 24.85 38.90 10.06
N VAL J 90 24.25 37.73 10.15
CA VAL J 90 24.28 36.74 9.07
C VAL J 90 22.82 36.44 8.76
N TYR J 91 22.48 36.56 7.49
CA TYR J 91 21.14 36.33 7.03
C TYR J 91 21.22 35.22 5.97
N ILE J 92 20.81 34.01 6.35
CA ILE J 92 20.80 32.87 5.42
C ILE J 92 19.44 32.94 4.72
N ASP J 93 19.47 33.13 3.41
CA ASP J 93 18.28 33.36 2.61
C ASP J 93 17.90 32.16 1.73
N THR J 94 16.77 31.54 2.00
CA THR J 94 16.40 30.32 1.26
C THR J 94 15.39 30.48 0.14
N GLU J 95 14.90 31.71 -0.06
CA GLU J 95 13.97 31.97 -1.15
C GLU J 95 14.24 33.33 -1.80
N GLY J 96 15.33 33.99 -1.42
CA GLY J 96 15.66 35.29 -1.97
C GLY J 96 14.78 36.42 -1.43
N THR J 97 14.66 36.51 -0.11
CA THR J 97 13.82 37.53 0.50
C THR J 97 14.60 38.74 1.04
N PHE J 98 15.93 38.71 0.97
CA PHE J 98 16.72 39.82 1.47
C PHE J 98 16.57 41.03 0.53
N ARG J 99 16.26 42.17 1.11
CA ARG J 99 16.03 43.39 0.34
C ARG J 99 16.93 44.45 0.87
N PRO J 100 18.04 44.72 0.18
CA PRO J 100 18.93 45.77 0.68
C PRO J 100 18.20 47.12 0.77
N GLU J 101 17.30 47.38 -0.17
CA GLU J 101 16.56 48.64 -0.18
C GLU J 101 15.66 48.72 1.04
N ARG J 102 15.14 47.58 1.51
CA ARG J 102 14.30 47.62 2.68
C ARG J 102 15.17 47.93 3.88
N ILE J 103 16.41 47.45 3.85
CA ILE J 103 17.33 47.72 4.94
C ILE J 103 17.59 49.25 4.96
N MET J 104 17.86 49.82 3.78
CA MET J 104 18.12 51.24 3.65
C MET J 104 16.98 52.09 4.23
N GLN J 105 15.77 51.79 3.80
CA GLN J 105 14.58 52.50 4.23
C GLN J 105 14.38 52.41 5.74
N MET J 106 14.52 51.22 6.31
CA MET J 106 14.37 51.07 7.75
C MET J 106 15.41 51.85 8.52
N ALA J 107 16.66 51.76 8.07
CA ALA J 107 17.75 52.47 8.74
C ALA J 107 17.46 53.98 8.72
N GLU J 108 17.31 54.51 7.51
CA GLU J 108 17.01 55.92 7.30
C GLU J 108 15.94 56.40 8.27
N HIS J 109 14.79 55.75 8.27
CA HIS J 109 13.71 56.17 9.18
C HIS J 109 14.07 55.94 10.64
N ALA J 110 15.15 55.22 10.90
CA ALA J 110 15.56 54.95 12.28
C ALA J 110 16.77 55.79 12.70
N GLY J 111 17.24 56.66 11.80
CA GLY J 111 18.40 57.49 12.11
C GLY J 111 19.68 56.69 12.20
N ILE J 112 19.67 55.51 11.55
CA ILE J 112 20.83 54.62 11.53
C ILE J 112 21.40 54.75 10.11
N ASP J 113 22.71 54.59 9.97
CA ASP J 113 23.32 54.68 8.66
C ASP J 113 23.11 53.38 7.88
N GLY J 114 22.51 53.49 6.70
CA GLY J 114 22.24 52.32 5.87
C GLY J 114 23.47 51.50 5.51
N GLN J 115 24.50 52.17 4.98
CA GLN J 115 25.74 51.50 4.59
C GLN J 115 26.28 50.68 5.72
N THR J 116 26.24 51.24 6.92
CA THR J 116 26.76 50.53 8.07
C THR J 116 26.02 49.21 8.27
N VAL J 117 24.71 49.20 8.07
CA VAL J 117 23.94 47.96 8.22
C VAL J 117 24.31 46.97 7.10
N LEU J 118 24.23 47.44 5.85
CA LEU J 118 24.54 46.61 4.70
C LEU J 118 25.98 46.12 4.74
N ASP J 119 26.86 46.95 5.28
CA ASP J 119 28.25 46.59 5.36
C ASP J 119 28.54 45.54 6.43
N ASN J 120 27.74 45.53 7.49
CA ASN J 120 27.93 44.56 8.57
C ASN J 120 26.89 43.44 8.58
N THR J 121 26.29 43.19 7.42
CA THR J 121 25.32 42.12 7.27
C THR J 121 25.75 41.17 6.16
N PHE J 122 26.07 39.94 6.55
CA PHE J 122 26.48 38.92 5.59
C PHE J 122 25.25 38.14 5.13
N VAL J 123 25.04 38.08 3.82
CA VAL J 123 23.91 37.36 3.25
C VAL J 123 24.40 36.07 2.57
N ALA J 124 23.68 34.97 2.81
CA ALA J 124 24.04 33.68 2.23
C ALA J 124 22.81 33.09 1.57
N ARG J 125 22.81 33.08 0.23
CA ARG J 125 21.69 32.54 -0.52
C ARG J 125 21.84 31.03 -0.61
N ALA J 126 20.86 30.31 -0.06
CA ALA J 126 20.88 28.85 -0.02
C ALA J 126 19.77 28.28 -0.89
N TYR J 127 20.14 27.49 -1.89
CA TYR J 127 19.18 26.89 -2.80
C TYR J 127 18.69 25.50 -2.39
N ASN J 128 19.30 24.91 -1.36
CA ASN J 128 18.87 23.58 -0.89
C ASN J 128 19.28 23.39 0.58
N SER J 129 18.81 22.33 1.24
CA SER J 129 19.16 22.19 2.68
C SER J 129 20.64 22.02 2.94
N ASP J 130 21.35 21.36 2.03
CA ASP J 130 22.77 21.17 2.22
C ASP J 130 23.46 22.52 2.35
N MET J 131 23.17 23.43 1.44
CA MET J 131 23.79 24.77 1.49
C MET J 131 23.37 25.51 2.77
N GLN J 132 22.07 25.46 3.06
CA GLN J 132 21.53 26.08 4.25
C GLN J 132 22.27 25.62 5.49
N MET J 133 22.38 24.31 5.65
CA MET J 133 23.05 23.76 6.82
C MET J 133 24.54 24.07 6.84
N LEU J 134 25.17 24.08 5.67
CA LEU J 134 26.61 24.34 5.60
C LEU J 134 26.92 25.80 5.93
N PHE J 135 26.10 26.72 5.44
CA PHE J 135 26.31 28.12 5.76
C PHE J 135 26.22 28.33 7.28
N ALA J 136 25.29 27.66 7.96
CA ALA J 136 25.16 27.83 9.41
C ALA J 136 26.45 27.39 10.08
N GLU J 137 26.98 26.25 9.64
CA GLU J 137 28.22 25.76 10.21
C GLU J 137 29.38 26.71 9.91
N LYS J 138 29.38 27.31 8.72
CA LYS J 138 30.45 28.22 8.34
C LYS J 138 30.43 29.55 9.08
N ILE J 139 29.40 29.77 9.89
CA ILE J 139 29.36 31.01 10.65
C ILE J 139 30.50 30.97 11.67
N GLU J 140 30.87 29.77 12.11
CA GLU J 140 31.98 29.65 13.04
C GLU J 140 33.25 30.18 12.38
N ASP J 141 33.42 29.88 11.10
CA ASP J 141 34.58 30.33 10.35
C ASP J 141 34.60 31.86 10.27
N LEU J 142 33.44 32.46 10.02
CA LEU J 142 33.35 33.92 9.94
C LEU J 142 33.83 34.54 11.24
N ILE J 143 33.43 33.92 12.34
CA ILE J 143 33.79 34.39 13.66
C ILE J 143 35.30 34.29 13.88
N GLN J 144 35.90 33.19 13.42
CA GLN J 144 37.35 33.00 13.54
C GLN J 144 38.11 34.11 12.81
N GLU J 145 37.61 34.51 11.63
CA GLU J 145 38.26 35.55 10.85
C GLU J 145 38.13 36.92 11.50
N GLY J 146 37.58 36.98 12.71
CA GLY J 146 37.44 38.25 13.40
C GLY J 146 36.14 39.03 13.26
N ASN J 147 35.07 38.38 12.80
CA ASN J 147 33.77 39.04 12.64
C ASN J 147 32.93 38.79 13.90
N ASN J 148 32.51 39.85 14.58
CA ASN J 148 31.71 39.66 15.78
C ASN J 148 30.24 39.41 15.43
N ILE J 149 29.97 38.21 14.92
CA ILE J 149 28.61 37.84 14.55
C ILE J 149 27.79 37.85 15.83
N LYS J 150 26.69 38.60 15.83
CA LYS J 150 25.86 38.67 17.04
C LYS J 150 24.40 38.36 16.75
N LEU J 151 24.08 38.28 15.46
CA LEU J 151 22.72 37.98 15.02
C LEU J 151 22.74 37.03 13.82
N VAL J 152 21.97 35.95 13.93
CA VAL J 152 21.88 34.99 12.84
C VAL J 152 20.43 34.78 12.51
N VAL J 153 20.11 35.01 11.25
CA VAL J 153 18.76 34.90 10.74
C VAL J 153 18.65 33.77 9.72
N ILE J 154 17.69 32.86 9.94
CA ILE J 154 17.44 31.78 9.01
C ILE J 154 16.04 32.03 8.43
N ASP J 155 16.00 32.57 7.23
CA ASP J 155 14.76 32.88 6.57
C ASP J 155 14.74 32.16 5.21
N SER J 156 14.09 31.00 5.14
CA SER J 156 13.39 30.37 6.27
C SER J 156 14.01 29.05 6.75
N LEU J 157 13.55 28.58 7.90
CA LEU J 157 14.09 27.36 8.50
C LEU J 157 13.80 26.07 7.75
N THR J 158 12.56 25.91 7.30
CA THR J 158 12.11 24.68 6.71
C THR J 158 11.80 24.59 5.22
N SER J 159 11.83 25.72 4.53
CA SER J 159 11.53 25.75 3.10
C SER J 159 12.26 24.67 2.27
N THR J 160 13.58 24.62 2.38
CA THR J 160 14.38 23.65 1.63
C THR J 160 14.05 22.20 1.98
N PHE J 161 13.97 21.89 3.28
CA PHE J 161 13.65 20.54 3.74
C PHE J 161 12.31 20.11 3.21
N ARG J 162 11.34 21.01 3.28
CA ARG J 162 10.00 20.73 2.80
C ARG J 162 10.00 20.45 1.29
N ASN J 163 10.79 21.22 0.53
CA ASN J 163 10.87 21.05 -0.93
C ASN J 163 11.59 19.78 -1.35
N GLU J 164 12.45 19.25 -0.50
CA GLU J 164 13.24 18.08 -0.80
C GLU J 164 12.69 16.76 -0.31
N TYR J 165 11.92 16.81 0.76
CA TYR J 165 11.36 15.59 1.34
C TYR J 165 9.87 15.54 1.27
N THR J 166 9.37 15.40 0.06
CA THR J 166 7.96 15.27 -0.17
C THR J 166 7.66 13.82 0.21
N GLY J 167 6.44 13.53 0.60
CA GLY J 167 6.09 12.17 0.98
C GLY J 167 6.60 11.76 2.34
N ARG J 168 5.78 11.00 3.06
CA ARG J 168 6.11 10.52 4.39
C ARG J 168 7.14 9.39 4.31
N GLY J 169 7.47 8.98 3.09
CA GLY J 169 8.43 7.90 2.91
C GLY J 169 9.83 8.21 3.37
N LYS J 170 10.21 9.48 3.32
CA LYS J 170 11.56 9.88 3.74
C LYS J 170 11.49 10.95 4.82
N LEU J 171 10.36 10.98 5.54
CA LEU J 171 10.14 11.95 6.59
C LEU J 171 11.18 11.77 7.70
N ALA J 172 11.53 10.51 7.99
CA ALA J 172 12.50 10.21 9.02
C ALA J 172 13.82 10.91 8.74
N GLU J 173 14.31 10.77 7.50
CA GLU J 173 15.57 11.39 7.14
C GLU J 173 15.44 12.93 7.16
N ARG J 174 14.27 13.44 6.81
CA ARG J 174 14.06 14.89 6.84
C ARG J 174 14.19 15.36 8.29
N GLN J 175 13.48 14.68 9.20
CA GLN J 175 13.51 15.03 10.62
C GLN J 175 14.89 14.99 11.24
N GLN J 176 15.71 14.02 10.83
CA GLN J 176 17.06 13.93 11.36
C GLN J 176 17.97 15.03 10.81
N LYS J 177 17.82 15.37 9.54
CA LYS J 177 18.65 16.43 8.97
C LYS J 177 18.30 17.73 9.71
N LEU J 178 17.01 17.93 9.90
CA LEU J 178 16.47 19.07 10.59
C LEU J 178 16.98 19.15 12.03
N GLY J 179 17.00 18.01 12.72
CA GLY J 179 17.46 18.01 14.09
C GLY J 179 18.92 18.36 14.13
N ARG J 180 19.64 17.99 13.07
CA ARG J 180 21.06 18.31 13.00
C ARG J 180 21.22 19.82 12.82
N HIS J 181 20.36 20.41 11.99
CA HIS J 181 20.43 21.84 11.75
C HIS J 181 20.06 22.57 13.05
N MET J 182 18.96 22.17 13.68
CA MET J 182 18.57 22.79 14.94
C MET J 182 19.70 22.77 15.96
N ALA J 183 20.44 21.65 16.07
CA ALA J 183 21.53 21.61 17.04
C ALA J 183 22.61 22.63 16.71
N THR J 184 22.92 22.78 15.42
CA THR J 184 23.94 23.74 15.02
C THR J 184 23.49 25.19 15.34
N LEU J 185 22.21 25.46 15.15
CA LEU J 185 21.71 26.80 15.41
C LEU J 185 21.79 27.08 16.91
N ASN J 186 21.48 26.09 17.73
CA ASN J 186 21.58 26.31 19.18
C ASN J 186 23.04 26.44 19.60
N LYS J 187 23.95 25.80 18.87
CA LYS J 187 25.37 25.89 19.20
C LYS J 187 25.91 27.28 18.90
N LEU J 188 25.52 27.83 17.76
CA LEU J 188 25.97 29.17 17.38
C LEU J 188 25.52 30.14 18.47
N ALA J 189 24.24 30.07 18.82
CA ALA J 189 23.69 30.96 19.84
C ALA J 189 24.41 30.84 21.17
N ASP J 190 24.59 29.61 21.63
CA ASP J 190 25.26 29.41 22.90
C ASP J 190 26.75 29.78 22.91
N LEU J 191 27.54 29.10 22.09
CA LEU J 191 28.98 29.36 22.05
C LEU J 191 29.40 30.77 21.68
N PHE J 192 28.63 31.43 20.85
CA PHE J 192 29.02 32.78 20.46
C PHE J 192 28.14 33.88 21.00
N ASN J 193 27.31 33.53 21.99
CA ASN J 193 26.42 34.49 22.62
C ASN J 193 25.75 35.43 21.61
N CYS J 194 24.95 34.88 20.70
CA CYS J 194 24.26 35.76 19.76
C CYS J 194 22.79 35.35 19.66
N VAL J 195 21.97 36.22 19.08
CA VAL J 195 20.57 35.86 18.96
C VAL J 195 20.39 35.22 17.60
N VAL J 196 19.64 34.13 17.60
CA VAL J 196 19.35 33.38 16.38
C VAL J 196 17.86 33.43 16.17
N LEU J 197 17.44 33.90 15.02
CA LEU J 197 16.03 34.01 14.67
C LEU J 197 15.77 33.12 13.46
N VAL J 198 14.62 32.48 13.44
CA VAL J 198 14.26 31.63 12.30
C VAL J 198 12.82 31.93 11.92
N THR J 199 12.52 31.89 10.62
CA THR J 199 11.15 32.10 10.18
C THR J 199 10.65 30.70 9.81
N ASN J 200 9.34 30.50 9.87
CA ASN J 200 8.75 29.22 9.56
C ASN J 200 7.29 29.38 9.14
N GLN J 201 6.75 28.31 8.58
CA GLN J 201 5.37 28.28 8.14
C GLN J 201 4.58 27.47 9.14
N VAL J 202 3.26 27.49 8.98
CA VAL J 202 2.38 26.75 9.86
C VAL J 202 1.53 25.80 9.04
N SER J 203 0.95 24.81 9.71
CA SER J 203 0.08 23.83 9.05
C SER J 203 -0.97 23.35 10.05
N ALA J 204 -1.93 22.58 9.58
CA ALA J 204 -2.99 22.05 10.43
C ALA J 204 -2.60 20.70 11.05
N ALA J 213 -4.14 21.31 14.38
CA ALA J 213 -4.80 22.61 14.33
C ALA J 213 -3.92 23.72 14.95
N GLU J 214 -2.98 24.22 14.17
CA GLU J 214 -2.04 25.29 14.55
C GLU J 214 -0.67 24.76 15.00
N GLN J 215 0.23 24.54 14.04
CA GLN J 215 1.57 24.05 14.34
C GLN J 215 2.62 24.39 13.28
N ALA J 216 3.76 24.91 13.74
CA ALA J 216 4.86 25.27 12.85
C ALA J 216 5.47 24.02 12.23
N ILE J 217 5.77 24.11 10.93
CA ILE J 217 6.36 23.00 10.18
C ILE J 217 7.63 22.44 10.82
N GLY J 218 7.74 21.12 10.87
CA GLY J 218 8.92 20.52 11.46
C GLY J 218 8.64 19.64 12.67
N GLY J 219 7.47 19.81 13.26
CA GLY J 219 7.11 18.97 14.39
C GLY J 219 7.84 19.29 15.66
N HIS J 220 8.07 18.28 16.50
CA HIS J 220 8.73 18.49 17.78
C HIS J 220 10.23 18.61 17.69
N ILE J 221 10.80 18.07 16.61
CA ILE J 221 12.23 18.16 16.39
C ILE J 221 12.61 19.64 16.39
N VAL J 222 11.75 20.45 15.80
CA VAL J 222 11.99 21.89 15.75
C VAL J 222 11.49 22.57 17.03
N GLY J 223 10.29 22.20 17.47
CA GLY J 223 9.68 22.79 18.64
C GLY J 223 10.48 22.69 19.92
N HIS J 224 11.00 21.50 20.20
CA HIS J 224 11.79 21.27 21.41
C HIS J 224 13.09 22.07 21.36
N ALA J 225 13.56 22.36 20.15
CA ALA J 225 14.82 23.07 19.99
C ALA J 225 14.74 24.58 19.87
N ALA J 226 13.55 25.16 19.93
CA ALA J 226 13.43 26.62 19.83
C ALA J 226 12.99 27.11 21.21
N THR J 227 13.78 27.98 21.83
CA THR J 227 13.44 28.48 23.16
C THR J 227 12.26 29.45 23.22
N PHE J 228 12.13 30.31 22.22
CA PHE J 228 11.00 31.24 22.20
C PHE J 228 10.27 30.98 20.91
N ARG J 229 8.96 30.73 21.00
CA ARG J 229 8.18 30.41 19.83
C ARG J 229 6.97 31.31 19.66
N PHE J 230 6.84 31.86 18.45
CA PHE J 230 5.74 32.74 18.12
C PHE J 230 4.93 32.30 16.92
N PHE J 231 3.65 32.66 16.93
CA PHE J 231 2.79 32.44 15.77
C PHE J 231 2.50 33.91 15.43
N VAL J 232 2.77 34.34 14.21
CA VAL J 232 2.48 35.72 13.84
C VAL J 232 1.34 35.70 12.84
N ARG J 233 0.30 36.52 13.05
CA ARG J 233 -0.85 36.56 12.16
C ARG J 233 -1.23 37.99 11.73
N LYS J 234 -1.97 38.11 10.62
CA LYS J 234 -2.36 39.42 10.10
C LYS J 234 -3.55 40.03 10.79
N GLY J 235 -3.39 41.27 11.22
CA GLY J 235 -4.50 41.97 11.86
C GLY J 235 -5.19 42.72 10.74
N LYS J 236 -5.76 43.87 11.06
CA LYS J 236 -6.45 44.68 10.06
C LYS J 236 -5.40 45.56 9.37
N GLY J 237 -5.39 45.58 8.04
CA GLY J 237 -4.42 46.43 7.35
C GLY J 237 -2.97 46.07 7.60
N ASP J 238 -2.14 47.04 7.96
CA ASP J 238 -0.73 46.75 8.20
C ASP J 238 -0.45 46.32 9.63
N LYS J 239 -1.50 46.00 10.38
CA LYS J 239 -1.30 45.57 11.75
C LYS J 239 -0.96 44.06 11.76
N ARG J 240 -0.18 43.65 12.75
CA ARG J 240 0.24 42.25 12.91
C ARG J 240 0.24 41.89 14.39
N VAL J 241 -0.05 40.63 14.70
CA VAL J 241 -0.08 40.16 16.07
C VAL J 241 0.86 38.94 16.24
N ALA J 242 1.84 39.06 17.14
CA ALA J 242 2.76 37.96 17.37
C ALA J 242 2.39 37.37 18.72
N LYS J 243 2.03 36.10 18.72
CA LYS J 243 1.65 35.42 19.94
C LYS J 243 2.74 34.48 20.42
N LEU J 244 3.31 34.80 21.58
CA LEU J 244 4.34 33.98 22.18
C LEU J 244 3.62 32.86 22.89
N TYR J 245 3.74 31.65 22.37
CA TYR J 245 3.05 30.53 23.01
C TYR J 245 4.00 29.54 23.69
N ASP J 246 5.28 29.85 23.70
CA ASP J 246 6.27 28.97 24.32
C ASP J 246 7.56 29.72 24.64
N SER J 247 7.98 29.65 25.90
CA SER J 247 9.20 30.30 26.38
C SER J 247 9.54 29.67 27.72
N PRO J 248 10.81 29.78 28.14
CA PRO J 248 11.21 29.18 29.41
C PRO J 248 10.44 29.68 30.65
N HIS J 249 10.36 30.98 30.84
CA HIS J 249 9.69 31.52 32.02
C HIS J 249 8.79 32.75 31.77
N LEU J 250 8.53 33.10 30.52
CA LEU J 250 7.69 34.27 30.25
C LEU J 250 6.22 33.89 30.11
N PRO J 251 5.32 34.86 30.35
CA PRO J 251 3.89 34.54 30.23
C PRO J 251 3.51 34.41 28.76
N ASP J 252 2.53 33.56 28.47
CA ASP J 252 2.08 33.43 27.10
C ASP J 252 1.27 34.71 26.87
N ALA J 253 1.68 35.53 25.91
CA ALA J 253 0.97 36.78 25.63
C ALA J 253 1.04 37.14 24.16
N GLU J 254 0.27 38.14 23.75
CA GLU J 254 0.24 38.56 22.35
C GLU J 254 0.66 40.02 22.23
N ALA J 255 1.29 40.38 21.13
CA ALA J 255 1.72 41.75 20.94
C ALA J 255 1.28 42.23 19.56
N ILE J 256 0.72 43.43 19.49
CA ILE J 256 0.27 43.96 18.21
C ILE J 256 1.21 45.08 17.78
N PHE J 257 1.45 45.17 16.47
CA PHE J 257 2.33 46.20 15.94
C PHE J 257 2.03 46.42 14.46
N ARG J 258 2.70 47.40 13.88
CA ARG J 258 2.50 47.69 12.48
C ARG J 258 3.78 47.49 11.70
N ILE J 259 3.59 47.26 10.40
CA ILE J 259 4.69 47.12 9.49
C ILE J 259 4.43 48.20 8.46
N THR J 260 5.20 49.28 8.54
CA THR J 260 5.01 50.40 7.64
C THR J 260 6.27 50.74 6.86
N GLU J 261 6.22 51.87 6.15
CA GLU J 261 7.34 52.35 5.35
C GLU J 261 8.56 52.59 6.21
N LYS J 262 8.32 52.79 7.50
CA LYS J 262 9.42 53.03 8.44
C LYS J 262 9.96 51.72 8.99
N GLY J 263 9.19 50.64 8.81
CA GLY J 263 9.60 49.33 9.32
C GLY J 263 8.65 48.83 10.40
N ILE J 264 9.19 48.24 11.46
CA ILE J 264 8.35 47.75 12.55
C ILE J 264 8.08 48.92 13.53
N GLN J 265 6.81 49.23 13.82
CA GLN J 265 6.54 50.32 14.76
C GLN J 265 5.36 50.11 15.73
N ASP J 266 5.26 51.01 16.70
CA ASP J 266 4.23 50.99 17.74
C ASP J 266 4.63 50.06 18.90
N SER K 2 37.55 37.48 2.08
CA SER K 2 37.64 36.33 3.02
C SER K 2 36.28 35.67 3.16
N HIS K 3 35.31 36.43 3.64
CA HIS K 3 33.95 35.92 3.81
C HIS K 3 33.43 35.48 2.44
N MET K 4 33.98 36.09 1.39
CA MET K 4 33.61 35.76 0.01
C MET K 4 34.00 34.30 -0.25
N ASP K 5 35.16 33.92 0.25
CA ASP K 5 35.68 32.57 0.11
C ASP K 5 34.65 31.56 0.62
N LEU K 6 34.00 31.93 1.73
CA LEU K 6 33.01 31.08 2.37
C LEU K 6 31.60 31.10 1.75
N GLY K 7 31.41 31.88 0.69
CA GLY K 7 30.10 31.93 0.05
C GLY K 7 29.17 33.01 0.57
N PHE K 8 29.67 33.82 1.51
CA PHE K 8 28.90 34.93 2.11
C PHE K 8 29.17 36.23 1.34
N LYS K 9 28.20 37.14 1.37
CA LYS K 9 28.34 38.45 0.71
C LYS K 9 27.72 39.52 1.56
N SER K 10 28.44 40.62 1.79
CA SER K 10 27.88 41.70 2.58
C SER K 10 26.77 42.37 1.76
N GLY K 11 25.89 43.08 2.45
CA GLY K 11 24.84 43.79 1.73
C GLY K 11 25.47 44.74 0.71
N ILE K 12 26.66 45.25 1.03
CA ILE K 12 27.38 46.15 0.13
C ILE K 12 27.84 45.40 -1.12
N ASP K 13 28.39 44.20 -0.94
CA ASP K 13 28.85 43.40 -2.08
C ASP K 13 27.67 43.11 -2.99
N LEU K 14 26.51 42.83 -2.39
CA LEU K 14 25.31 42.55 -3.18
C LEU K 14 24.97 43.73 -4.09
N LEU K 15 25.04 44.95 -3.55
CA LEU K 15 24.73 46.13 -4.37
C LEU K 15 25.78 46.31 -5.46
N LYS K 16 27.04 46.10 -5.11
CA LYS K 16 28.14 46.24 -6.07
C LYS K 16 28.00 45.27 -7.24
N GLN K 17 27.82 44.00 -6.94
CA GLN K 17 27.69 43.00 -7.98
C GLN K 17 26.48 43.31 -8.87
N ARG K 18 25.50 44.00 -8.30
CA ARG K 18 24.28 44.36 -9.03
C ARG K 18 24.61 45.28 -10.22
N SER K 19 25.63 46.12 -10.07
CA SER K 19 26.02 47.05 -11.13
C SER K 19 26.71 46.34 -12.28
N THR K 20 27.21 45.12 -12.04
CA THR K 20 27.91 44.39 -13.10
C THR K 20 27.05 43.44 -13.92
N VAL K 21 25.74 43.55 -13.78
CA VAL K 21 24.82 42.73 -14.54
C VAL K 21 24.71 43.25 -15.97
N TRP K 22 24.84 42.35 -16.95
CA TRP K 22 24.69 42.71 -18.35
C TRP K 22 23.51 41.91 -18.88
N LYS K 23 22.95 42.31 -20.03
CA LYS K 23 21.79 41.63 -20.58
C LYS K 23 22.00 41.28 -22.03
N LEU K 24 21.34 40.19 -22.45
CA LEU K 24 21.45 39.72 -23.80
C LEU K 24 20.11 39.86 -24.50
N SER K 25 20.13 40.53 -25.66
CA SER K 25 18.92 40.69 -26.43
C SER K 25 18.43 39.33 -26.98
N THR K 26 17.12 39.20 -27.06
CA THR K 26 16.47 37.99 -27.54
C THR K 26 16.10 38.13 -29.02
N SER K 27 16.35 39.33 -29.57
CA SER K 27 16.02 39.66 -30.97
C SER K 27 14.54 40.01 -31.07
N SER K 28 13.87 40.01 -29.93
CA SER K 28 12.44 40.36 -29.89
C SER K 28 12.33 41.58 -29.03
N SER K 29 11.79 42.66 -29.59
CA SER K 29 11.66 43.90 -28.83
C SER K 29 10.65 43.77 -27.70
N GLU K 30 9.52 43.10 -27.95
CA GLU K 30 8.55 42.96 -26.88
C GLU K 30 9.12 42.09 -25.75
N LEU K 31 9.80 41.01 -26.12
CA LEU K 31 10.39 40.12 -25.10
C LEU K 31 11.49 40.86 -24.34
N ASP K 32 12.33 41.59 -25.06
CA ASP K 32 13.40 42.36 -24.41
C ASP K 32 12.81 43.32 -23.39
N SER K 33 11.64 43.87 -23.70
CA SER K 33 11.01 44.80 -22.76
C SER K 33 10.44 44.09 -21.52
N VAL K 34 9.80 42.95 -21.72
CA VAL K 34 9.26 42.22 -20.57
C VAL K 34 10.41 41.88 -19.63
N LEU K 35 11.58 41.63 -20.19
CA LEU K 35 12.79 41.28 -19.43
C LEU K 35 13.50 42.46 -18.81
N GLY K 36 13.02 43.66 -19.08
CA GLY K 36 13.66 44.84 -18.52
C GLY K 36 14.91 45.20 -19.29
N GLY K 37 15.00 44.75 -20.55
CA GLY K 37 16.16 45.06 -21.36
C GLY K 37 16.67 43.86 -22.15
N GLY K 38 16.83 42.74 -21.46
CA GLY K 38 17.32 41.53 -22.10
C GLY K 38 17.52 40.47 -21.04
N LEU K 39 18.06 39.32 -21.44
CA LEU K 39 18.28 38.22 -20.50
C LEU K 39 19.43 38.61 -19.59
N GLU K 40 19.19 38.59 -18.27
CA GLU K 40 20.20 38.99 -17.30
C GLU K 40 21.26 38.01 -16.90
N SER K 41 22.47 38.52 -16.75
CA SER K 41 23.56 37.69 -16.32
C SER K 41 23.37 37.61 -14.80
N GLN K 42 24.04 36.64 -14.18
CA GLN K 42 23.98 36.42 -12.73
C GLN K 42 22.67 35.82 -12.25
N SER K 43 21.82 35.43 -13.19
CA SER K 43 20.54 34.86 -12.84
C SER K 43 20.23 33.66 -13.72
N VAL K 44 19.34 32.82 -13.23
CA VAL K 44 18.87 31.65 -13.97
C VAL K 44 17.51 32.04 -14.51
N THR K 45 17.35 31.97 -15.83
CA THR K 45 16.08 32.31 -16.46
C THR K 45 15.48 31.05 -17.09
N GLU K 46 14.25 30.74 -16.69
CA GLU K 46 13.56 29.55 -17.17
C GLU K 46 12.44 29.81 -18.15
N PHE K 47 12.42 29.01 -19.21
CA PHE K 47 11.33 29.07 -20.19
C PHE K 47 10.68 27.68 -20.18
N ALA K 48 9.46 27.62 -19.64
CA ALA K 48 8.70 26.37 -19.57
C ALA K 48 7.49 26.42 -20.49
N GLY K 49 7.29 25.35 -21.24
CA GLY K 49 6.17 25.26 -22.14
C GLY K 49 6.14 23.87 -22.76
N VAL K 50 5.17 23.61 -23.61
CA VAL K 50 5.07 22.30 -24.26
C VAL K 50 6.06 22.22 -25.42
N PHE K 51 6.22 21.03 -25.98
CA PHE K 51 7.12 20.85 -27.09
C PHE K 51 6.70 21.67 -28.31
N GLY K 52 7.67 22.30 -28.96
CA GLY K 52 7.37 23.11 -30.13
C GLY K 52 6.89 24.51 -29.81
N SER K 53 6.99 24.90 -28.55
CA SER K 53 6.53 26.23 -28.14
C SER K 53 7.58 27.34 -28.32
N GLY K 54 8.80 26.99 -28.74
CA GLY K 54 9.82 28.00 -28.95
C GLY K 54 10.98 28.07 -27.97
N LYS K 55 10.96 27.26 -26.92
CA LYS K 55 12.04 27.25 -25.92
C LYS K 55 13.42 27.02 -26.54
N THR K 56 13.55 25.93 -27.31
CA THR K 56 14.81 25.60 -27.94
C THR K 56 15.23 26.65 -28.99
N GLN K 57 14.26 27.31 -29.60
CA GLN K 57 14.59 28.32 -30.58
C GLN K 57 15.23 29.52 -29.88
N ILE K 58 14.77 29.82 -28.67
CA ILE K 58 15.33 30.93 -27.92
C ILE K 58 16.75 30.59 -27.49
N MET K 59 16.97 29.32 -27.13
CA MET K 59 18.30 28.86 -26.73
C MET K 59 19.28 29.06 -27.88
N HIS K 60 18.87 28.68 -29.09
CA HIS K 60 19.73 28.82 -30.27
C HIS K 60 19.96 30.30 -30.60
N GLN K 61 18.88 31.09 -30.56
CA GLN K 61 19.00 32.52 -30.85
C GLN K 61 19.93 33.23 -29.84
N SER K 62 19.99 32.71 -28.61
CA SER K 62 20.86 33.34 -27.63
C SER K 62 22.33 33.02 -27.96
N CYS K 63 22.62 31.80 -28.43
CA CYS K 63 23.98 31.44 -28.77
C CYS K 63 24.44 32.30 -29.92
N VAL K 64 23.52 32.63 -30.81
CA VAL K 64 23.85 33.46 -31.95
C VAL K 64 24.08 34.89 -31.49
N ASN K 65 23.09 35.46 -30.82
CA ASN K 65 23.19 36.85 -30.37
C ASN K 65 24.39 37.18 -29.49
N LEU K 66 24.91 36.18 -28.77
CA LEU K 66 26.05 36.39 -27.89
C LEU K 66 27.28 36.80 -28.69
N GLN K 67 27.33 36.40 -29.95
CA GLN K 67 28.48 36.73 -30.80
C GLN K 67 28.35 38.08 -31.52
N ASN K 68 27.37 38.89 -31.13
CA ASN K 68 27.19 40.22 -31.72
C ASN K 68 27.31 41.20 -30.56
N PRO K 69 28.47 41.86 -30.44
CA PRO K 69 28.77 42.84 -29.38
C PRO K 69 27.64 43.80 -29.07
N GLU K 70 26.89 44.20 -30.09
CA GLU K 70 25.78 45.14 -29.91
C GLU K 70 24.56 44.57 -29.20
N PHE K 71 24.52 43.26 -29.02
CA PHE K 71 23.39 42.62 -28.36
C PHE K 71 23.62 42.40 -26.87
N LEU K 72 24.78 42.84 -26.39
CA LEU K 72 25.09 42.73 -24.97
C LEU K 72 24.98 44.11 -24.36
N PHE K 73 24.06 44.29 -23.42
CA PHE K 73 23.87 45.59 -22.81
C PHE K 73 24.43 45.63 -21.40
N TYR K 74 25.28 46.62 -21.14
CA TYR K 74 25.91 46.77 -19.83
C TYR K 74 26.38 48.19 -19.53
N ASP K 75 26.71 48.43 -18.27
CA ASP K 75 27.19 49.73 -17.81
C ASP K 75 28.70 49.81 -18.02
N GLU K 76 29.10 50.64 -18.97
CA GLU K 76 30.51 50.80 -19.28
C GLU K 76 31.40 51.26 -18.12
N GLU K 77 30.79 51.84 -17.09
CA GLU K 77 31.56 52.30 -15.95
C GLU K 77 31.71 51.17 -14.93
N ALA K 78 30.91 50.11 -15.09
CA ALA K 78 30.92 48.99 -14.16
C ALA K 78 31.47 47.68 -14.74
N VAL K 79 31.35 47.52 -16.05
CA VAL K 79 31.84 46.33 -16.73
C VAL K 79 32.82 46.68 -17.84
N SER K 80 34.00 46.05 -17.81
CA SER K 80 35.05 46.30 -18.80
C SER K 80 34.83 45.52 -20.09
N LYS K 81 35.41 46.00 -21.18
CA LYS K 81 35.24 45.33 -22.47
C LYS K 81 35.86 43.93 -22.43
N GLY K 82 36.83 43.75 -21.54
CA GLY K 82 37.49 42.46 -21.42
C GLY K 82 36.58 41.38 -20.84
N GLU K 83 35.71 41.77 -19.92
CA GLU K 83 34.78 40.85 -19.29
C GLU K 83 33.85 40.15 -20.30
N VAL K 84 33.49 40.87 -21.38
CA VAL K 84 32.60 40.33 -22.40
C VAL K 84 33.25 40.07 -23.75
N ALA K 85 34.57 40.05 -23.77
CA ALA K 85 35.32 39.82 -24.99
C ALA K 85 35.46 38.33 -25.27
N GLN K 86 35.49 37.96 -26.55
CA GLN K 86 35.60 36.56 -26.95
C GLN K 86 34.64 35.73 -26.10
N PRO K 87 33.36 36.14 -26.04
CA PRO K 87 32.41 35.39 -25.23
C PRO K 87 32.06 34.03 -25.87
N LYS K 88 31.86 33.03 -25.03
CA LYS K 88 31.51 31.72 -25.53
C LYS K 88 30.30 31.18 -24.76
N ALA K 89 29.58 30.26 -25.40
CA ALA K 89 28.41 29.66 -24.80
C ALA K 89 28.57 28.15 -24.65
N VAL K 90 27.87 27.59 -23.66
CA VAL K 90 27.87 26.16 -23.42
C VAL K 90 26.41 25.70 -23.58
N TYR K 91 26.16 24.74 -24.44
CA TYR K 91 24.81 24.24 -24.66
C TYR K 91 24.75 22.79 -24.19
N ILE K 92 24.17 22.55 -23.01
CA ILE K 92 24.06 21.18 -22.51
C ILE K 92 22.77 20.66 -23.12
N ASP K 93 22.91 19.66 -23.98
CA ASP K 93 21.86 19.05 -24.78
C ASP K 93 21.42 17.72 -24.21
N THR K 94 20.18 17.69 -23.76
CA THR K 94 19.65 16.53 -23.11
C THR K 94 18.82 15.57 -23.98
N GLU K 95 18.42 16.02 -25.16
CA GLU K 95 17.64 15.19 -26.07
C GLU K 95 18.11 15.26 -27.52
N GLY K 96 19.28 15.84 -27.75
CA GLY K 96 19.78 15.95 -29.12
C GLY K 96 19.05 17.02 -29.92
N THR K 97 18.86 18.20 -29.31
CA THR K 97 18.16 19.30 -29.97
C THR K 97 19.03 20.39 -30.58
N PHE K 98 20.35 20.31 -30.39
CA PHE K 98 21.22 21.33 -30.96
C PHE K 98 21.29 21.11 -32.48
N ARG K 99 21.06 22.18 -33.24
CA ARG K 99 21.05 22.10 -34.70
C ARG K 99 21.99 23.14 -35.30
N PRO K 100 23.22 22.73 -35.64
CA PRO K 100 24.17 23.68 -36.23
C PRO K 100 23.65 24.45 -37.46
N GLU K 101 22.78 23.82 -38.23
CA GLU K 101 22.24 24.46 -39.42
C GLU K 101 21.31 25.60 -39.02
N ARG K 102 20.62 25.45 -37.89
CA ARG K 102 19.72 26.49 -37.42
C ARG K 102 20.58 27.64 -36.92
N ILE K 103 21.76 27.32 -36.38
CA ILE K 103 22.65 28.37 -35.92
C ILE K 103 23.05 29.17 -37.17
N MET K 104 23.50 28.46 -38.21
CA MET K 104 23.92 29.08 -39.46
C MET K 104 22.84 30.00 -39.98
N GLN K 105 21.64 29.45 -40.14
CA GLN K 105 20.51 30.22 -40.64
C GLN K 105 20.26 31.49 -39.84
N MET K 106 20.11 31.35 -38.52
CA MET K 106 19.86 32.51 -37.66
C MET K 106 20.97 33.54 -37.80
N ALA K 107 22.22 33.08 -37.82
CA ALA K 107 23.37 33.97 -37.93
C ALA K 107 23.39 34.74 -39.26
N GLU K 108 23.29 34.03 -40.38
CA GLU K 108 23.32 34.71 -41.66
C GLU K 108 22.21 35.74 -41.74
N HIS K 109 20.99 35.38 -41.33
CA HIS K 109 19.88 36.32 -41.38
C HIS K 109 20.08 37.48 -40.40
N ALA K 110 21.02 37.33 -39.47
CA ALA K 110 21.29 38.37 -38.49
C ALA K 110 22.56 39.15 -38.82
N GLY K 111 23.26 38.75 -39.88
CA GLY K 111 24.49 39.42 -40.25
C GLY K 111 25.63 39.05 -39.30
N ILE K 112 25.61 37.83 -38.80
CA ILE K 112 26.63 37.33 -37.89
C ILE K 112 27.29 36.16 -38.60
N ASP K 113 28.59 35.97 -38.47
CA ASP K 113 29.23 34.83 -39.11
C ASP K 113 28.88 33.52 -38.37
N GLY K 114 28.17 32.63 -39.06
CA GLY K 114 27.77 31.37 -38.46
C GLY K 114 28.90 30.55 -37.88
N GLN K 115 30.00 30.48 -38.62
CA GLN K 115 31.19 29.71 -38.22
C GLN K 115 31.74 30.23 -36.90
N THR K 116 31.63 31.54 -36.70
CA THR K 116 32.10 32.15 -35.48
C THR K 116 31.25 31.66 -34.31
N VAL K 117 29.92 31.61 -34.53
CA VAL K 117 28.99 31.15 -33.50
C VAL K 117 29.30 29.70 -33.13
N LEU K 118 29.35 28.83 -34.14
CA LEU K 118 29.64 27.42 -33.92
C LEU K 118 31.00 27.21 -33.27
N ASP K 119 31.97 28.02 -33.71
CA ASP K 119 33.33 27.93 -33.21
C ASP K 119 33.44 28.33 -31.74
N ASN K 120 32.52 29.19 -31.30
CA ASN K 120 32.51 29.65 -29.91
C ASN K 120 31.32 29.17 -29.08
N THR K 121 30.80 28.00 -29.45
CA THR K 121 29.69 27.42 -28.72
C THR K 121 30.07 25.97 -28.44
N PHE K 122 30.25 25.63 -27.16
CA PHE K 122 30.59 24.26 -26.77
C PHE K 122 29.30 23.50 -26.58
N VAL K 123 29.22 22.30 -27.14
CA VAL K 123 28.00 21.52 -27.01
C VAL K 123 28.30 20.26 -26.20
N ALA K 124 27.45 19.97 -25.22
CA ALA K 124 27.63 18.79 -24.37
C ALA K 124 26.37 17.93 -24.42
N ARG K 125 26.47 16.77 -25.09
CA ARG K 125 25.34 15.87 -25.18
C ARG K 125 25.34 15.01 -23.90
N ALA K 126 24.32 15.20 -23.07
CA ALA K 126 24.16 14.47 -21.82
C ALA K 126 23.04 13.41 -21.94
N TYR K 127 23.37 12.15 -21.71
CA TYR K 127 22.37 11.08 -21.81
C TYR K 127 21.66 10.73 -20.49
N ASN K 128 22.18 11.21 -19.36
CA ASN K 128 21.54 10.95 -18.06
C ASN K 128 21.77 12.14 -17.11
N SER K 129 21.16 12.10 -15.92
CA SER K 129 21.32 13.20 -14.98
C SER K 129 22.74 13.37 -14.45
N ASP K 130 23.45 12.26 -14.22
CA ASP K 130 24.84 12.38 -13.76
C ASP K 130 25.63 13.21 -14.78
N MET K 131 25.52 12.84 -16.06
CA MET K 131 26.25 13.55 -17.13
C MET K 131 25.87 15.04 -17.17
N GLN K 132 24.56 15.29 -17.16
CA GLN K 132 24.03 16.66 -17.18
C GLN K 132 24.65 17.48 -16.06
N MET K 133 24.58 16.95 -14.84
CA MET K 133 25.13 17.64 -13.69
C MET K 133 26.63 17.79 -13.74
N LEU K 134 27.34 16.71 -14.09
CA LEU K 134 28.79 16.79 -14.15
C LEU K 134 29.23 17.79 -15.23
N PHE K 135 28.50 17.82 -16.35
CA PHE K 135 28.80 18.77 -17.41
C PHE K 135 28.65 20.19 -16.85
N ALA K 136 27.59 20.44 -16.09
CA ALA K 136 27.40 21.78 -15.54
C ALA K 136 28.57 22.16 -14.62
N GLU K 137 29.01 21.22 -13.77
CA GLU K 137 30.11 21.50 -12.88
C GLU K 137 31.42 21.70 -13.65
N LYS K 138 31.60 20.95 -14.73
CA LYS K 138 32.82 21.08 -15.53
C LYS K 138 32.91 22.39 -16.31
N ILE K 139 31.85 23.19 -16.29
CA ILE K 139 31.90 24.48 -16.97
C ILE K 139 32.92 25.33 -16.23
N GLU K 140 33.10 25.10 -14.93
CA GLU K 140 34.11 25.86 -14.20
C GLU K 140 35.47 25.55 -14.81
N ASP K 141 35.73 24.26 -15.00
CA ASP K 141 36.99 23.81 -15.58
C ASP K 141 37.21 24.41 -16.98
N LEU K 142 36.15 24.60 -17.75
CA LEU K 142 36.26 25.18 -19.08
C LEU K 142 36.71 26.62 -18.92
N ILE K 143 36.16 27.29 -17.94
CA ILE K 143 36.50 28.69 -17.68
C ILE K 143 37.95 28.77 -17.21
N GLN K 144 38.30 27.84 -16.33
CA GLN K 144 39.63 27.70 -15.74
C GLN K 144 40.70 27.46 -16.81
N GLU K 145 40.29 27.04 -18.00
CA GLU K 145 41.23 26.79 -19.08
C GLU K 145 41.37 27.97 -20.04
N GLY K 146 40.73 29.08 -19.71
CA GLY K 146 40.84 30.25 -20.54
C GLY K 146 39.64 30.59 -21.41
N ASN K 147 38.54 29.86 -21.24
CA ASN K 147 37.34 30.11 -22.04
C ASN K 147 36.41 31.06 -21.32
N ASN K 148 36.10 32.19 -21.97
CA ASN K 148 35.20 33.18 -21.39
C ASN K 148 33.74 32.76 -21.59
N ILE K 149 33.29 31.81 -20.79
CA ILE K 149 31.93 31.29 -20.86
C ILE K 149 31.01 32.37 -20.31
N LYS K 150 30.10 32.87 -21.15
CA LYS K 150 29.18 33.92 -20.72
C LYS K 150 27.71 33.53 -20.83
N LEU K 151 27.43 32.39 -21.47
CA LEU K 151 26.07 31.92 -21.64
C LEU K 151 26.02 30.40 -21.42
N VAL K 152 25.12 29.97 -20.56
CA VAL K 152 24.96 28.55 -20.32
C VAL K 152 23.50 28.23 -20.56
N VAL K 153 23.28 27.26 -21.44
CA VAL K 153 21.95 26.81 -21.80
C VAL K 153 21.78 25.37 -21.32
N ILE K 154 20.69 25.08 -20.62
CA ILE K 154 20.45 23.71 -20.20
C ILE K 154 19.12 23.34 -20.87
N ASP K 155 19.21 22.68 -22.01
CA ASP K 155 18.03 22.27 -22.77
C ASP K 155 17.97 20.73 -22.81
N SER K 156 17.14 20.09 -21.97
CA SER K 156 16.26 20.72 -20.99
C SER K 156 16.76 20.45 -19.57
N LEU K 157 16.20 21.19 -18.61
CA LEU K 157 16.59 21.07 -17.21
C LEU K 157 16.20 19.76 -16.54
N THR K 158 15.01 19.29 -16.89
CA THR K 158 14.43 18.13 -16.24
C THR K 158 14.16 16.83 -16.94
N SER K 159 14.27 16.76 -18.27
CA SER K 159 13.94 15.50 -18.95
C SER K 159 14.72 14.26 -18.43
N THR K 160 16.01 14.41 -18.12
CA THR K 160 16.77 13.28 -17.62
C THR K 160 16.28 12.86 -16.24
N PHE K 161 15.97 13.85 -15.39
CA PHE K 161 15.48 13.55 -14.04
C PHE K 161 14.13 12.84 -14.08
N ARG K 162 13.30 13.25 -15.03
CA ARG K 162 11.99 12.64 -15.22
C ARG K 162 12.13 11.21 -15.71
N ASN K 163 13.04 10.99 -16.65
CA ASN K 163 13.24 9.65 -17.21
C ASN K 163 13.83 8.65 -16.20
N GLU K 164 14.57 9.16 -15.23
CA GLU K 164 15.22 8.31 -14.24
C GLU K 164 14.39 8.03 -13.00
N TYR K 165 13.77 9.07 -12.48
CA TYR K 165 12.98 8.95 -11.27
C TYR K 165 11.49 8.81 -11.50
N THR K 166 11.11 7.59 -11.90
CA THR K 166 9.72 7.24 -12.12
C THR K 166 9.24 6.77 -10.74
N GLY K 167 7.94 6.85 -10.48
CA GLY K 167 7.44 6.45 -9.18
C GLY K 167 7.80 7.47 -8.11
N ARG K 168 6.80 7.88 -7.32
CA ARG K 168 7.02 8.87 -6.27
C ARG K 168 7.75 8.34 -5.03
N GLY K 169 8.23 7.11 -5.09
CA GLY K 169 8.95 6.56 -3.95
C GLY K 169 10.39 7.05 -3.92
N LYS K 170 10.81 7.72 -4.99
CA LYS K 170 12.17 8.23 -5.08
C LYS K 170 12.16 9.73 -5.43
N LEU K 171 11.00 10.34 -5.33
CA LEU K 171 10.85 11.76 -5.64
C LEU K 171 11.78 12.62 -4.79
N ALA K 172 11.98 12.24 -3.53
CA ALA K 172 12.86 13.00 -2.65
C ALA K 172 14.30 12.99 -3.18
N GLU K 173 14.76 11.82 -3.61
CA GLU K 173 16.11 11.70 -4.16
C GLU K 173 16.25 12.59 -5.41
N ARG K 174 15.21 12.59 -6.22
CA ARG K 174 15.17 13.38 -7.43
C ARG K 174 15.18 14.87 -7.08
N GLN K 175 14.33 15.27 -6.14
CA GLN K 175 14.26 16.67 -5.73
C GLN K 175 15.57 17.16 -5.14
N GLN K 176 16.28 16.28 -4.45
CA GLN K 176 17.57 16.68 -3.89
C GLN K 176 18.66 16.80 -4.95
N LYS K 177 18.63 15.90 -5.93
CA LYS K 177 19.64 15.96 -6.98
C LYS K 177 19.37 17.26 -7.77
N LEU K 178 18.10 17.55 -7.96
CA LEU K 178 17.65 18.73 -8.69
C LEU K 178 18.13 20.00 -7.95
N GLY K 179 17.99 19.98 -6.62
CA GLY K 179 18.40 21.10 -5.81
C GLY K 179 19.89 21.33 -5.89
N ARG K 180 20.66 20.24 -5.92
CA ARG K 180 22.11 20.40 -6.02
C ARG K 180 22.45 21.00 -7.40
N HIS K 181 21.79 20.51 -8.44
CA HIS K 181 22.04 21.02 -9.80
C HIS K 181 21.67 22.52 -9.92
N MET K 182 20.53 22.94 -9.36
CA MET K 182 20.11 24.36 -9.41
C MET K 182 21.16 25.21 -8.71
N ALA K 183 21.71 24.72 -7.60
CA ALA K 183 22.74 25.46 -6.88
C ALA K 183 23.94 25.71 -7.81
N THR K 184 24.37 24.66 -8.49
CA THR K 184 25.48 24.78 -9.43
C THR K 184 25.21 25.80 -10.55
N LEU K 185 24.00 25.79 -11.08
CA LEU K 185 23.61 26.68 -12.15
C LEU K 185 23.66 28.15 -11.70
N ASN K 186 23.21 28.39 -10.48
CA ASN K 186 23.19 29.72 -9.88
C ASN K 186 24.60 30.16 -9.54
N LYS K 187 25.42 29.21 -9.10
CA LYS K 187 26.81 29.50 -8.75
C LYS K 187 27.58 29.90 -10.02
N LEU K 188 27.29 29.26 -11.14
CA LEU K 188 27.98 29.61 -12.38
C LEU K 188 27.57 31.03 -12.80
N ALA K 189 26.27 31.29 -12.75
CA ALA K 189 25.72 32.60 -13.10
C ALA K 189 26.35 33.70 -12.30
N ASP K 190 26.42 33.46 -10.99
CA ASP K 190 26.95 34.42 -10.05
C ASP K 190 28.46 34.61 -10.09
N LEU K 191 29.22 33.54 -9.97
CA LEU K 191 30.68 33.67 -9.93
C LEU K 191 31.34 34.06 -11.23
N PHE K 192 30.76 33.70 -12.37
CA PHE K 192 31.40 34.02 -13.64
C PHE K 192 30.61 35.01 -14.47
N ASN K 193 29.73 35.73 -13.78
CA ASN K 193 28.88 36.74 -14.36
C ASN K 193 28.33 36.35 -15.72
N CYS K 194 27.53 35.29 -15.78
CA CYS K 194 26.95 34.93 -17.05
C CYS K 194 25.47 34.64 -17.01
N VAL K 195 24.85 34.56 -18.19
CA VAL K 195 23.44 34.28 -18.20
C VAL K 195 23.24 32.78 -18.33
N VAL K 196 22.36 32.25 -17.49
CA VAL K 196 22.03 30.82 -17.50
C VAL K 196 20.56 30.70 -17.88
N LEU K 197 20.31 30.00 -18.97
CA LEU K 197 18.96 29.77 -19.47
C LEU K 197 18.64 28.27 -19.37
N VAL K 198 17.41 27.93 -19.02
CA VAL K 198 17.04 26.51 -18.97
C VAL K 198 15.68 26.42 -19.58
N THR K 199 15.38 25.28 -20.20
CA THR K 199 14.08 25.04 -20.77
C THR K 199 13.44 24.00 -19.85
N ASN K 200 12.12 23.97 -19.80
CA ASN K 200 11.44 23.01 -18.95
C ASN K 200 10.07 22.71 -19.51
N GLN K 201 9.43 21.69 -18.94
CA GLN K 201 8.10 21.27 -19.33
C GLN K 201 7.15 21.71 -18.25
N VAL K 202 5.86 21.61 -18.53
CA VAL K 202 4.83 22.01 -17.58
C VAL K 202 3.92 20.81 -17.34
N SER K 203 3.12 20.86 -16.27
CA SER K 203 2.19 19.78 -15.98
C SER K 203 0.84 20.31 -15.50
N ALA K 204 -0.20 19.49 -15.69
CA ALA K 204 -1.56 19.80 -15.30
C ALA K 204 -1.70 21.02 -14.40
N ALA K 213 -3.63 24.13 -11.43
CA ALA K 213 -3.20 23.45 -12.64
C ALA K 213 -2.45 24.40 -13.58
N GLU K 214 -1.10 24.33 -13.55
CA GLU K 214 -0.23 25.16 -14.37
C GLU K 214 1.12 25.36 -13.66
N GLN K 215 2.07 24.43 -13.87
CA GLN K 215 3.35 24.54 -13.17
C GLN K 215 4.53 23.86 -13.89
N ALA K 216 5.71 24.49 -13.81
CA ALA K 216 6.92 23.96 -14.43
C ALA K 216 7.37 22.74 -13.64
N ILE K 217 7.90 21.74 -14.33
CA ILE K 217 8.34 20.51 -13.65
C ILE K 217 9.50 20.73 -12.69
N GLY K 218 9.44 20.08 -11.54
CA GLY K 218 10.51 20.23 -10.56
C GLY K 218 10.06 20.87 -9.27
N GLY K 219 8.84 21.37 -9.25
CA GLY K 219 8.32 21.98 -8.03
C GLY K 219 9.03 23.23 -7.56
N HIS K 220 8.93 23.48 -6.26
CA HIS K 220 9.54 24.66 -5.66
C HIS K 220 11.06 24.60 -5.58
N ILE K 221 11.60 23.40 -5.60
CA ILE K 221 13.05 23.26 -5.55
C ILE K 221 13.66 24.03 -6.75
N VAL K 222 12.97 23.95 -7.89
CA VAL K 222 13.42 24.63 -9.11
C VAL K 222 12.93 26.10 -9.09
N GLY K 223 11.65 26.26 -8.81
CA GLY K 223 11.05 27.58 -8.78
C GLY K 223 11.73 28.60 -7.90
N HIS K 224 12.06 28.22 -6.66
CA HIS K 224 12.70 29.13 -5.72
C HIS K 224 14.11 29.47 -6.18
N ALA K 225 14.67 28.60 -7.02
CA ALA K 225 16.02 28.81 -7.51
C ALA K 225 16.12 29.46 -8.90
N ALA K 226 14.99 29.83 -9.50
CA ALA K 226 15.02 30.45 -10.81
C ALA K 226 14.54 31.91 -10.69
N THR K 227 15.44 32.87 -10.86
CA THR K 227 15.10 34.28 -10.73
C THR K 227 14.05 34.80 -11.70
N PHE K 228 14.13 34.41 -12.97
CA PHE K 228 13.14 34.84 -13.94
C PHE K 228 12.44 33.61 -14.51
N ARG K 229 11.12 33.61 -14.48
CA ARG K 229 10.38 32.46 -14.96
C ARG K 229 9.30 32.79 -15.99
N PHE K 230 9.31 32.03 -17.06
CA PHE K 230 8.36 32.20 -18.16
C PHE K 230 7.63 30.91 -18.48
N PHE K 231 6.43 31.10 -19.03
CA PHE K 231 5.58 30.03 -19.55
C PHE K 231 5.44 30.48 -21.01
N VAL K 232 5.86 29.63 -21.94
CA VAL K 232 5.76 29.95 -23.34
C VAL K 232 4.58 29.19 -23.93
N ARG K 233 3.71 29.90 -24.65
CA ARG K 233 2.51 29.32 -25.29
C ARG K 233 2.54 29.51 -26.80
N LYS K 234 1.88 28.63 -27.54
CA LYS K 234 1.81 28.75 -29.00
C LYS K 234 0.62 29.63 -29.34
N GLY K 235 0.85 30.59 -30.25
CA GLY K 235 -0.25 31.44 -30.67
C GLY K 235 -0.71 30.86 -31.99
N LYS K 236 -1.19 31.72 -32.87
CA LYS K 236 -1.64 31.26 -34.18
C LYS K 236 -0.43 31.15 -35.11
N GLY K 237 -0.32 30.05 -35.83
CA GLY K 237 0.81 29.88 -36.72
C GLY K 237 2.15 29.98 -36.02
N ASP K 238 3.07 30.77 -36.57
CA ASP K 238 4.39 30.93 -35.98
C ASP K 238 4.49 31.92 -34.83
N LYS K 239 3.35 32.41 -34.35
CA LYS K 239 3.39 33.34 -33.23
C LYS K 239 3.49 32.54 -31.92
N ARG K 240 4.16 33.13 -30.93
CA ARG K 240 4.35 32.52 -29.61
C ARG K 240 4.21 33.63 -28.59
N VAL K 241 3.83 33.29 -27.37
CA VAL K 241 3.66 34.28 -26.33
C VAL K 241 4.42 33.85 -25.08
N ALA K 242 5.31 34.70 -24.59
CA ALA K 242 6.05 34.38 -23.39
C ALA K 242 5.47 35.19 -22.26
N LYS K 243 5.11 34.52 -21.18
CA LYS K 243 4.54 35.20 -20.03
C LYS K 243 5.48 35.15 -18.84
N LEU K 244 5.93 36.31 -18.41
CA LEU K 244 6.82 36.39 -17.27
C LEU K 244 5.93 36.38 -16.04
N TYR K 245 5.98 35.31 -15.25
CA TYR K 245 5.14 35.24 -14.07
C TYR K 245 5.92 35.38 -12.77
N ASP K 246 7.24 35.44 -12.87
CA ASP K 246 8.07 35.58 -11.69
C ASP K 246 9.37 36.30 -12.05
N SER K 247 9.65 37.37 -11.31
CA SER K 247 10.85 38.18 -11.49
C SER K 247 11.05 38.91 -10.16
N PRO K 248 12.29 39.32 -9.85
CA PRO K 248 12.51 40.03 -8.59
C PRO K 248 11.82 41.40 -8.49
N HIS K 249 11.83 42.18 -9.55
CA HIS K 249 11.19 43.49 -9.51
C HIS K 249 10.53 43.99 -10.78
N LEU K 250 10.32 43.08 -11.73
CA LEU K 250 9.66 43.47 -12.97
C LEU K 250 8.18 43.14 -12.84
N PRO K 251 7.36 43.70 -13.73
CA PRO K 251 5.94 43.38 -13.61
C PRO K 251 5.67 42.08 -14.35
N ASP K 252 4.63 41.35 -13.94
CA ASP K 252 4.28 40.11 -14.63
C ASP K 252 3.61 40.59 -15.91
N ALA K 253 4.19 40.23 -17.05
CA ALA K 253 3.62 40.65 -18.32
C ALA K 253 3.81 39.60 -19.40
N GLU K 254 3.20 39.85 -20.56
CA GLU K 254 3.24 38.93 -21.69
C GLU K 254 3.84 39.60 -22.92
N ALA K 255 4.62 38.82 -23.67
CA ALA K 255 5.25 39.33 -24.88
C ALA K 255 4.96 38.36 -26.01
N ILE K 256 4.54 38.89 -27.15
CA ILE K 256 4.26 38.05 -28.31
C ILE K 256 5.40 38.25 -29.29
N PHE K 257 5.81 37.16 -29.94
CA PHE K 257 6.92 37.21 -30.88
C PHE K 257 6.74 36.13 -31.93
N ARG K 258 7.69 36.03 -32.85
CA ARG K 258 7.59 35.03 -33.89
C ARG K 258 8.83 34.21 -34.14
N ILE K 259 8.63 32.99 -34.62
CA ILE K 259 9.73 32.11 -34.94
C ILE K 259 9.66 31.86 -36.43
N THR K 260 10.65 32.38 -37.15
CA THR K 260 10.68 32.26 -38.61
C THR K 260 12.05 31.81 -39.08
N GLU K 261 12.30 31.87 -40.38
CA GLU K 261 13.62 31.46 -40.91
C GLU K 261 14.74 32.30 -40.33
N LYS K 262 14.41 33.51 -39.91
CA LYS K 262 15.39 34.41 -39.33
C LYS K 262 15.58 34.12 -37.84
N GLY K 263 14.75 33.24 -37.30
CA GLY K 263 14.85 32.90 -35.89
C GLY K 263 13.75 33.59 -35.12
N ILE K 264 14.09 34.18 -33.98
CA ILE K 264 13.12 34.90 -33.15
C ILE K 264 13.03 36.30 -33.71
N GLN K 265 11.82 36.86 -33.80
CA GLN K 265 11.69 38.22 -34.33
C GLN K 265 10.45 38.98 -33.90
N ASP K 266 10.55 40.31 -34.07
CA ASP K 266 9.51 41.30 -33.74
C ASP K 266 9.83 42.09 -32.47
N SER L 2 41.33 20.57 -25.64
CA SER L 2 41.24 20.69 -24.15
C SER L 2 39.80 20.55 -23.71
N HIS L 3 38.90 21.10 -24.51
CA HIS L 3 37.48 21.04 -24.22
C HIS L 3 36.93 19.63 -24.47
N MET L 4 37.38 18.99 -25.55
CA MET L 4 36.92 17.63 -25.87
C MET L 4 37.38 16.66 -24.78
N ASP L 5 38.47 17.04 -24.11
CA ASP L 5 39.02 16.26 -23.01
C ASP L 5 38.00 16.26 -21.86
N LEU L 6 37.19 17.31 -21.80
CA LEU L 6 36.16 17.46 -20.76
C LEU L 6 34.79 16.97 -21.24
N GLY L 7 34.72 16.45 -22.47
CA GLY L 7 33.46 15.96 -22.99
C GLY L 7 32.69 16.95 -23.83
N PHE L 8 33.21 18.16 -23.97
CA PHE L 8 32.53 19.19 -24.77
C PHE L 8 33.07 19.12 -26.20
N LYS L 9 32.32 19.70 -27.13
CA LYS L 9 32.72 19.73 -28.52
C LYS L 9 32.19 21.03 -29.09
N SER L 10 33.02 21.77 -29.81
CA SER L 10 32.51 23.01 -30.39
C SER L 10 31.55 22.62 -31.50
N GLY L 11 30.75 23.57 -31.96
CA GLY L 11 29.81 23.30 -33.03
C GLY L 11 30.58 22.94 -34.30
N ILE L 12 31.77 23.51 -34.45
CA ILE L 12 32.61 23.21 -35.60
C ILE L 12 33.05 21.75 -35.49
N ASP L 13 33.44 21.34 -34.29
CA ASP L 13 33.86 19.94 -34.07
C ASP L 13 32.75 19.01 -34.55
N LEU L 14 31.52 19.31 -34.15
CA LEU L 14 30.37 18.51 -34.55
C LEU L 14 30.26 18.37 -36.06
N LEU L 15 30.47 19.46 -36.79
CA LEU L 15 30.39 19.39 -38.25
C LEU L 15 31.55 18.55 -38.79
N LYS L 16 32.74 18.79 -38.26
CA LYS L 16 33.87 18.03 -38.72
C LYS L 16 33.72 16.55 -38.40
N GLN L 17 32.85 16.22 -37.46
CA GLN L 17 32.68 14.82 -37.16
C GLN L 17 31.68 14.15 -38.09
N ARG L 18 30.71 14.94 -38.58
CA ARG L 18 29.72 14.41 -39.50
C ARG L 18 30.39 13.91 -40.78
N SER L 19 31.55 14.47 -41.09
CA SER L 19 32.26 14.08 -42.31
C SER L 19 32.95 12.73 -42.22
N THR L 20 33.34 12.33 -41.01
CA THR L 20 34.00 11.05 -40.82
C THR L 20 33.05 9.87 -40.58
N VAL L 21 31.74 10.10 -40.72
CA VAL L 21 30.76 9.03 -40.52
C VAL L 21 30.81 8.05 -41.69
N TRP L 22 30.83 6.76 -41.40
CA TRP L 22 30.82 5.73 -42.43
C TRP L 22 29.64 4.80 -42.17
N LYS L 23 29.19 4.09 -43.21
CA LYS L 23 28.04 3.23 -43.10
C LYS L 23 28.29 1.78 -43.49
N LEU L 24 27.58 0.89 -42.81
CA LEU L 24 27.67 -0.54 -43.04
C LEU L 24 26.40 -1.08 -43.72
N SER L 25 26.58 -1.74 -44.85
CA SER L 25 25.45 -2.34 -45.57
C SER L 25 24.85 -3.48 -44.75
N THR L 26 23.53 -3.67 -44.86
CA THR L 26 22.79 -4.72 -44.16
C THR L 26 22.44 -5.90 -45.08
N SER L 27 22.85 -5.84 -46.35
CA SER L 27 22.54 -6.88 -47.34
C SER L 27 21.11 -6.75 -47.86
N SER L 28 20.34 -5.83 -47.30
CA SER L 28 18.98 -5.63 -47.75
C SER L 28 18.92 -4.26 -48.40
N SER L 29 18.49 -4.22 -49.66
CA SER L 29 18.38 -3.00 -50.44
C SER L 29 17.45 -2.02 -49.77
N GLU L 30 16.25 -2.48 -49.46
CA GLU L 30 15.27 -1.61 -48.81
C GLU L 30 15.73 -1.07 -47.49
N LEU L 31 16.34 -1.94 -46.67
CA LEU L 31 16.78 -1.52 -45.35
C LEU L 31 17.91 -0.51 -45.46
N ASP L 32 18.86 -0.76 -46.36
CA ASP L 32 19.97 0.20 -46.59
C ASP L 32 19.39 1.54 -47.08
N SER L 33 18.36 1.48 -47.90
CA SER L 33 17.77 2.72 -48.42
C SER L 33 17.08 3.52 -47.31
N VAL L 34 16.34 2.82 -46.46
CA VAL L 34 15.66 3.48 -45.35
C VAL L 34 16.65 4.09 -44.35
N LEU L 35 17.84 3.50 -44.26
CA LEU L 35 18.90 3.95 -43.37
C LEU L 35 19.67 5.14 -43.94
N GLY L 36 19.43 5.46 -45.21
CA GLY L 36 20.14 6.56 -45.82
C GLY L 36 21.49 6.11 -46.33
N GLY L 37 21.63 4.82 -46.58
CA GLY L 37 22.89 4.29 -47.07
C GLY L 37 23.34 3.04 -46.34
N GLY L 38 23.11 2.99 -45.03
CA GLY L 38 23.51 1.84 -44.24
C GLY L 38 23.58 2.18 -42.76
N LEU L 39 23.95 1.23 -41.92
CA LEU L 39 24.08 1.47 -40.47
C LEU L 39 25.20 2.49 -40.27
N GLU L 40 24.90 3.58 -39.56
CA GLU L 40 25.87 4.65 -39.32
C GLU L 40 26.77 4.54 -38.12
N SER L 41 28.04 4.89 -38.33
CA SER L 41 29.01 4.92 -37.24
C SER L 41 28.71 6.17 -36.41
N GLN L 42 29.24 6.21 -35.19
CA GLN L 42 29.04 7.34 -34.28
C GLN L 42 27.62 7.46 -33.76
N SER L 43 26.81 6.45 -34.01
CA SER L 43 25.43 6.47 -33.52
C SER L 43 25.08 5.12 -32.97
N VAL L 44 24.02 5.09 -32.19
CA VAL L 44 23.49 3.87 -31.64
C VAL L 44 22.22 3.60 -32.43
N THR L 45 22.11 2.40 -33.02
CA THR L 45 20.94 2.01 -33.75
C THR L 45 20.29 0.85 -33.04
N GLU L 46 18.99 1.02 -32.78
CA GLU L 46 18.17 0.07 -32.05
C GLU L 46 17.15 -0.65 -32.87
N PHE L 47 17.15 -1.98 -32.74
CA PHE L 47 16.20 -2.82 -33.43
C PHE L 47 15.37 -3.49 -32.33
N ALA L 48 14.10 -3.11 -32.26
CA ALA L 48 13.19 -3.62 -31.25
C ALA L 48 12.05 -4.41 -31.84
N GLY L 49 11.79 -5.57 -31.23
CA GLY L 49 10.71 -6.41 -31.69
C GLY L 49 10.65 -7.71 -30.91
N VAL L 50 9.66 -8.54 -31.21
CA VAL L 50 9.50 -9.81 -30.53
C VAL L 50 10.54 -10.81 -31.01
N PHE L 51 10.66 -11.92 -30.27
CA PHE L 51 11.61 -12.98 -30.58
C PHE L 51 11.29 -13.52 -31.97
N GLY L 52 12.32 -13.83 -32.75
CA GLY L 52 12.12 -14.33 -34.10
C GLY L 52 11.91 -13.24 -35.15
N SER L 53 11.91 -11.98 -34.74
CA SER L 53 11.68 -10.89 -35.69
C SER L 53 12.85 -10.58 -36.60
N GLY L 54 14.00 -11.18 -36.34
CA GLY L 54 15.19 -10.94 -37.16
C GLY L 54 16.27 -10.04 -36.57
N LYS L 55 16.09 -9.55 -35.34
CA LYS L 55 17.07 -8.66 -34.71
C LYS L 55 18.43 -9.31 -34.63
N THR L 56 18.47 -10.54 -34.11
CA THR L 56 19.72 -11.26 -33.99
C THR L 56 20.35 -11.58 -35.35
N GLN L 57 19.52 -11.83 -36.35
CA GLN L 57 20.03 -12.13 -37.69
C GLN L 57 20.72 -10.88 -38.25
N ILE L 58 20.17 -9.71 -37.98
CA ILE L 58 20.79 -8.49 -38.46
C ILE L 58 22.13 -8.32 -37.77
N MET L 59 22.20 -8.68 -36.47
CA MET L 59 23.46 -8.54 -35.76
C MET L 59 24.53 -9.40 -36.39
N HIS L 60 24.18 -10.66 -36.66
CA HIS L 60 25.12 -11.62 -37.27
C HIS L 60 25.49 -11.15 -38.68
N GLN L 61 24.51 -10.77 -39.49
CA GLN L 61 24.82 -10.30 -40.84
C GLN L 61 25.81 -9.13 -40.78
N SER L 62 25.68 -8.27 -39.76
CA SER L 62 26.59 -7.12 -39.64
C SER L 62 28.01 -7.51 -39.35
N CYS L 63 28.22 -8.54 -38.54
CA CYS L 63 29.59 -8.96 -38.23
C CYS L 63 30.23 -9.52 -39.50
N VAL L 64 29.43 -10.20 -40.30
CA VAL L 64 29.96 -10.77 -41.53
C VAL L 64 30.29 -9.67 -42.55
N ASN L 65 29.34 -8.76 -42.77
CA ASN L 65 29.53 -7.68 -43.75
C ASN L 65 30.67 -6.77 -43.44
N LEU L 66 31.03 -6.66 -42.16
CA LEU L 66 32.13 -5.78 -41.79
C LEU L 66 33.43 -6.30 -42.39
N GLN L 67 33.48 -7.59 -42.74
CA GLN L 67 34.69 -8.17 -43.30
C GLN L 67 34.77 -8.11 -44.84
N ASN L 68 33.86 -7.38 -45.46
CA ASN L 68 33.84 -7.19 -46.91
C ASN L 68 33.96 -5.68 -47.11
N PRO L 69 35.15 -5.19 -47.50
CA PRO L 69 35.38 -3.75 -47.70
C PRO L 69 34.34 -3.03 -48.55
N GLU L 70 33.74 -3.76 -49.48
CA GLU L 70 32.77 -3.13 -50.36
C GLU L 70 31.47 -2.82 -49.63
N PHE L 71 31.32 -3.36 -48.44
CA PHE L 71 30.12 -3.11 -47.65
C PHE L 71 30.26 -1.91 -46.71
N LEU L 72 31.45 -1.31 -46.68
CA LEU L 72 31.64 -0.13 -45.85
C LEU L 72 31.69 1.09 -46.76
N PHE L 73 30.78 2.04 -46.56
CA PHE L 73 30.68 3.24 -47.39
C PHE L 73 31.15 4.47 -46.65
N TYR L 74 32.17 5.15 -47.18
CA TYR L 74 32.69 6.35 -46.54
C TYR L 74 33.35 7.33 -47.50
N ASP L 75 33.55 8.55 -47.02
CA ASP L 75 34.20 9.58 -47.81
C ASP L 75 35.71 9.43 -47.65
N GLU L 76 36.37 9.03 -48.74
CA GLU L 76 37.80 8.81 -48.77
C GLU L 76 38.64 10.02 -48.37
N GLU L 77 38.10 11.22 -48.56
CA GLU L 77 38.82 12.43 -48.18
C GLU L 77 38.70 12.71 -46.67
N ALA L 78 37.74 12.09 -46.01
CA ALA L 78 37.56 12.31 -44.56
C ALA L 78 38.03 11.10 -43.75
N VAL L 79 37.84 9.90 -44.28
CA VAL L 79 38.24 8.66 -43.61
C VAL L 79 39.27 7.91 -44.45
N SER L 80 40.46 7.72 -43.90
CA SER L 80 41.54 7.03 -44.62
C SER L 80 41.31 5.54 -44.64
N LYS L 81 41.81 4.87 -45.67
CA LYS L 81 41.65 3.44 -45.78
C LYS L 81 42.23 2.73 -44.55
N GLY L 82 43.25 3.34 -43.97
CA GLY L 82 43.86 2.76 -42.79
C GLY L 82 42.90 2.70 -41.61
N GLU L 83 42.06 3.72 -41.46
CA GLU L 83 41.12 3.76 -40.36
C GLU L 83 40.13 2.59 -40.36
N VAL L 84 39.73 2.12 -41.53
CA VAL L 84 38.77 1.01 -41.65
C VAL L 84 39.41 -0.35 -42.01
N ALA L 85 40.74 -0.42 -42.00
CA ALA L 85 41.46 -1.66 -42.32
C ALA L 85 41.44 -2.65 -41.15
N GLN L 86 41.30 -3.93 -41.47
CA GLN L 86 41.26 -4.99 -40.45
C GLN L 86 40.24 -4.64 -39.38
N PRO L 87 39.02 -4.31 -39.79
CA PRO L 87 38.01 -3.96 -38.80
C PRO L 87 37.58 -5.18 -37.99
N LYS L 88 37.16 -4.95 -36.75
CA LYS L 88 36.71 -6.05 -35.91
C LYS L 88 35.41 -5.72 -35.20
N ALA L 89 34.66 -6.75 -34.85
CA ALA L 89 33.40 -6.59 -34.19
C ALA L 89 33.45 -7.19 -32.79
N VAL L 90 32.60 -6.64 -31.92
CA VAL L 90 32.44 -7.12 -30.55
C VAL L 90 30.95 -7.46 -30.41
N TYR L 91 30.65 -8.68 -30.01
CA TYR L 91 29.27 -9.11 -29.84
C TYR L 91 29.04 -9.46 -28.35
N ILE L 92 28.34 -8.59 -27.62
CA ILE L 92 28.03 -8.83 -26.20
C ILE L 92 26.70 -9.59 -26.22
N ASP L 93 26.78 -10.84 -25.79
CA ASP L 93 25.68 -11.82 -25.83
C ASP L 93 25.04 -12.00 -24.44
N THR L 94 23.78 -11.59 -24.34
CA THR L 94 23.04 -11.62 -23.10
C THR L 94 22.24 -12.87 -22.83
N GLU L 95 21.95 -13.64 -23.87
CA GLU L 95 21.18 -14.88 -23.71
C GLU L 95 21.75 -16.06 -24.49
N GLY L 96 22.99 -15.96 -24.94
CA GLY L 96 23.62 -17.04 -25.69
C GLY L 96 23.10 -17.18 -27.11
N THR L 97 22.93 -16.05 -27.80
CA THR L 97 22.41 -16.09 -29.18
C THR L 97 23.46 -16.13 -30.27
N PHE L 98 24.73 -15.96 -29.93
CA PHE L 98 25.77 -15.98 -30.96
C PHE L 98 25.89 -17.37 -31.55
N ARG L 99 25.87 -17.47 -32.88
CA ARG L 99 25.98 -18.77 -33.56
C ARG L 99 27.14 -18.80 -34.56
N PRO L 100 28.26 -19.44 -34.18
CA PRO L 100 29.38 -19.49 -35.12
C PRO L 100 29.01 -20.13 -36.46
N GLU L 101 28.12 -21.11 -36.43
CA GLU L 101 27.70 -21.77 -37.66
C GLU L 101 26.87 -20.86 -38.58
N ARG L 102 26.10 -19.95 -37.99
CA ARG L 102 25.31 -19.01 -38.78
C ARG L 102 26.28 -18.03 -39.42
N ILE L 103 27.34 -17.65 -38.69
CA ILE L 103 28.36 -16.75 -39.22
C ILE L 103 29.00 -17.42 -40.46
N MET L 104 29.34 -18.70 -40.32
CA MET L 104 29.97 -19.49 -41.38
C MET L 104 29.07 -19.53 -42.59
N GLN L 105 27.79 -19.79 -42.35
CA GLN L 105 26.81 -19.87 -43.42
C GLN L 105 26.62 -18.55 -44.19
N MET L 106 26.44 -17.44 -43.47
CA MET L 106 26.26 -16.14 -44.11
C MET L 106 27.52 -15.75 -44.88
N ALA L 107 28.67 -16.06 -44.30
CA ALA L 107 29.96 -15.76 -44.90
C ALA L 107 30.10 -16.51 -46.21
N GLU L 108 29.92 -17.81 -46.14
CA GLU L 108 30.01 -18.69 -47.31
C GLU L 108 29.17 -18.17 -48.47
N HIS L 109 27.88 -17.94 -48.21
CA HIS L 109 26.95 -17.44 -49.23
C HIS L 109 27.23 -16.01 -49.68
N ALA L 110 28.14 -15.32 -48.99
CA ALA L 110 28.47 -13.94 -49.33
C ALA L 110 29.85 -13.82 -49.96
N GLY L 111 30.51 -14.97 -50.17
CA GLY L 111 31.84 -14.93 -50.74
C GLY L 111 32.90 -14.42 -49.77
N ILE L 112 32.56 -14.38 -48.49
CA ILE L 112 33.48 -13.91 -47.46
C ILE L 112 33.99 -15.16 -46.74
N ASP L 113 35.26 -15.19 -46.36
CA ASP L 113 35.78 -16.35 -45.65
C ASP L 113 35.25 -16.34 -44.21
N GLY L 114 34.50 -17.37 -43.86
CA GLY L 114 33.95 -17.49 -42.54
C GLY L 114 34.97 -17.38 -41.43
N GLN L 115 36.08 -18.09 -41.57
CA GLN L 115 37.14 -18.06 -40.56
C GLN L 115 37.65 -16.65 -40.31
N THR L 116 37.72 -15.83 -41.35
CA THR L 116 38.17 -14.45 -41.17
C THR L 116 37.16 -13.73 -40.28
N VAL L 117 35.87 -13.98 -40.50
CA VAL L 117 34.84 -13.34 -39.68
C VAL L 117 34.96 -13.77 -38.21
N LEU L 118 35.01 -15.09 -37.98
CA LEU L 118 35.11 -15.63 -36.62
C LEU L 118 36.40 -15.19 -35.93
N ASP L 119 37.45 -15.03 -36.71
CA ASP L 119 38.73 -14.61 -36.18
C ASP L 119 38.75 -13.15 -35.78
N ASN L 120 37.87 -12.33 -36.38
CA ASN L 120 37.83 -10.89 -36.07
C ASN L 120 36.54 -10.41 -35.39
N THR L 121 35.89 -11.34 -34.70
CA THR L 121 34.70 -11.04 -33.96
C THR L 121 34.88 -11.53 -32.50
N PHE L 122 34.88 -10.59 -31.56
CA PHE L 122 35.02 -10.89 -30.15
C PHE L 122 33.64 -11.12 -29.52
N VAL L 123 33.45 -12.28 -28.91
CA VAL L 123 32.18 -12.61 -28.27
C VAL L 123 32.34 -12.50 -26.74
N ALA L 124 31.41 -11.79 -26.11
CA ALA L 124 31.42 -11.59 -24.67
C ALA L 124 30.06 -12.05 -24.13
N ARG L 125 30.07 -13.17 -23.42
CA ARG L 125 28.85 -13.71 -22.85
C ARG L 125 28.62 -13.03 -21.51
N ALA L 126 27.57 -12.23 -21.41
CA ALA L 126 27.26 -11.51 -20.17
C ALA L 126 26.05 -12.15 -19.48
N TYR L 127 26.21 -12.55 -18.23
CA TYR L 127 25.11 -13.20 -17.50
C TYR L 127 24.30 -12.26 -16.61
N ASN L 128 24.77 -11.03 -16.43
CA ASN L 128 24.02 -10.07 -15.63
C ASN L 128 24.39 -8.68 -16.14
N SER L 129 23.66 -7.68 -15.65
CA SER L 129 23.88 -6.28 -16.07
C SER L 129 25.28 -5.74 -15.79
N ASP L 130 25.85 -6.09 -14.64
CA ASP L 130 27.22 -5.66 -14.35
C ASP L 130 28.22 -6.14 -15.42
N MET L 131 28.14 -7.41 -15.81
CA MET L 131 29.05 -7.98 -16.81
C MET L 131 28.81 -7.30 -18.17
N GLN L 132 27.55 -7.13 -18.50
CA GLN L 132 27.16 -6.50 -19.75
C GLN L 132 27.78 -5.11 -19.83
N MET L 133 27.60 -4.34 -18.76
CA MET L 133 28.13 -2.99 -18.71
C MET L 133 29.63 -2.92 -18.68
N LEU L 134 30.27 -3.83 -17.95
CA LEU L 134 31.71 -3.82 -17.89
C LEU L 134 32.33 -4.20 -19.23
N PHE L 135 31.70 -5.15 -19.92
CA PHE L 135 32.22 -5.55 -21.23
C PHE L 135 32.27 -4.34 -22.18
N ALA L 136 31.19 -3.56 -22.20
CA ALA L 136 31.09 -2.38 -23.05
C ALA L 136 32.23 -1.43 -22.74
N GLU L 137 32.50 -1.22 -21.46
CA GLU L 137 33.59 -0.33 -21.04
C GLU L 137 34.95 -0.92 -21.40
N LYS L 138 35.06 -2.25 -21.38
CA LYS L 138 36.33 -2.89 -21.72
C LYS L 138 36.64 -2.80 -23.20
N ILE L 139 35.67 -2.39 -24.00
CA ILE L 139 35.93 -2.27 -25.43
C ILE L 139 37.05 -1.26 -25.63
N GLU L 140 37.17 -0.27 -24.74
CA GLU L 140 38.25 0.72 -24.85
C GLU L 140 39.58 -0.02 -24.70
N ASP L 141 39.64 -0.97 -23.77
CA ASP L 141 40.89 -1.71 -23.57
C ASP L 141 41.26 -2.50 -24.83
N LEU L 142 40.28 -3.17 -25.44
CA LEU L 142 40.53 -3.94 -26.66
C LEU L 142 41.15 -3.02 -27.73
N ILE L 143 40.62 -1.80 -27.82
CA ILE L 143 41.08 -0.82 -28.77
C ILE L 143 42.50 -0.35 -28.47
N GLN L 144 42.79 -0.12 -27.19
CA GLN L 144 44.12 0.31 -26.78
C GLN L 144 45.16 -0.75 -27.12
N GLU L 145 44.76 -2.01 -27.11
CA GLU L 145 45.66 -3.11 -27.42
C GLU L 145 45.89 -3.30 -28.93
N GLY L 146 45.36 -2.39 -29.74
CA GLY L 146 45.55 -2.49 -31.18
C GLY L 146 44.42 -3.06 -32.05
N ASN L 147 43.32 -3.47 -31.43
CA ASN L 147 42.19 -4.02 -32.17
C ASN L 147 41.31 -2.91 -32.73
N ASN L 148 41.13 -2.90 -34.03
CA ASN L 148 40.34 -1.85 -34.68
C ASN L 148 38.84 -2.15 -34.62
N ILE L 149 38.28 -2.08 -33.42
CA ILE L 149 36.86 -2.34 -33.23
C ILE L 149 36.06 -1.29 -33.99
N LYS L 150 35.23 -1.73 -34.94
CA LYS L 150 34.42 -0.82 -35.74
C LYS L 150 32.93 -1.12 -35.64
N LEU L 151 32.58 -2.24 -35.02
CA LEU L 151 31.18 -2.62 -34.83
C LEU L 151 30.98 -3.18 -33.41
N VAL L 152 29.93 -2.74 -32.75
CA VAL L 152 29.63 -3.23 -31.41
C VAL L 152 28.18 -3.62 -31.39
N VAL L 153 27.91 -4.88 -31.07
CA VAL L 153 26.57 -5.41 -30.98
C VAL L 153 26.21 -5.70 -29.50
N ILE L 154 25.03 -5.23 -29.08
CA ILE L 154 24.51 -5.49 -27.74
C ILE L 154 23.20 -6.27 -27.96
N ASP L 155 23.30 -7.59 -27.86
CA ASP L 155 22.16 -8.47 -28.03
C ASP L 155 21.97 -9.27 -26.72
N SER L 156 21.04 -8.87 -25.85
CA SER L 156 20.17 -7.73 -26.05
C SER L 156 20.51 -6.57 -25.11
N LEU L 157 19.93 -5.41 -25.37
CA LEU L 157 20.19 -4.24 -24.55
C LEU L 157 19.63 -4.33 -23.11
N THR L 158 18.40 -4.84 -22.99
CA THR L 158 17.68 -4.84 -21.73
C THR L 158 17.36 -6.16 -20.99
N SER L 159 17.65 -7.29 -21.61
CA SER L 159 17.39 -8.60 -21.04
C SER L 159 17.81 -8.69 -19.56
N THR L 160 19.08 -8.44 -19.29
CA THR L 160 19.61 -8.49 -17.94
C THR L 160 18.95 -7.50 -16.98
N PHE L 161 18.73 -6.27 -17.45
CA PHE L 161 18.07 -5.28 -16.61
C PHE L 161 16.65 -5.69 -16.23
N ARG L 162 15.91 -6.25 -17.19
CA ARG L 162 14.56 -6.70 -16.92
C ARG L 162 14.58 -7.84 -15.91
N ASN L 163 15.54 -8.74 -16.06
CA ASN L 163 15.65 -9.90 -15.16
C ASN L 163 16.07 -9.54 -13.74
N GLU L 164 16.80 -8.45 -13.59
CA GLU L 164 17.28 -8.05 -12.28
C GLU L 164 16.38 -7.08 -11.53
N TYR L 165 15.61 -6.29 -12.26
CA TYR L 165 14.73 -5.30 -11.64
C TYR L 165 13.25 -5.55 -11.83
N THR L 166 12.65 -6.07 -10.77
CA THR L 166 11.22 -6.33 -10.74
C THR L 166 10.74 -5.28 -9.74
N GLY L 167 9.46 -4.94 -9.81
CA GLY L 167 8.90 -3.96 -8.90
C GLY L 167 9.15 -2.52 -9.29
N ARG L 168 8.10 -1.71 -9.22
CA ARG L 168 8.17 -0.30 -9.54
C ARG L 168 9.04 0.43 -8.52
N GLY L 169 9.36 -0.25 -7.43
CA GLY L 169 10.16 0.36 -6.38
C GLY L 169 11.66 0.27 -6.63
N LYS L 170 12.03 -0.36 -7.73
CA LYS L 170 13.44 -0.50 -8.08
C LYS L 170 13.68 0.08 -9.47
N LEU L 171 12.60 0.51 -10.10
CA LEU L 171 12.64 1.07 -11.45
C LEU L 171 13.60 2.23 -11.62
N ALA L 172 13.60 3.15 -10.66
CA ALA L 172 14.48 4.31 -10.74
C ALA L 172 15.94 3.86 -10.85
N GLU L 173 16.31 2.90 -10.01
CA GLU L 173 17.66 2.37 -10.02
C GLU L 173 17.96 1.70 -11.39
N ARG L 174 17.01 0.91 -11.89
CA ARG L 174 17.18 0.24 -13.16
C ARG L 174 17.38 1.27 -14.28
N GLN L 175 16.59 2.34 -14.26
CA GLN L 175 16.67 3.39 -15.29
C GLN L 175 17.98 4.15 -15.22
N GLN L 176 18.52 4.35 -14.03
CA GLN L 176 19.79 5.05 -13.91
C GLN L 176 20.96 4.16 -14.35
N LYS L 177 20.84 2.85 -14.15
CA LYS L 177 21.92 1.99 -14.57
C LYS L 177 21.90 1.92 -16.12
N LEU L 178 20.70 1.85 -16.67
CA LEU L 178 20.49 1.78 -18.10
C LEU L 178 21.03 3.07 -18.75
N GLY L 179 20.73 4.22 -18.15
CA GLY L 179 21.20 5.51 -18.66
C GLY L 179 22.72 5.56 -18.65
N ARG L 180 23.33 4.91 -17.65
CA ARG L 180 24.78 4.88 -17.58
C ARG L 180 25.32 4.03 -18.73
N HIS L 181 24.66 2.90 -19.01
CA HIS L 181 25.08 2.02 -20.09
C HIS L 181 24.92 2.70 -21.48
N MET L 182 23.80 3.42 -21.67
CA MET L 182 23.53 4.12 -22.93
C MET L 182 24.60 5.17 -23.20
N ALA L 183 25.05 5.84 -22.14
CA ALA L 183 26.10 6.86 -22.24
C ALA L 183 27.39 6.23 -22.72
N THR L 184 27.71 5.08 -22.16
CA THR L 184 28.91 4.36 -22.54
C THR L 184 28.88 3.89 -24.01
N LEU L 185 27.71 3.43 -24.46
CA LEU L 185 27.56 2.94 -25.83
C LEU L 185 27.73 4.09 -26.84
N ASN L 186 27.14 5.23 -26.50
CA ASN L 186 27.24 6.42 -27.31
C ASN L 186 28.67 6.93 -27.32
N LYS L 187 29.36 6.76 -26.19
CA LYS L 187 30.75 7.22 -26.12
C LYS L 187 31.65 6.35 -26.99
N LEU L 188 31.35 5.05 -27.07
CA LEU L 188 32.16 4.15 -27.90
C LEU L 188 31.93 4.50 -29.38
N ALA L 189 30.68 4.71 -29.75
CA ALA L 189 30.31 5.02 -31.11
C ALA L 189 31.03 6.29 -31.53
N ASP L 190 30.84 7.33 -30.74
CA ASP L 190 31.42 8.64 -31.00
C ASP L 190 32.95 8.72 -30.99
N LEU L 191 33.58 8.31 -29.90
CA LEU L 191 35.04 8.39 -29.81
C LEU L 191 35.82 7.45 -30.72
N PHE L 192 35.30 6.26 -30.98
CA PHE L 192 36.04 5.32 -31.80
C PHE L 192 35.43 5.13 -33.18
N ASN L 193 34.58 6.07 -33.59
CA ASN L 193 33.94 6.04 -34.89
C ASN L 193 33.46 4.65 -35.27
N CYS L 194 32.59 4.07 -34.44
CA CYS L 194 32.08 2.78 -34.83
C CYS L 194 30.57 2.71 -34.81
N VAL L 195 30.05 1.64 -35.40
CA VAL L 195 28.63 1.44 -35.45
C VAL L 195 28.29 0.61 -34.23
N VAL L 196 27.31 1.09 -33.48
CA VAL L 196 26.82 0.39 -32.30
C VAL L 196 25.37 0.04 -32.56
N LEU L 197 25.09 -1.28 -32.53
CA LEU L 197 23.76 -1.84 -32.74
C LEU L 197 23.26 -2.51 -31.45
N VAL L 198 21.98 -2.34 -31.15
CA VAL L 198 21.38 -2.96 -29.98
C VAL L 198 20.02 -3.56 -30.38
N THR L 199 19.69 -4.70 -29.78
CA THR L 199 18.43 -5.39 -30.02
C THR L 199 17.61 -5.14 -28.74
N ASN L 200 16.30 -5.07 -28.83
CA ASN L 200 15.48 -4.79 -27.67
C ASN L 200 14.12 -5.43 -27.87
N GLN L 201 13.35 -5.51 -26.80
CA GLN L 201 12.01 -6.08 -26.85
C GLN L 201 11.04 -4.94 -26.82
N VAL L 202 9.79 -5.24 -27.15
CA VAL L 202 8.75 -4.22 -27.15
C VAL L 202 7.67 -4.60 -26.15
N SER L 203 6.88 -3.62 -25.73
CA SER L 203 5.78 -3.87 -24.81
C SER L 203 4.60 -2.97 -25.16
N ALA L 204 3.38 -3.41 -24.83
CA ALA L 204 2.14 -2.69 -25.10
C ALA L 204 2.33 -1.19 -25.35
N ALA L 213 -0.09 2.57 -27.33
CA ALA L 213 0.52 1.32 -26.92
C ALA L 213 1.48 0.79 -28.00
N GLU L 214 2.78 0.88 -27.72
CA GLU L 214 3.85 0.43 -28.62
C GLU L 214 5.17 1.12 -28.25
N GLN L 215 6.02 0.44 -27.50
CA GLN L 215 7.29 1.04 -27.07
C GLN L 215 8.38 0.01 -26.81
N ALA L 216 9.62 0.40 -27.06
CA ALA L 216 10.76 -0.48 -26.80
C ALA L 216 11.03 -0.39 -25.28
N ILE L 217 11.38 -1.51 -24.67
CA ILE L 217 11.65 -1.54 -23.23
C ILE L 217 12.78 -0.61 -22.81
N GLY L 218 12.58 0.13 -21.73
CA GLY L 218 13.63 1.03 -21.28
C GLY L 218 13.14 2.47 -21.23
N GLY L 219 12.00 2.73 -21.83
CA GLY L 219 11.43 4.07 -21.80
C GLY L 219 12.29 5.08 -22.54
N HIS L 220 12.11 6.35 -22.21
CA HIS L 220 12.84 7.44 -22.85
C HIS L 220 14.30 7.48 -22.50
N ILE L 221 14.66 6.91 -21.34
CA ILE L 221 16.06 6.89 -20.95
C ILE L 221 16.86 6.22 -22.08
N VAL L 222 16.29 5.18 -22.67
CA VAL L 222 16.93 4.48 -23.79
C VAL L 222 16.56 5.23 -25.09
N GLY L 223 15.28 5.52 -25.22
CA GLY L 223 14.80 6.20 -26.41
C GLY L 223 15.57 7.45 -26.76
N HIS L 224 15.74 8.33 -25.79
CA HIS L 224 16.44 9.59 -26.04
C HIS L 224 17.90 9.39 -26.40
N ALA L 225 18.46 8.24 -26.04
CA ALA L 225 19.87 8.00 -26.32
C ALA L 225 20.16 7.11 -27.53
N ALA L 226 19.12 6.74 -28.27
CA ALA L 226 19.29 5.92 -29.47
C ALA L 226 19.03 6.84 -30.67
N THR L 227 20.02 7.03 -31.53
CA THR L 227 19.84 7.91 -32.68
C THR L 227 18.93 7.37 -33.76
N PHE L 228 19.01 6.07 -34.06
CA PHE L 228 18.13 5.50 -35.06
C PHE L 228 17.36 4.40 -34.34
N ARG L 229 16.03 4.39 -34.47
CA ARG L 229 15.22 3.38 -33.80
C ARG L 229 14.24 2.70 -34.74
N PHE L 230 14.24 1.37 -34.71
CA PHE L 230 13.36 0.56 -35.55
C PHE L 230 12.47 -0.36 -34.74
N PHE L 231 11.28 -0.62 -35.28
CA PHE L 231 10.37 -1.62 -34.72
C PHE L 231 10.47 -2.64 -35.85
N VAL L 232 10.82 -3.88 -35.51
CA VAL L 232 10.91 -4.93 -36.51
C VAL L 232 9.82 -5.94 -36.26
N ARG L 233 9.04 -6.24 -37.28
CA ARG L 233 7.95 -7.20 -37.12
C ARG L 233 7.94 -8.28 -38.18
N LYS L 234 7.19 -9.34 -37.93
CA LYS L 234 7.14 -10.44 -38.88
C LYS L 234 6.07 -10.22 -39.92
N GLY L 235 6.38 -10.60 -41.15
CA GLY L 235 5.43 -10.49 -42.23
C GLY L 235 4.98 -11.92 -42.43
N LYS L 236 4.71 -12.27 -43.67
CA LYS L 236 4.30 -13.64 -43.98
C LYS L 236 5.57 -14.46 -44.20
N GLY L 237 5.63 -15.66 -43.61
CA GLY L 237 6.80 -16.52 -43.79
C GLY L 237 8.19 -15.97 -43.46
N ASP L 238 9.08 -15.97 -44.44
CA ASP L 238 10.44 -15.50 -44.23
C ASP L 238 10.57 -13.99 -44.29
N LYS L 239 9.47 -13.29 -44.55
CA LYS L 239 9.53 -11.84 -44.64
C LYS L 239 9.44 -11.16 -43.29
N ARG L 240 10.11 -10.01 -43.17
CA ARG L 240 10.13 -9.24 -41.94
C ARG L 240 10.06 -7.76 -42.36
N VAL L 241 9.51 -6.91 -41.50
CA VAL L 241 9.41 -5.49 -41.82
C VAL L 241 10.09 -4.65 -40.76
N ALA L 242 11.10 -3.88 -41.16
CA ALA L 242 11.78 -3.00 -40.23
C ALA L 242 11.23 -1.60 -40.48
N LYS L 243 10.68 -1.00 -39.44
CA LYS L 243 10.09 0.33 -39.54
C LYS L 243 10.88 1.37 -38.76
N LEU L 244 11.51 2.29 -39.48
CA LEU L 244 12.30 3.35 -38.87
C LEU L 244 11.31 4.40 -38.39
N TYR L 245 11.27 4.65 -37.08
CA TYR L 245 10.33 5.64 -36.56
C TYR L 245 11.00 6.79 -35.84
N ASP L 246 12.32 6.74 -35.77
CA ASP L 246 13.07 7.81 -35.12
C ASP L 246 14.45 7.88 -35.73
N SER L 247 14.76 9.05 -36.27
CA SER L 247 16.05 9.31 -36.88
C SER L 247 16.21 10.83 -36.83
N PRO L 248 17.46 11.31 -36.87
CA PRO L 248 17.64 12.76 -36.82
C PRO L 248 17.16 13.49 -38.07
N HIS L 249 17.32 12.87 -39.24
CA HIS L 249 16.91 13.53 -40.48
C HIS L 249 16.29 12.69 -41.59
N LEU L 250 16.06 11.41 -41.36
CA LEU L 250 15.46 10.60 -42.41
C LEU L 250 13.94 10.51 -42.26
N PRO L 251 13.24 10.25 -43.38
CA PRO L 251 11.79 10.15 -43.24
C PRO L 251 11.47 8.85 -42.53
N ASP L 252 10.34 8.77 -41.84
CA ASP L 252 9.97 7.52 -41.19
C ASP L 252 9.52 6.62 -42.32
N ALA L 253 10.13 5.46 -42.43
CA ALA L 253 9.78 4.52 -43.50
C ALA L 253 9.89 3.07 -43.08
N GLU L 254 9.38 2.20 -43.94
CA GLU L 254 9.39 0.76 -43.73
C GLU L 254 10.20 0.08 -44.80
N ALA L 255 10.91 -0.96 -44.40
CA ALA L 255 11.73 -1.73 -45.31
C ALA L 255 11.36 -3.17 -45.09
N ILE L 256 11.06 -3.90 -46.16
CA ILE L 256 10.74 -5.30 -46.04
C ILE L 256 11.97 -6.09 -46.49
N PHE L 257 12.26 -7.19 -45.80
CA PHE L 257 13.40 -8.04 -46.13
C PHE L 257 13.08 -9.48 -45.76
N ARG L 258 13.99 -10.38 -46.04
CA ARG L 258 13.76 -11.78 -45.72
C ARG L 258 14.96 -12.36 -45.00
N ILE L 259 14.72 -13.44 -44.25
CA ILE L 259 15.78 -14.13 -43.54
C ILE L 259 15.92 -15.46 -44.27
N THR L 260 17.06 -15.67 -44.91
CA THR L 260 17.26 -16.89 -45.66
C THR L 260 18.53 -17.63 -45.29
N GLU L 261 18.83 -18.67 -46.07
CA GLU L 261 20.00 -19.49 -45.84
C GLU L 261 21.25 -18.65 -46.05
N LYS L 262 21.13 -17.65 -46.91
CA LYS L 262 22.23 -16.74 -47.19
C LYS L 262 22.33 -15.66 -46.11
N GLY L 263 21.25 -15.50 -45.34
CA GLY L 263 21.20 -14.49 -44.30
C GLY L 263 20.10 -13.47 -44.55
N ILE L 264 20.45 -12.20 -44.59
CA ILE L 264 19.48 -11.14 -44.84
C ILE L 264 19.49 -10.77 -46.33
N GLN L 265 18.33 -10.68 -46.96
CA GLN L 265 18.31 -10.25 -48.36
C GLN L 265 17.00 -9.62 -48.83
N ASP L 266 17.07 -8.99 -50.01
CA ASP L 266 15.98 -8.29 -50.69
C ASP L 266 16.15 -6.75 -50.68
#